data_4X0V
#
_entry.id   4X0V
#
_cell.length_a   97.659
_cell.length_b   157.780
_cell.length_c   120.803
_cell.angle_alpha   90.00
_cell.angle_beta   109.60
_cell.angle_gamma   90.00
#
_symmetry.space_group_name_H-M   'P 1 21 1'
#
loop_
_entity.id
_entity.type
_entity.pdbx_description
1 polymer Beta-1,3-1,4-glucanase
2 water water
#
_entity_poly.entity_id   1
_entity_poly.type   'polypeptide(L)'
_entity_poly.pdbx_seq_one_letter_code
;MRGSHHHHHHGMASLNRESSNRAKIPEIKIASRKIPNNAALKFVKDMKIGWNLGNTFDAAFENPSFDDELLYETAWCGVK
TTKQMIDTVKKAGFNTIRIPVSWHNHVTGSNFTISKRWLDRVQQVVDYAMKNKMYVIINIHHDIMPGYYYPNSQHLQTSI
KYVKSIWTQVATRFKNYNDHLIFEAVNEPRLTGSRFEWWLDMNNPECRDAVEAINKLNQVFVDTVRSTGGNNVSRYLMVP
GYAAAPEYVLIDEFKIPKDSSKYKNRIIISVHAYRPYNFALQAPNESGSVSEWSVNSEESRRDIDYFMDKLYDKFVSKGI
PVVIGEFGARDKNGNLQSRVEFAAYYVRAARARGITCCWWDNNAFYGNGENFGLLDRKTLKWVYPEIVSAMMKYAR
;
_entity_poly.pdbx_strand_id   A,B,C,D,E,F,G,H
#
# COMPACT_ATOMS: atom_id res chain seq x y z
N ARG A 22 -5.45 -43.07 38.69
CA ARG A 22 -6.50 -44.08 38.62
C ARG A 22 -7.57 -43.79 37.55
N ALA A 23 -7.86 -44.83 36.77
CA ALA A 23 -8.76 -44.78 35.62
C ALA A 23 -9.04 -46.21 35.16
N LYS A 24 -10.25 -46.50 34.71
CA LYS A 24 -10.56 -47.88 34.34
C LYS A 24 -10.65 -48.12 32.83
N ILE A 25 -10.15 -49.28 32.39
CA ILE A 25 -10.10 -49.64 30.98
C ILE A 25 -11.41 -50.30 30.58
N PRO A 26 -12.11 -49.73 29.59
CA PRO A 26 -13.41 -50.25 29.21
C PRO A 26 -13.26 -51.51 28.40
N GLU A 27 -14.37 -52.21 28.20
CA GLU A 27 -14.40 -53.37 27.32
C GLU A 27 -15.04 -52.92 26.01
N ILE A 28 -14.32 -53.11 24.92
CA ILE A 28 -14.76 -52.54 23.67
C ILE A 28 -15.30 -53.69 22.84
N LYS A 29 -16.54 -53.55 22.42
CA LYS A 29 -17.18 -54.58 21.62
C LYS A 29 -17.36 -54.01 20.19
N ILE A 30 -16.36 -54.27 19.35
CA ILE A 30 -16.40 -53.85 17.94
C ILE A 30 -16.18 -55.06 17.07
N ALA A 31 -17.14 -55.33 16.19
CA ALA A 31 -17.10 -56.50 15.34
C ALA A 31 -15.87 -56.50 14.44
N SER A 32 -15.06 -57.56 14.58
CA SER A 32 -13.85 -57.73 13.78
C SER A 32 -14.22 -57.99 12.33
N ARG A 33 -13.61 -57.23 11.42
CA ARG A 33 -14.00 -57.29 10.02
C ARG A 33 -13.09 -58.17 9.16
N LYS A 34 -13.54 -58.43 7.94
CA LYS A 34 -12.85 -59.33 7.02
C LYS A 34 -11.57 -58.68 6.51
N ILE A 35 -10.43 -59.27 6.86
CA ILE A 35 -9.15 -58.74 6.45
C ILE A 35 -8.46 -59.71 5.51
N PRO A 36 -8.29 -59.33 4.24
CA PRO A 36 -7.64 -60.16 3.22
C PRO A 36 -6.30 -60.71 3.73
N ASN A 37 -5.93 -61.91 3.26
CA ASN A 37 -4.74 -62.57 3.76
C ASN A 37 -3.55 -62.42 2.78
N ASN A 38 -2.89 -61.27 2.84
CA ASN A 38 -1.69 -61.03 2.03
C ASN A 38 -0.48 -60.58 2.85
N ALA A 39 0.65 -60.48 2.17
CA ALA A 39 1.89 -60.15 2.83
C ALA A 39 1.83 -58.77 3.48
N ALA A 40 1.18 -57.84 2.80
CA ALA A 40 1.15 -56.45 3.26
C ALA A 40 0.34 -56.29 4.55
N LEU A 41 -0.88 -56.80 4.59
CA LEU A 41 -1.70 -56.61 5.77
C LEU A 41 -1.15 -57.41 6.98
N LYS A 42 -0.50 -58.55 6.73
CA LYS A 42 0.10 -59.29 7.83
C LYS A 42 1.28 -58.52 8.37
N PHE A 43 1.99 -57.84 7.47
CA PHE A 43 3.11 -56.97 7.79
C PHE A 43 2.67 -55.86 8.70
N VAL A 44 1.59 -55.19 8.30
CA VAL A 44 1.01 -54.10 9.06
C VAL A 44 0.48 -54.63 10.38
N LYS A 45 -0.14 -55.80 10.37
CA LYS A 45 -0.71 -56.32 11.61
C LYS A 45 0.43 -56.53 12.60
N ASP A 46 1.56 -56.97 12.05
CA ASP A 46 2.69 -57.36 12.85
C ASP A 46 3.33 -56.15 13.52
N MET A 47 3.14 -54.97 12.93
CA MET A 47 3.58 -53.73 13.53
C MET A 47 2.90 -53.50 14.88
N LYS A 48 1.73 -54.11 15.06
CA LYS A 48 1.03 -54.12 16.33
C LYS A 48 0.57 -52.70 16.77
N ILE A 49 1.52 -51.87 17.17
CA ILE A 49 1.23 -50.51 17.59
C ILE A 49 2.54 -49.70 17.61
N GLY A 50 2.43 -48.40 17.34
CA GLY A 50 3.61 -47.57 17.17
C GLY A 50 3.76 -46.47 18.21
N TRP A 51 4.95 -45.88 18.26
CA TRP A 51 5.23 -44.85 19.22
C TRP A 51 6.08 -43.78 18.52
N ASN A 52 5.60 -42.55 18.46
CA ASN A 52 6.36 -41.48 17.81
C ASN A 52 7.35 -40.82 18.74
N LEU A 53 8.61 -40.75 18.31
CA LEU A 53 9.63 -39.98 19.03
C LEU A 53 9.48 -38.52 18.66
N GLY A 54 8.37 -37.90 19.08
CA GLY A 54 8.01 -36.55 18.68
C GLY A 54 8.74 -35.45 19.39
N ASN A 55 8.75 -34.28 18.78
CA ASN A 55 9.44 -33.12 19.31
C ASN A 55 10.92 -33.38 19.47
N THR A 56 11.41 -34.29 18.65
CA THR A 56 12.80 -34.68 18.67
C THR A 56 13.51 -34.31 17.36
N PHE A 57 13.72 -35.26 16.47
CA PHE A 57 14.43 -34.95 15.24
C PHE A 57 13.57 -34.14 14.27
N ASP A 58 12.27 -34.05 14.60
CA ASP A 58 11.32 -33.31 13.79
C ASP A 58 11.45 -31.81 13.98
N ALA A 59 12.05 -31.39 15.09
CA ALA A 59 12.18 -29.97 15.38
C ALA A 59 12.83 -29.20 14.23
N ALA A 60 12.17 -28.13 13.80
CA ALA A 60 12.66 -27.31 12.69
C ALA A 60 12.39 -25.85 12.97
N PHE A 61 13.41 -25.03 12.74
CA PHE A 61 13.29 -23.59 12.92
C PHE A 61 14.45 -22.90 12.25
N GLU A 62 14.32 -21.60 11.98
CA GLU A 62 15.35 -20.91 11.22
C GLU A 62 16.31 -20.16 12.13
N ASN A 63 17.49 -19.88 11.59
CA ASN A 63 18.52 -19.13 12.30
C ASN A 63 18.79 -19.64 13.72
N PRO A 64 19.30 -20.86 13.85
CA PRO A 64 19.61 -21.28 15.22
C PRO A 64 20.67 -20.38 15.82
N SER A 65 20.63 -20.19 17.12
CA SER A 65 21.60 -19.30 17.75
C SER A 65 22.71 -20.09 18.40
N PHE A 66 22.77 -21.39 18.10
CA PHE A 66 23.79 -22.29 18.65
C PHE A 66 24.58 -22.92 17.50
N ASP A 67 25.74 -23.54 17.77
CA ASP A 67 26.61 -24.01 16.67
C ASP A 67 26.44 -25.51 16.47
N ASP A 68 26.08 -26.23 17.52
CA ASP A 68 25.88 -27.67 17.37
C ASP A 68 24.46 -27.93 16.82
N GLU A 69 24.38 -28.36 15.55
CA GLU A 69 23.10 -28.62 14.91
C GLU A 69 22.41 -29.84 15.50
N LEU A 70 23.18 -30.64 16.25
CA LEU A 70 22.65 -31.84 16.88
C LEU A 70 21.73 -31.45 18.04
N LEU A 71 21.74 -30.16 18.39
CA LEU A 71 20.90 -29.65 19.46
C LEU A 71 19.46 -29.48 18.99
N TYR A 72 19.26 -29.63 17.69
CA TYR A 72 17.92 -29.66 17.12
C TYR A 72 17.19 -30.85 17.69
N GLU A 73 17.93 -31.89 18.05
CA GLU A 73 17.34 -33.10 18.59
C GLU A 73 16.62 -32.87 19.90
N THR A 74 17.11 -31.91 20.68
CA THR A 74 16.57 -31.69 22.01
C THR A 74 15.91 -30.34 22.20
N ALA A 75 15.73 -29.57 21.13
CA ALA A 75 15.21 -28.23 21.29
C ALA A 75 13.75 -28.19 21.72
N TRP A 76 13.01 -29.28 21.45
CA TRP A 76 11.56 -29.35 21.70
C TRP A 76 11.15 -30.46 22.66
N CYS A 77 12.10 -31.30 23.07
CA CYS A 77 11.82 -32.36 24.06
C CYS A 77 12.72 -32.28 25.31
N GLY A 78 13.85 -31.59 25.19
CA GLY A 78 14.69 -31.30 26.33
C GLY A 78 15.62 -32.41 26.81
N VAL A 79 15.66 -33.53 26.10
CA VAL A 79 16.53 -34.63 26.50
C VAL A 79 17.02 -35.46 25.29
N LYS A 80 18.31 -35.79 25.27
CA LYS A 80 18.91 -36.57 24.20
C LYS A 80 18.46 -38.01 24.28
N THR A 81 18.20 -38.62 23.12
CA THR A 81 17.65 -39.97 23.07
C THR A 81 18.69 -41.02 23.46
N THR A 82 18.25 -42.00 24.23
CA THR A 82 19.16 -43.06 24.65
C THR A 82 18.61 -44.42 24.25
N LYS A 83 19.45 -45.45 24.24
CA LYS A 83 18.93 -46.76 23.90
C LYS A 83 17.96 -47.28 24.99
N GLN A 84 18.18 -46.91 26.25
CA GLN A 84 17.32 -47.38 27.33
C GLN A 84 15.88 -46.89 27.18
N MET A 85 15.72 -45.72 26.55
CA MET A 85 14.38 -45.21 26.27
C MET A 85 13.67 -46.15 25.32
N ILE A 86 14.32 -46.43 24.20
CA ILE A 86 13.74 -47.24 23.15
C ILE A 86 13.44 -48.63 23.73
N ASP A 87 14.34 -49.12 24.59
CA ASP A 87 14.14 -50.38 25.32
C ASP A 87 12.85 -50.32 26.11
N THR A 88 12.70 -49.23 26.85
CA THR A 88 11.51 -49.01 27.65
C THR A 88 10.25 -49.02 26.80
N VAL A 89 10.34 -48.45 25.60
CA VAL A 89 9.19 -48.38 24.71
C VAL A 89 8.85 -49.78 24.20
N LYS A 90 9.87 -50.56 23.88
CA LYS A 90 9.71 -51.95 23.42
C LYS A 90 9.12 -52.91 24.46
N LYS A 91 9.60 -52.86 25.72
CA LYS A 91 9.07 -53.75 26.76
C LYS A 91 7.61 -53.41 27.07
N ALA A 92 7.26 -52.15 26.86
CA ALA A 92 5.91 -51.73 27.21
C ALA A 92 4.89 -52.34 26.26
N GLY A 93 5.33 -52.73 25.05
CA GLY A 93 4.44 -53.39 24.11
C GLY A 93 4.32 -52.78 22.72
N PHE A 94 4.97 -51.65 22.49
CA PHE A 94 4.98 -50.99 21.18
C PHE A 94 5.88 -51.78 20.26
N ASN A 95 5.40 -52.19 19.11
CA ASN A 95 6.30 -52.92 18.24
C ASN A 95 6.80 -52.04 17.10
N THR A 96 6.32 -50.80 17.04
CA THR A 96 6.75 -49.85 16.02
C THR A 96 7.18 -48.54 16.67
N ILE A 97 8.18 -47.90 16.10
CA ILE A 97 8.53 -46.55 16.53
C ILE A 97 8.73 -45.68 15.32
N ARG A 98 8.03 -44.55 15.28
CA ARG A 98 8.14 -43.63 14.15
C ARG A 98 9.12 -42.55 14.59
N ILE A 99 10.16 -42.34 13.77
CA ILE A 99 11.16 -41.33 14.05
C ILE A 99 11.06 -40.25 13.00
N PRO A 100 10.30 -39.21 13.30
CA PRO A 100 10.03 -38.12 12.34
C PRO A 100 11.26 -37.26 12.21
N VAL A 101 11.62 -36.90 10.98
CA VAL A 101 12.81 -36.09 10.78
C VAL A 101 12.60 -34.84 9.94
N SER A 102 13.06 -33.72 10.46
CA SER A 102 13.09 -32.52 9.65
C SER A 102 14.54 -32.29 9.23
N TRP A 103 14.74 -32.31 7.92
CA TRP A 103 16.07 -32.26 7.35
C TRP A 103 16.52 -30.90 6.87
N HIS A 104 15.59 -29.98 6.62
CA HIS A 104 15.99 -28.79 5.87
C HIS A 104 17.00 -27.91 6.62
N ASN A 105 17.07 -28.05 7.94
CA ASN A 105 18.02 -27.26 8.72
C ASN A 105 19.37 -27.94 8.81
N HIS A 106 19.53 -29.01 8.04
CA HIS A 106 20.75 -29.82 8.10
C HIS A 106 21.28 -30.14 6.70
N VAL A 107 20.99 -29.30 5.71
CA VAL A 107 21.54 -29.47 4.36
C VAL A 107 22.31 -28.24 3.92
N THR A 108 23.25 -28.44 2.98
CA THR A 108 24.03 -27.35 2.36
C THR A 108 24.17 -27.62 0.87
N GLY A 109 24.59 -26.60 0.10
CA GLY A 109 24.82 -26.76 -1.32
C GLY A 109 23.56 -26.75 -2.17
N SER A 110 23.70 -26.81 -3.50
CA SER A 110 22.54 -26.74 -4.37
C SER A 110 21.81 -28.07 -4.38
N ASN A 111 22.52 -29.20 -4.18
CA ASN A 111 21.76 -30.45 -4.21
C ASN A 111 21.55 -31.03 -2.84
N PHE A 112 21.40 -30.12 -1.88
CA PHE A 112 20.88 -30.42 -0.54
C PHE A 112 21.67 -31.50 0.20
N THR A 113 22.94 -31.26 0.49
CA THR A 113 23.78 -32.27 1.13
C THR A 113 23.51 -32.37 2.64
N ILE A 114 22.99 -33.52 3.06
CA ILE A 114 22.70 -33.73 4.47
C ILE A 114 24.00 -33.77 5.26
N SER A 115 24.06 -33.05 6.37
CA SER A 115 25.20 -33.10 7.26
C SER A 115 25.51 -34.53 7.71
N LYS A 116 26.78 -34.89 7.70
CA LYS A 116 27.18 -36.23 8.10
C LYS A 116 26.83 -36.46 9.57
N ARG A 117 27.11 -35.47 10.42
CA ARG A 117 26.79 -35.58 11.85
C ARG A 117 25.30 -35.82 12.09
N TRP A 118 24.47 -35.08 11.36
CA TRP A 118 23.04 -35.19 11.53
C TRP A 118 22.58 -36.57 11.07
N LEU A 119 23.02 -37.00 9.90
CA LEU A 119 22.59 -38.31 9.40
C LEU A 119 23.13 -39.43 10.30
N ASP A 120 24.33 -39.23 10.85
CA ASP A 120 24.88 -40.24 11.76
C ASP A 120 23.99 -40.38 12.98
N ARG A 121 23.65 -39.26 13.60
CA ARG A 121 22.89 -39.27 14.84
C ARG A 121 21.53 -39.95 14.67
N VAL A 122 20.86 -39.70 13.54
CA VAL A 122 19.58 -40.36 13.29
C VAL A 122 19.82 -41.88 13.21
N GLN A 123 20.87 -42.28 12.48
CA GLN A 123 21.13 -43.71 12.33
C GLN A 123 21.31 -44.39 13.68
N GLN A 124 22.01 -43.71 14.60
CA GLN A 124 22.23 -44.22 15.96
C GLN A 124 20.90 -44.57 16.62
N VAL A 125 19.94 -43.66 16.51
CA VAL A 125 18.63 -43.82 17.11
C VAL A 125 17.80 -44.89 16.41
N VAL A 126 17.94 -44.99 15.09
CA VAL A 126 17.31 -46.07 14.34
C VAL A 126 17.84 -47.45 14.78
N ASP A 127 19.15 -47.53 14.98
CA ASP A 127 19.76 -48.77 15.41
C ASP A 127 19.26 -49.17 16.82
N TYR A 128 18.94 -48.18 17.67
CA TYR A 128 18.28 -48.43 18.96
C TYR A 128 17.08 -49.34 18.76
N ALA A 129 16.26 -49.00 17.77
CA ALA A 129 15.03 -49.73 17.54
C ALA A 129 15.27 -51.04 16.78
N MET A 130 16.24 -51.05 15.88
CA MET A 130 16.52 -52.25 15.11
C MET A 130 17.06 -53.31 16.07
N LYS A 131 17.87 -52.84 17.01
CA LYS A 131 18.44 -53.75 17.99
C LYS A 131 17.31 -54.30 18.86
N ASN A 132 16.17 -53.62 18.86
CA ASN A 132 15.00 -54.07 19.61
C ASN A 132 14.00 -54.80 18.74
N LYS A 133 14.47 -55.22 17.56
CA LYS A 133 13.67 -56.01 16.63
C LYS A 133 12.32 -55.36 16.29
N MET A 134 12.32 -54.01 16.30
CA MET A 134 11.12 -53.20 16.09
C MET A 134 10.94 -52.78 14.64
N TYR A 135 9.73 -52.33 14.31
CA TYR A 135 9.49 -51.66 13.05
C TYR A 135 9.85 -50.18 13.19
N VAL A 136 10.53 -49.64 12.18
CA VAL A 136 10.98 -48.26 12.24
C VAL A 136 10.50 -47.47 11.01
N ILE A 137 10.06 -46.24 11.24
CA ILE A 137 9.60 -45.33 10.19
C ILE A 137 10.42 -44.04 10.21
N ILE A 138 11.01 -43.67 9.09
CA ILE A 138 11.66 -42.37 8.99
C ILE A 138 11.05 -41.59 7.82
N ASN A 139 11.10 -40.27 7.87
CA ASN A 139 10.43 -39.46 6.86
C ASN A 139 11.09 -38.11 6.57
N ILE A 140 10.42 -37.32 5.74
CA ILE A 140 10.66 -35.89 5.65
C ILE A 140 9.49 -35.23 6.38
N HIS A 141 9.78 -34.44 7.41
CA HIS A 141 8.73 -33.89 8.29
C HIS A 141 8.45 -32.41 8.00
N HIS A 142 8.99 -31.54 8.84
CA HIS A 142 8.72 -30.11 8.73
C HIS A 142 9.61 -29.43 7.71
N ASP A 143 9.64 -29.95 6.49
CA ASP A 143 10.40 -29.33 5.41
C ASP A 143 9.43 -28.77 4.35
N ILE A 144 8.18 -28.50 4.78
CA ILE A 144 7.15 -28.04 3.86
C ILE A 144 7.22 -26.52 3.67
N MET A 145 7.75 -26.11 2.52
CA MET A 145 8.35 -24.79 2.40
C MET A 145 8.85 -24.56 0.98
N PRO A 146 8.59 -23.38 0.42
CA PRO A 146 9.11 -23.08 -0.90
C PRO A 146 10.63 -23.14 -0.86
N GLY A 147 11.27 -23.83 -1.80
CA GLY A 147 12.71 -23.96 -1.75
C GLY A 147 13.12 -25.34 -1.26
N TYR A 148 12.20 -26.02 -0.58
CA TYR A 148 12.38 -27.41 -0.19
C TYR A 148 11.21 -28.26 -0.68
N TYR A 149 10.40 -28.81 0.22
CA TYR A 149 9.20 -29.52 -0.23
C TYR A 149 8.01 -28.58 -0.26
N TYR A 150 7.42 -28.38 -1.43
CA TYR A 150 6.22 -27.56 -1.54
C TYR A 150 5.36 -28.00 -2.71
N PRO A 151 4.16 -28.50 -2.42
CA PRO A 151 3.38 -29.19 -3.46
C PRO A 151 2.52 -28.26 -4.32
N ASN A 152 3.16 -27.51 -5.21
CA ASN A 152 2.45 -26.83 -6.29
C ASN A 152 3.39 -26.67 -7.49
N SER A 153 2.86 -26.22 -8.62
CA SER A 153 3.62 -26.21 -9.87
C SER A 153 4.77 -25.20 -9.86
N GLN A 154 4.57 -24.08 -9.17
CA GLN A 154 5.57 -23.03 -9.16
C GLN A 154 6.83 -23.52 -8.48
N HIS A 155 6.69 -24.51 -7.59
CA HIS A 155 7.84 -25.00 -6.85
C HIS A 155 8.10 -26.51 -7.06
N LEU A 156 7.42 -27.11 -8.03
CA LEU A 156 7.56 -28.54 -8.30
C LEU A 156 8.97 -28.83 -8.76
N GLN A 157 9.49 -27.84 -9.47
CA GLN A 157 10.76 -27.93 -10.12
C GLN A 157 11.78 -28.19 -8.97
N THR A 158 11.71 -27.39 -7.92
CA THR A 158 12.61 -27.57 -6.81
C THR A 158 12.22 -28.74 -5.90
N SER A 159 10.94 -28.98 -5.73
CA SER A 159 10.51 -30.06 -4.86
C SER A 159 10.98 -31.46 -5.32
N ILE A 160 10.86 -31.74 -6.61
CA ILE A 160 11.32 -33.02 -7.16
C ILE A 160 12.81 -33.25 -6.86
N LYS A 161 13.63 -32.22 -7.06
CA LYS A 161 15.05 -32.31 -6.76
C LYS A 161 15.28 -32.60 -5.29
N TYR A 162 14.53 -31.89 -4.44
CA TYR A 162 14.62 -32.07 -3.00
C TYR A 162 14.19 -33.47 -2.55
N VAL A 163 13.03 -33.95 -3.00
CA VAL A 163 12.61 -35.30 -2.65
C VAL A 163 13.66 -36.29 -3.15
N LYS A 164 14.18 -36.02 -4.34
CA LYS A 164 15.17 -36.91 -4.92
C LYS A 164 16.45 -36.89 -4.10
N SER A 165 16.91 -35.71 -3.74
CA SER A 165 18.19 -35.61 -3.07
C SER A 165 18.19 -36.19 -1.66
N ILE A 166 17.17 -35.85 -0.88
CA ILE A 166 17.13 -36.28 0.51
C ILE A 166 17.07 -37.79 0.50
N TRP A 167 16.21 -38.35 -0.35
CA TRP A 167 15.99 -39.80 -0.33
C TRP A 167 17.11 -40.62 -0.94
N THR A 168 17.83 -40.08 -1.92
CA THR A 168 18.99 -40.80 -2.42
C THR A 168 19.94 -40.93 -1.25
N GLN A 169 20.17 -39.82 -0.54
CA GLN A 169 21.08 -39.85 0.59
C GLN A 169 20.57 -40.77 1.70
N VAL A 170 19.31 -40.61 2.07
CA VAL A 170 18.76 -41.38 3.19
C VAL A 170 18.64 -42.87 2.88
N ALA A 171 18.05 -43.17 1.73
CA ALA A 171 17.89 -44.57 1.32
C ALA A 171 19.22 -45.29 1.10
N THR A 172 20.26 -44.56 0.67
CA THR A 172 21.57 -45.18 0.45
C THR A 172 22.24 -45.62 1.75
N ARG A 173 22.18 -44.79 2.80
CA ARG A 173 22.76 -45.23 4.07
C ARG A 173 22.01 -46.42 4.72
N PHE A 174 20.70 -46.49 4.54
CA PHE A 174 19.94 -47.55 5.19
C PHE A 174 19.61 -48.66 4.21
N LYS A 175 20.41 -48.69 3.15
CA LYS A 175 20.24 -49.61 2.03
C LYS A 175 20.19 -51.07 2.49
N ASN A 176 20.95 -51.40 3.54
CA ASN A 176 21.09 -52.80 3.91
C ASN A 176 20.21 -53.23 5.06
N TYR A 177 19.45 -52.29 5.64
CA TYR A 177 18.53 -52.58 6.74
C TYR A 177 17.37 -53.43 6.27
N ASN A 178 16.81 -54.26 7.14
CA ASN A 178 15.80 -55.19 6.66
C ASN A 178 14.43 -54.53 6.51
N ASP A 179 13.44 -55.32 6.14
CA ASP A 179 12.09 -54.84 5.87
C ASP A 179 11.39 -54.27 7.11
N HIS A 180 12.00 -54.42 8.29
CA HIS A 180 11.45 -53.81 9.49
C HIS A 180 11.59 -52.30 9.45
N LEU A 181 12.44 -51.80 8.56
CA LEU A 181 12.57 -50.36 8.32
C LEU A 181 11.64 -49.88 7.19
N ILE A 182 10.90 -48.82 7.47
CA ILE A 182 9.89 -48.28 6.54
C ILE A 182 10.19 -46.82 6.17
N PHE A 183 10.08 -46.47 4.90
CA PHE A 183 10.24 -45.09 4.48
C PHE A 183 8.90 -44.42 4.23
N GLU A 184 8.64 -43.32 4.93
CA GLU A 184 7.44 -42.54 4.73
C GLU A 184 7.84 -41.29 3.96
N ALA A 185 7.30 -41.15 2.75
CA ALA A 185 7.73 -40.11 1.80
C ALA A 185 7.88 -38.75 2.46
N VAL A 186 6.83 -38.33 3.16
CA VAL A 186 6.80 -37.01 3.73
C VAL A 186 5.64 -36.98 4.72
N ASN A 187 5.75 -36.10 5.70
CA ASN A 187 4.73 -35.92 6.72
C ASN A 187 3.83 -34.73 6.43
N GLU A 188 2.56 -35.00 6.16
CA GLU A 188 1.59 -33.91 5.98
C GLU A 188 1.96 -32.84 4.93
N PRO A 189 2.16 -33.24 3.66
CA PRO A 189 2.50 -32.25 2.64
C PRO A 189 1.31 -31.38 2.28
N ARG A 190 1.52 -30.06 2.22
CA ARG A 190 0.40 -29.14 2.03
C ARG A 190 0.88 -27.77 1.55
N LEU A 191 -0.07 -26.92 1.19
CA LEU A 191 0.25 -25.56 0.78
C LEU A 191 0.35 -24.65 2.00
N THR A 192 1.51 -24.65 2.66
CA THR A 192 1.71 -23.80 3.84
C THR A 192 1.51 -22.34 3.44
N GLY A 193 0.99 -21.53 4.36
CA GLY A 193 0.86 -20.11 4.10
C GLY A 193 -0.34 -19.71 3.25
N SER A 194 -0.95 -20.68 2.59
CA SER A 194 -2.09 -20.42 1.73
C SER A 194 -3.39 -20.58 2.51
N ARG A 195 -4.51 -20.16 1.93
CA ARG A 195 -5.79 -20.28 2.61
C ARG A 195 -6.37 -21.69 2.53
N PHE A 196 -5.65 -22.61 1.88
CA PHE A 196 -6.07 -24.00 1.78
C PHE A 196 -5.10 -24.96 2.47
N GLU A 197 -4.35 -24.47 3.44
CA GLU A 197 -3.28 -25.24 4.10
C GLU A 197 -3.74 -26.58 4.65
N TRP A 198 -4.95 -26.58 5.22
CA TRP A 198 -5.44 -27.75 5.93
C TRP A 198 -6.67 -28.32 5.25
N TRP A 199 -7.34 -27.49 4.46
CA TRP A 199 -8.56 -27.91 3.79
C TRP A 199 -8.54 -27.63 2.29
N LEU A 200 -9.15 -28.54 1.55
CA LEU A 200 -9.13 -28.45 0.11
C LEU A 200 -10.52 -28.13 -0.44
N ASP A 201 -10.54 -27.25 -1.43
CA ASP A 201 -11.69 -27.03 -2.30
C ASP A 201 -11.39 -27.65 -3.65
N MET A 202 -11.88 -28.86 -3.93
CA MET A 202 -11.49 -29.50 -5.19
C MET A 202 -12.03 -28.78 -6.42
N ASN A 203 -12.85 -27.77 -6.18
CA ASN A 203 -13.34 -26.91 -7.25
C ASN A 203 -12.37 -25.77 -7.56
N ASN A 204 -11.52 -25.44 -6.59
CA ASN A 204 -10.46 -24.46 -6.76
C ASN A 204 -9.22 -25.10 -7.40
N PRO A 205 -8.75 -24.52 -8.51
CA PRO A 205 -7.62 -25.07 -9.29
C PRO A 205 -6.29 -25.12 -8.58
N GLU A 206 -6.06 -24.20 -7.64
CA GLU A 206 -4.83 -24.25 -6.88
C GLU A 206 -4.83 -25.55 -6.06
N CYS A 207 -6.01 -25.92 -5.57
CA CYS A 207 -6.15 -27.15 -4.80
C CYS A 207 -5.91 -28.38 -5.65
N ARG A 208 -6.51 -28.39 -6.84
CA ARG A 208 -6.37 -29.54 -7.71
C ARG A 208 -4.89 -29.70 -8.07
N ASP A 209 -4.21 -28.57 -8.22
CA ASP A 209 -2.81 -28.60 -8.59
C ASP A 209 -1.97 -29.28 -7.52
N ALA A 210 -2.21 -28.93 -6.25
CA ALA A 210 -1.44 -29.51 -5.13
C ALA A 210 -1.61 -31.03 -5.03
N VAL A 211 -2.84 -31.52 -5.15
CA VAL A 211 -3.15 -32.94 -5.09
C VAL A 211 -2.34 -33.68 -6.14
N GLU A 212 -2.25 -33.08 -7.34
CA GLU A 212 -1.52 -33.65 -8.49
C GLU A 212 -0.03 -33.60 -8.19
N ALA A 213 0.39 -32.48 -7.59
CA ALA A 213 1.77 -32.24 -7.22
C ALA A 213 2.25 -33.29 -6.22
N ILE A 214 1.41 -33.61 -5.24
CA ILE A 214 1.74 -34.66 -4.27
C ILE A 214 1.76 -36.02 -4.94
N ASN A 215 0.84 -36.28 -5.85
CA ASN A 215 0.90 -37.55 -6.56
C ASN A 215 2.28 -37.71 -7.22
N LYS A 216 2.77 -36.62 -7.82
CA LYS A 216 4.06 -36.58 -8.51
C LYS A 216 5.22 -36.77 -7.55
N LEU A 217 5.18 -36.05 -6.43
CA LEU A 217 6.26 -36.11 -5.48
C LEU A 217 6.33 -37.45 -4.77
N ASN A 218 5.20 -38.11 -4.58
CA ASN A 218 5.25 -39.43 -4.01
C ASN A 218 5.87 -40.44 -4.98
N GLN A 219 5.61 -40.25 -6.27
CA GLN A 219 6.17 -41.11 -7.32
C GLN A 219 7.68 -40.95 -7.46
N VAL A 220 8.15 -39.71 -7.38
CA VAL A 220 9.58 -39.43 -7.35
C VAL A 220 10.18 -40.14 -6.14
N PHE A 221 9.48 -40.04 -5.01
CA PHE A 221 9.93 -40.68 -3.78
C PHE A 221 10.15 -42.16 -4.00
N VAL A 222 9.13 -42.84 -4.54
CA VAL A 222 9.21 -44.27 -4.78
C VAL A 222 10.30 -44.62 -5.81
N ASP A 223 10.37 -43.88 -6.93
CA ASP A 223 11.37 -44.19 -7.93
C ASP A 223 12.76 -44.15 -7.34
N THR A 224 13.01 -43.08 -6.59
CA THR A 224 14.31 -42.81 -6.01
C THR A 224 14.76 -43.90 -5.06
N VAL A 225 13.85 -44.28 -4.17
CA VAL A 225 14.18 -45.30 -3.18
C VAL A 225 14.55 -46.60 -3.89
N ARG A 226 13.74 -47.00 -4.86
CA ARG A 226 13.96 -48.25 -5.60
C ARG A 226 15.24 -48.28 -6.42
N SER A 227 15.69 -47.10 -6.83
CA SER A 227 16.87 -47.03 -7.68
C SER A 227 18.17 -47.23 -6.92
N THR A 228 18.11 -47.21 -5.59
CA THR A 228 19.34 -47.26 -4.78
C THR A 228 19.75 -48.70 -4.43
N GLY A 229 18.94 -49.65 -4.88
CA GLY A 229 19.24 -51.07 -4.76
C GLY A 229 19.18 -51.61 -3.36
N GLY A 230 19.85 -52.74 -3.14
CA GLY A 230 19.82 -53.37 -1.84
C GLY A 230 18.40 -53.77 -1.52
N ASN A 231 18.02 -53.63 -0.26
CA ASN A 231 16.67 -53.97 0.16
C ASN A 231 15.71 -52.83 -0.01
N ASN A 232 16.15 -51.77 -0.66
CA ASN A 232 15.26 -50.64 -0.92
C ASN A 232 14.31 -50.96 -2.08
N VAL A 233 14.56 -52.10 -2.75
CA VAL A 233 13.80 -52.53 -3.94
C VAL A 233 12.55 -53.27 -3.51
N SER A 234 12.57 -53.68 -2.25
CA SER A 234 11.56 -54.55 -1.69
C SER A 234 11.03 -54.02 -0.37
N ARG A 235 11.46 -52.82 -0.03
CA ARG A 235 11.05 -52.20 1.23
C ARG A 235 9.62 -51.71 1.17
N TYR A 236 8.94 -51.76 2.30
CA TYR A 236 7.63 -51.11 2.40
C TYR A 236 7.78 -49.60 2.52
N LEU A 237 7.00 -48.89 1.72
CA LEU A 237 7.06 -47.45 1.67
C LEU A 237 5.69 -46.90 2.07
N MET A 238 5.68 -45.83 2.88
CA MET A 238 4.43 -45.17 3.27
C MET A 238 4.27 -43.84 2.57
N VAL A 239 3.08 -43.57 2.02
CA VAL A 239 2.81 -42.30 1.39
C VAL A 239 1.53 -41.67 1.91
N PRO A 240 1.55 -40.34 2.09
CA PRO A 240 0.38 -39.61 2.57
C PRO A 240 -0.37 -38.96 1.43
N GLY A 241 -1.61 -38.57 1.72
CA GLY A 241 -2.36 -37.73 0.80
C GLY A 241 -2.13 -36.31 1.24
N TYR A 242 -2.94 -35.37 0.74
CA TYR A 242 -2.79 -33.97 1.14
C TYR A 242 -2.95 -33.88 2.63
N ALA A 243 -1.98 -33.25 3.28
CA ALA A 243 -2.07 -32.98 4.72
C ALA A 243 -2.21 -34.22 5.59
N ALA A 244 -1.87 -35.39 5.03
CA ALA A 244 -2.02 -36.69 5.72
C ALA A 244 -3.45 -36.94 6.24
N ALA A 245 -4.40 -36.18 5.71
CA ALA A 245 -5.80 -36.29 6.08
C ALA A 245 -6.37 -37.52 5.39
N PRO A 246 -7.29 -38.19 6.06
CA PRO A 246 -7.96 -39.36 5.46
C PRO A 246 -8.66 -38.96 4.18
N GLU A 247 -9.24 -37.75 4.16
CA GLU A 247 -10.05 -37.32 3.04
C GLU A 247 -9.30 -37.31 1.71
N TYR A 248 -8.05 -36.91 1.77
CA TYR A 248 -7.34 -36.60 0.55
C TYR A 248 -6.50 -37.80 0.06
N VAL A 249 -6.78 -38.96 0.63
CA VAL A 249 -6.40 -40.25 0.05
C VAL A 249 -7.68 -40.99 -0.35
N LEU A 250 -8.82 -40.49 0.11
CA LEU A 250 -10.10 -41.08 -0.23
C LEU A 250 -10.64 -40.55 -1.54
N ILE A 251 -10.23 -39.33 -1.89
CA ILE A 251 -10.63 -38.72 -3.17
C ILE A 251 -10.08 -39.49 -4.37
N ASP A 252 -10.82 -39.46 -5.48
CA ASP A 252 -10.45 -40.25 -6.66
C ASP A 252 -9.12 -39.79 -7.21
N GLU A 253 -8.84 -38.51 -7.02
CA GLU A 253 -7.66 -37.89 -7.58
C GLU A 253 -6.39 -38.48 -7.01
N PHE A 254 -6.51 -39.07 -5.83
CA PHE A 254 -5.34 -39.63 -5.16
C PHE A 254 -4.85 -40.88 -5.89
N LYS A 255 -3.54 -40.92 -6.16
CA LYS A 255 -2.96 -42.03 -6.91
C LYS A 255 -1.91 -42.81 -6.09
N ILE A 256 -2.10 -44.10 -5.91
CA ILE A 256 -1.04 -44.94 -5.36
C ILE A 256 0.07 -45.09 -6.40
N PRO A 257 1.31 -44.70 -6.05
CA PRO A 257 2.44 -44.78 -7.01
C PRO A 257 2.73 -46.15 -7.59
N LYS A 258 3.16 -46.18 -8.85
CA LYS A 258 3.52 -47.42 -9.53
C LYS A 258 4.97 -47.89 -9.29
N ASP A 259 5.17 -49.20 -9.18
CA ASP A 259 6.51 -49.80 -9.09
C ASP A 259 6.72 -50.86 -10.19
N SER A 260 7.69 -50.67 -11.08
CA SER A 260 7.97 -51.67 -12.14
C SER A 260 8.74 -52.86 -11.58
N SER A 261 8.97 -52.85 -10.26
CA SER A 261 9.73 -53.89 -9.58
C SER A 261 8.93 -55.17 -9.42
N LYS A 262 9.60 -56.17 -8.87
CA LYS A 262 9.06 -57.50 -8.66
C LYS A 262 8.42 -57.65 -7.27
N TYR A 263 8.57 -56.62 -6.44
CA TYR A 263 7.96 -56.65 -5.13
C TYR A 263 6.65 -55.86 -5.13
N LYS A 264 5.55 -56.63 -5.09
CA LYS A 264 4.21 -56.10 -5.27
C LYS A 264 3.50 -55.73 -3.94
N ASN A 265 2.58 -54.75 -4.01
CA ASN A 265 1.74 -54.35 -2.87
C ASN A 265 2.60 -53.96 -1.68
N ARG A 266 3.48 -53.00 -1.92
CA ARG A 266 4.44 -52.57 -0.92
C ARG A 266 4.34 -51.09 -0.64
N ILE A 267 3.27 -50.47 -1.11
CA ILE A 267 3.03 -49.08 -0.79
C ILE A 267 1.89 -49.02 0.24
N ILE A 268 2.14 -48.37 1.36
CA ILE A 268 1.17 -48.23 2.44
C ILE A 268 0.63 -46.81 2.52
N ILE A 269 -0.70 -46.68 2.67
CA ILE A 269 -1.35 -45.39 2.84
C ILE A 269 -1.08 -44.80 4.23
N SER A 270 -0.54 -43.59 4.27
CA SER A 270 -0.20 -42.93 5.53
C SER A 270 -1.27 -41.93 5.85
N VAL A 271 -1.88 -42.05 7.01
CA VAL A 271 -2.88 -41.08 7.41
C VAL A 271 -2.68 -40.65 8.85
N HIS A 272 -3.09 -39.43 9.17
CA HIS A 272 -3.12 -38.93 10.52
C HIS A 272 -4.53 -38.49 10.86
N ALA A 273 -4.95 -38.71 12.10
CA ALA A 273 -6.29 -38.35 12.52
C ALA A 273 -6.39 -38.17 14.02
N TYR A 274 -6.19 -36.96 14.49
CA TYR A 274 -6.47 -36.65 15.88
C TYR A 274 -7.96 -36.35 16.07
N ARG A 275 -8.80 -37.37 15.93
CA ARG A 275 -10.25 -37.20 15.94
C ARG A 275 -10.83 -38.04 17.06
N PRO A 276 -11.92 -37.56 17.69
CA PRO A 276 -12.61 -36.31 17.36
C PRO A 276 -11.75 -35.11 17.77
N TYR A 277 -11.65 -34.14 16.86
CA TYR A 277 -10.72 -33.03 17.03
C TYR A 277 -10.90 -32.29 18.36
N ASN A 278 -12.14 -31.96 18.70
CA ASN A 278 -12.43 -31.12 19.89
C ASN A 278 -12.01 -31.73 21.20
N PHE A 279 -11.90 -33.05 21.22
CA PHE A 279 -11.41 -33.71 22.41
C PHE A 279 -9.91 -33.93 22.35
N ALA A 280 -9.43 -34.42 21.21
CA ALA A 280 -8.04 -34.91 21.09
C ALA A 280 -6.98 -33.82 20.98
N LEU A 281 -7.25 -32.81 20.16
CA LEU A 281 -6.22 -31.88 19.72
C LEU A 281 -6.51 -30.41 20.04
N GLN A 282 -7.80 -30.02 20.01
CA GLN A 282 -8.21 -28.62 20.19
C GLN A 282 -7.77 -28.11 21.56
N ALA A 283 -7.23 -26.90 21.63
CA ALA A 283 -6.75 -26.32 22.89
C ALA A 283 -7.88 -26.09 23.90
N PRO A 284 -7.58 -26.27 25.20
CA PRO A 284 -8.60 -26.10 26.24
C PRO A 284 -9.22 -24.70 26.34
N ASN A 285 -8.50 -23.64 25.94
CA ASN A 285 -9.05 -22.28 26.09
C ASN A 285 -10.00 -21.84 24.97
N GLU A 286 -10.18 -22.71 23.98
CA GLU A 286 -11.11 -22.40 22.90
C GLU A 286 -12.43 -22.98 23.37
N SER A 287 -13.53 -22.35 22.97
CA SER A 287 -14.81 -22.64 23.59
C SER A 287 -15.37 -24.00 23.14
N GLY A 288 -15.00 -24.49 21.97
CA GLY A 288 -15.56 -25.75 21.52
C GLY A 288 -14.70 -26.95 21.84
N SER A 289 -13.80 -26.78 22.81
CA SER A 289 -13.01 -27.91 23.30
C SER A 289 -13.89 -28.75 24.20
N VAL A 290 -13.58 -30.04 24.35
CA VAL A 290 -14.24 -30.88 25.33
C VAL A 290 -13.19 -31.67 26.11
N SER A 291 -13.46 -31.96 27.38
CA SER A 291 -12.52 -32.73 28.20
C SER A 291 -13.02 -34.14 28.41
N GLU A 292 -14.26 -34.38 28.01
CA GLU A 292 -14.89 -35.66 28.29
C GLU A 292 -14.93 -36.55 27.07
N TRP A 293 -14.65 -37.83 27.23
CA TRP A 293 -14.82 -38.75 26.13
C TRP A 293 -15.31 -40.06 26.73
N SER A 294 -16.40 -40.60 26.21
CA SER A 294 -16.97 -41.84 26.73
C SER A 294 -17.37 -42.79 25.60
N VAL A 295 -17.03 -44.07 25.77
CA VAL A 295 -17.39 -45.11 24.82
C VAL A 295 -18.91 -45.25 24.72
N ASN A 296 -19.62 -44.69 25.70
CA ASN A 296 -21.06 -44.79 25.80
C ASN A 296 -21.74 -43.65 25.07
N SER A 297 -20.92 -42.74 24.54
CA SER A 297 -21.35 -41.55 23.83
C SER A 297 -21.27 -41.73 22.30
N GLU A 298 -22.42 -41.68 21.62
CA GLU A 298 -22.46 -41.77 20.15
C GLU A 298 -21.61 -40.69 19.54
N GLU A 299 -21.56 -39.56 20.24
CA GLU A 299 -20.80 -38.42 19.82
C GLU A 299 -19.28 -38.59 19.79
N SER A 300 -18.74 -39.20 20.86
CA SER A 300 -17.31 -39.49 20.97
C SER A 300 -16.84 -40.55 19.97
N ARG A 301 -17.70 -41.52 19.65
CA ARG A 301 -17.31 -42.59 18.73
C ARG A 301 -17.44 -42.21 17.24
N ARG A 302 -18.23 -41.19 16.94
CA ARG A 302 -18.71 -40.93 15.57
C ARG A 302 -17.64 -40.75 14.47
N ASP A 303 -16.73 -39.81 14.71
CA ASP A 303 -15.78 -39.40 13.68
C ASP A 303 -14.76 -40.51 13.49
N ILE A 304 -14.53 -41.29 14.54
CA ILE A 304 -13.59 -42.39 14.48
C ILE A 304 -14.17 -43.47 13.58
N ASP A 305 -15.43 -43.81 13.82
CA ASP A 305 -16.15 -44.78 12.99
C ASP A 305 -16.17 -44.30 11.55
N TYR A 306 -16.38 -43.00 11.41
CA TYR A 306 -16.63 -42.37 10.11
C TYR A 306 -15.43 -42.51 9.16
N PHE A 307 -14.29 -41.96 9.57
CA PHE A 307 -13.12 -41.96 8.69
C PHE A 307 -12.50 -43.36 8.57
N MET A 308 -12.60 -44.16 9.62
CA MET A 308 -11.99 -45.49 9.60
C MET A 308 -12.76 -46.42 8.68
N ASP A 309 -14.08 -46.30 8.67
CA ASP A 309 -14.89 -47.06 7.73
C ASP A 309 -14.49 -46.75 6.27
N LYS A 310 -14.27 -45.47 5.98
CA LYS A 310 -13.97 -45.03 4.62
C LYS A 310 -12.62 -45.54 4.13
N LEU A 311 -11.63 -45.53 5.02
CA LEU A 311 -10.30 -46.02 4.68
C LEU A 311 -10.33 -47.53 4.41
N TYR A 312 -11.15 -48.23 5.19
CA TYR A 312 -11.31 -49.67 5.04
C TYR A 312 -12.01 -50.06 3.73
N ASP A 313 -13.03 -49.30 3.36
CA ASP A 313 -13.75 -49.61 2.15
C ASP A 313 -12.86 -49.44 0.93
N LYS A 314 -12.09 -48.36 0.89
CA LYS A 314 -11.30 -48.07 -0.30
C LYS A 314 -10.00 -48.90 -0.36
N PHE A 315 -9.40 -49.16 0.80
CA PHE A 315 -8.04 -49.66 0.83
C PHE A 315 -7.84 -51.06 1.37
N VAL A 316 -8.02 -51.21 2.68
CA VAL A 316 -7.73 -52.45 3.38
C VAL A 316 -8.50 -53.60 2.75
N SER A 317 -9.78 -53.34 2.50
CA SER A 317 -10.70 -54.33 1.95
C SER A 317 -10.35 -54.75 0.53
N LYS A 318 -9.49 -53.99 -0.13
CA LYS A 318 -9.07 -54.29 -1.50
C LYS A 318 -7.64 -54.78 -1.49
N GLY A 319 -7.13 -55.00 -0.27
CA GLY A 319 -5.83 -55.59 -0.06
C GLY A 319 -4.70 -54.57 0.12
N ILE A 320 -5.05 -53.28 0.03
CA ILE A 320 -4.05 -52.21 0.18
C ILE A 320 -3.92 -51.75 1.64
N PRO A 321 -2.69 -51.82 2.17
CA PRO A 321 -2.38 -51.58 3.59
C PRO A 321 -2.51 -50.11 4.00
N VAL A 322 -3.03 -49.87 5.19
CA VAL A 322 -3.14 -48.52 5.71
C VAL A 322 -2.49 -48.49 7.08
N VAL A 323 -1.80 -47.40 7.39
CA VAL A 323 -1.20 -47.18 8.70
C VAL A 323 -1.54 -45.79 9.22
N ILE A 324 -2.05 -45.69 10.45
CA ILE A 324 -2.23 -44.37 11.04
C ILE A 324 -0.97 -44.01 11.81
N GLY A 325 -0.16 -43.14 11.22
CA GLY A 325 1.13 -42.76 11.77
C GLY A 325 1.11 -41.79 12.95
N GLU A 326 0.03 -41.02 13.07
CA GLU A 326 -0.13 -40.11 14.18
C GLU A 326 -1.53 -40.12 14.68
N PHE A 327 -1.68 -40.20 16.00
CA PHE A 327 -2.98 -40.07 16.68
C PHE A 327 -2.69 -39.87 18.16
N GLY A 328 -3.68 -39.45 18.93
CA GLY A 328 -3.50 -39.24 20.35
C GLY A 328 -4.48 -38.21 20.90
N ALA A 329 -4.44 -38.01 22.21
CA ALA A 329 -5.31 -37.06 22.86
C ALA A 329 -4.51 -36.30 23.89
N ARG A 330 -4.54 -34.98 23.80
CA ARG A 330 -3.80 -34.14 24.72
C ARG A 330 -4.40 -34.16 26.11
N ASP A 331 -3.54 -34.08 27.11
CA ASP A 331 -4.02 -33.96 28.46
C ASP A 331 -4.74 -32.64 28.61
N LYS A 332 -5.97 -32.69 29.08
CA LYS A 332 -6.68 -31.50 29.44
C LYS A 332 -6.95 -31.54 30.94
N ASN A 333 -6.05 -30.92 31.71
CA ASN A 333 -6.20 -30.85 33.15
C ASN A 333 -6.54 -32.17 33.87
N GLY A 334 -5.86 -33.26 33.53
CA GLY A 334 -6.06 -34.49 34.26
C GLY A 334 -7.25 -35.36 33.84
N ASN A 335 -7.72 -35.17 32.60
CA ASN A 335 -8.84 -35.98 32.08
C ASN A 335 -8.42 -37.42 31.71
N LEU A 336 -7.82 -38.12 32.66
CA LEU A 336 -7.24 -39.44 32.39
C LEU A 336 -8.26 -40.49 31.97
N GLN A 337 -9.38 -40.56 32.67
CA GLN A 337 -10.36 -41.58 32.36
C GLN A 337 -10.82 -41.47 30.91
N SER A 338 -11.07 -40.24 30.47
CA SER A 338 -11.56 -39.99 29.11
C SER A 338 -10.54 -40.41 28.07
N ARG A 339 -9.28 -40.05 28.34
CA ARG A 339 -8.20 -40.40 27.43
C ARG A 339 -8.01 -41.92 27.38
N VAL A 340 -8.25 -42.58 28.50
CA VAL A 340 -8.15 -44.03 28.52
C VAL A 340 -9.20 -44.70 27.64
N GLU A 341 -10.46 -44.32 27.82
CA GLU A 341 -11.53 -44.91 27.02
C GLU A 341 -11.32 -44.58 25.55
N PHE A 342 -10.88 -43.35 25.29
CA PHE A 342 -10.56 -42.91 23.93
C PHE A 342 -9.49 -43.82 23.25
N ALA A 343 -8.35 -43.97 23.91
CA ALA A 343 -7.23 -44.74 23.39
C ALA A 343 -7.63 -46.16 23.08
N ALA A 344 -8.34 -46.76 24.04
CA ALA A 344 -8.79 -48.13 23.89
C ALA A 344 -9.73 -48.25 22.71
N TYR A 345 -10.67 -47.30 22.62
CA TYR A 345 -11.65 -47.35 21.54
C TYR A 345 -11.01 -47.11 20.17
N TYR A 346 -10.11 -46.14 20.11
CA TYR A 346 -9.44 -45.79 18.86
C TYR A 346 -8.64 -46.97 18.29
N VAL A 347 -7.82 -47.57 19.14
CA VAL A 347 -6.95 -48.67 18.72
C VAL A 347 -7.77 -49.87 18.28
N ARG A 348 -8.83 -50.17 19.03
CA ARG A 348 -9.69 -51.30 18.68
C ARG A 348 -10.37 -51.04 17.34
N ALA A 349 -10.98 -49.86 17.21
CA ALA A 349 -11.71 -49.50 16.00
C ALA A 349 -10.83 -49.64 14.77
N ALA A 350 -9.54 -49.31 14.95
CA ALA A 350 -8.58 -49.44 13.88
C ALA A 350 -8.16 -50.89 13.64
N ARG A 351 -7.84 -51.62 14.70
CA ARG A 351 -7.43 -53.02 14.56
C ARG A 351 -8.54 -53.87 13.95
N ALA A 352 -9.77 -53.62 14.39
CA ALA A 352 -10.96 -54.31 13.88
C ALA A 352 -11.13 -54.06 12.38
N ARG A 353 -10.55 -52.96 11.92
CA ARG A 353 -10.55 -52.61 10.50
C ARG A 353 -9.18 -52.84 9.88
N GLY A 354 -8.29 -53.48 10.62
CA GLY A 354 -6.98 -53.92 10.11
C GLY A 354 -5.91 -52.85 10.05
N ILE A 355 -6.09 -51.80 10.83
CA ILE A 355 -5.21 -50.65 10.76
C ILE A 355 -4.40 -50.53 12.03
N THR A 356 -3.11 -50.29 11.88
CA THR A 356 -2.20 -50.15 13.01
C THR A 356 -1.98 -48.68 13.24
N CYS A 357 -1.90 -48.28 14.51
CA CYS A 357 -1.75 -46.87 14.86
C CYS A 357 -0.46 -46.51 15.60
N CYS A 358 -0.11 -45.24 15.59
CA CYS A 358 1.09 -44.76 16.26
C CYS A 358 0.77 -43.51 17.08
N TRP A 359 0.99 -43.60 18.39
CA TRP A 359 0.73 -42.48 19.28
C TRP A 359 1.80 -41.42 19.13
N TRP A 360 1.40 -40.15 19.19
CA TRP A 360 2.36 -39.07 19.16
C TRP A 360 2.79 -38.72 20.60
N ASP A 361 3.97 -39.19 20.99
CA ASP A 361 4.51 -38.92 22.34
C ASP A 361 5.69 -37.95 22.29
N ASN A 362 5.44 -36.73 22.76
CA ASN A 362 6.39 -35.64 22.70
C ASN A 362 6.96 -35.19 24.04
N ASN A 363 6.85 -36.05 25.06
CA ASN A 363 7.55 -35.81 26.32
C ASN A 363 7.08 -34.53 26.98
N ALA A 364 5.84 -34.16 26.63
CA ALA A 364 5.17 -32.98 27.19
C ALA A 364 4.01 -33.41 28.08
N PHE A 365 3.99 -32.90 29.30
CA PHE A 365 3.08 -33.40 30.31
C PHE A 365 2.27 -32.33 30.99
N TYR A 366 2.82 -31.13 31.14
CA TYR A 366 2.11 -30.05 31.81
C TYR A 366 2.40 -28.67 31.18
N GLY A 367 1.46 -27.75 31.33
CA GLY A 367 1.57 -26.43 30.72
C GLY A 367 0.53 -26.20 29.61
N ASN A 368 0.48 -24.98 29.09
CA ASN A 368 -0.53 -24.67 28.08
C ASN A 368 -0.16 -25.16 26.68
N GLY A 369 0.88 -25.99 26.61
CA GLY A 369 1.28 -26.59 25.35
C GLY A 369 0.52 -27.87 25.06
N GLU A 370 0.79 -28.46 23.89
CA GLU A 370 0.13 -29.70 23.50
C GLU A 370 0.81 -30.87 24.19
N ASN A 371 0.30 -31.20 25.39
CA ASN A 371 0.84 -32.27 26.22
C ASN A 371 0.34 -33.65 25.78
N PHE A 372 1.13 -34.31 24.95
CA PHE A 372 0.80 -35.62 24.46
C PHE A 372 1.68 -36.69 25.10
N GLY A 373 2.43 -36.32 26.13
CA GLY A 373 3.40 -37.24 26.68
C GLY A 373 2.88 -38.49 27.37
N LEU A 374 3.54 -39.61 27.14
CA LEU A 374 3.25 -40.83 27.87
C LEU A 374 4.48 -41.25 28.67
N LEU A 375 5.65 -41.15 28.07
CA LEU A 375 6.86 -41.59 28.73
C LEU A 375 7.74 -40.44 29.19
N ASP A 376 7.96 -40.33 30.50
CA ASP A 376 8.94 -39.39 31.01
C ASP A 376 10.30 -39.93 30.60
N ARG A 377 10.91 -39.29 29.62
CA ARG A 377 12.13 -39.80 29.06
C ARG A 377 13.32 -39.67 30.03
N LYS A 378 13.25 -38.73 30.97
CA LYS A 378 14.41 -38.50 31.84
C LYS A 378 14.45 -39.45 33.01
N THR A 379 13.35 -40.17 33.27
CA THR A 379 13.27 -41.04 34.42
C THR A 379 12.94 -42.44 33.98
N LEU A 380 12.60 -42.53 32.70
CA LEU A 380 12.11 -43.77 32.10
C LEU A 380 10.86 -44.35 32.74
N LYS A 381 10.03 -43.52 33.38
CA LYS A 381 8.80 -44.05 33.98
C LYS A 381 7.56 -43.58 33.22
N TRP A 382 6.63 -44.50 32.99
CA TRP A 382 5.43 -44.19 32.22
C TRP A 382 4.47 -43.39 33.05
N VAL A 383 4.29 -42.12 32.71
CA VAL A 383 3.44 -41.26 33.51
C VAL A 383 1.97 -41.72 33.46
N TYR A 384 1.53 -42.26 32.33
CA TYR A 384 0.13 -42.74 32.23
C TYR A 384 0.05 -44.16 31.73
N PRO A 385 0.47 -45.11 32.57
CA PRO A 385 0.45 -46.52 32.15
C PRO A 385 -0.97 -46.96 31.84
N GLU A 386 -1.95 -46.28 32.43
CA GLU A 386 -3.35 -46.60 32.18
C GLU A 386 -3.69 -46.42 30.69
N ILE A 387 -3.17 -45.36 30.07
CA ILE A 387 -3.40 -45.15 28.65
C ILE A 387 -2.70 -46.23 27.83
N VAL A 388 -1.45 -46.50 28.16
CA VAL A 388 -0.72 -47.52 27.42
C VAL A 388 -1.39 -48.89 27.47
N SER A 389 -1.81 -49.32 28.67
CA SER A 389 -2.41 -50.64 28.79
C SER A 389 -3.68 -50.68 27.98
N ALA A 390 -4.41 -49.56 28.00
CA ALA A 390 -5.67 -49.43 27.25
C ALA A 390 -5.41 -49.66 25.76
N MET A 391 -4.26 -49.21 25.28
CA MET A 391 -3.94 -49.45 23.89
C MET A 391 -3.50 -50.89 23.66
N MET A 392 -2.72 -51.43 24.58
CA MET A 392 -2.17 -52.77 24.37
C MET A 392 -3.25 -53.83 24.35
N LYS A 393 -4.37 -53.53 25.02
CA LYS A 393 -5.45 -54.49 25.14
C LYS A 393 -6.10 -54.85 23.79
N TYR A 394 -6.12 -53.92 22.85
CA TYR A 394 -6.84 -54.16 21.59
C TYR A 394 -5.93 -53.99 20.39
N ALA A 395 -4.63 -54.12 20.63
CA ALA A 395 -3.64 -53.83 19.59
C ALA A 395 -3.23 -55.06 18.78
N ARG A 396 -3.17 -56.23 19.41
CA ARG A 396 -2.83 -57.46 18.68
C ARG A 396 -3.90 -57.72 17.62
N ARG B 22 -21.73 33.89 -14.75
CA ARG B 22 -21.94 34.46 -13.42
C ARG B 22 -21.10 33.76 -12.35
N ALA B 23 -20.55 34.57 -11.46
CA ALA B 23 -19.63 34.16 -10.40
C ALA B 23 -19.55 35.29 -9.36
N LYS B 24 -19.46 34.96 -8.08
CA LYS B 24 -19.43 36.03 -7.07
C LYS B 24 -18.02 36.14 -6.48
N ILE B 25 -17.63 37.36 -6.17
CA ILE B 25 -16.29 37.62 -5.67
C ILE B 25 -16.38 37.40 -4.17
N PRO B 26 -15.55 36.49 -3.65
CA PRO B 26 -15.65 36.11 -2.24
C PRO B 26 -15.04 37.15 -1.34
N GLU B 27 -15.37 37.06 -0.06
CA GLU B 27 -14.81 37.97 0.91
C GLU B 27 -13.67 37.23 1.58
N ILE B 28 -12.47 37.78 1.50
CA ILE B 28 -11.30 37.07 1.96
C ILE B 28 -10.84 37.74 3.25
N LYS B 29 -10.67 36.97 4.31
CA LYS B 29 -10.19 37.56 5.53
C LYS B 29 -8.82 37.00 5.82
N ILE B 30 -7.79 37.73 5.41
CA ILE B 30 -6.41 37.35 5.74
C ILE B 30 -5.72 38.52 6.40
N ALA B 31 -5.23 38.30 7.61
CA ALA B 31 -4.59 39.36 8.39
C ALA B 31 -3.43 39.99 7.63
N SER B 32 -3.49 41.31 7.48
CA SER B 32 -2.41 42.04 6.87
C SER B 32 -1.19 41.91 7.78
N ARG B 33 -0.04 41.55 7.22
CA ARG B 33 1.15 41.31 8.06
C ARG B 33 2.02 42.56 8.17
N LYS B 34 2.96 42.53 9.12
CA LYS B 34 3.80 43.70 9.40
C LYS B 34 4.83 43.88 8.31
N ILE B 35 4.74 45.02 7.63
CA ILE B 35 5.62 45.29 6.51
C ILE B 35 6.59 46.43 6.74
N PRO B 36 7.90 46.12 6.66
CA PRO B 36 8.96 47.12 6.81
C PRO B 36 8.73 48.34 5.92
N ASN B 37 9.13 49.48 6.45
CA ASN B 37 8.87 50.76 5.88
C ASN B 37 10.06 51.29 5.09
N ASN B 38 10.23 50.86 3.85
CA ASN B 38 11.33 51.42 3.04
C ASN B 38 10.90 51.82 1.63
N ALA B 39 11.84 52.41 0.90
CA ALA B 39 11.58 52.84 -0.47
C ALA B 39 11.22 51.63 -1.34
N ALA B 40 11.85 50.50 -1.05
CA ALA B 40 11.70 49.29 -1.88
C ALA B 40 10.32 48.63 -1.79
N LEU B 41 9.85 48.39 -0.57
CA LEU B 41 8.57 47.74 -0.41
C LEU B 41 7.44 48.66 -0.88
N LYS B 42 7.68 49.97 -0.74
CA LYS B 42 6.73 50.97 -1.22
C LYS B 42 6.70 51.02 -2.75
N PHE B 43 7.85 50.73 -3.37
CA PHE B 43 7.94 50.59 -4.82
C PHE B 43 7.08 49.44 -5.29
N VAL B 44 7.25 48.30 -4.62
CA VAL B 44 6.53 47.09 -4.98
C VAL B 44 5.03 47.28 -4.78
N LYS B 45 4.64 47.90 -3.66
CA LYS B 45 3.22 48.11 -3.39
C LYS B 45 2.58 48.98 -4.47
N ASP B 46 3.34 49.95 -4.96
CA ASP B 46 2.82 50.92 -5.94
C ASP B 46 2.59 50.25 -7.27
N MET B 47 3.32 49.17 -7.51
CA MET B 47 3.14 48.33 -8.69
C MET B 47 1.75 47.69 -8.69
N LYS B 48 1.17 47.55 -7.50
CA LYS B 48 -0.23 47.15 -7.35
C LYS B 48 -0.56 45.73 -7.87
N ILE B 49 -0.61 45.59 -9.19
CA ILE B 49 -0.88 44.33 -9.84
C ILE B 49 -0.46 44.37 -11.31
N GLY B 50 0.04 43.25 -11.81
CA GLY B 50 0.62 43.22 -13.13
C GLY B 50 -0.09 42.34 -14.13
N TRP B 51 0.21 42.60 -15.39
CA TRP B 51 -0.41 41.90 -16.51
C TRP B 51 0.69 41.52 -17.51
N ASN B 52 0.85 40.22 -17.79
CA ASN B 52 1.88 39.77 -18.74
C ASN B 52 1.44 39.86 -20.18
N LEU B 53 2.23 40.53 -21.01
CA LEU B 53 2.00 40.46 -22.45
C LEU B 53 2.52 39.13 -22.93
N GLY B 54 1.85 38.05 -22.53
CA GLY B 54 2.32 36.72 -22.79
C GLY B 54 2.08 36.23 -24.20
N ASN B 55 2.87 35.24 -24.62
CA ASN B 55 2.79 34.68 -25.97
C ASN B 55 3.00 35.73 -27.05
N THR B 56 3.75 36.77 -26.72
CA THR B 56 4.00 37.87 -27.64
C THR B 56 5.47 37.86 -28.06
N PHE B 57 6.28 38.66 -27.37
CA PHE B 57 7.71 38.78 -27.67
C PHE B 57 8.52 37.63 -27.10
N ASP B 58 7.87 36.86 -26.25
CA ASP B 58 8.45 35.66 -25.72
C ASP B 58 8.45 34.55 -26.76
N ALA B 59 7.61 34.67 -27.80
CA ALA B 59 7.49 33.61 -28.79
C ALA B 59 8.85 33.23 -29.38
N ALA B 60 9.25 31.98 -29.26
CA ALA B 60 10.57 31.59 -29.76
C ALA B 60 10.58 30.18 -30.32
N PHE B 61 11.23 30.00 -31.45
CA PHE B 61 11.42 28.70 -32.06
C PHE B 61 12.49 28.79 -33.14
N GLU B 62 13.06 27.67 -33.54
CA GLU B 62 14.15 27.69 -34.54
C GLU B 62 13.65 27.39 -35.96
N ASN B 63 14.40 27.87 -36.95
CA ASN B 63 14.03 27.75 -38.37
C ASN B 63 12.65 28.27 -38.69
N PRO B 64 12.43 29.58 -38.54
CA PRO B 64 11.12 30.12 -38.94
C PRO B 64 10.97 29.95 -40.44
N SER B 65 9.74 29.79 -40.94
CA SER B 65 9.56 29.63 -42.38
C SER B 65 9.13 30.94 -43.02
N PHE B 66 9.28 32.02 -42.26
CA PHE B 66 8.98 33.37 -42.73
C PHE B 66 10.25 34.19 -42.54
N ASP B 67 10.34 35.34 -43.19
CA ASP B 67 11.59 36.09 -43.16
C ASP B 67 11.56 37.35 -42.30
N ASP B 68 10.35 37.87 -42.10
CA ASP B 68 10.12 39.04 -41.26
C ASP B 68 10.17 38.59 -39.81
N GLU B 69 11.21 38.99 -39.10
CA GLU B 69 11.39 38.57 -37.72
C GLU B 69 10.36 39.20 -36.77
N LEU B 70 9.66 40.24 -37.21
CA LEU B 70 8.64 40.85 -36.35
C LEU B 70 7.38 39.99 -36.23
N LEU B 71 7.28 38.96 -37.07
CA LEU B 71 6.13 38.07 -37.05
C LEU B 71 6.16 37.16 -35.85
N TYR B 72 7.29 37.15 -35.15
CA TYR B 72 7.43 36.41 -33.91
C TYR B 72 6.50 37.00 -32.85
N GLU B 73 6.26 38.30 -32.95
CA GLU B 73 5.41 38.99 -32.00
C GLU B 73 4.00 38.41 -32.00
N THR B 74 3.59 37.82 -33.10
CA THR B 74 2.22 37.36 -33.20
C THR B 74 2.05 35.88 -33.48
N ALA B 75 3.15 35.12 -33.47
CA ALA B 75 3.12 33.70 -33.85
C ALA B 75 2.35 32.86 -32.84
N TRP B 76 2.27 33.35 -31.60
CA TRP B 76 1.61 32.59 -30.54
C TRP B 76 0.36 33.25 -29.96
N CYS B 77 0.11 34.51 -30.32
CA CYS B 77 -1.09 35.19 -29.83
C CYS B 77 -2.02 35.65 -30.95
N GLY B 78 -1.48 35.75 -32.16
CA GLY B 78 -2.29 35.96 -33.34
C GLY B 78 -2.78 37.37 -33.60
N VAL B 79 -2.31 38.33 -32.81
CA VAL B 79 -2.69 39.74 -32.90
C VAL B 79 -1.52 40.66 -32.57
N LYS B 80 -1.22 41.63 -33.44
CA LYS B 80 -0.11 42.57 -33.19
C LYS B 80 -0.47 43.57 -32.06
N THR B 81 0.49 43.86 -31.18
CA THR B 81 0.19 44.69 -30.00
C THR B 81 -0.03 46.16 -30.36
N THR B 82 -1.08 46.76 -29.81
CA THR B 82 -1.42 48.16 -30.08
C THR B 82 -1.48 48.96 -28.79
N LYS B 83 -1.45 50.28 -28.89
CA LYS B 83 -1.51 51.10 -27.69
C LYS B 83 -2.89 51.07 -27.06
N GLN B 84 -3.92 50.97 -27.90
CA GLN B 84 -5.28 50.96 -27.37
C GLN B 84 -5.43 49.71 -26.48
N MET B 85 -4.65 48.69 -26.81
CA MET B 85 -4.54 47.47 -26.01
C MET B 85 -3.89 47.71 -24.65
N ILE B 86 -2.71 48.33 -24.63
CA ILE B 86 -2.05 48.62 -23.36
C ILE B 86 -2.93 49.54 -22.53
N ASP B 87 -3.58 50.48 -23.19
CA ASP B 87 -4.50 51.40 -22.52
C ASP B 87 -5.57 50.65 -21.74
N THR B 88 -6.18 49.67 -22.40
CA THR B 88 -7.23 48.87 -21.82
C THR B 88 -6.81 48.18 -20.53
N VAL B 89 -5.57 47.70 -20.53
CA VAL B 89 -5.04 47.00 -19.38
C VAL B 89 -4.90 47.98 -18.20
N LYS B 90 -4.42 49.19 -18.50
CA LYS B 90 -4.32 50.21 -17.47
C LYS B 90 -5.67 50.64 -16.94
N LYS B 91 -6.65 50.81 -17.82
CA LYS B 91 -7.96 51.31 -17.41
C LYS B 91 -8.63 50.32 -16.46
N ALA B 92 -8.34 49.04 -16.65
CA ALA B 92 -8.93 47.98 -15.83
C ALA B 92 -8.34 47.95 -14.43
N GLY B 93 -7.16 48.54 -14.26
CA GLY B 93 -6.55 48.68 -12.95
C GLY B 93 -5.12 48.15 -12.84
N PHE B 94 -4.62 47.53 -13.90
CA PHE B 94 -3.26 47.03 -13.84
C PHE B 94 -2.29 48.19 -13.90
N ASN B 95 -1.42 48.28 -12.91
CA ASN B 95 -0.43 49.35 -12.86
C ASN B 95 0.94 48.89 -13.32
N THR B 96 1.07 47.59 -13.54
CA THR B 96 2.31 47.01 -13.99
C THR B 96 2.04 46.11 -15.18
N ILE B 97 2.95 46.12 -16.13
CA ILE B 97 2.89 45.22 -17.26
C ILE B 97 4.26 44.59 -17.47
N ARG B 98 4.30 43.26 -17.55
CA ARG B 98 5.55 42.54 -17.78
C ARG B 98 5.58 42.21 -19.24
N ILE B 99 6.64 42.62 -19.91
CA ILE B 99 6.79 42.29 -21.32
C ILE B 99 7.93 41.30 -21.44
N PRO B 100 7.60 40.00 -21.58
CA PRO B 100 8.60 38.95 -21.75
C PRO B 100 9.16 38.95 -23.17
N VAL B 101 10.49 38.91 -23.30
CA VAL B 101 11.12 38.89 -24.60
C VAL B 101 12.12 37.74 -24.74
N SER B 102 12.01 37.01 -25.85
CA SER B 102 13.01 36.02 -26.24
C SER B 102 13.83 36.59 -27.38
N TRP B 103 15.12 36.75 -27.16
CA TRP B 103 15.98 37.42 -28.11
C TRP B 103 16.68 36.50 -29.09
N HIS B 104 16.82 35.21 -28.75
CA HIS B 104 17.79 34.39 -29.46
C HIS B 104 17.46 34.15 -30.93
N ASN B 105 16.20 34.38 -31.32
CA ASN B 105 15.85 34.33 -32.75
C ASN B 105 16.03 35.67 -33.46
N HIS B 106 16.66 36.62 -32.76
CA HIS B 106 16.81 37.98 -33.27
C HIS B 106 18.23 38.48 -33.03
N VAL B 107 19.19 37.55 -33.02
CA VAL B 107 20.59 37.90 -32.90
C VAL B 107 21.36 37.38 -34.09
N THR B 108 22.44 38.07 -34.42
CA THR B 108 23.30 37.64 -35.51
C THR B 108 24.75 37.82 -35.09
N GLY B 109 25.62 37.17 -35.86
CA GLY B 109 27.05 37.31 -35.64
C GLY B 109 27.52 36.44 -34.49
N SER B 110 28.81 36.51 -34.20
CA SER B 110 29.42 35.70 -33.18
C SER B 110 29.21 36.21 -31.76
N ASN B 111 28.77 37.46 -31.63
CA ASN B 111 28.58 38.07 -30.31
C ASN B 111 27.13 38.48 -29.97
N PHE B 112 26.17 37.83 -30.62
CA PHE B 112 24.75 37.99 -30.31
C PHE B 112 24.30 39.45 -30.47
N THR B 113 24.47 39.98 -31.68
CA THR B 113 24.10 41.36 -31.98
C THR B 113 22.61 41.47 -32.28
N ILE B 114 21.87 42.20 -31.43
CA ILE B 114 20.42 42.33 -31.61
C ILE B 114 20.00 43.11 -32.87
N SER B 115 19.13 42.48 -33.66
CA SER B 115 18.55 43.10 -34.83
C SER B 115 17.84 44.37 -34.42
N LYS B 116 18.14 45.48 -35.10
CA LYS B 116 17.63 46.79 -34.73
C LYS B 116 16.11 46.85 -34.84
N ARG B 117 15.59 46.20 -35.89
CA ARG B 117 14.15 46.15 -36.16
C ARG B 117 13.43 45.56 -34.96
N TRP B 118 13.95 44.46 -34.43
CA TRP B 118 13.33 43.78 -33.29
C TRP B 118 13.41 44.63 -32.03
N LEU B 119 14.58 45.17 -31.74
CA LEU B 119 14.71 45.96 -30.52
C LEU B 119 13.85 47.21 -30.59
N ASP B 120 13.70 47.78 -31.78
CA ASP B 120 12.88 48.97 -31.94
C ASP B 120 11.45 48.61 -31.57
N ARG B 121 10.98 47.49 -32.14
CA ARG B 121 9.59 47.09 -31.97
C ARG B 121 9.26 46.88 -30.49
N VAL B 122 10.17 46.24 -29.77
CA VAL B 122 10.03 46.01 -28.34
C VAL B 122 9.91 47.35 -27.64
N GLN B 123 10.77 48.30 -28.02
CA GLN B 123 10.76 49.62 -27.40
C GLN B 123 9.43 50.35 -27.57
N GLN B 124 8.82 50.22 -28.75
CA GLN B 124 7.53 50.85 -29.05
C GLN B 124 6.52 50.44 -27.99
N VAL B 125 6.46 49.14 -27.71
CA VAL B 125 5.53 48.59 -26.74
C VAL B 125 5.88 48.99 -25.29
N VAL B 126 7.17 49.09 -24.97
CA VAL B 126 7.59 49.61 -23.66
C VAL B 126 7.03 51.02 -23.53
N ASP B 127 7.15 51.77 -24.63
CA ASP B 127 6.69 53.14 -24.70
C ASP B 127 5.15 53.28 -24.60
N TYR B 128 4.40 52.32 -25.13
CA TYR B 128 2.95 52.26 -24.92
C TYR B 128 2.64 52.31 -23.42
N ALA B 129 3.43 51.55 -22.67
CA ALA B 129 3.22 51.38 -21.25
C ALA B 129 3.72 52.57 -20.45
N MET B 130 4.81 53.14 -20.92
CA MET B 130 5.43 54.30 -20.27
C MET B 130 4.52 55.51 -20.41
N LYS B 131 3.91 55.67 -21.59
CA LYS B 131 3.01 56.80 -21.86
C LYS B 131 1.78 56.75 -20.97
N ASN B 132 1.50 55.57 -20.42
CA ASN B 132 0.40 55.35 -19.49
C ASN B 132 0.95 55.39 -18.06
N LYS B 133 2.20 55.83 -17.93
CA LYS B 133 2.82 56.03 -16.63
C LYS B 133 2.83 54.75 -15.76
N MET B 134 2.98 53.61 -16.45
CA MET B 134 2.98 52.28 -15.83
C MET B 134 4.36 51.75 -15.42
N TYR B 135 4.34 50.77 -14.53
CA TYR B 135 5.52 49.98 -14.23
C TYR B 135 5.65 48.93 -15.31
N VAL B 136 6.87 48.73 -15.79
CA VAL B 136 7.13 47.81 -16.89
C VAL B 136 8.27 46.87 -16.52
N ILE B 137 8.13 45.60 -16.88
CA ILE B 137 9.19 44.63 -16.66
C ILE B 137 9.61 44.00 -17.95
N ILE B 138 10.90 44.03 -18.26
CA ILE B 138 11.40 43.27 -19.41
C ILE B 138 12.50 42.29 -18.97
N ASN B 139 12.69 41.21 -19.74
CA ASN B 139 13.62 40.14 -19.39
C ASN B 139 14.24 39.41 -20.58
N ILE B 140 15.00 38.37 -20.27
CA ILE B 140 15.39 37.37 -21.25
C ILE B 140 14.46 36.20 -20.98
N HIS B 141 13.71 35.76 -21.98
CA HIS B 141 12.68 34.74 -21.74
C HIS B 141 13.08 33.32 -22.16
N HIS B 142 12.55 32.86 -23.29
CA HIS B 142 12.84 31.49 -23.78
C HIS B 142 14.16 31.42 -24.53
N ASP B 143 15.23 31.84 -23.88
CA ASP B 143 16.56 31.74 -24.44
C ASP B 143 17.39 30.71 -23.65
N ILE B 144 16.71 29.84 -22.91
CA ILE B 144 17.37 28.87 -22.07
C ILE B 144 17.71 27.65 -22.90
N MET B 145 18.99 27.58 -23.30
CA MET B 145 19.41 26.79 -24.44
C MET B 145 20.93 26.84 -24.52
N PRO B 146 21.57 25.70 -24.78
CA PRO B 146 23.03 25.68 -24.93
C PRO B 146 23.44 26.55 -26.12
N GLY B 147 24.42 27.44 -25.93
CA GLY B 147 24.74 28.36 -26.99
C GLY B 147 24.22 29.75 -26.71
N TYR B 148 23.24 29.84 -25.81
CA TYR B 148 22.76 31.13 -25.33
C TYR B 148 22.79 31.18 -23.81
N TYR B 149 21.64 31.23 -23.14
CA TYR B 149 21.60 31.15 -21.68
C TYR B 149 21.45 29.71 -21.23
N TYR B 150 22.43 29.21 -20.50
CA TYR B 150 22.33 27.86 -19.94
C TYR B 150 23.16 27.71 -18.69
N PRO B 151 22.51 27.33 -17.59
CA PRO B 151 23.07 27.32 -16.24
C PRO B 151 23.77 26.03 -15.76
N ASN B 152 24.95 25.74 -16.30
CA ASN B 152 25.88 24.74 -15.73
C ASN B 152 27.32 25.04 -16.13
N SER B 153 28.26 24.27 -15.62
CA SER B 153 29.67 24.60 -15.78
C SER B 153 30.11 24.53 -17.22
N GLN B 154 29.54 23.61 -17.95
CA GLN B 154 29.96 23.32 -19.31
C GLN B 154 29.67 24.45 -20.29
N HIS B 155 28.62 25.21 -20.03
CA HIS B 155 28.18 26.27 -20.93
C HIS B 155 28.18 27.67 -20.30
N LEU B 156 28.74 27.77 -19.09
CA LEU B 156 28.68 28.99 -18.31
C LEU B 156 29.35 30.16 -19.03
N GLN B 157 30.45 29.88 -19.72
CA GLN B 157 31.25 30.92 -20.36
C GLN B 157 30.46 31.52 -21.52
N THR B 158 29.78 30.66 -22.29
CA THR B 158 28.95 31.15 -23.37
C THR B 158 27.76 31.88 -22.73
N SER B 159 27.26 31.37 -21.62
CA SER B 159 26.17 32.05 -20.92
C SER B 159 26.55 33.42 -20.41
N ILE B 160 27.74 33.57 -19.85
CA ILE B 160 28.23 34.86 -19.37
C ILE B 160 28.30 35.87 -20.54
N LYS B 161 28.79 35.39 -21.68
CA LYS B 161 28.87 36.23 -22.86
C LYS B 161 27.48 36.66 -23.30
N TYR B 162 26.57 35.69 -23.38
CA TYR B 162 25.23 35.98 -23.82
C TYR B 162 24.51 36.92 -22.88
N VAL B 163 24.58 36.65 -21.59
CA VAL B 163 23.96 37.54 -20.63
C VAL B 163 24.59 38.91 -20.77
N LYS B 164 25.91 38.97 -20.96
CA LYS B 164 26.56 40.28 -21.02
C LYS B 164 26.22 41.03 -22.31
N SER B 165 26.23 40.33 -23.45
CA SER B 165 25.97 41.01 -24.71
C SER B 165 24.56 41.55 -24.74
N ILE B 166 23.59 40.67 -24.46
CA ILE B 166 22.19 41.03 -24.53
C ILE B 166 21.84 42.16 -23.59
N TRP B 167 22.28 42.07 -22.34
CA TRP B 167 21.93 43.10 -21.37
C TRP B 167 22.65 44.41 -21.57
N THR B 168 23.84 44.36 -22.15
CA THR B 168 24.55 45.58 -22.49
C THR B 168 23.72 46.37 -23.52
N GLN B 169 23.31 45.67 -24.56
CA GLN B 169 22.55 46.26 -25.63
C GLN B 169 21.22 46.79 -25.11
N VAL B 170 20.48 45.95 -24.38
CA VAL B 170 19.16 46.35 -23.91
C VAL B 170 19.24 47.52 -22.94
N ALA B 171 20.12 47.43 -21.94
CA ALA B 171 20.21 48.48 -20.94
C ALA B 171 20.66 49.81 -21.56
N THR B 172 21.46 49.73 -22.61
CA THR B 172 21.99 50.91 -23.29
C THR B 172 20.89 51.69 -23.99
N ARG B 173 19.95 50.98 -24.61
CA ARG B 173 18.79 51.63 -25.22
C ARG B 173 17.87 52.31 -24.25
N PHE B 174 17.65 51.68 -23.12
CA PHE B 174 16.64 52.17 -22.19
C PHE B 174 17.34 52.89 -21.07
N LYS B 175 18.56 53.31 -21.39
CA LYS B 175 19.50 53.89 -20.45
C LYS B 175 18.90 55.02 -19.65
N ASN B 176 18.03 55.80 -20.28
CA ASN B 176 17.55 57.03 -19.65
C ASN B 176 16.10 56.96 -19.12
N TYR B 177 15.50 55.77 -19.20
CA TYR B 177 14.17 55.55 -18.68
C TYR B 177 14.20 55.59 -17.13
N ASN B 178 13.09 55.97 -16.50
CA ASN B 178 13.05 56.18 -15.05
C ASN B 178 12.85 54.90 -14.22
N ASP B 179 12.66 55.04 -12.91
CA ASP B 179 12.57 53.87 -12.05
C ASP B 179 11.39 52.94 -12.40
N HIS B 180 10.48 53.39 -13.25
CA HIS B 180 9.34 52.57 -13.65
C HIS B 180 9.68 51.42 -14.59
N LEU B 181 10.82 51.51 -15.25
CA LEU B 181 11.30 50.40 -16.07
C LEU B 181 12.18 49.53 -15.19
N ILE B 182 11.90 48.23 -15.21
CA ILE B 182 12.59 47.27 -14.35
C ILE B 182 13.26 46.19 -15.20
N PHE B 183 14.53 45.88 -14.92
CA PHE B 183 15.22 44.81 -15.66
C PHE B 183 15.16 43.51 -14.89
N GLU B 184 14.66 42.47 -15.54
CA GLU B 184 14.60 41.13 -14.98
C GLU B 184 15.65 40.27 -15.66
N ALA B 185 16.63 39.82 -14.89
CA ALA B 185 17.79 39.09 -15.39
C ALA B 185 17.43 38.04 -16.43
N VAL B 186 16.47 37.19 -16.08
CA VAL B 186 16.02 36.11 -16.95
C VAL B 186 14.74 35.49 -16.37
N ASN B 187 13.92 34.92 -17.25
CA ASN B 187 12.70 34.26 -16.85
C ASN B 187 12.93 32.79 -16.70
N GLU B 188 12.87 32.27 -15.46
CA GLU B 188 12.98 30.80 -15.25
C GLU B 188 14.24 30.07 -15.82
N PRO B 189 15.45 30.42 -15.35
CA PRO B 189 16.68 29.75 -15.81
C PRO B 189 16.82 28.32 -15.29
N ARG B 190 17.07 27.36 -16.18
CA ARG B 190 17.04 25.97 -15.77
C ARG B 190 17.79 25.06 -16.74
N LEU B 191 17.98 23.79 -16.37
CA LEU B 191 18.66 22.79 -17.21
C LEU B 191 17.70 22.12 -18.19
N THR B 192 17.40 22.79 -19.29
CA THR B 192 16.46 22.26 -20.28
C THR B 192 16.94 20.90 -20.83
N GLY B 193 15.98 20.02 -21.13
CA GLY B 193 16.26 18.71 -21.69
C GLY B 193 16.61 17.66 -20.66
N SER B 194 16.87 18.13 -19.44
CA SER B 194 17.28 17.25 -18.36
C SER B 194 16.10 16.77 -17.57
N ARG B 195 16.30 15.75 -16.75
CA ARG B 195 15.24 15.24 -15.88
C ARG B 195 15.12 16.15 -14.68
N PHE B 196 15.98 17.17 -14.61
CA PHE B 196 15.96 18.13 -13.52
C PHE B 196 15.53 19.48 -14.03
N GLU B 197 14.89 19.51 -15.20
CA GLU B 197 14.50 20.77 -15.83
C GLU B 197 13.67 21.62 -14.87
N TRP B 198 12.81 20.97 -14.10
CA TRP B 198 11.94 21.74 -13.23
C TRP B 198 12.24 21.55 -11.76
N TRP B 199 12.64 20.35 -11.35
CA TRP B 199 12.95 20.11 -9.94
C TRP B 199 14.34 19.55 -9.76
N LEU B 200 14.94 19.91 -8.64
CA LEU B 200 16.35 19.62 -8.38
C LEU B 200 16.50 18.49 -7.35
N ASP B 201 17.50 17.64 -7.58
CA ASP B 201 17.97 16.72 -6.55
C ASP B 201 19.26 17.33 -6.06
N MET B 202 19.20 18.10 -4.99
CA MET B 202 20.38 18.80 -4.54
C MET B 202 21.49 17.85 -4.04
N ASN B 203 21.19 16.56 -3.92
CA ASN B 203 22.22 15.61 -3.55
C ASN B 203 23.09 15.37 -4.75
N ASN B 204 22.56 15.69 -5.92
CA ASN B 204 23.31 15.60 -7.17
C ASN B 204 24.09 16.90 -7.37
N PRO B 205 25.43 16.81 -7.50
CA PRO B 205 26.23 18.03 -7.64
C PRO B 205 25.95 18.74 -8.97
N GLU B 206 25.44 18.01 -9.94
CA GLU B 206 25.07 18.64 -11.22
C GLU B 206 24.02 19.73 -10.93
N CYS B 207 23.14 19.48 -9.97
CA CYS B 207 22.11 20.47 -9.58
C CYS B 207 22.69 21.62 -8.76
N ARG B 208 23.54 21.29 -7.79
CA ARG B 208 24.11 22.33 -6.95
C ARG B 208 24.96 23.23 -7.84
N ASP B 209 25.59 22.63 -8.84
CA ASP B 209 26.36 23.41 -9.79
C ASP B 209 25.46 24.35 -10.56
N ALA B 210 24.29 23.84 -10.98
CA ALA B 210 23.33 24.64 -11.74
C ALA B 210 22.88 25.88 -10.97
N VAL B 211 22.58 25.70 -9.68
CA VAL B 211 22.20 26.79 -8.77
C VAL B 211 23.28 27.86 -8.68
N GLU B 212 24.54 27.44 -8.63
CA GLU B 212 25.64 28.38 -8.48
C GLU B 212 25.85 29.16 -9.73
N ALA B 213 25.67 28.49 -10.86
CA ALA B 213 25.81 29.13 -12.16
C ALA B 213 24.84 30.29 -12.25
N ILE B 214 23.63 30.04 -11.77
CA ILE B 214 22.61 31.06 -11.82
C ILE B 214 23.09 32.23 -10.98
N ASN B 215 23.69 31.92 -9.83
CA ASN B 215 24.25 32.96 -8.99
C ASN B 215 25.29 33.78 -9.71
N LYS B 216 26.13 33.13 -10.50
CA LYS B 216 27.15 33.87 -11.22
C LYS B 216 26.49 34.71 -12.32
N LEU B 217 25.60 34.10 -13.09
CA LEU B 217 25.00 34.78 -14.22
C LEU B 217 24.10 35.95 -13.79
N ASN B 218 23.55 35.87 -12.59
CA ASN B 218 22.81 37.01 -12.07
C ASN B 218 23.75 38.14 -11.69
N GLN B 219 24.93 37.78 -11.19
CA GLN B 219 25.93 38.78 -10.84
C GLN B 219 26.48 39.49 -12.08
N VAL B 220 26.69 38.74 -13.16
CA VAL B 220 27.07 39.33 -14.43
C VAL B 220 25.96 40.29 -14.87
N PHE B 221 24.71 39.88 -14.72
CA PHE B 221 23.56 40.71 -15.07
C PHE B 221 23.60 42.04 -14.36
N VAL B 222 23.73 42.03 -13.05
CA VAL B 222 23.71 43.28 -12.32
C VAL B 222 24.86 44.16 -12.75
N ASP B 223 26.06 43.58 -12.81
CA ASP B 223 27.26 44.32 -13.16
C ASP B 223 27.11 44.95 -14.54
N THR B 224 26.59 44.17 -15.48
CA THR B 224 26.41 44.63 -16.84
C THR B 224 25.49 45.84 -16.89
N VAL B 225 24.39 45.76 -16.15
CA VAL B 225 23.45 46.85 -16.13
C VAL B 225 24.07 48.09 -15.49
N ARG B 226 24.69 47.94 -14.33
CA ARG B 226 25.21 49.10 -13.60
C ARG B 226 26.30 49.84 -14.35
N SER B 227 27.04 49.10 -15.16
CA SER B 227 28.16 49.66 -15.91
C SER B 227 27.72 50.41 -17.17
N THR B 228 26.46 50.29 -17.57
CA THR B 228 26.02 50.94 -18.80
C THR B 228 25.61 52.36 -18.47
N GLY B 229 25.68 52.69 -17.19
CA GLY B 229 25.43 54.06 -16.79
C GLY B 229 23.99 54.50 -17.00
N GLY B 230 23.81 55.81 -17.08
CA GLY B 230 22.50 56.39 -17.18
C GLY B 230 21.73 56.14 -15.89
N ASN B 231 20.43 55.89 -16.03
CA ASN B 231 19.60 55.60 -14.86
C ASN B 231 19.55 54.10 -14.58
N ASN B 232 20.39 53.34 -15.29
CA ASN B 232 20.58 51.91 -15.04
C ASN B 232 21.48 51.63 -13.85
N VAL B 233 22.02 52.68 -13.26
CA VAL B 233 22.91 52.49 -12.11
C VAL B 233 22.12 52.42 -10.83
N SER B 234 20.87 52.89 -10.85
CA SER B 234 20.01 52.96 -9.66
C SER B 234 18.63 52.36 -9.90
N ARG B 235 18.44 51.77 -11.06
CA ARG B 235 17.18 51.18 -11.47
C ARG B 235 16.90 49.96 -10.61
N TYR B 236 15.63 49.62 -10.39
CA TYR B 236 15.31 48.34 -9.73
C TYR B 236 15.50 47.13 -10.65
N LEU B 237 16.15 46.10 -10.11
CA LEU B 237 16.39 44.88 -10.87
C LEU B 237 15.79 43.62 -10.21
N MET B 238 15.19 42.76 -11.03
CA MET B 238 14.59 41.51 -10.59
C MET B 238 15.48 40.32 -10.95
N VAL B 239 15.68 39.41 -10.00
CA VAL B 239 16.41 38.18 -10.25
C VAL B 239 15.67 36.94 -9.74
N PRO B 240 15.68 35.86 -10.52
CA PRO B 240 15.07 34.62 -10.11
C PRO B 240 16.09 33.66 -9.55
N GLY B 241 15.61 32.62 -8.88
CA GLY B 241 16.43 31.48 -8.53
C GLY B 241 16.26 30.47 -9.64
N TYR B 242 16.63 29.22 -9.36
CA TYR B 242 16.45 28.15 -10.33
C TYR B 242 14.97 28.02 -10.71
N ALA B 243 14.70 28.06 -12.01
CA ALA B 243 13.35 27.87 -12.54
C ALA B 243 12.34 28.89 -12.00
N ALA B 244 12.85 29.99 -11.45
CA ALA B 244 12.01 31.02 -10.84
C ALA B 244 11.12 30.46 -9.72
N ALA B 245 11.46 29.27 -9.22
CA ALA B 245 10.64 28.65 -8.18
C ALA B 245 10.95 29.28 -6.84
N PRO B 246 9.94 29.38 -6.00
CA PRO B 246 10.15 29.87 -4.63
C PRO B 246 11.22 29.03 -3.94
N GLU B 247 11.19 27.72 -4.16
CA GLU B 247 12.07 26.80 -3.47
C GLU B 247 13.53 27.15 -3.71
N TYR B 248 13.82 27.68 -4.88
CA TYR B 248 15.19 27.85 -5.28
C TYR B 248 15.75 29.26 -5.04
N VAL B 249 14.94 30.09 -4.38
CA VAL B 249 15.44 31.30 -3.76
C VAL B 249 15.32 31.16 -2.25
N LEU B 250 14.68 30.10 -1.79
CA LEU B 250 14.52 29.92 -0.34
C LEU B 250 15.70 29.17 0.27
N ILE B 251 16.36 28.36 -0.55
CA ILE B 251 17.57 27.68 -0.11
C ILE B 251 18.76 28.63 0.10
N ASP B 252 19.63 28.26 1.04
CA ASP B 252 20.78 29.09 1.42
C ASP B 252 21.78 29.28 0.27
N GLU B 253 21.78 28.35 -0.67
CA GLU B 253 22.72 28.44 -1.79
C GLU B 253 22.45 29.65 -2.66
N PHE B 254 21.22 30.16 -2.59
CA PHE B 254 20.84 31.28 -3.42
C PHE B 254 21.43 32.60 -2.92
N LYS B 255 22.05 33.33 -3.84
CA LYS B 255 22.74 34.55 -3.48
C LYS B 255 22.15 35.77 -4.16
N ILE B 256 21.76 36.74 -3.35
CA ILE B 256 21.43 38.04 -3.88
C ILE B 256 22.76 38.63 -4.36
N PRO B 257 22.82 38.99 -5.65
CA PRO B 257 24.05 39.54 -6.21
C PRO B 257 24.46 40.81 -5.44
N LYS B 258 25.75 41.14 -5.43
CA LYS B 258 26.21 42.36 -4.76
C LYS B 258 25.95 43.56 -5.70
N ASP B 259 25.53 44.69 -5.13
CA ASP B 259 25.08 45.86 -5.92
C ASP B 259 26.01 47.07 -5.82
N SER B 260 26.51 47.52 -6.97
CA SER B 260 27.40 48.67 -7.01
C SER B 260 26.69 50.04 -6.94
N SER B 261 25.38 50.06 -6.80
CA SER B 261 24.65 51.34 -6.68
C SER B 261 24.80 51.99 -5.29
N LYS B 262 24.55 53.30 -5.21
CA LYS B 262 24.60 54.03 -3.94
C LYS B 262 23.19 54.10 -3.37
N TYR B 263 22.22 53.70 -4.19
CA TYR B 263 20.88 53.51 -3.71
C TYR B 263 20.85 52.06 -3.31
N LYS B 264 20.64 51.86 -2.02
CA LYS B 264 20.74 50.55 -1.45
C LYS B 264 19.41 49.83 -1.73
N ASN B 265 19.43 48.51 -1.79
CA ASN B 265 18.22 47.71 -1.91
C ASN B 265 17.41 47.98 -3.18
N ARG B 266 18.05 47.73 -4.31
CA ARG B 266 17.42 47.89 -5.61
C ARG B 266 17.34 46.54 -6.36
N ILE B 267 17.55 45.45 -5.62
CA ILE B 267 17.40 44.10 -6.16
C ILE B 267 16.15 43.44 -5.62
N ILE B 268 15.30 42.96 -6.54
CA ILE B 268 14.04 42.30 -6.21
C ILE B 268 14.10 40.80 -6.48
N ILE B 269 13.63 40.00 -5.53
CA ILE B 269 13.49 38.56 -5.73
C ILE B 269 12.33 38.25 -6.70
N SER B 270 12.61 37.53 -7.78
CA SER B 270 11.59 37.19 -8.77
C SER B 270 11.15 35.72 -8.66
N VAL B 271 9.86 35.48 -8.45
CA VAL B 271 9.37 34.10 -8.42
C VAL B 271 8.14 33.96 -9.33
N HIS B 272 7.92 32.76 -9.85
CA HIS B 272 6.69 32.43 -10.54
C HIS B 272 6.15 31.24 -9.80
N ALA B 273 4.84 31.18 -9.60
CA ALA B 273 4.28 30.09 -8.83
C ALA B 273 2.81 29.92 -9.15
N TYR B 274 2.53 29.07 -10.13
CA TYR B 274 1.15 28.73 -10.46
C TYR B 274 0.63 27.67 -9.48
N ARG B 275 0.26 28.08 -8.27
CA ARG B 275 -0.12 27.12 -7.22
C ARG B 275 -1.50 27.33 -6.60
N PRO B 276 -2.18 26.23 -6.20
CA PRO B 276 -1.72 24.84 -6.28
C PRO B 276 -1.67 24.33 -7.73
N TYR B 277 -0.59 23.61 -8.03
CA TYR B 277 -0.28 23.19 -9.40
C TYR B 277 -1.39 22.39 -10.04
N ASN B 278 -1.99 21.47 -9.28
CA ASN B 278 -3.04 20.60 -9.85
C ASN B 278 -4.26 21.38 -10.31
N PHE B 279 -4.46 22.57 -9.75
CA PHE B 279 -5.56 23.41 -10.15
C PHE B 279 -5.15 24.45 -11.16
N ALA B 280 -4.03 25.12 -10.90
CA ALA B 280 -3.69 26.32 -11.66
C ALA B 280 -3.12 26.00 -13.06
N LEU B 281 -2.25 25.02 -13.16
CA LEU B 281 -1.44 24.84 -14.35
C LEU B 281 -1.55 23.47 -15.02
N GLN B 282 -1.73 22.42 -14.22
CA GLN B 282 -1.74 21.06 -14.75
C GLN B 282 -2.84 20.84 -15.79
N ALA B 283 -2.51 20.16 -16.90
CA ALA B 283 -3.48 19.90 -17.96
C ALA B 283 -4.61 19.01 -17.44
N PRO B 284 -5.85 19.31 -17.84
CA PRO B 284 -7.03 18.63 -17.33
C PRO B 284 -7.10 17.14 -17.66
N ASN B 285 -6.39 16.70 -18.67
CA ASN B 285 -6.41 15.29 -19.08
C ASN B 285 -5.48 14.38 -18.26
N GLU B 286 -4.81 14.97 -17.28
CA GLU B 286 -3.91 14.20 -16.45
C GLU B 286 -4.61 13.76 -15.20
N SER B 287 -4.20 12.62 -14.65
CA SER B 287 -4.32 12.38 -13.22
C SER B 287 -3.16 13.06 -12.47
N GLY B 288 -3.49 13.94 -11.53
CA GLY B 288 -4.86 14.30 -11.26
C GLY B 288 -5.00 15.81 -11.29
N SER B 289 -5.63 16.29 -12.35
CA SER B 289 -6.00 17.70 -12.45
C SER B 289 -7.17 17.91 -11.52
N VAL B 290 -7.36 19.14 -11.06
CA VAL B 290 -8.59 19.47 -10.35
C VAL B 290 -9.14 20.73 -11.01
N SER B 291 -10.45 20.87 -11.03
CA SER B 291 -11.07 22.04 -11.65
C SER B 291 -11.64 23.00 -10.64
N GLU B 292 -11.67 22.57 -9.37
CA GLU B 292 -12.31 23.32 -8.30
C GLU B 292 -11.31 23.90 -7.36
N TRP B 293 -11.59 25.13 -6.91
CA TRP B 293 -10.76 25.77 -5.90
C TRP B 293 -11.71 26.57 -5.02
N SER B 294 -11.60 26.43 -3.72
CA SER B 294 -12.55 27.09 -2.81
C SER B 294 -11.86 27.74 -1.64
N VAL B 295 -12.27 28.97 -1.33
CA VAL B 295 -11.71 29.68 -0.20
C VAL B 295 -11.93 28.91 1.10
N ASN B 296 -12.89 27.98 1.07
CA ASN B 296 -13.31 27.24 2.25
C ASN B 296 -12.62 25.88 2.37
N SER B 297 -11.76 25.60 1.42
CA SER B 297 -11.02 24.35 1.38
C SER B 297 -9.66 24.52 1.98
N GLU B 298 -9.38 23.84 3.08
CA GLU B 298 -8.02 23.90 3.62
C GLU B 298 -6.98 23.52 2.53
N GLU B 299 -7.38 22.61 1.64
CA GLU B 299 -6.53 22.12 0.55
C GLU B 299 -6.21 23.18 -0.48
N SER B 300 -7.20 23.97 -0.83
CA SER B 300 -7.01 25.01 -1.83
C SER B 300 -6.03 26.09 -1.36
N ARG B 301 -6.03 26.38 -0.06
CA ARG B 301 -5.18 27.40 0.53
C ARG B 301 -3.78 26.89 0.86
N ARG B 302 -3.69 25.57 1.02
CA ARG B 302 -2.54 24.88 1.61
C ARG B 302 -1.22 25.32 0.95
N ASP B 303 -1.13 25.24 -0.38
CA ASP B 303 0.14 25.52 -1.09
C ASP B 303 0.47 27.00 -1.26
N ILE B 304 -0.57 27.82 -1.36
CA ILE B 304 -0.43 29.27 -1.52
C ILE B 304 0.09 29.92 -0.27
N ASP B 305 -0.55 29.59 0.85
CA ASP B 305 -0.17 30.10 2.17
C ASP B 305 1.31 29.75 2.44
N TYR B 306 1.73 28.55 2.01
CA TYR B 306 3.07 28.04 2.32
C TYR B 306 4.23 28.83 1.68
N PHE B 307 4.25 28.94 0.35
CA PHE B 307 5.41 29.56 -0.30
C PHE B 307 5.44 31.04 0.03
N MET B 308 4.26 31.63 0.23
CA MET B 308 4.19 33.03 0.58
C MET B 308 4.65 33.32 2.01
N ASP B 309 4.35 32.42 2.95
CA ASP B 309 4.87 32.59 4.31
C ASP B 309 6.39 32.53 4.27
N LYS B 310 6.89 31.62 3.45
CA LYS B 310 8.31 31.42 3.39
C LYS B 310 9.00 32.64 2.78
N LEU B 311 8.37 33.21 1.76
CA LEU B 311 8.91 34.41 1.12
C LEU B 311 8.85 35.60 2.05
N TYR B 312 7.78 35.70 2.82
CA TYR B 312 7.66 36.81 3.75
C TYR B 312 8.67 36.65 4.83
N ASP B 313 8.87 35.41 5.29
CA ASP B 313 9.84 35.20 6.35
C ASP B 313 11.27 35.51 5.93
N LYS B 314 11.67 35.04 4.77
CA LYS B 314 13.06 35.19 4.37
C LYS B 314 13.34 36.57 3.83
N PHE B 315 12.39 37.15 3.09
CA PHE B 315 12.70 38.37 2.36
C PHE B 315 11.98 39.64 2.80
N VAL B 316 10.66 39.72 2.54
CA VAL B 316 9.88 40.92 2.81
C VAL B 316 10.01 41.39 4.25
N SER B 317 9.91 40.47 5.20
CA SER B 317 10.00 40.84 6.60
C SER B 317 11.39 41.37 6.96
N LYS B 318 12.36 41.18 6.07
CA LYS B 318 13.73 41.65 6.29
C LYS B 318 13.97 42.85 5.39
N GLY B 319 12.92 43.34 4.76
CA GLY B 319 12.98 44.57 4.00
C GLY B 319 13.27 44.39 2.53
N ILE B 320 13.51 43.15 2.13
CA ILE B 320 13.87 42.83 0.75
C ILE B 320 12.63 42.57 -0.10
N PRO B 321 12.49 43.31 -1.23
CA PRO B 321 11.27 43.28 -2.04
C PRO B 321 11.16 42.00 -2.85
N VAL B 322 9.95 41.46 -2.91
CA VAL B 322 9.65 40.26 -3.68
C VAL B 322 8.46 40.55 -4.57
N VAL B 323 8.55 40.09 -5.82
CA VAL B 323 7.47 40.23 -6.79
C VAL B 323 7.20 38.91 -7.52
N ILE B 324 5.93 38.54 -7.57
CA ILE B 324 5.53 37.37 -8.33
C ILE B 324 5.20 37.80 -9.75
N GLY B 325 6.14 37.53 -10.66
CA GLY B 325 6.05 37.91 -12.05
C GLY B 325 5.12 37.06 -12.91
N GLU B 326 4.90 35.82 -12.47
CA GLU B 326 3.95 34.98 -13.18
C GLU B 326 3.11 34.22 -12.19
N PHE B 327 1.81 34.21 -12.47
CA PHE B 327 0.86 33.38 -11.74
C PHE B 327 -0.43 33.37 -12.51
N GLY B 328 -1.33 32.47 -12.13
CA GLY B 328 -2.63 32.40 -12.77
C GLY B 328 -3.23 31.01 -12.74
N ALA B 329 -4.48 30.92 -13.20
CA ALA B 329 -5.18 29.66 -13.21
C ALA B 329 -5.80 29.49 -14.56
N ARG B 330 -5.43 28.41 -15.24
CA ARG B 330 -5.90 28.15 -16.60
C ARG B 330 -7.35 27.75 -16.53
N ASP B 331 -8.09 28.16 -17.53
CA ASP B 331 -9.48 27.79 -17.63
C ASP B 331 -9.57 26.28 -17.85
N LYS B 332 -10.37 25.61 -17.04
CA LYS B 332 -10.67 24.20 -17.24
C LYS B 332 -12.17 24.02 -17.46
N ASN B 333 -12.58 23.99 -18.72
CA ASN B 333 -13.99 23.83 -19.08
C ASN B 333 -14.97 24.77 -18.36
N GLY B 334 -14.63 26.05 -18.23
CA GLY B 334 -15.57 27.02 -17.71
C GLY B 334 -15.71 27.10 -16.21
N ASN B 335 -14.70 26.64 -15.48
CA ASN B 335 -14.71 26.68 -14.01
C ASN B 335 -14.51 28.09 -13.46
N LEU B 336 -15.35 29.03 -13.92
CA LEU B 336 -15.12 30.44 -13.64
C LEU B 336 -15.16 30.73 -12.15
N GLN B 337 -16.15 30.17 -11.46
CA GLN B 337 -16.31 30.47 -10.04
C GLN B 337 -15.03 30.11 -9.27
N SER B 338 -14.44 28.97 -9.62
CA SER B 338 -13.19 28.54 -8.99
C SER B 338 -12.02 29.48 -9.29
N ARG B 339 -11.89 29.95 -10.53
CA ARG B 339 -10.79 30.87 -10.83
C ARG B 339 -10.96 32.22 -10.15
N VAL B 340 -12.20 32.65 -10.01
CA VAL B 340 -12.48 33.91 -9.36
C VAL B 340 -12.05 33.84 -7.89
N GLU B 341 -12.47 32.80 -7.19
CA GLU B 341 -12.13 32.69 -5.78
C GLU B 341 -10.63 32.56 -5.59
N PHE B 342 -10.01 31.78 -6.48
CA PHE B 342 -8.56 31.57 -6.51
C PHE B 342 -7.83 32.90 -6.66
N ALA B 343 -8.18 33.62 -7.72
CA ALA B 343 -7.54 34.89 -8.06
C ALA B 343 -7.59 35.91 -6.93
N ALA B 344 -8.77 36.05 -6.33
CA ALA B 344 -8.95 36.97 -5.21
C ALA B 344 -8.12 36.54 -3.98
N TYR B 345 -8.11 35.25 -3.69
CA TYR B 345 -7.38 34.75 -2.54
C TYR B 345 -5.90 34.96 -2.74
N TYR B 346 -5.42 34.65 -3.95
CA TYR B 346 -3.99 34.73 -4.23
C TYR B 346 -3.46 36.18 -4.09
N VAL B 347 -4.14 37.12 -4.72
CA VAL B 347 -3.71 38.53 -4.70
C VAL B 347 -3.77 39.13 -3.30
N ARG B 348 -4.82 38.84 -2.54
CA ARG B 348 -4.92 39.27 -1.15
C ARG B 348 -3.82 38.66 -0.25
N ALA B 349 -3.64 37.35 -0.34
CA ALA B 349 -2.64 36.67 0.47
C ALA B 349 -1.23 37.26 0.27
N ALA B 350 -0.93 37.65 -0.96
CA ALA B 350 0.36 38.25 -1.26
C ALA B 350 0.46 39.68 -0.73
N ARG B 351 -0.58 40.48 -0.97
CA ARG B 351 -0.59 41.87 -0.52
C ARG B 351 -0.46 41.91 1.00
N ALA B 352 -1.18 41.00 1.67
CA ALA B 352 -1.12 40.92 3.11
C ALA B 352 0.30 40.67 3.59
N ARG B 353 1.11 40.11 2.70
CA ARG B 353 2.49 39.78 3.00
C ARG B 353 3.51 40.71 2.30
N GLY B 354 3.00 41.72 1.62
CA GLY B 354 3.82 42.72 0.96
C GLY B 354 4.28 42.34 -0.42
N ILE B 355 3.57 41.42 -1.05
CA ILE B 355 3.95 40.96 -2.37
C ILE B 355 2.89 41.30 -3.43
N THR B 356 3.37 41.85 -4.55
CA THR B 356 2.54 42.21 -5.67
C THR B 356 2.70 41.15 -6.76
N CYS B 357 1.61 40.81 -7.44
CA CYS B 357 1.58 39.69 -8.38
C CYS B 357 1.31 40.11 -9.84
N CYS B 358 1.67 39.26 -10.80
CA CYS B 358 1.38 39.54 -12.22
C CYS B 358 0.71 38.37 -12.91
N TRP B 359 -0.50 38.59 -13.43
CA TRP B 359 -1.19 37.52 -14.13
C TRP B 359 -0.57 37.23 -15.52
N TRP B 360 -0.53 35.95 -15.90
CA TRP B 360 -0.03 35.57 -17.20
C TRP B 360 -1.19 35.55 -18.16
N ASP B 361 -1.34 36.60 -18.96
CA ASP B 361 -2.43 36.68 -19.91
C ASP B 361 -1.91 36.44 -21.31
N ASN B 362 -2.24 35.29 -21.89
CA ASN B 362 -1.71 34.91 -23.20
C ASN B 362 -2.72 34.93 -24.34
N ASN B 363 -3.86 35.63 -24.15
CA ASN B 363 -4.87 35.77 -25.19
C ASN B 363 -5.43 34.42 -25.68
N ALA B 364 -5.34 33.39 -24.84
CA ALA B 364 -5.84 32.05 -25.16
C ALA B 364 -7.11 31.78 -24.35
N PHE B 365 -8.13 31.26 -25.01
CA PHE B 365 -9.45 31.17 -24.38
C PHE B 365 -10.14 29.80 -24.52
N TYR B 366 -9.86 29.09 -25.60
CA TYR B 366 -10.44 27.75 -25.83
C TYR B 366 -9.52 26.77 -26.58
N GLY B 367 -9.78 25.48 -26.42
CA GLY B 367 -8.93 24.47 -27.03
C GLY B 367 -8.11 23.69 -26.02
N ASN B 368 -7.38 22.67 -26.47
CA ASN B 368 -6.62 21.83 -25.55
C ASN B 368 -5.28 22.47 -25.11
N GLY B 369 -5.10 23.76 -25.40
CA GLY B 369 -3.94 24.49 -24.94
C GLY B 369 -4.11 25.07 -23.55
N GLU B 370 -3.08 25.79 -23.10
CA GLU B 370 -3.12 26.45 -21.80
C GLU B 370 -3.83 27.81 -21.85
N ASN B 371 -5.14 27.83 -21.65
CA ASN B 371 -5.92 29.06 -21.79
C ASN B 371 -5.87 29.97 -20.58
N PHE B 372 -4.93 30.91 -20.56
CA PHE B 372 -4.76 31.85 -19.45
C PHE B 372 -5.26 33.25 -19.78
N GLY B 373 -6.02 33.35 -20.86
CA GLY B 373 -6.48 34.65 -21.33
C GLY B 373 -7.48 35.35 -20.42
N LEU B 374 -7.32 36.66 -20.30
CA LEU B 374 -8.29 37.53 -19.66
C LEU B 374 -8.80 38.53 -20.70
N LEU B 375 -7.88 39.06 -21.49
CA LEU B 375 -8.22 40.10 -22.46
C LEU B 375 -8.25 39.60 -23.89
N ASP B 376 -9.44 39.64 -24.50
CA ASP B 376 -9.58 39.37 -25.92
C ASP B 376 -8.95 40.55 -26.61
N ARG B 377 -7.74 40.34 -27.14
CA ARG B 377 -6.95 41.47 -27.61
C ARG B 377 -7.49 42.11 -28.88
N LYS B 378 -8.13 41.30 -29.71
CA LYS B 378 -8.55 41.79 -31.02
C LYS B 378 -9.90 42.52 -30.90
N THR B 379 -10.51 42.44 -29.73
CA THR B 379 -11.79 43.10 -29.50
C THR B 379 -11.70 44.10 -28.36
N LEU B 380 -10.58 44.10 -27.66
CA LEU B 380 -10.40 44.96 -26.48
C LEU B 380 -11.51 44.78 -25.45
N LYS B 381 -12.07 43.57 -25.45
CA LYS B 381 -13.16 43.20 -24.55
C LYS B 381 -12.65 42.20 -23.49
N TRP B 382 -13.02 42.40 -22.23
CA TRP B 382 -12.58 41.48 -21.18
C TRP B 382 -13.46 40.26 -21.07
N VAL B 383 -12.95 39.10 -21.50
CA VAL B 383 -13.74 37.89 -21.48
C VAL B 383 -14.09 37.40 -20.07
N TYR B 384 -13.20 37.60 -19.11
CA TYR B 384 -13.49 37.21 -17.72
C TYR B 384 -13.28 38.37 -16.75
N PRO B 385 -14.21 39.33 -16.76
CA PRO B 385 -14.11 40.52 -15.91
C PRO B 385 -14.17 40.21 -14.43
N GLU B 386 -14.86 39.13 -14.07
CA GLU B 386 -14.98 38.79 -12.66
C GLU B 386 -13.59 38.49 -12.09
N ILE B 387 -12.78 37.78 -12.88
CA ILE B 387 -11.44 37.44 -12.48
C ILE B 387 -10.63 38.72 -12.29
N VAL B 388 -10.77 39.64 -13.23
CA VAL B 388 -10.09 40.91 -13.10
C VAL B 388 -10.53 41.66 -11.84
N SER B 389 -11.84 41.75 -11.62
CA SER B 389 -12.38 42.49 -10.49
C SER B 389 -11.98 41.86 -9.18
N ALA B 390 -11.98 40.53 -9.16
CA ALA B 390 -11.61 39.77 -7.98
C ALA B 390 -10.19 40.10 -7.58
N MET B 391 -9.32 40.30 -8.56
CA MET B 391 -7.94 40.67 -8.29
C MET B 391 -7.85 42.11 -7.82
N MET B 392 -8.57 43.01 -8.47
CA MET B 392 -8.54 44.43 -8.14
C MET B 392 -9.07 44.73 -6.72
N LYS B 393 -9.95 43.87 -6.21
CA LYS B 393 -10.55 44.08 -4.89
C LYS B 393 -9.52 44.03 -3.79
N TYR B 394 -8.44 43.28 -4.02
CA TYR B 394 -7.46 43.03 -2.97
C TYR B 394 -6.03 43.36 -3.38
N ALA B 395 -5.85 44.15 -4.44
CA ALA B 395 -4.50 44.36 -4.99
C ALA B 395 -3.85 45.61 -4.43
N ARG B 396 -4.68 46.62 -4.12
CA ARG B 396 -4.20 47.85 -3.53
C ARG B 396 -3.56 47.58 -2.17
N ASN C 21 24.40 -23.60 26.23
CA ASN C 21 24.23 -22.62 27.30
C ASN C 21 25.41 -21.67 27.46
N ARG C 22 25.96 -21.20 26.36
CA ARG C 22 26.97 -20.16 26.45
C ARG C 22 26.30 -18.86 25.98
N ALA C 23 26.52 -17.81 26.75
CA ALA C 23 25.76 -16.58 26.60
C ALA C 23 26.40 -15.47 27.40
N LYS C 24 26.91 -14.44 26.74
CA LYS C 24 27.59 -13.40 27.49
C LYS C 24 26.64 -12.26 27.89
N ILE C 25 26.85 -11.79 29.12
CA ILE C 25 26.01 -10.77 29.70
C ILE C 25 26.56 -9.43 29.27
N PRO C 26 25.70 -8.60 28.66
CA PRO C 26 26.16 -7.34 28.09
C PRO C 26 26.37 -6.35 29.20
N GLU C 27 27.09 -5.27 28.90
CA GLU C 27 27.24 -4.22 29.87
C GLU C 27 26.30 -3.11 29.41
N ILE C 28 25.38 -2.75 30.29
CA ILE C 28 24.32 -1.84 29.89
C ILE C 28 24.45 -0.51 30.58
N LYS C 29 24.46 0.55 29.80
CA LYS C 29 24.64 1.88 30.35
C LYS C 29 23.34 2.68 30.28
N ILE C 30 22.60 2.67 31.38
CA ILE C 30 21.41 3.49 31.47
C ILE C 30 21.50 4.36 32.72
N ALA C 31 21.50 5.68 32.50
CA ALA C 31 21.62 6.67 33.58
C ALA C 31 20.49 6.55 34.61
N SER C 32 20.87 6.47 35.88
CA SER C 32 19.89 6.44 36.97
C SER C 32 19.16 7.77 37.00
N ARG C 33 17.84 7.72 37.19
CA ARG C 33 17.06 8.93 37.24
C ARG C 33 16.85 9.36 38.69
N LYS C 34 16.36 10.57 38.90
CA LYS C 34 16.19 11.06 40.26
C LYS C 34 15.02 10.31 40.86
N ILE C 35 15.26 9.59 41.95
CA ILE C 35 14.18 8.84 42.59
C ILE C 35 13.90 9.43 43.98
N PRO C 36 12.71 9.97 44.18
CA PRO C 36 12.33 10.56 45.47
C PRO C 36 12.61 9.60 46.63
N ASN C 37 12.98 10.13 47.79
CA ASN C 37 13.32 9.24 48.89
C ASN C 37 12.24 9.17 49.97
N ASN C 38 11.28 8.26 49.81
CA ASN C 38 10.29 8.00 50.84
C ASN C 38 10.32 6.53 51.20
N ALA C 39 9.59 6.14 52.24
CA ALA C 39 9.63 4.74 52.69
C ALA C 39 9.20 3.78 51.57
N ALA C 40 8.29 4.26 50.72
CA ALA C 40 7.68 3.43 49.67
C ALA C 40 8.67 2.99 48.60
N LEU C 41 9.42 3.93 48.02
CA LEU C 41 10.33 3.53 46.94
C LEU C 41 11.50 2.67 47.41
N LYS C 42 12.03 2.97 48.57
CA LYS C 42 13.13 2.16 49.06
C LYS C 42 12.59 0.83 49.59
N PHE C 43 11.31 0.81 49.94
CA PHE C 43 10.64 -0.45 50.22
C PHE C 43 10.72 -1.31 48.95
N VAL C 44 10.36 -0.71 47.82
CA VAL C 44 10.37 -1.39 46.53
C VAL C 44 11.78 -1.78 46.12
N LYS C 45 12.72 -0.86 46.30
CA LYS C 45 14.10 -1.12 45.95
C LYS C 45 14.61 -2.30 46.76
N ASP C 46 14.15 -2.42 47.99
CA ASP C 46 14.62 -3.51 48.83
C ASP C 46 13.96 -4.83 48.41
N MET C 47 12.80 -4.74 47.76
CA MET C 47 12.14 -5.92 47.20
C MET C 47 13.04 -6.54 46.17
N LYS C 48 13.92 -5.71 45.62
CA LYS C 48 15.02 -6.06 44.74
C LYS C 48 14.66 -6.65 43.38
N ILE C 49 14.22 -7.91 43.40
CA ILE C 49 13.81 -8.60 42.18
C ILE C 49 12.97 -9.82 42.54
N GLY C 50 12.00 -10.14 41.70
CA GLY C 50 11.05 -11.16 42.06
C GLY C 50 10.95 -12.40 41.20
N TRP C 51 10.32 -13.42 41.76
CA TRP C 51 10.21 -14.72 41.13
C TRP C 51 8.79 -15.25 41.34
N ASN C 52 8.05 -15.43 40.26
CA ASN C 52 6.66 -15.86 40.36
C ASN C 52 6.56 -17.38 40.51
N LEU C 53 5.83 -17.83 41.53
CA LEU C 53 5.56 -19.26 41.60
C LEU C 53 4.42 -19.57 40.66
N GLY C 54 4.68 -19.46 39.36
CA GLY C 54 3.62 -19.57 38.37
C GLY C 54 3.16 -20.98 38.05
N ASN C 55 1.93 -21.07 37.54
CA ASN C 55 1.28 -22.32 37.16
C ASN C 55 1.18 -23.28 38.36
N THR C 56 1.19 -22.68 39.54
CA THR C 56 1.11 -23.45 40.76
C THR C 56 -0.29 -23.24 41.37
N PHE C 57 -0.44 -22.30 42.29
CA PHE C 57 -1.75 -22.11 42.89
C PHE C 57 -2.72 -21.37 41.97
N ASP C 58 -2.18 -20.78 40.91
CA ASP C 58 -2.99 -20.07 39.95
C ASP C 58 -3.78 -21.03 39.07
N ALA C 59 -3.38 -22.29 39.05
CA ALA C 59 -4.09 -23.24 38.21
C ALA C 59 -5.56 -23.26 38.56
N ALA C 60 -6.40 -23.03 37.57
CA ALA C 60 -7.83 -23.02 37.78
C ALA C 60 -8.58 -23.61 36.57
N PHE C 61 -9.51 -24.52 36.83
CA PHE C 61 -10.33 -25.14 35.78
C PHE C 61 -11.54 -25.86 36.39
N GLU C 62 -12.49 -26.23 35.52
CA GLU C 62 -13.75 -26.85 35.94
C GLU C 62 -13.67 -28.37 35.83
N ASN C 63 -14.54 -29.05 36.57
CA ASN C 63 -14.60 -30.51 36.56
C ASN C 63 -13.29 -31.25 36.75
N PRO C 64 -12.66 -31.06 37.92
CA PRO C 64 -11.43 -31.82 38.16
C PRO C 64 -11.73 -33.31 38.18
N SER C 65 -10.77 -34.14 37.80
CA SER C 65 -10.99 -35.58 37.77
C SER C 65 -10.35 -36.21 39.00
N PHE C 66 -10.02 -35.36 39.97
CA PHE C 66 -9.40 -35.81 41.19
C PHE C 66 -10.20 -35.35 42.38
N ASP C 67 -9.89 -35.89 43.56
CA ASP C 67 -10.70 -35.59 44.74
C ASP C 67 -10.05 -34.59 45.71
N ASP C 68 -8.73 -34.58 45.82
CA ASP C 68 -8.07 -33.64 46.71
C ASP C 68 -7.91 -32.29 46.00
N GLU C 69 -8.57 -31.26 46.52
CA GLU C 69 -8.49 -29.95 45.90
C GLU C 69 -7.07 -29.38 46.01
N LEU C 70 -6.24 -30.02 46.82
CA LEU C 70 -4.86 -29.59 46.98
C LEU C 70 -4.02 -29.93 45.72
N LEU C 71 -4.62 -30.69 44.81
CA LEU C 71 -3.91 -31.08 43.60
C LEU C 71 -3.87 -29.97 42.55
N TYR C 72 -4.63 -28.91 42.76
CA TYR C 72 -4.58 -27.77 41.86
C TYR C 72 -3.19 -27.15 41.87
N GLU C 73 -2.47 -27.31 42.98
CA GLU C 73 -1.14 -26.74 43.11
C GLU C 73 -0.18 -27.29 42.03
N THR C 74 -0.41 -28.52 41.61
CA THR C 74 0.49 -29.23 40.72
C THR C 74 -0.13 -29.57 39.38
N ALA C 75 -1.32 -29.03 39.13
CA ALA C 75 -2.03 -29.39 37.91
C ALA C 75 -1.37 -28.82 36.68
N TRP C 76 -0.60 -27.73 36.83
CA TRP C 76 0.03 -27.05 35.69
C TRP C 76 1.57 -26.98 35.78
N CYS C 77 2.13 -27.39 36.91
CA CYS C 77 3.57 -27.37 37.06
C CYS C 77 4.15 -28.76 37.31
N GLY C 78 3.30 -29.69 37.74
CA GLY C 78 3.69 -31.09 37.88
C GLY C 78 4.52 -31.43 39.12
N VAL C 79 4.75 -30.45 39.99
CA VAL C 79 5.55 -30.65 41.19
C VAL C 79 5.07 -29.82 42.40
N LYS C 80 4.87 -30.46 43.54
CA LYS C 80 4.45 -29.73 44.73
C LYS C 80 5.59 -28.90 45.30
N THR C 81 5.28 -27.70 45.75
CA THR C 81 6.27 -26.75 46.20
C THR C 81 6.87 -27.25 47.48
N THR C 82 8.18 -27.08 47.60
CA THR C 82 8.88 -27.47 48.81
C THR C 82 9.67 -26.29 49.34
N LYS C 83 10.12 -26.38 50.58
CA LYS C 83 10.84 -25.27 51.14
C LYS C 83 12.21 -25.11 50.47
N GLN C 84 12.80 -26.19 49.98
CA GLN C 84 14.13 -26.06 49.36
C GLN C 84 14.05 -25.27 48.05
N MET C 85 12.90 -25.31 47.39
CA MET C 85 12.76 -24.48 46.19
C MET C 85 12.88 -23.03 46.55
N ILE C 86 12.04 -22.64 47.48
CA ILE C 86 12.00 -21.28 47.96
C ILE C 86 13.42 -20.90 48.42
N ASP C 87 14.13 -21.85 49.03
CA ASP C 87 15.52 -21.64 49.45
C ASP C 87 16.40 -21.31 48.27
N THR C 88 16.31 -22.16 47.24
CA THR C 88 17.12 -22.02 46.03
C THR C 88 16.85 -20.67 45.32
N VAL C 89 15.58 -20.25 45.36
CA VAL C 89 15.16 -19.01 44.72
C VAL C 89 15.82 -17.82 45.40
N LYS C 90 15.80 -17.82 46.73
CA LYS C 90 16.46 -16.75 47.45
C LYS C 90 17.98 -16.80 47.24
N LYS C 91 18.52 -18.01 47.26
CA LYS C 91 19.96 -18.19 47.25
C LYS C 91 20.52 -17.65 45.94
N ALA C 92 19.67 -17.66 44.92
CA ALA C 92 20.05 -17.17 43.59
C ALA C 92 20.12 -15.64 43.54
N GLY C 93 19.47 -14.98 44.48
CA GLY C 93 19.52 -13.54 44.52
C GLY C 93 18.14 -12.92 44.49
N PHE C 94 17.11 -13.76 44.35
CA PHE C 94 15.74 -13.28 44.40
C PHE C 94 15.36 -12.92 45.82
N ASN C 95 14.97 -11.67 46.00
CA ASN C 95 14.56 -11.21 47.31
C ASN C 95 13.04 -11.09 47.44
N THR C 96 12.33 -11.25 46.34
CA THR C 96 10.87 -11.19 46.37
C THR C 96 10.29 -12.39 45.65
N ILE C 97 9.19 -12.95 46.16
CA ILE C 97 8.47 -14.00 45.44
C ILE C 97 6.96 -13.76 45.41
N ARG C 98 6.37 -13.73 44.22
CA ARG C 98 4.95 -13.51 44.08
C ARG C 98 4.29 -14.86 43.99
N ILE C 99 3.25 -15.07 44.80
CA ILE C 99 2.51 -16.32 44.79
C ILE C 99 1.08 -16.09 44.35
N PRO C 100 0.79 -16.32 43.05
CA PRO C 100 -0.58 -16.16 42.55
C PRO C 100 -1.51 -17.28 42.97
N VAL C 101 -2.68 -16.90 43.47
CA VAL C 101 -3.66 -17.89 43.91
C VAL C 101 -4.98 -17.69 43.22
N SER C 102 -5.53 -18.76 42.69
CA SER C 102 -6.87 -18.73 42.14
C SER C 102 -7.78 -19.42 43.11
N TRP C 103 -8.75 -18.67 43.62
CA TRP C 103 -9.58 -19.15 44.71
C TRP C 103 -10.91 -19.74 44.30
N HIS C 104 -11.36 -19.40 43.10
CA HIS C 104 -12.76 -19.66 42.75
C HIS C 104 -13.13 -21.15 42.70
N ASN C 105 -12.13 -22.02 42.64
CA ASN C 105 -12.35 -23.47 42.69
C ASN C 105 -12.26 -24.03 44.10
N HIS C 106 -12.17 -23.15 45.10
CA HIS C 106 -11.99 -23.60 46.46
C HIS C 106 -12.89 -22.85 47.42
N VAL C 107 -14.03 -22.37 46.92
CA VAL C 107 -15.03 -21.71 47.76
C VAL C 107 -16.38 -22.40 47.65
N THR C 108 -17.15 -22.30 48.72
CA THR C 108 -18.53 -22.78 48.78
C THR C 108 -19.40 -21.77 49.51
N GLY C 109 -20.71 -21.93 49.39
CA GLY C 109 -21.65 -21.06 50.08
C GLY C 109 -21.91 -19.75 49.36
N SER C 110 -22.86 -18.99 49.89
CA SER C 110 -23.32 -17.78 49.24
C SER C 110 -22.32 -16.66 49.46
N ASN C 111 -21.41 -16.88 50.39
CA ASN C 111 -20.45 -15.85 50.71
C ASN C 111 -19.01 -16.21 50.36
N PHE C 112 -18.86 -17.27 49.54
CA PHE C 112 -17.57 -17.73 49.04
C PHE C 112 -16.63 -18.13 50.20
N THR C 113 -16.99 -19.18 50.94
CA THR C 113 -16.14 -19.59 52.06
C THR C 113 -14.95 -20.43 51.58
N ILE C 114 -13.75 -19.88 51.72
CA ILE C 114 -12.55 -20.60 51.31
C ILE C 114 -12.34 -21.85 52.16
N SER C 115 -12.03 -22.97 51.49
CA SER C 115 -11.71 -24.22 52.17
C SER C 115 -10.50 -24.11 53.10
N LYS C 116 -10.64 -24.66 54.30
CA LYS C 116 -9.57 -24.56 55.29
C LYS C 116 -8.36 -25.23 54.73
N ARG C 117 -8.58 -26.36 54.07
CA ARG C 117 -7.52 -27.17 53.50
C ARG C 117 -6.67 -26.32 52.55
N TRP C 118 -7.34 -25.67 51.59
CA TRP C 118 -6.66 -24.86 50.58
C TRP C 118 -5.96 -23.65 51.19
N LEU C 119 -6.67 -22.92 52.04
CA LEU C 119 -6.08 -21.72 52.64
C LEU C 119 -4.88 -22.08 53.51
N ASP C 120 -4.92 -23.25 54.11
CA ASP C 120 -3.77 -23.72 54.92
C ASP C 120 -2.54 -23.90 54.03
N ARG C 121 -2.74 -24.60 52.92
CA ARG C 121 -1.63 -24.93 52.05
C ARG C 121 -0.96 -23.68 51.52
N VAL C 122 -1.76 -22.68 51.12
CA VAL C 122 -1.22 -21.44 50.57
C VAL C 122 -0.30 -20.85 51.63
N GLN C 123 -0.81 -20.87 52.85
CA GLN C 123 -0.05 -20.40 54.00
C GLN C 123 1.27 -21.15 54.25
N GLN C 124 1.28 -22.46 54.03
CA GLN C 124 2.51 -23.23 54.24
C GLN C 124 3.59 -22.62 53.34
N VAL C 125 3.23 -22.43 52.08
CA VAL C 125 4.15 -21.94 51.07
C VAL C 125 4.55 -20.49 51.30
N VAL C 126 3.61 -19.70 51.82
CA VAL C 126 3.92 -18.32 52.17
C VAL C 126 4.98 -18.34 53.26
N ASP C 127 4.80 -19.25 54.20
CA ASP C 127 5.72 -19.44 55.32
C ASP C 127 7.09 -19.95 54.85
N TYR C 128 7.12 -20.76 53.79
CA TYR C 128 8.39 -21.10 53.15
C TYR C 128 9.19 -19.82 52.88
N ALA C 129 8.52 -18.82 52.33
CA ALA C 129 9.17 -17.59 51.92
C ALA C 129 9.42 -16.65 53.08
N MET C 130 8.51 -16.68 54.06
CA MET C 130 8.64 -15.84 55.23
C MET C 130 9.86 -16.30 56.00
N LYS C 131 10.04 -17.62 56.07
CA LYS C 131 11.19 -18.19 56.78
C LYS C 131 12.48 -17.79 56.10
N ASN C 132 12.38 -17.40 54.83
CA ASN C 132 13.54 -16.93 54.10
C ASN C 132 13.58 -15.41 54.12
N LYS C 133 12.78 -14.80 54.98
CA LYS C 133 12.78 -13.35 55.14
C LYS C 133 12.59 -12.61 53.79
N MET C 134 11.84 -13.23 52.89
CA MET C 134 11.60 -12.64 51.57
C MET C 134 10.32 -11.83 51.55
N TYR C 135 10.18 -10.96 50.55
CA TYR C 135 8.93 -10.25 50.34
C TYR C 135 7.97 -11.20 49.65
N VAL C 136 6.71 -11.15 50.03
CA VAL C 136 5.73 -12.06 49.48
C VAL C 136 4.56 -11.28 48.87
N ILE C 137 4.08 -11.72 47.72
CA ILE C 137 2.89 -11.16 47.12
C ILE C 137 1.87 -12.27 46.87
N ILE C 138 0.68 -12.11 47.42
CA ILE C 138 -0.40 -13.03 47.14
C ILE C 138 -1.57 -12.24 46.56
N ASN C 139 -2.40 -12.88 45.74
CA ASN C 139 -3.38 -12.15 44.95
C ASN C 139 -4.66 -12.92 44.68
N ILE C 140 -5.54 -12.29 43.89
CA ILE C 140 -6.64 -13.00 43.26
C ILE C 140 -6.18 -13.13 41.83
N HIS C 141 -6.12 -14.36 41.33
CA HIS C 141 -5.58 -14.59 40.01
C HIS C 141 -6.65 -14.95 38.97
N HIS C 142 -6.69 -16.21 38.58
CA HIS C 142 -7.59 -16.61 37.49
C HIS C 142 -9.03 -16.76 38.00
N ASP C 143 -9.51 -15.68 38.60
CA ASP C 143 -10.89 -15.59 39.12
C ASP C 143 -11.72 -14.56 38.38
N ILE C 144 -11.31 -14.21 37.18
CA ILE C 144 -12.00 -13.18 36.40
C ILE C 144 -13.10 -13.84 35.60
N MET C 145 -14.32 -13.72 36.08
CA MET C 145 -15.35 -14.67 35.71
C MET C 145 -16.66 -14.18 36.30
N PRO C 146 -17.74 -14.19 35.50
CA PRO C 146 -19.06 -13.74 35.96
C PRO C 146 -19.51 -14.63 37.11
N GLY C 147 -19.95 -14.03 38.21
CA GLY C 147 -20.27 -14.83 39.38
C GLY C 147 -19.18 -14.70 40.42
N TYR C 148 -17.99 -14.28 40.00
CA TYR C 148 -16.91 -13.97 40.93
C TYR C 148 -16.38 -12.57 40.68
N TYR C 149 -15.13 -12.43 40.25
CA TYR C 149 -14.60 -11.11 39.90
C TYR C 149 -14.82 -10.84 38.44
N TYR C 150 -15.64 -9.84 38.13
CA TYR C 150 -15.86 -9.41 36.76
C TYR C 150 -16.17 -7.92 36.71
N PRO C 151 -15.32 -7.13 36.04
CA PRO C 151 -15.35 -5.67 36.08
C PRO C 151 -16.30 -5.03 35.06
N ASN C 152 -17.61 -5.13 35.31
CA ASN C 152 -18.62 -4.32 34.61
C ASN C 152 -19.83 -4.09 35.51
N SER C 153 -20.80 -3.30 35.03
CA SER C 153 -21.93 -2.89 35.86
C SER C 153 -22.80 -4.08 36.23
N GLN C 154 -22.89 -4.99 35.27
CA GLN C 154 -23.79 -6.14 35.31
C GLN C 154 -23.42 -7.17 36.33
N HIS C 155 -22.16 -7.22 36.70
CA HIS C 155 -21.74 -8.19 37.66
C HIS C 155 -21.05 -7.48 38.82
N LEU C 156 -21.15 -6.15 38.84
CA LEU C 156 -20.36 -5.37 39.80
C LEU C 156 -20.73 -5.67 41.24
N GLN C 157 -22.00 -5.88 41.53
CA GLN C 157 -22.35 -6.09 42.92
C GLN C 157 -21.86 -7.48 43.35
N THR C 158 -21.90 -8.46 42.46
CA THR C 158 -21.35 -9.77 42.80
C THR C 158 -19.84 -9.67 42.96
N SER C 159 -19.21 -8.90 42.08
CA SER C 159 -17.76 -8.71 42.12
C SER C 159 -17.32 -8.10 43.44
N ILE C 160 -18.07 -7.10 43.90
CA ILE C 160 -17.80 -6.44 45.18
C ILE C 160 -17.87 -7.43 46.34
N LYS C 161 -18.91 -8.27 46.38
CA LYS C 161 -19.02 -9.20 47.48
C LYS C 161 -17.85 -10.15 47.44
N TYR C 162 -17.55 -10.64 46.25
CA TYR C 162 -16.48 -11.61 46.10
C TYR C 162 -15.15 -11.02 46.56
N VAL C 163 -14.84 -9.81 46.11
CA VAL C 163 -13.64 -9.14 46.55
C VAL C 163 -13.67 -8.90 48.05
N LYS C 164 -14.84 -8.54 48.58
CA LYS C 164 -14.98 -8.29 50.03
C LYS C 164 -14.86 -9.59 50.79
N SER C 165 -15.51 -10.62 50.29
CA SER C 165 -15.50 -11.89 50.97
C SER C 165 -14.11 -12.47 50.99
N ILE C 166 -13.49 -12.53 49.81
CA ILE C 166 -12.17 -13.15 49.66
C ILE C 166 -11.11 -12.46 50.49
N TRP C 167 -11.03 -11.14 50.39
CA TRP C 167 -9.95 -10.46 51.10
C TRP C 167 -10.16 -10.43 52.60
N THR C 168 -11.42 -10.46 53.02
CA THR C 168 -11.69 -10.54 54.44
C THR C 168 -11.08 -11.84 54.95
N GLN C 169 -11.43 -12.97 54.34
CA GLN C 169 -10.94 -14.27 54.81
C GLN C 169 -9.41 -14.31 54.73
N VAL C 170 -8.88 -13.91 53.57
CA VAL C 170 -7.44 -13.94 53.38
C VAL C 170 -6.72 -12.96 54.31
N ALA C 171 -7.11 -11.68 54.30
CA ALA C 171 -6.36 -10.71 55.10
C ALA C 171 -6.45 -10.99 56.61
N THR C 172 -7.58 -11.57 57.03
CA THR C 172 -7.75 -11.88 58.44
C THR C 172 -6.74 -12.96 58.80
N ARG C 173 -6.60 -13.93 57.91
CA ARG C 173 -5.67 -15.03 58.13
C ARG C 173 -4.23 -14.56 58.31
N PHE C 174 -3.80 -13.56 57.54
CA PHE C 174 -2.40 -13.14 57.60
C PHE C 174 -2.32 -11.82 58.33
N LYS C 175 -3.31 -11.54 59.16
CA LYS C 175 -3.43 -10.23 59.78
C LYS C 175 -2.17 -9.79 60.51
N ASN C 176 -1.40 -10.75 61.02
CA ASN C 176 -0.28 -10.43 61.91
C ASN C 176 1.09 -10.50 61.25
N TYR C 177 1.12 -10.80 59.96
CA TYR C 177 2.37 -10.81 59.22
C TYR C 177 2.85 -9.38 59.03
N ASN C 178 4.15 -9.24 58.83
CA ASN C 178 4.83 -7.94 58.76
C ASN C 178 4.80 -7.26 57.38
N ASP C 179 5.47 -6.12 57.29
CA ASP C 179 5.45 -5.33 56.07
C ASP C 179 6.03 -6.05 54.85
N HIS C 180 6.63 -7.21 55.08
CA HIS C 180 7.19 -8.02 54.00
C HIS C 180 6.10 -8.71 53.17
N LEU C 181 4.92 -8.85 53.75
CA LEU C 181 3.82 -9.44 53.03
C LEU C 181 3.04 -8.34 52.36
N ILE C 182 2.81 -8.53 51.06
CA ILE C 182 2.13 -7.56 50.24
C ILE C 182 0.87 -8.18 49.66
N PHE C 183 -0.25 -7.45 49.75
CA PHE C 183 -1.50 -7.92 49.16
C PHE C 183 -1.75 -7.21 47.83
N GLU C 184 -1.93 -8.01 46.78
CA GLU C 184 -2.28 -7.54 45.45
C GLU C 184 -3.71 -7.88 45.14
N ALA C 185 -4.50 -6.82 44.96
CA ALA C 185 -5.95 -6.91 44.79
C ALA C 185 -6.41 -7.98 43.83
N VAL C 186 -5.84 -7.94 42.64
CA VAL C 186 -6.29 -8.82 41.59
C VAL C 186 -5.20 -8.82 40.50
N ASN C 187 -5.07 -9.93 39.79
CA ASN C 187 -4.10 -10.05 38.71
C ASN C 187 -4.77 -9.85 37.39
N GLU C 188 -4.40 -8.79 36.68
CA GLU C 188 -4.99 -8.56 35.36
C GLU C 188 -6.55 -8.60 35.28
N PRO C 189 -7.24 -7.67 35.97
CA PRO C 189 -8.71 -7.68 35.86
C PRO C 189 -9.20 -7.18 34.51
N ARG C 190 -10.10 -7.94 33.89
CA ARG C 190 -10.50 -7.63 32.52
C ARG C 190 -11.83 -8.26 32.17
N LEU C 191 -12.38 -7.84 31.03
CA LEU C 191 -13.63 -8.39 30.51
C LEU C 191 -13.37 -9.68 29.76
N THR C 192 -13.28 -10.80 30.47
CA THR C 192 -13.08 -12.07 29.78
C THR C 192 -14.22 -12.38 28.84
N GLY C 193 -13.90 -13.06 27.75
CA GLY C 193 -14.92 -13.42 26.77
C GLY C 193 -15.21 -12.27 25.81
N SER C 194 -14.77 -11.06 26.15
CA SER C 194 -15.06 -9.89 25.32
C SER C 194 -13.94 -9.70 24.31
N ARG C 195 -14.22 -8.94 23.26
CA ARG C 195 -13.19 -8.66 22.28
C ARG C 195 -12.30 -7.58 22.84
N PHE C 196 -12.59 -7.10 24.05
CA PHE C 196 -11.78 -6.07 24.65
C PHE C 196 -11.06 -6.69 25.82
N GLU C 197 -10.90 -8.00 25.79
CA GLU C 197 -10.30 -8.70 26.91
C GLU C 197 -8.96 -8.11 27.25
N TRP C 198 -8.20 -7.75 26.24
CA TRP C 198 -6.83 -7.31 26.45
C TRP C 198 -6.60 -5.85 26.09
N TRP C 199 -7.36 -5.34 25.13
CA TRP C 199 -7.24 -3.93 24.72
C TRP C 199 -8.58 -3.24 24.67
N LEU C 200 -8.55 -1.96 25.02
CA LEU C 200 -9.77 -1.21 25.18
C LEU C 200 -9.95 -0.24 24.04
N ASP C 201 -11.20 -0.06 23.62
CA ASP C 201 -11.56 1.07 22.79
C ASP C 201 -12.33 2.03 23.72
N MET C 202 -11.62 3.03 24.25
CA MET C 202 -12.22 3.91 25.24
C MET C 202 -13.37 4.77 24.70
N ASN C 203 -13.61 4.70 23.39
CA ASN C 203 -14.73 5.40 22.78
C ASN C 203 -16.02 4.66 23.09
N ASN C 204 -15.86 3.37 23.33
CA ASN C 204 -17.02 2.57 23.67
C ASN C 204 -17.23 2.72 25.14
N PRO C 205 -18.43 3.16 25.54
CA PRO C 205 -18.67 3.34 26.97
C PRO C 205 -18.63 2.01 27.76
N GLU C 206 -18.89 0.88 27.11
CA GLU C 206 -18.76 -0.41 27.79
C GLU C 206 -17.33 -0.57 28.35
N CYS C 207 -16.36 -0.09 27.58
CA CYS C 207 -14.96 -0.12 28.01
C CYS C 207 -14.66 0.88 29.15
N ARG C 208 -15.18 2.10 29.05
CA ARG C 208 -14.94 3.11 30.08
C ARG C 208 -15.53 2.63 31.41
N ASP C 209 -16.63 1.91 31.30
CA ASP C 209 -17.31 1.35 32.46
C ASP C 209 -16.45 0.31 33.16
N ALA C 210 -15.86 -0.59 32.37
CA ALA C 210 -14.99 -1.62 32.92
C ALA C 210 -13.85 -0.97 33.69
N VAL C 211 -13.27 0.09 33.10
CA VAL C 211 -12.24 0.84 33.79
C VAL C 211 -12.72 1.41 35.12
N GLU C 212 -13.92 1.99 35.13
CA GLU C 212 -14.39 2.64 36.33
C GLU C 212 -14.70 1.58 37.37
N ALA C 213 -15.20 0.43 36.89
CA ALA C 213 -15.55 -0.68 37.77
C ALA C 213 -14.33 -1.16 38.53
N ILE C 214 -13.19 -1.20 37.84
CA ILE C 214 -11.92 -1.62 38.43
C ILE C 214 -11.47 -0.67 39.54
N ASN C 215 -11.69 0.62 39.33
CA ASN C 215 -11.41 1.59 40.35
C ASN C 215 -12.24 1.33 41.60
N LYS C 216 -13.49 0.94 41.39
CA LYS C 216 -14.39 0.69 42.50
C LYS C 216 -13.93 -0.53 43.28
N LEU C 217 -13.59 -1.59 42.56
CA LEU C 217 -13.21 -2.83 43.21
C LEU C 217 -11.88 -2.71 43.91
N ASN C 218 -11.00 -1.88 43.36
CA ASN C 218 -9.71 -1.64 44.00
C ASN C 218 -9.95 -0.87 45.27
N GLN C 219 -10.99 -0.03 45.23
CA GLN C 219 -11.37 0.74 46.40
C GLN C 219 -11.91 -0.16 47.51
N VAL C 220 -12.76 -1.10 47.13
CA VAL C 220 -13.27 -2.09 48.06
C VAL C 220 -12.11 -2.90 48.61
N PHE C 221 -11.15 -3.25 47.75
CA PHE C 221 -10.01 -4.04 48.21
C PHE C 221 -9.28 -3.37 49.39
N VAL C 222 -8.91 -2.11 49.21
CA VAL C 222 -8.19 -1.38 50.24
C VAL C 222 -9.06 -1.31 51.53
N ASP C 223 -10.31 -0.91 51.38
CA ASP C 223 -11.22 -0.79 52.52
C ASP C 223 -11.37 -2.11 53.29
N THR C 224 -11.54 -3.23 52.58
CA THR C 224 -11.68 -4.51 53.25
C THR C 224 -10.39 -4.84 53.99
N VAL C 225 -9.25 -4.62 53.36
CA VAL C 225 -8.02 -4.95 54.05
C VAL C 225 -7.81 -4.09 55.30
N ARG C 226 -7.95 -2.77 55.16
CA ARG C 226 -7.69 -1.88 56.29
C ARG C 226 -8.64 -2.16 57.48
N SER C 227 -9.82 -2.70 57.19
CA SER C 227 -10.84 -2.96 58.23
C SER C 227 -10.57 -4.23 59.06
N THR C 228 -9.55 -4.98 58.69
CA THR C 228 -9.26 -6.26 59.34
C THR C 228 -8.33 -6.15 60.55
N GLY C 229 -7.91 -4.93 60.86
CA GLY C 229 -7.07 -4.73 62.02
C GLY C 229 -5.71 -5.37 61.76
N GLY C 230 -5.04 -5.79 62.82
CA GLY C 230 -3.73 -6.40 62.72
C GLY C 230 -2.77 -5.41 62.08
N ASN C 231 -1.80 -5.93 61.32
CA ASN C 231 -0.90 -5.04 60.60
C ASN C 231 -1.43 -4.77 59.19
N ASN C 232 -2.65 -5.23 58.94
CA ASN C 232 -3.31 -4.98 57.68
C ASN C 232 -3.70 -3.51 57.57
N VAL C 233 -3.42 -2.74 58.61
CA VAL C 233 -3.72 -1.31 58.64
C VAL C 233 -2.59 -0.51 58.01
N SER C 234 -1.43 -1.15 57.84
CA SER C 234 -0.27 -0.45 57.28
C SER C 234 0.55 -1.22 56.21
N ARG C 235 0.01 -2.33 55.70
CA ARG C 235 0.74 -3.10 54.68
C ARG C 235 0.76 -2.32 53.44
N TYR C 236 1.77 -2.56 52.62
CA TYR C 236 1.74 -2.06 51.26
C TYR C 236 0.73 -2.87 50.46
N LEU C 237 -0.08 -2.18 49.66
CA LEU C 237 -1.03 -2.84 48.78
C LEU C 237 -0.82 -2.52 47.31
N MET C 238 -0.90 -3.55 46.48
CA MET C 238 -0.71 -3.40 45.03
C MET C 238 -2.05 -3.50 44.34
N VAL C 239 -2.28 -2.55 43.42
CA VAL C 239 -3.47 -2.53 42.59
C VAL C 239 -3.08 -2.32 41.13
N PRO C 240 -3.79 -3.02 40.22
CA PRO C 240 -3.65 -2.91 38.76
C PRO C 240 -4.76 -2.08 38.06
N GLY C 241 -4.48 -1.68 36.82
CA GLY C 241 -5.49 -1.16 35.95
C GLY C 241 -6.03 -2.34 35.15
N TYR C 242 -6.78 -2.06 34.09
CA TYR C 242 -7.38 -3.09 33.25
C TYR C 242 -6.27 -4.01 32.74
N ALA C 243 -6.46 -5.30 32.96
CA ALA C 243 -5.51 -6.28 32.47
C ALA C 243 -4.10 -6.03 32.97
N ALA C 244 -3.95 -5.27 34.05
CA ALA C 244 -2.63 -4.95 34.60
C ALA C 244 -1.71 -4.31 33.57
N ALA C 245 -2.29 -3.72 32.54
CA ALA C 245 -1.50 -3.07 31.50
C ALA C 245 -1.02 -1.70 31.95
N PRO C 246 0.17 -1.30 31.52
CA PRO C 246 0.67 0.04 31.87
C PRO C 246 -0.29 1.09 31.34
N GLU C 247 -0.84 0.86 30.15
CA GLU C 247 -1.66 1.85 29.49
C GLU C 247 -2.88 2.29 30.31
N TYR C 248 -3.47 1.34 31.03
CA TYR C 248 -4.75 1.52 31.70
C TYR C 248 -4.57 1.91 33.17
N VAL C 249 -3.32 2.22 33.46
CA VAL C 249 -2.96 2.84 34.71
C VAL C 249 -2.41 4.25 34.44
N LEU C 250 -2.10 4.52 33.17
CA LEU C 250 -1.56 5.80 32.71
C LEU C 250 -2.62 6.80 32.27
N ILE C 251 -3.75 6.28 31.81
CA ILE C 251 -4.87 7.13 31.41
C ILE C 251 -5.37 7.86 32.66
N ASP C 252 -5.93 9.07 32.51
CA ASP C 252 -6.36 9.85 33.67
C ASP C 252 -7.47 9.16 34.43
N GLU C 253 -8.27 8.34 33.75
CA GLU C 253 -9.40 7.70 34.40
C GLU C 253 -9.01 6.72 35.54
N PHE C 254 -7.76 6.30 35.61
CA PHE C 254 -7.36 5.36 36.67
C PHE C 254 -7.30 6.11 37.98
N LYS C 255 -7.92 5.53 39.01
CA LYS C 255 -7.97 6.18 40.31
C LYS C 255 -7.20 5.33 41.29
N ILE C 256 -6.16 5.91 41.88
CA ILE C 256 -5.51 5.27 43.00
C ILE C 256 -6.46 5.40 44.18
N PRO C 257 -6.86 4.27 44.78
CA PRO C 257 -7.83 4.31 45.89
C PRO C 257 -7.33 5.15 47.05
N LYS C 258 -8.22 5.82 47.78
CA LYS C 258 -7.77 6.60 48.94
C LYS C 258 -7.55 5.59 50.08
N ASP C 259 -6.53 5.82 50.92
CA ASP C 259 -6.13 4.83 51.92
C ASP C 259 -6.53 5.28 53.32
N SER C 260 -7.44 4.54 53.95
CA SER C 260 -7.97 4.92 55.26
C SER C 260 -6.96 4.66 56.37
N SER C 261 -5.76 4.22 55.97
CA SER C 261 -4.65 4.01 56.89
C SER C 261 -4.11 5.38 57.25
N LYS C 262 -3.40 5.48 58.36
CA LYS C 262 -2.81 6.76 58.73
C LYS C 262 -1.31 6.78 58.50
N TYR C 263 -0.78 5.67 57.98
CA TYR C 263 0.58 5.65 57.47
C TYR C 263 0.41 5.94 55.99
N LYS C 264 0.95 7.06 55.51
CA LYS C 264 0.66 7.51 54.13
C LYS C 264 1.47 6.82 53.04
N ASN C 265 0.92 6.79 51.83
CA ASN C 265 1.57 6.22 50.65
C ASN C 265 1.87 4.73 50.79
N ARG C 266 0.82 3.92 50.89
CA ARG C 266 0.99 2.47 51.03
C ARG C 266 0.37 1.67 49.87
N ILE C 267 -0.01 2.37 48.81
CA ILE C 267 -0.55 1.71 47.63
C ILE C 267 0.44 1.69 46.50
N ILE C 268 0.67 0.50 45.96
CA ILE C 268 1.62 0.35 44.85
C ILE C 268 0.90 0.06 43.54
N ILE C 269 1.32 0.76 42.50
CA ILE C 269 0.83 0.50 41.16
C ILE C 269 1.35 -0.82 40.67
N SER C 270 0.46 -1.70 40.21
CA SER C 270 0.83 -3.01 39.68
C SER C 270 0.71 -3.03 38.17
N VAL C 271 1.79 -3.35 37.48
CA VAL C 271 1.70 -3.53 36.04
C VAL C 271 2.38 -4.84 35.63
N HIS C 272 1.93 -5.39 34.51
CA HIS C 272 2.58 -6.52 33.88
C HIS C 272 2.97 -6.02 32.49
N ALA C 273 4.14 -6.41 32.01
CA ALA C 273 4.59 -5.92 30.72
C ALA C 273 5.63 -6.85 30.08
N TYR C 274 5.16 -7.80 29.30
CA TYR C 274 6.06 -8.65 28.54
C TYR C 274 6.41 -7.94 27.23
N ARG C 275 7.26 -6.92 27.31
CA ARG C 275 7.54 -6.10 26.13
C ARG C 275 8.99 -5.96 25.73
N PRO C 276 9.27 -5.94 24.42
CA PRO C 276 8.34 -5.97 23.28
C PRO C 276 7.59 -7.30 23.12
N TYR C 277 6.29 -7.18 22.87
CA TYR C 277 5.42 -8.33 22.80
C TYR C 277 5.89 -9.33 21.77
N ASN C 278 6.28 -8.86 20.58
CA ASN C 278 6.63 -9.78 19.50
C ASN C 278 7.80 -10.70 19.85
N PHE C 279 8.63 -10.24 20.76
CA PHE C 279 9.76 -11.02 21.18
C PHE C 279 9.47 -11.80 22.45
N ALA C 280 8.88 -11.12 23.42
CA ALA C 280 8.77 -11.65 24.76
C ALA C 280 7.68 -12.69 24.94
N LEU C 281 6.52 -12.45 24.31
CA LEU C 281 5.32 -13.19 24.69
C LEU C 281 4.62 -13.90 23.54
N GLN C 282 4.70 -13.31 22.34
CA GLN C 282 4.04 -13.83 21.15
C GLN C 282 4.57 -15.22 20.81
N ALA C 283 3.68 -16.15 20.51
CA ALA C 283 4.08 -17.50 20.14
C ALA C 283 4.89 -17.53 18.83
N PRO C 284 5.92 -18.39 18.78
CA PRO C 284 6.84 -18.46 17.64
C PRO C 284 6.17 -18.81 16.31
N ASN C 285 5.01 -19.46 16.37
CA ASN C 285 4.35 -19.86 15.12
C ASN C 285 3.56 -18.74 14.44
N GLU C 286 3.47 -17.58 15.07
CA GLU C 286 2.76 -16.47 14.51
C GLU C 286 3.74 -15.56 13.81
N SER C 287 3.45 -15.06 12.63
CA SER C 287 4.11 -13.82 12.24
C SER C 287 3.28 -12.71 12.95
N GLY C 288 3.97 -11.73 13.51
CA GLY C 288 5.38 -11.59 13.29
C GLY C 288 6.07 -11.68 14.62
N SER C 289 6.19 -12.91 15.10
CA SER C 289 6.99 -13.21 16.25
C SER C 289 8.41 -12.94 15.83
N VAL C 290 9.25 -12.59 16.78
CA VAL C 290 10.68 -12.50 16.51
C VAL C 290 11.42 -13.27 17.60
N SER C 291 12.57 -13.81 17.27
CA SER C 291 13.33 -14.58 18.23
C SER C 291 14.60 -13.89 18.69
N GLU C 292 14.91 -12.75 18.08
CA GLU C 292 16.17 -12.07 18.34
C GLU C 292 15.92 -10.80 19.17
N TRP C 293 16.80 -10.51 20.13
CA TRP C 293 16.74 -9.29 20.93
C TRP C 293 18.13 -8.76 21.07
N SER C 294 18.32 -7.47 20.86
CA SER C 294 19.66 -6.89 20.97
C SER C 294 19.75 -5.59 21.76
N VAL C 295 20.74 -5.50 22.63
CA VAL C 295 20.99 -4.25 23.35
C VAL C 295 21.36 -3.14 22.35
N ASN C 296 21.79 -3.53 21.17
CA ASN C 296 22.24 -2.54 20.20
C ASN C 296 21.15 -2.17 19.19
N SER C 297 19.96 -2.74 19.38
CA SER C 297 18.81 -2.45 18.50
C SER C 297 17.84 -1.43 19.10
N GLU C 298 17.72 -0.27 18.47
CA GLU C 298 16.76 0.74 18.90
C GLU C 298 15.36 0.13 18.99
N GLU C 299 15.05 -0.75 18.04
CA GLU C 299 13.74 -1.38 17.96
C GLU C 299 13.54 -2.32 19.12
N SER C 300 14.60 -2.97 19.56
CA SER C 300 14.45 -3.85 20.72
C SER C 300 14.19 -3.04 21.99
N ARG C 301 14.91 -1.94 22.17
CA ARG C 301 14.82 -1.17 23.39
C ARG C 301 13.54 -0.34 23.44
N ARG C 302 12.98 -0.08 22.26
CA ARG C 302 11.92 0.88 22.01
C ARG C 302 10.78 0.80 23.04
N ASP C 303 10.11 -0.34 23.13
CA ASP C 303 8.89 -0.43 23.93
C ASP C 303 9.18 -0.47 25.40
N ILE C 304 10.36 -0.97 25.76
CA ILE C 304 10.76 -1.04 27.16
C ILE C 304 10.99 0.34 27.73
N ASP C 305 11.76 1.16 27.03
CA ASP C 305 11.98 2.53 27.43
C ASP C 305 10.65 3.28 27.55
N TYR C 306 9.74 3.02 26.63
CA TYR C 306 8.50 3.80 26.55
C TYR C 306 7.63 3.62 27.77
N PHE C 307 7.23 2.39 28.08
CA PHE C 307 6.26 2.21 29.13
C PHE C 307 6.87 2.54 30.47
N MET C 308 8.17 2.32 30.59
CA MET C 308 8.87 2.64 31.82
C MET C 308 9.04 4.15 32.00
N ASP C 309 9.33 4.89 30.93
CA ASP C 309 9.41 6.34 31.06
C ASP C 309 8.07 6.90 31.53
N LYS C 310 6.98 6.38 30.97
CA LYS C 310 5.68 6.90 31.28
C LYS C 310 5.30 6.59 32.73
N LEU C 311 5.66 5.40 33.19
CA LEU C 311 5.38 5.03 34.56
C LEU C 311 6.23 5.87 35.51
N TYR C 312 7.43 6.21 35.08
CA TYR C 312 8.28 7.01 35.90
C TYR C 312 7.73 8.43 36.04
N ASP C 313 7.29 9.02 34.93
CA ASP C 313 6.79 10.40 34.94
C ASP C 313 5.57 10.60 35.82
N LYS C 314 4.65 9.67 35.72
CA LYS C 314 3.38 9.84 36.38
C LYS C 314 3.43 9.44 37.86
N PHE C 315 4.19 8.40 38.16
CA PHE C 315 4.12 7.78 39.48
C PHE C 315 5.37 7.95 40.32
N VAL C 316 6.43 7.25 39.92
CA VAL C 316 7.68 7.24 40.67
C VAL C 316 8.23 8.65 40.83
N SER C 317 8.20 9.43 39.75
CA SER C 317 8.78 10.76 39.77
C SER C 317 8.04 11.64 40.76
N LYS C 318 6.85 11.20 41.16
CA LYS C 318 6.04 11.92 42.12
C LYS C 318 5.93 11.15 43.44
N GLY C 319 6.78 10.14 43.58
CA GLY C 319 6.94 9.44 44.84
C GLY C 319 6.11 8.19 45.00
N ILE C 320 5.27 7.88 44.01
CA ILE C 320 4.35 6.73 44.10
C ILE C 320 4.99 5.41 43.62
N PRO C 321 4.93 4.36 44.46
CA PRO C 321 5.61 3.10 44.16
C PRO C 321 4.93 2.34 43.02
N VAL C 322 5.77 1.80 42.14
CA VAL C 322 5.34 0.99 41.02
C VAL C 322 6.15 -0.30 41.03
N VAL C 323 5.49 -1.44 40.87
CA VAL C 323 6.20 -2.71 40.77
C VAL C 323 5.66 -3.53 39.63
N ILE C 324 6.56 -3.98 38.76
CA ILE C 324 6.19 -4.84 37.66
C ILE C 324 6.16 -6.26 38.19
N GLY C 325 4.96 -6.74 38.43
CA GLY C 325 4.74 -8.03 39.05
C GLY C 325 4.92 -9.19 38.12
N GLU C 326 4.82 -8.92 36.82
CA GLU C 326 5.05 -9.91 35.79
C GLU C 326 5.83 -9.35 34.61
N PHE C 327 6.84 -10.10 34.16
CA PHE C 327 7.59 -9.83 32.93
C PHE C 327 8.40 -11.07 32.61
N GLY C 328 8.97 -11.13 31.40
CA GLY C 328 9.83 -12.23 31.01
C GLY C 328 9.87 -12.48 29.50
N ALA C 329 10.70 -13.42 29.07
CA ALA C 329 10.80 -13.75 27.65
C ALA C 329 10.74 -15.23 27.47
N ARG C 330 9.75 -15.68 26.70
CA ARG C 330 9.55 -17.10 26.49
C ARG C 330 10.69 -17.58 25.63
N ASP C 331 11.16 -18.78 25.93
CA ASP C 331 12.21 -19.34 25.11
C ASP C 331 11.69 -19.59 23.70
N LYS C 332 12.37 -19.03 22.72
CA LYS C 332 12.03 -19.36 21.34
C LYS C 332 13.19 -20.10 20.69
N ASN C 333 13.08 -21.43 20.72
CA ASN C 333 14.07 -22.35 20.12
C ASN C 333 15.53 -22.11 20.47
N GLY C 334 15.81 -21.89 21.75
CA GLY C 334 17.19 -21.82 22.22
C GLY C 334 17.83 -20.46 22.09
N ASN C 335 17.01 -19.42 21.92
CA ASN C 335 17.48 -18.04 21.78
C ASN C 335 17.98 -17.42 23.09
N LEU C 336 18.91 -18.13 23.74
CA LEU C 336 19.35 -17.77 25.08
C LEU C 336 19.99 -16.39 25.15
N GLN C 337 20.86 -16.10 24.21
CA GLN C 337 21.63 -14.86 24.21
C GLN C 337 20.70 -13.64 24.19
N SER C 338 19.67 -13.68 23.34
CA SER C 338 18.71 -12.57 23.31
C SER C 338 17.97 -12.40 24.62
N ARG C 339 17.56 -13.50 25.23
CA ARG C 339 16.84 -13.42 26.50
C ARG C 339 17.76 -12.89 27.56
N VAL C 340 19.05 -13.19 27.44
CA VAL C 340 20.02 -12.72 28.39
C VAL C 340 20.15 -11.21 28.29
N GLU C 341 20.33 -10.71 27.07
CA GLU C 341 20.43 -9.28 26.88
C GLU C 341 19.13 -8.58 27.23
N PHE C 342 18.02 -9.23 26.90
CA PHE C 342 16.72 -8.70 27.21
C PHE C 342 16.63 -8.48 28.70
N ALA C 343 16.90 -9.55 29.45
CA ALA C 343 16.76 -9.54 30.89
C ALA C 343 17.57 -8.46 31.55
N ALA C 344 18.85 -8.38 31.19
CA ALA C 344 19.70 -7.40 31.83
C ALA C 344 19.20 -6.02 31.49
N TYR C 345 18.70 -5.83 30.28
CA TYR C 345 18.22 -4.52 29.88
C TYR C 345 16.92 -4.14 30.59
N TYR C 346 15.99 -5.10 30.66
CA TYR C 346 14.69 -4.83 31.25
C TYR C 346 14.81 -4.40 32.71
N VAL C 347 15.63 -5.14 33.47
CA VAL C 347 15.86 -4.88 34.88
C VAL C 347 16.60 -3.57 35.12
N ARG C 348 17.62 -3.29 34.31
CA ARG C 348 18.37 -2.06 34.49
C ARG C 348 17.47 -0.88 34.21
N ALA C 349 16.81 -0.88 33.06
CA ALA C 349 15.95 0.23 32.67
C ALA C 349 14.88 0.49 33.75
N ALA C 350 14.38 -0.57 34.37
CA ALA C 350 13.41 -0.43 35.46
C ALA C 350 14.03 0.04 36.77
N ARG C 351 15.16 -0.55 37.16
CA ARG C 351 15.84 -0.15 38.38
C ARG C 351 16.27 1.30 38.32
N ALA C 352 16.74 1.71 37.15
CA ALA C 352 17.17 3.08 36.92
C ALA C 352 16.03 4.04 37.11
N ARG C 353 14.82 3.51 37.02
CA ARG C 353 13.62 4.32 37.18
C ARG C 353 12.94 4.06 38.52
N GLY C 354 13.59 3.27 39.37
CA GLY C 354 13.09 3.00 40.70
C GLY C 354 12.03 1.91 40.70
N ILE C 355 12.03 1.09 39.66
CA ILE C 355 11.00 0.08 39.54
C ILE C 355 11.61 -1.31 39.69
N THR C 356 10.92 -2.17 40.42
CA THR C 356 11.36 -3.54 40.60
C THR C 356 10.48 -4.49 39.76
N CYS C 357 11.09 -5.55 39.22
CA CYS C 357 10.35 -6.44 38.35
C CYS C 357 10.25 -7.83 38.96
N CYS C 358 9.28 -8.61 38.52
CA CYS C 358 9.15 -10.02 38.94
C CYS C 358 9.01 -10.95 37.72
N TRP C 359 9.95 -11.89 37.56
CA TRP C 359 9.94 -12.83 36.43
C TRP C 359 8.84 -13.87 36.58
N TRP C 360 8.23 -14.27 35.46
CA TRP C 360 7.23 -15.31 35.51
C TRP C 360 7.87 -16.67 35.31
N ASP C 361 8.06 -17.42 36.39
CA ASP C 361 8.65 -18.73 36.23
C ASP C 361 7.59 -19.78 36.37
N ASN C 362 7.23 -20.40 35.27
CA ASN C 362 6.14 -21.37 35.27
C ASN C 362 6.62 -22.82 35.16
N ASN C 363 7.91 -23.05 35.44
CA ASN C 363 8.48 -24.41 35.48
C ASN C 363 8.35 -25.21 34.18
N ALA C 364 8.07 -24.49 33.10
CA ALA C 364 7.91 -25.06 31.77
C ALA C 364 9.10 -24.68 30.88
N PHE C 365 9.63 -25.65 30.14
CA PHE C 365 10.91 -25.43 29.48
C PHE C 365 10.98 -25.75 27.99
N TYR C 366 10.25 -26.75 27.54
CA TYR C 366 10.34 -27.18 26.15
C TYR C 366 9.00 -27.65 25.62
N GLY C 367 8.78 -27.48 24.31
CA GLY C 367 7.47 -27.73 23.71
C GLY C 367 6.79 -26.45 23.22
N ASN C 368 5.61 -26.60 22.62
CA ASN C 368 4.90 -25.44 22.07
C ASN C 368 4.14 -24.57 23.08
N GLY C 369 4.38 -24.78 24.37
CA GLY C 369 3.78 -23.95 25.40
C GLY C 369 4.59 -22.70 25.70
N GLU C 370 4.11 -21.90 26.63
CA GLU C 370 4.81 -20.69 27.04
C GLU C 370 5.90 -21.07 28.01
N ASN C 371 7.07 -21.40 27.47
CA ASN C 371 8.19 -21.86 28.27
C ASN C 371 8.93 -20.68 28.87
N PHE C 372 8.51 -20.26 30.06
CA PHE C 372 9.11 -19.14 30.80
C PHE C 372 9.95 -19.61 31.97
N GLY C 373 10.18 -20.92 32.06
CA GLY C 373 10.88 -21.51 33.20
C GLY C 373 12.34 -21.12 33.34
N LEU C 374 12.79 -20.95 34.58
CA LEU C 374 14.21 -20.74 34.90
C LEU C 374 14.75 -21.81 35.84
N LEU C 375 13.94 -22.22 36.80
CA LEU C 375 14.32 -23.19 37.80
C LEU C 375 13.64 -24.53 37.57
N ASP C 376 14.42 -25.59 37.31
CA ASP C 376 13.81 -26.90 37.27
C ASP C 376 13.43 -27.21 38.70
N ARG C 377 12.14 -27.27 38.96
CA ARG C 377 11.68 -27.43 40.34
C ARG C 377 11.94 -28.84 40.86
N LYS C 378 12.03 -29.80 39.94
CA LYS C 378 12.12 -31.21 40.29
C LYS C 378 13.56 -31.64 40.56
N THR C 379 14.52 -30.81 40.19
CA THR C 379 15.92 -31.13 40.41
C THR C 379 16.58 -30.02 41.17
N LEU C 380 15.83 -28.94 41.33
CA LEU C 380 16.29 -27.72 41.98
C LEU C 380 17.50 -27.03 41.36
N LYS C 381 17.78 -27.28 40.09
CA LYS C 381 18.92 -26.65 39.42
C LYS C 381 18.49 -25.64 38.33
N TRP C 382 19.21 -24.54 38.21
CA TRP C 382 18.85 -23.47 37.30
C TRP C 382 19.16 -23.79 35.82
N VAL C 383 18.10 -24.00 35.04
CA VAL C 383 18.28 -24.38 33.65
C VAL C 383 18.96 -23.25 32.84
N TYR C 384 18.73 -21.99 33.21
CA TYR C 384 19.38 -20.88 32.53
C TYR C 384 19.98 -19.88 33.51
N PRO C 385 21.07 -20.25 34.15
CA PRO C 385 21.70 -19.32 35.10
C PRO C 385 22.19 -18.02 34.46
N GLU C 386 22.37 -18.02 33.15
CA GLU C 386 22.83 -16.81 32.48
C GLU C 386 21.80 -15.69 32.59
N ILE C 387 20.52 -16.07 32.51
CA ILE C 387 19.41 -15.13 32.64
C ILE C 387 19.30 -14.60 34.07
N VAL C 388 19.33 -15.53 35.02
CA VAL C 388 19.31 -15.20 36.44
C VAL C 388 20.41 -14.23 36.82
N SER C 389 21.61 -14.50 36.31
CA SER C 389 22.77 -13.64 36.52
C SER C 389 22.66 -12.26 35.82
N ALA C 390 22.08 -12.24 34.63
CA ALA C 390 21.89 -10.98 33.92
C ALA C 390 20.98 -10.05 34.72
N MET C 391 20.01 -10.64 35.40
CA MET C 391 19.10 -9.84 36.20
C MET C 391 19.73 -9.37 37.52
N MET C 392 20.38 -10.30 38.22
CA MET C 392 20.97 -10.00 39.53
C MET C 392 22.07 -8.96 39.35
N LYS C 393 22.59 -8.84 38.13
CA LYS C 393 23.66 -7.90 37.83
C LYS C 393 23.22 -6.45 37.94
N TYR C 394 21.94 -6.19 37.69
CA TYR C 394 21.43 -4.81 37.65
C TYR C 394 20.24 -4.52 38.56
N ALA C 395 20.01 -5.38 39.56
CA ALA C 395 18.80 -5.31 40.36
C ALA C 395 18.88 -4.42 41.61
N ARG C 396 20.07 -4.26 42.19
CA ARG C 396 20.27 -3.36 43.34
C ARG C 396 19.35 -3.70 44.53
N ARG D 22 36.23 -21.44 -4.41
CA ARG D 22 35.54 -22.71 -4.22
C ARG D 22 34.09 -22.50 -4.64
N ALA D 23 33.60 -23.35 -5.53
CA ALA D 23 32.28 -23.12 -6.13
C ALA D 23 31.82 -24.36 -6.86
N LYS D 24 30.80 -25.02 -6.36
CA LYS D 24 30.38 -26.26 -6.99
C LYS D 24 29.38 -25.99 -8.09
N ILE D 25 29.48 -26.75 -9.17
CA ILE D 25 28.64 -26.58 -10.35
C ILE D 25 27.33 -27.38 -10.18
N PRO D 26 26.20 -26.72 -10.34
CA PRO D 26 24.96 -27.40 -10.02
C PRO D 26 24.54 -28.45 -11.05
N GLU D 27 23.63 -29.34 -10.66
CA GLU D 27 23.01 -30.28 -11.59
C GLU D 27 21.59 -29.85 -11.93
N ILE D 28 21.36 -29.65 -13.21
CA ILE D 28 20.11 -29.11 -13.66
C ILE D 28 19.32 -30.11 -14.49
N LYS D 29 18.11 -30.44 -14.09
CA LYS D 29 17.31 -31.32 -14.92
C LYS D 29 16.15 -30.53 -15.52
N ILE D 30 16.39 -30.08 -16.76
CA ILE D 30 15.43 -29.37 -17.59
C ILE D 30 15.25 -30.21 -18.84
N ALA D 31 14.03 -30.68 -19.06
CA ALA D 31 13.72 -31.51 -20.21
C ALA D 31 14.03 -30.74 -21.48
N SER D 32 14.79 -31.36 -22.38
CA SER D 32 15.07 -30.74 -23.67
C SER D 32 13.76 -30.59 -24.46
N ARG D 33 13.59 -29.47 -25.14
CA ARG D 33 12.39 -29.28 -25.93
C ARG D 33 12.65 -29.71 -27.35
N LYS D 34 11.59 -29.84 -28.12
CA LYS D 34 11.70 -30.32 -29.48
C LYS D 34 12.32 -29.24 -30.34
N ILE D 35 13.43 -29.53 -30.97
CA ILE D 35 14.08 -28.53 -31.80
C ILE D 35 13.94 -28.94 -33.26
N PRO D 36 13.20 -28.15 -34.05
CA PRO D 36 13.05 -28.47 -35.47
C PRO D 36 14.39 -28.78 -36.12
N ASN D 37 14.38 -29.72 -37.07
CA ASN D 37 15.60 -30.23 -37.68
C ASN D 37 15.88 -29.55 -39.01
N ASN D 38 16.55 -28.40 -38.97
CA ASN D 38 16.94 -27.74 -40.21
C ASN D 38 18.40 -27.33 -40.22
N ALA D 39 18.86 -26.84 -41.36
CA ALA D 39 20.25 -26.42 -41.50
C ALA D 39 20.56 -25.31 -40.53
N ALA D 40 19.57 -24.43 -40.34
CA ALA D 40 19.73 -23.23 -39.54
C ALA D 40 19.95 -23.55 -38.05
N LEU D 41 19.07 -24.35 -37.47
CA LEU D 41 19.21 -24.66 -36.05
C LEU D 41 20.41 -25.54 -35.75
N LYS D 42 20.82 -26.36 -36.73
CA LYS D 42 22.02 -27.17 -36.56
C LYS D 42 23.21 -26.24 -36.59
N PHE D 43 23.08 -25.16 -37.35
CA PHE D 43 24.14 -24.15 -37.42
C PHE D 43 24.35 -23.54 -36.05
N VAL D 44 23.24 -23.19 -35.41
CA VAL D 44 23.26 -22.54 -34.10
C VAL D 44 23.78 -23.49 -33.02
N LYS D 45 23.33 -24.75 -33.05
CA LYS D 45 23.73 -25.73 -32.04
C LYS D 45 25.23 -25.91 -32.08
N ASP D 46 25.73 -25.84 -33.30
CA ASP D 46 27.13 -26.01 -33.57
C ASP D 46 27.95 -24.85 -33.07
N MET D 47 27.32 -23.70 -32.95
CA MET D 47 27.99 -22.56 -32.36
C MET D 47 28.31 -22.81 -30.89
N LYS D 48 27.53 -23.71 -30.26
CA LYS D 48 27.79 -24.20 -28.90
C LYS D 48 27.75 -23.13 -27.79
N ILE D 49 28.76 -22.27 -27.76
CA ILE D 49 28.88 -21.21 -26.77
C ILE D 49 29.83 -20.11 -27.25
N GLY D 50 29.58 -18.87 -26.89
CA GLY D 50 30.32 -17.75 -27.44
C GLY D 50 31.11 -16.97 -26.42
N TRP D 51 32.01 -16.11 -26.89
CA TRP D 51 32.83 -15.28 -26.02
C TRP D 51 32.98 -13.89 -26.65
N ASN D 52 32.60 -12.85 -25.94
CA ASN D 52 32.71 -11.51 -26.47
C ASN D 52 34.08 -10.91 -26.20
N LEU D 53 34.71 -10.38 -27.23
CA LEU D 53 35.90 -9.56 -27.04
C LEU D 53 35.46 -8.15 -26.65
N GLY D 54 34.92 -8.02 -25.44
CA GLY D 54 34.29 -6.78 -25.00
C GLY D 54 35.25 -5.67 -24.64
N ASN D 55 34.77 -4.43 -24.70
CA ASN D 55 35.58 -3.23 -24.39
C ASN D 55 36.81 -3.10 -25.29
N THR D 56 36.74 -3.69 -26.49
CA THR D 56 37.87 -3.65 -27.43
C THR D 56 37.58 -2.76 -28.64
N PHE D 57 37.17 -3.36 -29.76
CA PHE D 57 36.93 -2.55 -30.95
C PHE D 57 35.62 -1.77 -30.81
N ASP D 58 34.85 -2.12 -29.79
CA ASP D 58 33.60 -1.42 -29.47
C ASP D 58 33.89 -0.08 -28.81
N ALA D 59 35.07 0.08 -28.23
CA ALA D 59 35.40 1.33 -27.55
C ALA D 59 35.19 2.54 -28.46
N ALA D 60 34.39 3.49 -28.01
CA ALA D 60 34.10 4.67 -28.81
C ALA D 60 33.95 5.90 -27.93
N PHE D 61 34.59 7.00 -28.31
CA PHE D 61 34.46 8.25 -27.57
C PHE D 61 35.02 9.39 -28.41
N GLU D 62 34.80 10.63 -27.96
CA GLU D 62 35.25 11.77 -28.75
C GLU D 62 36.57 12.34 -28.28
N ASN D 63 37.28 12.95 -29.21
CA ASN D 63 38.56 13.62 -28.93
C ASN D 63 39.63 12.81 -28.18
N PRO D 64 40.19 11.77 -28.83
CA PRO D 64 41.25 10.92 -28.24
C PRO D 64 42.54 11.68 -27.93
N SER D 65 43.33 11.21 -26.96
CA SER D 65 44.59 11.86 -26.59
C SER D 65 45.77 11.15 -27.24
N PHE D 66 45.45 10.32 -28.23
CA PHE D 66 46.42 9.60 -29.02
C PHE D 66 46.18 9.88 -30.49
N ASP D 67 47.15 9.55 -31.32
CA ASP D 67 47.09 9.91 -32.74
C ASP D 67 46.80 8.69 -33.62
N ASP D 68 47.11 7.50 -33.11
CA ASP D 68 46.83 6.24 -33.80
C ASP D 68 45.41 5.74 -33.50
N GLU D 69 44.56 5.70 -34.53
CA GLU D 69 43.17 5.29 -34.34
C GLU D 69 43.09 3.83 -33.86
N LEU D 70 44.19 3.11 -33.97
CA LEU D 70 44.20 1.71 -33.56
C LEU D 70 44.23 1.58 -32.02
N LEU D 71 44.44 2.69 -31.32
CA LEU D 71 44.49 2.66 -29.85
C LEU D 71 43.09 2.57 -29.22
N TYR D 72 42.06 2.73 -30.04
CA TYR D 72 40.70 2.51 -29.60
C TYR D 72 40.50 1.05 -29.19
N GLU D 73 41.31 0.16 -29.77
CA GLU D 73 41.25 -1.28 -29.46
C GLU D 73 41.53 -1.55 -27.99
N THR D 74 42.32 -0.67 -27.36
CA THR D 74 42.72 -0.87 -25.97
C THR D 74 42.24 0.23 -25.01
N ALA D 75 41.36 1.11 -25.46
CA ALA D 75 40.99 2.26 -24.63
C ALA D 75 40.21 1.85 -23.39
N TRP D 76 39.51 0.72 -23.48
CA TRP D 76 38.64 0.31 -22.40
C TRP D 76 39.04 -1.03 -21.80
N CYS D 77 40.00 -1.72 -22.42
CA CYS D 77 40.47 -2.99 -21.91
C CYS D 77 41.95 -2.98 -21.57
N GLY D 78 42.70 -2.05 -22.14
CA GLY D 78 44.09 -1.81 -21.74
C GLY D 78 45.19 -2.78 -22.20
N VAL D 79 44.85 -3.76 -23.03
CA VAL D 79 45.83 -4.71 -23.59
C VAL D 79 45.42 -5.16 -25.01
N LYS D 80 46.37 -5.10 -25.95
CA LYS D 80 46.11 -5.46 -27.35
C LYS D 80 45.80 -6.95 -27.57
N THR D 81 44.84 -7.22 -28.44
CA THR D 81 44.38 -8.58 -28.71
C THR D 81 45.44 -9.38 -29.49
N THR D 82 45.72 -10.61 -29.03
CA THR D 82 46.71 -11.48 -29.68
C THR D 82 46.11 -12.81 -30.04
N LYS D 83 46.81 -13.57 -30.87
CA LYS D 83 46.26 -14.84 -31.31
C LYS D 83 46.18 -15.87 -30.18
N GLN D 84 47.13 -15.84 -29.24
CA GLN D 84 47.12 -16.84 -28.17
C GLN D 84 45.91 -16.62 -27.27
N MET D 85 45.45 -15.38 -27.24
CA MET D 85 44.24 -15.03 -26.51
C MET D 85 43.05 -15.79 -27.09
N ILE D 86 42.84 -15.61 -28.37
CA ILE D 86 41.78 -16.31 -29.07
C ILE D 86 41.98 -17.84 -28.96
N ASP D 87 43.24 -18.29 -29.01
CA ASP D 87 43.58 -19.72 -28.84
C ASP D 87 43.11 -20.24 -27.48
N THR D 88 43.42 -19.47 -26.43
CA THR D 88 43.05 -19.79 -25.06
C THR D 88 41.52 -19.89 -24.88
N VAL D 89 40.80 -18.97 -25.55
CA VAL D 89 39.35 -18.94 -25.53
C VAL D 89 38.82 -20.21 -26.18
N LYS D 90 39.46 -20.56 -27.28
CA LYS D 90 39.10 -21.76 -28.01
C LYS D 90 39.40 -23.01 -27.19
N LYS D 91 40.52 -23.02 -26.48
CA LYS D 91 40.93 -24.19 -25.70
C LYS D 91 39.97 -24.37 -24.53
N ALA D 92 39.42 -23.27 -24.04
CA ALA D 92 38.50 -23.34 -22.91
C ALA D 92 37.16 -23.97 -23.28
N GLY D 93 36.85 -24.01 -24.58
CA GLY D 93 35.65 -24.67 -25.05
C GLY D 93 34.76 -23.77 -25.88
N PHE D 94 35.13 -22.50 -26.01
CA PHE D 94 34.32 -21.58 -26.80
C PHE D 94 34.47 -21.78 -28.30
N ASN D 95 33.35 -22.07 -28.95
CA ASN D 95 33.36 -22.29 -30.38
C ASN D 95 32.91 -21.05 -31.16
N THR D 96 32.50 -20.01 -30.44
CA THR D 96 32.08 -18.76 -31.09
C THR D 96 32.76 -17.57 -30.45
N ILE D 97 33.15 -16.60 -31.26
CA ILE D 97 33.62 -15.36 -30.68
C ILE D 97 32.95 -14.14 -31.35
N ARG D 98 32.33 -13.27 -30.55
CA ARG D 98 31.71 -12.07 -31.08
C ARG D 98 32.68 -10.93 -30.92
N ILE D 99 32.95 -10.26 -32.04
CA ILE D 99 33.86 -9.14 -32.06
C ILE D 99 33.07 -7.88 -32.37
N PRO D 100 32.69 -7.15 -31.32
CA PRO D 100 31.95 -5.91 -31.51
C PRO D 100 32.88 -4.81 -31.98
N VAL D 101 32.44 -4.05 -33.00
CA VAL D 101 33.22 -2.93 -33.53
C VAL D 101 32.40 -1.63 -33.55
N SER D 102 32.99 -0.56 -33.03
CA SER D 102 32.40 0.76 -33.15
C SER D 102 33.17 1.50 -34.22
N TRP D 103 32.48 1.89 -35.29
CA TRP D 103 33.14 2.43 -36.48
C TRP D 103 33.22 3.94 -36.56
N HIS D 104 32.36 4.64 -35.84
CA HIS D 104 32.15 6.05 -36.11
C HIS D 104 33.36 6.94 -35.83
N ASN D 105 34.31 6.46 -35.05
CA ASN D 105 35.55 7.22 -34.86
C ASN D 105 36.57 6.90 -35.94
N HIS D 106 36.13 6.16 -36.95
CA HIS D 106 37.04 5.68 -37.99
C HIS D 106 36.45 5.85 -39.37
N VAL D 107 35.51 6.79 -39.49
CA VAL D 107 34.98 7.16 -40.79
C VAL D 107 35.20 8.64 -41.06
N THR D 108 35.41 8.92 -42.34
CA THR D 108 35.57 10.26 -42.88
C THR D 108 34.93 10.29 -44.25
N GLY D 109 34.77 11.50 -44.77
CA GLY D 109 34.23 11.70 -46.10
C GLY D 109 32.72 11.67 -46.10
N SER D 110 32.13 11.96 -47.25
CA SER D 110 30.69 12.10 -47.31
C SER D 110 29.94 10.79 -47.31
N ASN D 111 30.63 9.68 -47.54
CA ASN D 111 29.97 8.38 -47.55
C ASN D 111 30.48 7.41 -46.46
N PHE D 112 31.12 7.97 -45.42
CA PHE D 112 31.59 7.16 -44.29
C PHE D 112 32.61 6.13 -44.73
N THR D 113 33.74 6.58 -45.22
CA THR D 113 34.75 5.66 -45.68
C THR D 113 35.53 5.13 -44.49
N ILE D 114 35.38 3.83 -44.23
CA ILE D 114 36.05 3.21 -43.09
C ILE D 114 37.54 3.20 -43.34
N SER D 115 38.32 3.73 -42.40
CA SER D 115 39.77 3.73 -42.54
C SER D 115 40.32 2.32 -42.78
N LYS D 116 41.14 2.19 -43.82
CA LYS D 116 41.70 0.90 -44.19
C LYS D 116 42.63 0.39 -43.10
N ARG D 117 43.38 1.29 -42.45
CA ARG D 117 44.18 0.87 -41.30
C ARG D 117 43.31 0.18 -40.24
N TRP D 118 42.21 0.81 -39.86
CA TRP D 118 41.32 0.26 -38.84
C TRP D 118 40.71 -1.08 -39.28
N LEU D 119 40.17 -1.11 -40.49
CA LEU D 119 39.53 -2.32 -40.99
C LEU D 119 40.53 -3.48 -41.12
N ASP D 120 41.78 -3.19 -41.44
CA ASP D 120 42.79 -4.23 -41.53
C ASP D 120 42.98 -4.84 -40.15
N ARG D 121 43.10 -3.97 -39.15
CA ARG D 121 43.33 -4.42 -37.77
C ARG D 121 42.24 -5.38 -37.29
N VAL D 122 41.00 -5.03 -37.61
CA VAL D 122 39.86 -5.89 -37.34
C VAL D 122 39.95 -7.21 -38.10
N GLN D 123 40.33 -7.15 -39.37
CA GLN D 123 40.48 -8.39 -40.14
C GLN D 123 41.57 -9.29 -39.50
N GLN D 124 42.62 -8.67 -38.96
CA GLN D 124 43.65 -9.46 -38.30
C GLN D 124 43.00 -10.32 -37.23
N VAL D 125 42.22 -9.67 -36.36
CA VAL D 125 41.60 -10.33 -35.23
C VAL D 125 40.50 -11.32 -35.66
N VAL D 126 39.79 -11.01 -36.73
CA VAL D 126 38.83 -11.96 -37.28
C VAL D 126 39.59 -13.24 -37.69
N ASP D 127 40.74 -13.06 -38.32
CA ASP D 127 41.53 -14.17 -38.82
C ASP D 127 42.05 -15.08 -37.69
N TYR D 128 42.41 -14.48 -36.56
CA TYR D 128 42.79 -15.21 -35.35
C TYR D 128 41.74 -16.28 -35.07
N ALA D 129 40.48 -15.86 -35.12
CA ALA D 129 39.39 -16.74 -34.75
C ALA D 129 39.06 -17.72 -35.87
N MET D 130 39.20 -17.26 -37.10
CA MET D 130 38.92 -18.08 -38.28
C MET D 130 39.96 -19.21 -38.36
N LYS D 131 41.20 -18.86 -38.01
CA LYS D 131 42.32 -19.78 -37.93
C LYS D 131 42.03 -20.82 -36.82
N ASN D 132 41.16 -20.45 -35.89
CA ASN D 132 40.81 -21.34 -34.80
C ASN D 132 39.51 -22.09 -35.08
N LYS D 133 39.09 -22.05 -36.35
CA LYS D 133 37.92 -22.80 -36.83
C LYS D 133 36.65 -22.47 -36.03
N MET D 134 36.60 -21.24 -35.54
CA MET D 134 35.50 -20.74 -34.74
C MET D 134 34.46 -19.97 -35.55
N TYR D 135 33.26 -19.81 -34.98
CA TYR D 135 32.28 -18.91 -35.54
C TYR D 135 32.60 -17.48 -35.09
N VAL D 136 32.41 -16.54 -35.99
CA VAL D 136 32.76 -15.17 -35.68
C VAL D 136 31.56 -14.28 -35.97
N ILE D 137 31.36 -13.27 -35.12
CA ILE D 137 30.31 -12.30 -35.32
C ILE D 137 30.93 -10.91 -35.31
N ILE D 138 30.64 -10.13 -36.35
CA ILE D 138 31.02 -8.72 -36.35
C ILE D 138 29.76 -7.87 -36.53
N ASN D 139 29.82 -6.63 -36.05
CA ASN D 139 28.64 -5.78 -36.09
C ASN D 139 28.91 -4.29 -36.11
N ILE D 140 27.83 -3.52 -36.07
CA ILE D 140 27.92 -2.08 -35.80
C ILE D 140 27.52 -1.92 -34.33
N HIS D 141 28.40 -1.36 -33.53
CA HIS D 141 28.17 -1.31 -32.09
C HIS D 141 27.78 0.09 -31.58
N HIS D 142 28.73 0.77 -30.94
CA HIS D 142 28.44 2.06 -30.34
C HIS D 142 28.44 3.22 -31.35
N ASP D 143 27.62 3.09 -32.39
CA ASP D 143 27.48 4.15 -33.38
C ASP D 143 26.04 4.68 -33.34
N ILE D 144 25.36 4.40 -32.23
CA ILE D 144 23.98 4.79 -32.10
C ILE D 144 23.96 6.24 -31.63
N MET D 145 23.77 7.13 -32.60
CA MET D 145 24.17 8.51 -32.46
C MET D 145 23.62 9.21 -33.69
N PRO D 146 23.03 10.40 -33.52
CA PRO D 146 22.53 11.16 -34.66
C PRO D 146 23.70 11.48 -35.60
N GLY D 147 23.49 11.24 -36.89
CA GLY D 147 24.56 11.41 -37.86
C GLY D 147 25.12 10.08 -38.31
N TYR D 148 24.88 9.04 -37.52
CA TYR D 148 25.26 7.72 -37.94
C TYR D 148 24.05 6.81 -37.90
N TYR D 149 24.06 5.84 -37.00
CA TYR D 149 22.91 4.98 -36.85
C TYR D 149 22.01 5.58 -35.77
N TYR D 150 20.80 5.95 -36.15
CA TYR D 150 19.82 6.43 -35.18
C TYR D 150 18.41 6.16 -35.71
N PRO D 151 17.64 5.31 -35.00
CA PRO D 151 16.38 4.82 -35.55
C PRO D 151 15.12 5.67 -35.31
N ASN D 152 15.00 6.81 -35.99
CA ASN D 152 13.72 7.53 -36.05
C ASN D 152 13.55 8.30 -37.34
N SER D 153 12.37 8.87 -37.54
CA SER D 153 12.06 9.47 -38.83
C SER D 153 13.02 10.61 -39.09
N GLN D 154 13.38 11.33 -38.04
CA GLN D 154 14.20 12.51 -38.20
C GLN D 154 15.58 12.23 -38.76
N HIS D 155 16.14 11.05 -38.47
CA HIS D 155 17.50 10.78 -38.91
C HIS D 155 17.62 9.55 -39.82
N LEU D 156 16.48 9.04 -40.26
CA LEU D 156 16.42 7.78 -40.97
C LEU D 156 17.20 7.79 -42.28
N GLN D 157 17.15 8.91 -43.00
CA GLN D 157 17.75 8.92 -44.33
C GLN D 157 19.26 8.85 -44.20
N THR D 158 19.81 9.53 -43.19
CA THR D 158 21.23 9.43 -42.91
C THR D 158 21.58 8.04 -42.42
N SER D 159 20.70 7.47 -41.60
CA SER D 159 20.92 6.16 -41.05
C SER D 159 20.96 5.10 -42.16
N ILE D 160 20.07 5.21 -43.13
CA ILE D 160 20.07 4.30 -44.28
C ILE D 160 21.37 4.43 -45.05
N LYS D 161 21.84 5.66 -45.21
CA LYS D 161 23.09 5.86 -45.93
C LYS D 161 24.22 5.17 -45.19
N TYR D 162 24.27 5.34 -43.87
CA TYR D 162 25.31 4.72 -43.03
C TYR D 162 25.31 3.18 -43.02
N VAL D 163 24.16 2.58 -42.79
CA VAL D 163 24.06 1.12 -42.81
C VAL D 163 24.52 0.61 -44.16
N LYS D 164 24.12 1.32 -45.23
CA LYS D 164 24.49 0.88 -46.58
C LYS D 164 26.00 0.99 -46.77
N SER D 165 26.57 2.10 -46.34
CA SER D 165 27.97 2.39 -46.54
C SER D 165 28.89 1.44 -45.78
N ILE D 166 28.65 1.31 -44.47
CA ILE D 166 29.51 0.53 -43.60
C ILE D 166 29.49 -0.95 -44.03
N TRP D 167 28.30 -1.48 -44.25
CA TRP D 167 28.20 -2.88 -44.61
C TRP D 167 28.67 -3.15 -46.03
N THR D 168 28.60 -2.14 -46.89
CA THR D 168 29.12 -2.30 -48.24
C THR D 168 30.60 -2.57 -48.17
N GLN D 169 31.30 -1.72 -47.45
CA GLN D 169 32.75 -1.83 -47.33
C GLN D 169 33.10 -3.14 -46.66
N VAL D 170 32.46 -3.39 -45.52
CA VAL D 170 32.79 -4.55 -44.71
C VAL D 170 32.46 -5.88 -45.40
N ALA D 171 31.24 -6.01 -45.91
CA ALA D 171 30.81 -7.26 -46.54
C ALA D 171 31.65 -7.56 -47.78
N THR D 172 32.19 -6.51 -48.39
CA THR D 172 33.08 -6.68 -49.52
C THR D 172 34.39 -7.31 -49.09
N ARG D 173 34.98 -6.83 -48.00
CA ARG D 173 36.24 -7.40 -47.55
C ARG D 173 36.17 -8.84 -47.10
N PHE D 174 35.07 -9.21 -46.46
CA PHE D 174 34.96 -10.54 -45.90
C PHE D 174 34.15 -11.41 -46.85
N LYS D 175 34.15 -10.98 -48.11
CA LYS D 175 33.35 -11.56 -49.17
C LYS D 175 33.61 -13.05 -49.27
N ASN D 176 34.85 -13.43 -48.99
CA ASN D 176 35.24 -14.76 -49.34
C ASN D 176 35.25 -15.73 -48.18
N TYR D 177 34.94 -15.23 -47.00
CA TYR D 177 34.90 -16.04 -45.79
C TYR D 177 33.70 -16.97 -45.82
N ASN D 178 33.80 -18.10 -45.13
CA ASN D 178 32.74 -19.09 -45.15
C ASN D 178 31.63 -18.80 -44.12
N ASP D 179 30.67 -19.72 -44.04
CA ASP D 179 29.50 -19.56 -43.18
C ASP D 179 29.88 -19.48 -41.69
N HIS D 180 31.16 -19.65 -41.38
CA HIS D 180 31.62 -19.46 -40.00
C HIS D 180 31.64 -17.98 -39.60
N LEU D 181 31.67 -17.09 -40.60
CA LEU D 181 31.60 -15.67 -40.31
C LEU D 181 30.13 -15.21 -40.39
N ILE D 182 29.70 -14.50 -39.36
CA ILE D 182 28.32 -14.06 -39.23
C ILE D 182 28.28 -12.55 -39.15
N PHE D 183 27.37 -11.94 -39.90
CA PHE D 183 27.16 -10.49 -39.85
C PHE D 183 25.96 -10.14 -38.98
N GLU D 184 26.23 -9.30 -38.00
CA GLU D 184 25.18 -8.78 -37.13
C GLU D 184 24.91 -7.32 -37.47
N ALA D 185 23.70 -7.06 -37.94
CA ALA D 185 23.31 -5.75 -38.48
C ALA D 185 23.79 -4.59 -37.64
N VAL D 186 23.49 -4.70 -36.34
CA VAL D 186 23.76 -3.67 -35.36
C VAL D 186 23.54 -4.26 -33.96
N ASN D 187 24.22 -3.69 -32.98
CA ASN D 187 24.09 -4.08 -31.56
C ASN D 187 23.22 -3.12 -30.78
N GLU D 188 22.09 -3.59 -30.26
CA GLU D 188 21.26 -2.67 -29.43
C GLU D 188 20.87 -1.30 -30.07
N PRO D 189 20.13 -1.32 -31.21
CA PRO D 189 19.70 -0.02 -31.79
C PRO D 189 18.55 0.61 -31.00
N ARG D 190 18.71 1.88 -30.65
CA ARG D 190 17.78 2.50 -29.71
C ARG D 190 17.81 4.02 -29.83
N LEU D 191 16.83 4.68 -29.20
CA LEU D 191 16.78 6.13 -29.18
C LEU D 191 17.59 6.68 -28.02
N THR D 192 18.90 6.78 -28.19
CA THR D 192 19.76 7.28 -27.12
C THR D 192 19.35 8.69 -26.69
N GLY D 193 19.55 9.01 -25.42
CA GLY D 193 19.25 10.35 -24.92
C GLY D 193 17.78 10.62 -24.63
N SER D 194 16.92 9.75 -25.14
CA SER D 194 15.51 9.93 -24.95
C SER D 194 15.16 9.18 -23.68
N ARG D 195 13.99 9.44 -23.13
CA ARG D 195 13.56 8.77 -21.93
C ARG D 195 13.11 7.38 -22.29
N PHE D 196 13.16 7.07 -23.58
CA PHE D 196 12.76 5.75 -24.05
C PHE D 196 13.97 4.98 -24.55
N GLU D 197 15.16 5.31 -24.08
CA GLU D 197 16.37 4.65 -24.58
C GLU D 197 16.32 3.14 -24.40
N TRP D 198 15.75 2.69 -23.30
CA TRP D 198 15.79 1.27 -23.01
C TRP D 198 14.42 0.62 -23.01
N TRP D 199 13.40 1.38 -22.64
CA TRP D 199 12.07 0.81 -22.63
C TRP D 199 11.09 1.69 -23.35
N LEU D 200 10.16 1.04 -24.05
CA LEU D 200 9.28 1.72 -24.95
C LEU D 200 7.85 1.82 -24.45
N ASP D 201 7.22 2.95 -24.71
CA ASP D 201 5.80 3.05 -24.51
C ASP D 201 5.18 2.94 -25.89
N MET D 202 4.75 1.75 -26.26
CA MET D 202 4.23 1.53 -27.61
C MET D 202 2.95 2.33 -27.88
N ASN D 203 2.41 3.00 -26.87
CA ASN D 203 1.29 3.89 -27.11
C ASN D 203 1.82 5.22 -27.63
N ASN D 204 3.08 5.50 -27.36
CA ASN D 204 3.68 6.73 -27.87
C ASN D 204 4.14 6.41 -29.29
N PRO D 205 3.59 7.13 -30.28
CA PRO D 205 3.92 6.77 -31.65
C PRO D 205 5.38 7.00 -31.97
N GLU D 206 6.06 7.85 -31.21
CA GLU D 206 7.48 8.10 -31.43
C GLU D 206 8.23 6.77 -31.29
N CYS D 207 7.77 5.98 -30.34
CA CYS D 207 8.30 4.67 -30.08
C CYS D 207 7.95 3.71 -31.22
N ARG D 208 6.72 3.78 -31.71
CA ARG D 208 6.32 2.90 -32.81
C ARG D 208 7.14 3.25 -34.06
N ASP D 209 7.43 4.54 -34.21
CA ASP D 209 8.23 5.04 -35.31
C ASP D 209 9.59 4.43 -35.23
N ALA D 210 10.12 4.41 -34.01
CA ALA D 210 11.44 3.86 -33.75
C ALA D 210 11.57 2.38 -34.12
N VAL D 211 10.58 1.57 -33.74
CA VAL D 211 10.55 0.16 -34.09
C VAL D 211 10.58 -0.04 -35.60
N GLU D 212 9.80 0.79 -36.30
CA GLU D 212 9.70 0.65 -37.75
C GLU D 212 11.01 1.04 -38.42
N ALA D 213 11.71 2.03 -37.87
CA ALA D 213 13.00 2.42 -38.42
C ALA D 213 13.95 1.23 -38.43
N ILE D 214 13.90 0.47 -37.34
CA ILE D 214 14.74 -0.71 -37.18
C ILE D 214 14.38 -1.79 -38.20
N ASN D 215 13.10 -2.00 -38.46
CA ASN D 215 12.73 -2.94 -39.50
C ASN D 215 13.28 -2.51 -40.85
N LYS D 216 13.18 -1.21 -41.12
CA LYS D 216 13.58 -0.66 -42.40
C LYS D 216 15.08 -0.81 -42.52
N LEU D 217 15.81 -0.41 -41.49
CA LEU D 217 17.27 -0.43 -41.52
C LEU D 217 17.83 -1.87 -41.56
N ASN D 218 17.11 -2.81 -40.96
CA ASN D 218 17.52 -4.20 -41.05
C ASN D 218 17.32 -4.74 -42.47
N GLN D 219 16.27 -4.27 -43.13
CA GLN D 219 16.01 -4.66 -44.49
C GLN D 219 17.12 -4.09 -45.36
N VAL D 220 17.54 -2.87 -45.08
CA VAL D 220 18.66 -2.25 -45.81
C VAL D 220 19.92 -3.08 -45.62
N PHE D 221 20.17 -3.47 -44.38
CA PHE D 221 21.33 -4.30 -44.01
C PHE D 221 21.37 -5.59 -44.84
N VAL D 222 20.26 -6.33 -44.86
CA VAL D 222 20.21 -7.56 -45.63
C VAL D 222 20.46 -7.28 -47.11
N ASP D 223 19.76 -6.30 -47.65
CA ASP D 223 19.93 -5.97 -49.05
C ASP D 223 21.40 -5.62 -49.36
N THR D 224 22.01 -4.79 -48.53
CA THR D 224 23.36 -4.33 -48.80
C THR D 224 24.34 -5.49 -48.82
N VAL D 225 24.24 -6.37 -47.83
CA VAL D 225 25.14 -7.51 -47.76
C VAL D 225 24.96 -8.45 -48.94
N ARG D 226 23.72 -8.80 -49.27
CA ARG D 226 23.51 -9.74 -50.36
C ARG D 226 24.05 -9.19 -51.71
N SER D 227 24.08 -7.87 -51.85
CA SER D 227 24.50 -7.23 -53.09
C SER D 227 26.02 -7.29 -53.28
N THR D 228 26.75 -7.69 -52.26
CA THR D 228 28.20 -7.70 -52.38
C THR D 228 28.69 -9.04 -52.91
N GLY D 229 27.76 -9.96 -53.17
CA GLY D 229 28.10 -11.20 -53.85
C GLY D 229 28.97 -12.16 -53.08
N GLY D 230 29.70 -13.03 -53.80
CA GLY D 230 30.56 -14.00 -53.14
C GLY D 230 29.74 -14.94 -52.27
N ASN D 231 30.29 -15.28 -51.12
CA ASN D 231 29.57 -16.12 -50.17
C ASN D 231 28.69 -15.29 -49.22
N ASN D 232 28.59 -13.98 -49.49
CA ASN D 232 27.69 -13.09 -48.75
C ASN D 232 26.26 -13.27 -49.18
N VAL D 233 26.04 -14.11 -50.19
CA VAL D 233 24.68 -14.34 -50.67
C VAL D 233 24.02 -15.43 -49.87
N SER D 234 24.82 -16.17 -49.13
CA SER D 234 24.36 -17.34 -48.39
C SER D 234 24.76 -17.32 -46.90
N ARG D 235 25.26 -16.18 -46.46
CA ARG D 235 25.78 -15.99 -45.14
C ARG D 235 24.61 -15.99 -44.12
N TYR D 236 24.84 -16.51 -42.91
CA TYR D 236 23.87 -16.31 -41.83
C TYR D 236 24.05 -14.89 -41.35
N LEU D 237 22.93 -14.16 -41.22
CA LEU D 237 22.98 -12.77 -40.76
C LEU D 237 22.16 -12.54 -39.49
N MET D 238 22.71 -11.74 -38.57
CA MET D 238 22.00 -11.44 -37.31
C MET D 238 21.36 -10.04 -37.24
N VAL D 239 20.09 -10.02 -36.81
CA VAL D 239 19.35 -8.76 -36.61
C VAL D 239 18.66 -8.67 -35.25
N PRO D 240 18.76 -7.50 -34.61
CA PRO D 240 18.13 -7.27 -33.31
C PRO D 240 16.83 -6.48 -33.43
N GLY D 241 16.04 -6.51 -32.36
CA GLY D 241 14.91 -5.60 -32.23
C GLY D 241 15.40 -4.37 -31.48
N TYR D 242 14.45 -3.57 -30.98
CA TYR D 242 14.80 -2.36 -30.25
C TYR D 242 15.68 -2.73 -29.08
N ALA D 243 16.83 -2.06 -28.99
CA ALA D 243 17.76 -2.23 -27.87
C ALA D 243 18.18 -3.67 -27.67
N ALA D 244 18.00 -4.50 -28.71
CA ALA D 244 18.32 -5.93 -28.68
C ALA D 244 17.58 -6.69 -27.61
N ALA D 245 16.47 -6.14 -27.14
CA ALA D 245 15.65 -6.75 -26.10
C ALA D 245 14.70 -7.80 -26.66
N PRO D 246 14.49 -8.87 -25.90
CA PRO D 246 13.58 -9.94 -26.34
C PRO D 246 12.20 -9.37 -26.65
N GLU D 247 11.78 -8.46 -25.79
CA GLU D 247 10.44 -7.92 -25.88
C GLU D 247 10.20 -7.30 -27.26
N TYR D 248 11.24 -6.72 -27.83
CA TYR D 248 11.03 -5.94 -29.04
C TYR D 248 11.36 -6.71 -30.31
N VAL D 249 11.56 -8.03 -30.16
CA VAL D 249 11.47 -8.90 -31.32
C VAL D 249 10.28 -9.83 -31.13
N LEU D 250 9.70 -9.78 -29.94
CA LEU D 250 8.53 -10.61 -29.61
C LEU D 250 7.22 -9.96 -29.98
N ILE D 251 7.22 -8.62 -30.06
CA ILE D 251 6.05 -7.88 -30.52
C ILE D 251 5.81 -8.14 -32.02
N ASP D 252 4.54 -8.09 -32.44
CA ASP D 252 4.21 -8.41 -33.82
C ASP D 252 4.78 -7.39 -34.82
N GLU D 253 4.98 -6.15 -34.37
CA GLU D 253 5.45 -5.10 -35.26
C GLU D 253 6.84 -5.37 -35.81
N PHE D 254 7.59 -6.24 -35.14
CA PHE D 254 8.94 -6.58 -35.59
C PHE D 254 8.86 -7.48 -36.77
N LYS D 255 9.59 -7.10 -37.82
CA LYS D 255 9.62 -7.75 -39.13
C LYS D 255 10.98 -8.36 -39.38
N ILE D 256 11.00 -9.67 -39.61
CA ILE D 256 12.20 -10.32 -40.12
C ILE D 256 12.38 -9.87 -41.58
N PRO D 257 13.56 -9.32 -41.92
CA PRO D 257 13.75 -8.82 -43.30
C PRO D 257 13.58 -9.94 -44.30
N LYS D 258 13.06 -9.64 -45.49
CA LYS D 258 12.89 -10.65 -46.51
C LYS D 258 14.25 -10.85 -47.12
N ASP D 259 14.56 -12.10 -47.44
CA ASP D 259 15.90 -12.46 -47.88
C ASP D 259 15.84 -12.78 -49.35
N SER D 260 16.58 -11.99 -50.12
CA SER D 260 16.67 -12.16 -51.57
C SER D 260 17.54 -13.37 -51.91
N SER D 261 17.93 -14.11 -50.87
CA SER D 261 18.76 -15.31 -51.02
C SER D 261 17.92 -16.44 -51.55
N LYS D 262 18.61 -17.36 -52.21
CA LYS D 262 18.01 -18.54 -52.78
C LYS D 262 18.23 -19.66 -51.79
N TYR D 263 18.94 -19.33 -50.71
CA TYR D 263 19.11 -20.19 -49.53
C TYR D 263 18.12 -19.83 -48.44
N LYS D 264 17.26 -20.77 -48.07
CA LYS D 264 16.14 -20.47 -47.20
C LYS D 264 16.63 -20.35 -45.75
N ASN D 265 15.89 -19.55 -44.98
CA ASN D 265 16.05 -19.45 -43.52
C ASN D 265 17.46 -19.11 -43.04
N ARG D 266 17.96 -17.96 -43.46
CA ARG D 266 19.33 -17.63 -43.12
C ARG D 266 19.49 -16.32 -42.36
N ILE D 267 18.41 -15.84 -41.75
CA ILE D 267 18.49 -14.66 -40.90
C ILE D 267 18.30 -15.07 -39.45
N ILE D 268 19.18 -14.62 -38.56
CA ILE D 268 19.07 -15.01 -37.15
C ILE D 268 18.65 -13.85 -36.22
N ILE D 269 17.71 -14.15 -35.33
CA ILE D 269 17.29 -13.16 -34.35
C ILE D 269 18.36 -12.98 -33.25
N SER D 270 18.76 -11.73 -33.04
CA SER D 270 19.78 -11.38 -32.08
C SER D 270 19.11 -10.80 -30.85
N VAL D 271 19.38 -11.35 -29.68
CA VAL D 271 18.86 -10.71 -28.47
C VAL D 271 19.98 -10.58 -27.42
N HIS D 272 19.86 -9.62 -26.52
CA HIS D 272 20.73 -9.56 -25.34
C HIS D 272 19.82 -9.64 -24.14
N ALA D 273 20.24 -10.34 -23.11
CA ALA D 273 19.38 -10.46 -21.93
C ALA D 273 20.20 -10.79 -20.69
N TYR D 274 20.67 -9.77 -19.98
CA TYR D 274 21.35 -9.97 -18.69
C TYR D 274 20.27 -10.07 -17.59
N ARG D 275 19.64 -11.24 -17.50
CA ARG D 275 18.50 -11.44 -16.59
C ARG D 275 18.72 -12.61 -15.61
N PRO D 276 18.19 -12.48 -14.39
CA PRO D 276 17.39 -11.35 -13.87
C PRO D 276 18.23 -10.10 -13.63
N TYR D 277 17.76 -8.95 -14.12
CA TYR D 277 18.54 -7.71 -14.13
C TYR D 277 19.14 -7.32 -12.79
N ASN D 278 18.36 -7.47 -11.72
CA ASN D 278 18.85 -7.06 -10.42
C ASN D 278 20.09 -7.87 -9.96
N PHE D 279 20.26 -9.07 -10.48
CA PHE D 279 21.40 -9.89 -10.10
C PHE D 279 22.55 -9.69 -11.04
N ALA D 280 22.25 -9.76 -12.33
CA ALA D 280 23.26 -9.83 -13.38
C ALA D 280 23.90 -8.50 -13.70
N LEU D 281 23.10 -7.45 -13.79
CA LEU D 281 23.56 -6.20 -14.40
C LEU D 281 23.47 -4.98 -13.50
N GLN D 282 22.41 -4.91 -12.69
CA GLN D 282 22.17 -3.75 -11.82
C GLN D 282 23.38 -3.51 -10.90
N ALA D 283 23.75 -2.25 -10.72
CA ALA D 283 24.91 -1.95 -9.90
C ALA D 283 24.67 -2.27 -8.42
N PRO D 284 25.67 -2.87 -7.75
CA PRO D 284 25.53 -3.33 -6.37
C PRO D 284 25.18 -2.22 -5.38
N ASN D 285 25.46 -0.97 -5.75
CA ASN D 285 25.17 0.18 -4.89
C ASN D 285 23.73 0.68 -5.01
N GLU D 286 22.94 -0.01 -5.84
CA GLU D 286 21.54 0.35 -6.00
C GLU D 286 20.67 -0.44 -5.05
N SER D 287 19.55 0.18 -4.68
CA SER D 287 18.70 -0.32 -3.61
C SER D 287 18.01 -1.65 -3.96
N GLY D 288 17.93 -2.01 -5.24
CA GLY D 288 17.24 -3.23 -5.56
C GLY D 288 18.16 -4.27 -6.19
N SER D 289 19.46 -4.13 -5.95
CA SER D 289 20.38 -5.15 -6.39
C SER D 289 20.31 -6.36 -5.48
N VAL D 290 20.62 -7.51 -6.05
CA VAL D 290 20.77 -8.72 -5.27
C VAL D 290 22.11 -9.34 -5.65
N SER D 291 22.77 -9.99 -4.70
CA SER D 291 24.07 -10.56 -4.99
C SER D 291 23.99 -12.07 -5.07
N GLU D 292 22.82 -12.62 -4.78
CA GLU D 292 22.62 -14.06 -4.73
C GLU D 292 21.78 -14.59 -5.88
N TRP D 293 22.18 -15.72 -6.45
CA TRP D 293 21.36 -16.38 -7.46
C TRP D 293 21.46 -17.85 -7.15
N SER D 294 20.34 -18.54 -7.12
CA SER D 294 20.38 -19.95 -6.79
C SER D 294 19.50 -20.76 -7.72
N VAL D 295 20.06 -21.88 -8.18
CA VAL D 295 19.36 -22.78 -9.09
C VAL D 295 18.07 -23.34 -8.46
N ASN D 296 17.97 -23.21 -7.14
CA ASN D 296 16.83 -23.71 -6.40
C ASN D 296 15.79 -22.65 -6.12
N SER D 297 16.07 -21.44 -6.56
CA SER D 297 15.15 -20.33 -6.36
C SER D 297 14.23 -20.06 -7.54
N GLU D 298 12.96 -20.29 -7.26
CA GLU D 298 11.86 -20.02 -8.16
C GLU D 298 11.98 -18.62 -8.74
N GLU D 299 12.44 -17.67 -7.94
CA GLU D 299 12.62 -16.28 -8.38
C GLU D 299 13.86 -16.07 -9.19
N SER D 300 14.94 -16.76 -8.86
CA SER D 300 16.17 -16.62 -9.66
C SER D 300 15.96 -17.12 -11.05
N ARG D 301 15.17 -18.19 -11.20
CA ARG D 301 14.97 -18.79 -12.51
C ARG D 301 13.90 -18.08 -13.35
N ARG D 302 12.97 -17.42 -12.67
CA ARG D 302 11.74 -16.97 -13.30
C ARG D 302 11.96 -16.15 -14.58
N ASP D 303 12.81 -15.12 -14.52
CA ASP D 303 12.95 -14.20 -15.64
C ASP D 303 13.60 -14.83 -16.86
N ILE D 304 14.45 -15.82 -16.60
CA ILE D 304 15.12 -16.55 -17.65
C ILE D 304 14.15 -17.46 -18.37
N ASP D 305 13.38 -18.22 -17.60
CA ASP D 305 12.37 -19.12 -18.16
C ASP D 305 11.38 -18.35 -19.01
N TYR D 306 11.00 -17.16 -18.57
CA TYR D 306 9.96 -16.40 -19.26
C TYR D 306 10.35 -15.99 -20.67
N PHE D 307 11.46 -15.28 -20.83
CA PHE D 307 11.77 -14.75 -22.16
C PHE D 307 12.23 -15.85 -23.13
N MET D 308 12.97 -16.84 -22.61
CA MET D 308 13.48 -17.92 -23.44
C MET D 308 12.32 -18.78 -23.94
N ASP D 309 11.30 -18.95 -23.11
CA ASP D 309 10.11 -19.64 -23.55
C ASP D 309 9.48 -18.89 -24.71
N LYS D 310 9.48 -17.57 -24.62
CA LYS D 310 8.81 -16.80 -25.63
C LYS D 310 9.57 -16.89 -26.94
N LEU D 311 10.89 -16.84 -26.87
CA LEU D 311 11.72 -16.88 -28.06
C LEU D 311 11.58 -18.27 -28.70
N TYR D 312 11.40 -19.28 -27.86
CA TYR D 312 11.19 -20.60 -28.38
C TYR D 312 9.83 -20.67 -29.09
N ASP D 313 8.79 -20.15 -28.45
CA ASP D 313 7.43 -20.24 -29.00
C ASP D 313 7.27 -19.51 -30.32
N LYS D 314 7.84 -18.31 -30.40
CA LYS D 314 7.71 -17.52 -31.61
C LYS D 314 8.73 -17.93 -32.67
N PHE D 315 9.94 -18.33 -32.27
CA PHE D 315 10.98 -18.51 -33.26
C PHE D 315 11.49 -19.95 -33.43
N VAL D 316 12.19 -20.45 -32.41
CA VAL D 316 12.84 -21.76 -32.50
C VAL D 316 11.87 -22.89 -32.87
N SER D 317 10.71 -22.87 -32.22
CA SER D 317 9.67 -23.86 -32.45
C SER D 317 9.07 -23.72 -33.86
N LYS D 318 9.41 -22.65 -34.58
CA LYS D 318 8.96 -22.52 -35.96
C LYS D 318 10.14 -22.67 -36.94
N GLY D 319 11.32 -22.95 -36.41
CA GLY D 319 12.50 -23.20 -37.24
C GLY D 319 13.39 -22.00 -37.45
N ILE D 320 13.01 -20.88 -36.88
CA ILE D 320 13.82 -19.68 -37.06
C ILE D 320 14.92 -19.66 -36.02
N PRO D 321 16.17 -19.48 -36.46
CA PRO D 321 17.33 -19.49 -35.55
C PRO D 321 17.31 -18.28 -34.60
N VAL D 322 17.68 -18.53 -33.34
CA VAL D 322 17.81 -17.46 -32.35
C VAL D 322 19.17 -17.57 -31.72
N VAL D 323 19.85 -16.45 -31.56
CA VAL D 323 21.11 -16.42 -30.85
C VAL D 323 21.14 -15.29 -29.83
N ILE D 324 21.52 -15.62 -28.60
CA ILE D 324 21.75 -14.60 -27.60
C ILE D 324 23.21 -14.16 -27.68
N GLY D 325 23.43 -13.00 -28.29
CA GLY D 325 24.77 -12.46 -28.51
C GLY D 325 25.44 -11.86 -27.29
N GLU D 326 24.66 -11.41 -26.32
CA GLU D 326 25.22 -10.90 -25.06
C GLU D 326 24.46 -11.44 -23.87
N PHE D 327 25.20 -11.88 -22.86
CA PHE D 327 24.62 -12.22 -21.57
C PHE D 327 25.76 -12.33 -20.57
N GLY D 328 25.41 -12.41 -19.29
CA GLY D 328 26.41 -12.60 -18.26
C GLY D 328 25.99 -11.97 -16.94
N ALA D 329 26.78 -12.18 -15.89
CA ALA D 329 26.46 -11.63 -14.58
C ALA D 329 27.70 -11.00 -13.95
N ARG D 330 27.59 -9.72 -13.61
CA ARG D 330 28.72 -8.95 -13.09
C ARG D 330 29.13 -9.44 -11.72
N ASP D 331 30.44 -9.45 -11.46
CA ASP D 331 30.92 -9.86 -10.15
C ASP D 331 30.41 -8.85 -9.12
N LYS D 332 29.74 -9.34 -8.10
CA LYS D 332 29.33 -8.51 -6.99
C LYS D 332 29.99 -8.96 -5.69
N ASN D 333 31.11 -8.32 -5.34
CA ASN D 333 31.87 -8.66 -4.13
C ASN D 333 32.20 -10.13 -3.89
N GLY D 334 32.65 -10.82 -4.93
CA GLY D 334 33.12 -12.18 -4.79
C GLY D 334 32.02 -13.21 -4.79
N ASN D 335 30.84 -12.86 -5.27
CA ASN D 335 29.70 -13.77 -5.28
C ASN D 335 29.80 -14.87 -6.34
N LEU D 336 30.90 -15.61 -6.30
CA LEU D 336 31.22 -16.60 -7.32
C LEU D 336 30.21 -17.73 -7.44
N GLN D 337 29.83 -18.30 -6.31
CA GLN D 337 28.98 -19.47 -6.30
C GLN D 337 27.70 -19.18 -7.03
N SER D 338 27.14 -17.99 -6.78
CA SER D 338 25.90 -17.57 -7.42
C SER D 338 26.09 -17.43 -8.93
N ARG D 339 27.19 -16.79 -9.34
CA ARG D 339 27.48 -16.58 -10.75
C ARG D 339 27.69 -17.94 -11.44
N VAL D 340 28.29 -18.89 -10.73
CA VAL D 340 28.45 -20.23 -11.29
C VAL D 340 27.07 -20.88 -11.48
N GLU D 341 26.22 -20.85 -10.46
CA GLU D 341 24.89 -21.44 -10.59
C GLU D 341 24.14 -20.71 -11.70
N PHE D 342 24.35 -19.41 -11.79
CA PHE D 342 23.72 -18.61 -12.83
C PHE D 342 24.10 -19.07 -14.23
N ALA D 343 25.40 -19.07 -14.48
CA ALA D 343 25.91 -19.34 -15.81
C ALA D 343 25.43 -20.69 -16.31
N ALA D 344 25.59 -21.72 -15.49
CA ALA D 344 25.18 -23.07 -15.89
C ALA D 344 23.67 -23.13 -16.17
N TYR D 345 22.85 -22.46 -15.39
CA TYR D 345 21.41 -22.51 -15.65
C TYR D 345 21.07 -21.82 -16.95
N TYR D 346 21.66 -20.66 -17.15
CA TYR D 346 21.32 -19.84 -18.30
C TYR D 346 21.62 -20.58 -19.62
N VAL D 347 22.81 -21.20 -19.70
CA VAL D 347 23.22 -21.92 -20.90
C VAL D 347 22.36 -23.15 -21.18
N ARG D 348 22.06 -23.90 -20.12
CA ARG D 348 21.20 -25.07 -20.23
C ARG D 348 19.78 -24.68 -20.61
N ALA D 349 19.25 -23.66 -19.95
CA ALA D 349 17.89 -23.22 -20.21
C ALA D 349 17.71 -22.84 -21.67
N ALA D 350 18.76 -22.27 -22.24
CA ALA D 350 18.75 -21.87 -23.63
C ALA D 350 18.93 -23.08 -24.54
N ARG D 351 19.88 -23.95 -24.23
CA ARG D 351 20.17 -25.10 -25.09
C ARG D 351 18.95 -26.02 -25.18
N ALA D 352 18.27 -26.24 -24.08
CA ALA D 352 17.04 -27.06 -24.09
C ALA D 352 16.00 -26.45 -25.05
N ARG D 353 16.15 -25.17 -25.35
CA ARG D 353 15.26 -24.47 -26.25
C ARG D 353 15.89 -24.15 -27.63
N GLY D 354 17.08 -24.70 -27.88
CA GLY D 354 17.76 -24.55 -29.17
C GLY D 354 18.55 -23.27 -29.34
N ILE D 355 18.90 -22.62 -28.24
CA ILE D 355 19.55 -21.32 -28.31
C ILE D 355 20.98 -21.34 -27.78
N THR D 356 21.87 -20.67 -28.51
CA THR D 356 23.27 -20.55 -28.10
C THR D 356 23.52 -19.16 -27.56
N CYS D 357 24.30 -19.04 -26.50
CA CYS D 357 24.54 -17.78 -25.84
C CYS D 357 26.03 -17.36 -25.95
N CYS D 358 26.31 -16.07 -25.72
CA CYS D 358 27.67 -15.55 -25.68
C CYS D 358 27.91 -14.75 -24.44
N TRP D 359 28.87 -15.15 -23.63
CA TRP D 359 29.18 -14.37 -22.43
C TRP D 359 29.93 -13.08 -22.80
N TRP D 360 29.62 -12.01 -22.09
CA TRP D 360 30.30 -10.74 -22.27
C TRP D 360 31.55 -10.68 -21.40
N ASP D 361 32.72 -10.91 -21.99
CA ASP D 361 33.97 -10.81 -21.21
C ASP D 361 34.70 -9.52 -21.54
N ASN D 362 34.74 -8.62 -20.58
CA ASN D 362 35.29 -7.31 -20.82
C ASN D 362 36.58 -7.03 -20.09
N ASN D 363 37.23 -8.11 -19.63
CA ASN D 363 38.55 -8.00 -19.03
C ASN D 363 38.64 -7.09 -17.79
N ALA D 364 37.47 -6.83 -17.19
CA ALA D 364 37.34 -6.01 -15.98
C ALA D 364 37.00 -6.94 -14.83
N PHE D 365 37.71 -6.78 -13.71
CA PHE D 365 37.62 -7.80 -12.66
C PHE D 365 37.34 -7.25 -11.27
N TYR D 366 37.85 -6.05 -11.00
CA TYR D 366 37.68 -5.44 -9.70
C TYR D 366 37.46 -3.96 -9.91
N GLY D 367 36.85 -3.29 -8.94
CA GLY D 367 36.47 -1.89 -9.07
C GLY D 367 34.96 -1.69 -9.06
N ASN D 368 34.52 -0.44 -8.97
CA ASN D 368 33.09 -0.14 -8.88
C ASN D 368 32.40 -0.10 -10.25
N GLY D 369 33.12 -0.57 -11.26
CA GLY D 369 32.62 -0.75 -12.61
C GLY D 369 31.96 -2.12 -12.80
N GLU D 370 31.49 -2.36 -14.01
CA GLU D 370 30.82 -3.61 -14.36
C GLU D 370 31.82 -4.72 -14.65
N ASN D 371 32.21 -5.44 -13.62
CA ASN D 371 33.24 -6.47 -13.75
C ASN D 371 32.67 -7.77 -14.36
N PHE D 372 32.80 -7.93 -15.68
CA PHE D 372 32.27 -9.11 -16.35
C PHE D 372 33.37 -10.05 -16.83
N GLY D 373 34.61 -9.73 -16.50
CA GLY D 373 35.72 -10.51 -17.01
C GLY D 373 35.81 -11.95 -16.55
N LEU D 374 36.19 -12.82 -17.47
CA LEU D 374 36.51 -14.19 -17.15
C LEU D 374 37.99 -14.46 -17.39
N LEU D 375 38.51 -13.97 -18.51
CA LEU D 375 39.90 -14.23 -18.87
C LEU D 375 40.79 -13.02 -18.64
N ASP D 376 41.79 -13.17 -17.78
CA ASP D 376 42.79 -12.11 -17.65
C ASP D 376 43.61 -12.15 -18.93
N ARG D 377 43.46 -11.11 -19.74
CA ARG D 377 44.07 -11.11 -21.05
C ARG D 377 45.60 -10.96 -21.00
N LYS D 378 46.10 -10.33 -19.93
CA LYS D 378 47.52 -10.01 -19.82
C LYS D 378 48.31 -11.17 -19.20
N THR D 379 47.61 -12.16 -18.66
CA THR D 379 48.27 -13.32 -18.05
C THR D 379 47.76 -14.59 -18.70
N LEU D 380 46.80 -14.42 -19.61
CA LEU D 380 46.22 -15.52 -20.35
C LEU D 380 45.67 -16.68 -19.53
N LYS D 381 45.39 -16.44 -18.24
CA LYS D 381 44.85 -17.53 -17.44
C LYS D 381 43.46 -17.12 -16.93
N TRP D 382 42.59 -18.11 -16.79
CA TRP D 382 41.20 -17.89 -16.41
C TRP D 382 40.98 -17.56 -14.93
N VAL D 383 40.60 -16.31 -14.62
CA VAL D 383 40.38 -15.91 -13.24
C VAL D 383 39.23 -16.68 -12.60
N TYR D 384 38.19 -17.00 -13.38
CA TYR D 384 37.09 -17.75 -12.82
C TYR D 384 36.78 -18.98 -13.67
N PRO D 385 37.63 -20.02 -13.59
CA PRO D 385 37.41 -21.23 -14.38
C PRO D 385 36.11 -21.94 -14.02
N GLU D 386 35.62 -21.75 -12.80
CA GLU D 386 34.38 -22.42 -12.40
C GLU D 386 33.25 -21.93 -13.29
N ILE D 387 33.24 -20.64 -13.62
CA ILE D 387 32.16 -20.12 -14.45
C ILE D 387 32.22 -20.72 -15.86
N VAL D 388 33.41 -20.74 -16.43
CA VAL D 388 33.60 -21.33 -17.76
C VAL D 388 33.16 -22.79 -17.82
N SER D 389 33.58 -23.58 -16.85
CA SER D 389 33.22 -24.98 -16.83
C SER D 389 31.74 -25.16 -16.56
N ALA D 390 31.17 -24.26 -15.76
CA ALA D 390 29.75 -24.28 -15.45
C ALA D 390 28.97 -24.14 -16.74
N MET D 391 29.46 -23.27 -17.62
CA MET D 391 28.81 -23.07 -18.90
C MET D 391 29.06 -24.24 -19.82
N MET D 392 30.30 -24.69 -19.87
CA MET D 392 30.68 -25.75 -20.78
C MET D 392 29.95 -27.06 -20.47
N LYS D 393 29.54 -27.23 -19.22
CA LYS D 393 28.84 -28.47 -18.88
C LYS D 393 27.53 -28.56 -19.64
N TYR D 394 26.95 -27.41 -19.98
CA TYR D 394 25.63 -27.38 -20.56
C TYR D 394 25.54 -26.71 -21.91
N ALA D 395 26.65 -26.59 -22.62
CA ALA D 395 26.69 -25.87 -23.89
C ALA D 395 26.24 -26.77 -25.05
N ARG D 396 26.50 -28.07 -24.93
CA ARG D 396 26.04 -29.10 -25.87
C ARG D 396 26.37 -28.84 -27.34
N ALA E 23 52.87 15.62 -23.17
CA ALA E 23 52.05 15.16 -22.04
C ALA E 23 52.65 15.58 -20.70
N LYS E 24 52.97 16.87 -20.50
CA LYS E 24 53.68 17.30 -19.29
C LYS E 24 53.24 18.65 -18.67
N ILE E 25 54.00 19.07 -17.64
CA ILE E 25 53.57 19.96 -16.56
C ILE E 25 53.63 21.48 -16.77
N PRO E 26 52.49 22.17 -16.57
CA PRO E 26 52.38 23.64 -16.67
C PRO E 26 52.87 24.37 -15.41
N GLU E 27 53.14 25.67 -15.56
CA GLU E 27 53.66 26.47 -14.44
C GLU E 27 52.60 27.34 -13.82
N ILE E 28 52.49 27.21 -12.51
CA ILE E 28 51.39 27.81 -11.79
C ILE E 28 51.84 29.03 -11.01
N LYS E 29 51.13 30.13 -11.21
CA LYS E 29 51.41 31.40 -10.55
C LYS E 29 50.32 31.64 -9.50
N ILE E 30 50.58 31.24 -8.25
CA ILE E 30 49.69 31.59 -7.14
C ILE E 30 50.46 32.18 -5.99
N ALA E 31 50.14 33.42 -5.64
CA ALA E 31 50.81 34.04 -4.52
C ALA E 31 50.52 33.22 -3.27
N SER E 32 51.58 32.76 -2.62
CA SER E 32 51.42 32.05 -1.37
C SER E 32 50.74 33.07 -0.46
N ARG E 33 49.73 32.63 0.29
CA ARG E 33 49.01 33.56 1.16
C ARG E 33 49.57 33.47 2.57
N LYS E 34 49.21 34.42 3.43
CA LYS E 34 49.79 34.45 4.76
C LYS E 34 49.31 33.27 5.59
N ILE E 35 50.24 32.44 6.03
CA ILE E 35 49.90 31.30 6.87
C ILE E 35 50.51 31.44 8.27
N PRO E 36 49.67 31.59 9.30
CA PRO E 36 50.16 31.68 10.69
C PRO E 36 51.15 30.57 11.02
N ASN E 37 52.12 30.91 11.85
CA ASN E 37 53.22 30.01 12.17
C ASN E 37 53.08 29.34 13.53
N ASN E 38 52.39 28.21 13.56
CA ASN E 38 52.29 27.39 14.77
C ASN E 38 52.66 25.92 14.49
N ALA E 39 52.72 25.11 15.54
CA ALA E 39 53.12 23.71 15.40
C ALA E 39 52.19 22.96 14.46
N ALA E 40 50.91 23.35 14.48
CA ALA E 40 49.90 22.66 13.71
C ALA E 40 50.08 22.85 12.18
N LEU E 41 50.19 24.10 11.73
CA LEU E 41 50.30 24.33 10.29
C LEU E 41 51.62 23.83 9.75
N LYS E 42 52.65 23.91 10.59
CA LYS E 42 53.95 23.37 10.19
C LYS E 42 53.92 21.84 10.23
N PHE E 43 53.09 21.28 11.11
CA PHE E 43 52.84 19.84 11.12
C PHE E 43 52.22 19.41 9.81
N VAL E 44 51.18 20.14 9.43
CA VAL E 44 50.43 19.89 8.20
C VAL E 44 51.27 20.13 6.96
N LYS E 45 52.10 21.19 6.95
CA LYS E 45 52.91 21.44 5.77
C LYS E 45 53.88 20.25 5.58
N ASP E 46 54.34 19.69 6.70
CA ASP E 46 55.27 18.55 6.63
C ASP E 46 54.60 17.27 6.17
N MET E 47 53.27 17.18 6.27
CA MET E 47 52.63 16.04 5.65
C MET E 47 52.82 16.09 4.14
N LYS E 48 53.07 17.30 3.61
CA LYS E 48 53.42 17.48 2.20
C LYS E 48 52.30 17.11 1.22
N ILE E 49 52.06 15.81 1.07
CA ILE E 49 51.02 15.29 0.20
C ILE E 49 50.73 13.81 0.55
N GLY E 50 49.47 13.41 0.41
CA GLY E 50 49.06 12.09 0.85
C GLY E 50 48.62 11.18 -0.27
N TRP E 51 48.56 9.89 0.04
CA TRP E 51 48.21 8.85 -0.92
C TRP E 51 47.25 7.87 -0.24
N ASN E 52 46.02 7.76 -0.75
CA ASN E 52 45.02 6.90 -0.12
C ASN E 52 45.14 5.46 -0.55
N LEU E 53 45.24 4.56 0.41
CA LEU E 53 45.21 3.14 0.09
C LEU E 53 43.75 2.75 -0.15
N GLY E 54 43.22 3.20 -1.28
CA GLY E 54 41.80 3.06 -1.57
C GLY E 54 41.37 1.69 -2.04
N ASN E 55 40.09 1.39 -1.87
CA ASN E 55 39.52 0.10 -2.24
C ASN E 55 40.22 -1.04 -1.52
N THR E 56 40.79 -0.73 -0.37
CA THR E 56 41.54 -1.72 0.36
C THR E 56 40.81 -2.10 1.63
N PHE E 57 41.19 -1.50 2.75
CA PHE E 57 40.57 -1.88 4.02
C PHE E 57 39.18 -1.30 4.17
N ASP E 58 38.84 -0.39 3.27
CA ASP E 58 37.54 0.24 3.27
C ASP E 58 36.40 -0.65 2.77
N ALA E 59 36.73 -1.70 2.03
CA ALA E 59 35.70 -2.54 1.42
C ALA E 59 34.70 -3.06 2.44
N ALA E 60 33.43 -2.81 2.19
CA ALA E 60 32.41 -3.25 3.12
C ALA E 60 31.20 -3.69 2.34
N PHE E 61 30.66 -4.82 2.77
CA PHE E 61 29.44 -5.36 2.16
C PHE E 61 28.84 -6.42 3.08
N GLU E 62 27.56 -6.72 2.86
CA GLU E 62 26.89 -7.65 3.75
C GLU E 62 26.92 -9.04 3.12
N ASN E 63 26.75 -10.06 3.96
CA ASN E 63 26.70 -11.45 3.53
C ASN E 63 27.84 -11.83 2.60
N PRO E 64 29.09 -11.79 3.10
CA PRO E 64 30.20 -12.25 2.26
C PRO E 64 30.06 -13.74 2.03
N SER E 65 30.49 -14.23 0.87
CA SER E 65 30.42 -15.66 0.59
C SER E 65 31.76 -16.37 0.74
N PHE E 66 32.71 -15.76 1.47
CA PHE E 66 33.99 -16.41 1.76
C PHE E 66 34.12 -16.49 3.28
N ASP E 67 35.11 -17.22 3.77
CA ASP E 67 35.18 -17.43 5.22
C ASP E 67 36.24 -16.61 5.91
N ASP E 68 37.29 -16.24 5.17
CA ASP E 68 38.35 -15.45 5.74
C ASP E 68 38.03 -13.95 5.67
N GLU E 69 37.85 -13.32 6.82
CA GLU E 69 37.52 -11.90 6.86
C GLU E 69 38.66 -11.01 6.35
N LEU E 70 39.85 -11.59 6.19
CA LEU E 70 40.99 -10.83 5.70
C LEU E 70 40.88 -10.51 4.21
N LEU E 71 39.96 -11.17 3.52
CA LEU E 71 39.84 -10.96 2.07
C LEU E 71 39.13 -9.66 1.69
N TYR E 72 38.55 -8.99 2.67
CA TYR E 72 37.96 -7.68 2.44
C TYR E 72 39.05 -6.74 1.95
N GLU E 73 40.29 -7.00 2.38
CA GLU E 73 41.42 -6.16 2.01
C GLU E 73 41.62 -6.15 0.50
N THR E 74 41.24 -7.25 -0.15
CA THR E 74 41.45 -7.36 -1.59
C THR E 74 40.19 -7.50 -2.45
N ALA E 75 39.02 -7.30 -1.86
CA ALA E 75 37.77 -7.50 -2.59
C ALA E 75 37.55 -6.49 -3.70
N TRP E 76 38.15 -5.31 -3.56
CA TRP E 76 37.91 -4.18 -4.46
C TRP E 76 39.15 -3.67 -5.17
N CYS E 77 40.30 -4.17 -4.76
CA CYS E 77 41.58 -3.75 -5.35
C CYS E 77 42.35 -4.92 -5.96
N GLY E 78 42.06 -6.14 -5.53
CA GLY E 78 42.58 -7.32 -6.19
C GLY E 78 44.02 -7.69 -5.88
N VAL E 79 44.66 -6.97 -4.97
CA VAL E 79 46.02 -7.31 -4.58
C VAL E 79 46.33 -7.00 -3.11
N LYS E 80 46.89 -7.98 -2.40
CA LYS E 80 47.21 -7.82 -0.99
C LYS E 80 48.37 -6.82 -0.84
N THR E 81 48.25 -5.94 0.16
CA THR E 81 49.20 -4.86 0.33
C THR E 81 50.55 -5.36 0.87
N THR E 82 51.62 -4.84 0.29
CA THR E 82 52.98 -5.25 0.66
C THR E 82 53.81 -4.06 1.12
N LYS E 83 54.94 -4.34 1.78
CA LYS E 83 55.79 -3.25 2.24
C LYS E 83 56.50 -2.59 1.05
N GLN E 84 56.82 -3.35 0.01
CA GLN E 84 57.49 -2.79 -1.16
C GLN E 84 56.57 -1.79 -1.87
N MET E 85 55.25 -2.01 -1.72
CA MET E 85 54.21 -1.10 -2.21
C MET E 85 54.29 0.22 -1.50
N ILE E 86 54.23 0.17 -0.18
CA ILE E 86 54.29 1.35 0.67
C ILE E 86 55.60 2.10 0.48
N ASP E 87 56.68 1.33 0.32
CA ASP E 87 58.00 1.87 0.05
C ASP E 87 57.95 2.66 -1.23
N THR E 88 57.40 2.03 -2.26
CA THR E 88 57.32 2.63 -3.58
C THR E 88 56.58 3.95 -3.54
N VAL E 89 55.58 4.00 -2.68
CA VAL E 89 54.78 5.20 -2.56
C VAL E 89 55.63 6.34 -1.97
N LYS E 90 56.38 6.10 -0.89
CA LYS E 90 57.24 7.17 -0.36
C LYS E 90 58.36 7.53 -1.33
N LYS E 91 58.92 6.53 -2.02
CA LYS E 91 60.02 6.76 -2.95
C LYS E 91 59.56 7.74 -4.01
N ALA E 92 58.26 7.71 -4.30
CA ALA E 92 57.68 8.57 -5.32
C ALA E 92 57.58 10.02 -4.85
N GLY E 93 57.57 10.23 -3.54
CA GLY E 93 57.52 11.58 -2.97
C GLY E 93 56.43 11.84 -1.95
N PHE E 94 55.56 10.86 -1.73
CA PHE E 94 54.49 10.97 -0.74
C PHE E 94 54.98 10.82 0.71
N ASN E 95 54.71 11.81 1.56
CA ASN E 95 55.09 11.70 2.96
C ASN E 95 53.88 11.36 3.83
N THR E 96 52.71 11.26 3.18
CA THR E 96 51.51 10.85 3.90
C THR E 96 50.77 9.72 3.16
N ILE E 97 50.24 8.80 3.95
CA ILE E 97 49.43 7.71 3.48
C ILE E 97 48.18 7.61 4.33
N ARG E 98 47.01 7.60 3.67
CA ARG E 98 45.73 7.47 4.36
C ARG E 98 45.26 6.04 4.21
N ILE E 99 44.96 5.42 5.34
CA ILE E 99 44.43 4.06 5.35
C ILE E 99 42.98 4.07 5.86
N PRO E 100 42.05 4.05 4.91
CA PRO E 100 40.64 4.03 5.29
C PRO E 100 40.28 2.62 5.76
N VAL E 101 39.58 2.51 6.89
CA VAL E 101 39.19 1.19 7.36
C VAL E 101 37.70 1.09 7.68
N SER E 102 37.05 0.06 7.17
CA SER E 102 35.68 -0.23 7.54
C SER E 102 35.62 -1.40 8.49
N TRP E 103 35.08 -1.14 9.68
CA TRP E 103 35.12 -2.10 10.76
C TRP E 103 33.87 -2.98 10.91
N HIS E 104 32.74 -2.56 10.37
CA HIS E 104 31.47 -3.19 10.74
C HIS E 104 31.35 -4.62 10.23
N ASN E 105 32.12 -4.98 9.23
CA ASN E 105 32.11 -6.37 8.83
C ASN E 105 33.15 -7.19 9.64
N HIS E 106 33.71 -6.55 10.68
CA HIS E 106 34.76 -7.15 11.54
C HIS E 106 34.55 -6.92 13.04
N VAL E 107 33.30 -6.70 13.43
CA VAL E 107 32.97 -6.58 14.83
C VAL E 107 31.97 -7.63 15.17
N THR E 108 32.03 -8.14 16.40
CA THR E 108 31.05 -9.11 16.86
C THR E 108 30.67 -8.80 18.30
N GLY E 109 29.55 -9.38 18.75
CA GLY E 109 29.16 -9.28 20.13
C GLY E 109 28.55 -7.94 20.45
N SER E 110 28.02 -7.81 21.66
CA SER E 110 27.27 -6.62 22.04
C SER E 110 28.14 -5.40 22.35
N ASN E 111 29.46 -5.56 22.39
CA ASN E 111 30.31 -4.39 22.62
C ASN E 111 31.17 -4.05 21.40
N PHE E 112 30.78 -4.56 20.23
CA PHE E 112 31.46 -4.24 18.98
C PHE E 112 32.92 -4.65 19.07
N THR E 113 33.19 -5.93 19.28
CA THR E 113 34.57 -6.34 19.43
C THR E 113 35.24 -6.55 18.05
N ILE E 114 36.25 -5.74 17.78
CA ILE E 114 36.97 -5.85 16.52
C ILE E 114 37.75 -7.16 16.44
N SER E 115 37.60 -7.88 15.33
CA SER E 115 38.31 -9.14 15.16
C SER E 115 39.79 -8.93 15.36
N LYS E 116 40.39 -9.80 16.18
CA LYS E 116 41.79 -9.70 16.55
C LYS E 116 42.60 -9.89 15.26
N ARG E 117 42.11 -10.79 14.40
CA ARG E 117 42.72 -11.06 13.11
C ARG E 117 42.85 -9.77 12.31
N TRP E 118 41.70 -9.12 12.13
CA TRP E 118 41.54 -7.93 11.30
C TRP E 118 42.35 -6.76 11.83
N LEU E 119 42.24 -6.50 13.13
CA LEU E 119 42.96 -5.39 13.73
C LEU E 119 44.46 -5.57 13.58
N ASP E 120 44.92 -6.82 13.68
CA ASP E 120 46.34 -7.14 13.50
C ASP E 120 46.81 -6.81 12.07
N ARG E 121 46.03 -7.22 11.07
CA ARG E 121 46.38 -6.99 9.65
C ARG E 121 46.47 -5.48 9.33
N VAL E 122 45.54 -4.70 9.87
CA VAL E 122 45.59 -3.27 9.65
C VAL E 122 46.90 -2.72 10.22
N GLN E 123 47.25 -3.15 11.42
CA GLN E 123 48.46 -2.68 12.06
C GLN E 123 49.76 -2.93 11.26
N GLN E 124 49.89 -4.09 10.58
CA GLN E 124 51.09 -4.35 9.75
C GLN E 124 51.26 -3.26 8.69
N VAL E 125 50.16 -2.97 8.00
CA VAL E 125 50.14 -1.99 6.94
C VAL E 125 50.42 -0.60 7.50
N VAL E 126 49.98 -0.36 8.73
CA VAL E 126 50.34 0.88 9.38
C VAL E 126 51.83 0.92 9.53
N ASP E 127 52.33 -0.20 10.07
CA ASP E 127 53.74 -0.33 10.39
C ASP E 127 54.61 -0.30 9.14
N TYR E 128 54.08 -0.85 8.04
CA TYR E 128 54.73 -0.71 6.74
C TYR E 128 55.04 0.75 6.52
N ALA E 129 54.09 1.60 6.88
CA ALA E 129 54.21 3.02 6.63
C ALA E 129 55.07 3.75 7.66
N MET E 130 54.95 3.38 8.94
CA MET E 130 55.73 4.02 9.99
C MET E 130 57.22 3.75 9.76
N LYS E 131 57.53 2.53 9.33
CA LYS E 131 58.89 2.11 9.08
C LYS E 131 59.47 2.96 7.95
N ASN E 132 58.58 3.56 7.18
CA ASN E 132 58.96 4.41 6.07
C ASN E 132 58.95 5.87 6.48
N LYS E 133 58.99 6.10 7.81
CA LYS E 133 59.06 7.46 8.38
C LYS E 133 57.86 8.35 8.02
N MET E 134 56.74 7.73 7.69
CA MET E 134 55.59 8.47 7.19
C MET E 134 54.52 8.88 8.20
N TYR E 135 53.70 9.81 7.75
CA TYR E 135 52.47 10.19 8.41
C TYR E 135 51.38 9.22 8.02
N VAL E 136 50.57 8.79 8.98
CA VAL E 136 49.53 7.82 8.67
C VAL E 136 48.17 8.28 9.21
N ILE E 137 47.11 8.08 8.41
CA ILE E 137 45.76 8.36 8.85
C ILE E 137 44.92 7.08 8.83
N ILE E 138 44.28 6.77 9.95
CA ILE E 138 43.30 5.69 10.00
C ILE E 138 41.96 6.27 10.46
N ASN E 139 40.84 5.64 10.08
CA ASN E 139 39.49 6.15 10.41
C ASN E 139 38.42 5.07 10.56
N ILE E 140 37.17 5.53 10.67
CA ILE E 140 35.99 4.72 10.43
C ILE E 140 35.46 5.14 9.07
N HIS E 141 35.32 4.21 8.14
CA HIS E 141 34.99 4.54 6.74
C HIS E 141 33.53 4.19 6.40
N HIS E 142 33.32 3.08 5.69
CA HIS E 142 31.98 2.70 5.25
C HIS E 142 31.19 2.00 6.36
N ASP E 143 31.07 2.66 7.49
CA ASP E 143 30.25 2.16 8.59
C ASP E 143 29.03 3.04 8.83
N ILE E 144 28.69 3.81 7.80
CA ILE E 144 27.58 4.72 7.92
C ILE E 144 26.27 3.98 7.66
N MET E 145 25.56 3.66 8.73
CA MET E 145 24.55 2.62 8.70
C MET E 145 23.84 2.62 10.05
N PRO E 146 22.50 2.56 10.06
CA PRO E 146 21.82 2.46 11.35
C PRO E 146 22.21 1.17 12.08
N GLY E 147 22.55 1.26 13.37
CA GLY E 147 23.06 0.12 14.11
C GLY E 147 24.57 0.21 14.32
N TYR E 148 25.21 1.05 13.51
CA TYR E 148 26.62 1.40 13.70
C TYR E 148 26.77 2.92 13.78
N TYR E 149 27.47 3.54 12.83
CA TYR E 149 27.57 5.00 12.83
C TYR E 149 26.43 5.60 12.03
N TYR E 150 25.54 6.32 12.70
CA TYR E 150 24.46 7.01 12.02
C TYR E 150 24.03 8.24 12.81
N PRO E 151 24.18 9.43 12.21
CA PRO E 151 24.05 10.73 12.86
C PRO E 151 22.64 11.30 12.91
N ASN E 152 21.76 10.71 13.71
CA ASN E 152 20.47 11.34 13.99
C ASN E 152 20.01 10.96 15.38
N SER E 153 18.95 11.60 15.85
CA SER E 153 18.57 11.46 17.23
C SER E 153 18.10 10.05 17.48
N GLN E 154 17.46 9.43 16.49
CA GLN E 154 16.91 8.10 16.72
C GLN E 154 18.01 7.04 16.90
N HIS E 155 19.14 7.24 16.26
CA HIS E 155 20.14 6.20 16.28
C HIS E 155 21.39 6.67 16.99
N LEU E 156 21.32 7.83 17.61
CA LEU E 156 22.52 8.41 18.20
C LEU E 156 23.10 7.58 19.35
N GLN E 157 22.24 7.00 20.20
CA GLN E 157 22.80 6.42 21.42
C GLN E 157 23.61 5.19 21.01
N THR E 158 23.10 4.44 20.05
CA THR E 158 23.84 3.30 19.51
C THR E 158 25.08 3.81 18.74
N SER E 159 24.95 4.92 18.02
CA SER E 159 26.09 5.49 17.30
C SER E 159 27.18 5.86 18.30
N ILE E 160 26.77 6.46 19.40
CA ILE E 160 27.71 6.82 20.45
C ILE E 160 28.45 5.61 20.96
N LYS E 161 27.71 4.55 21.23
CA LYS E 161 28.28 3.35 21.78
C LYS E 161 29.30 2.80 20.83
N TYR E 162 28.97 2.85 19.54
CA TYR E 162 29.85 2.35 18.50
C TYR E 162 31.14 3.17 18.36
N VAL E 163 31.01 4.49 18.31
CA VAL E 163 32.21 5.32 18.22
C VAL E 163 33.10 5.09 19.43
N LYS E 164 32.47 4.99 20.60
CA LYS E 164 33.21 4.81 21.85
C LYS E 164 33.91 3.46 21.83
N SER E 165 33.21 2.44 21.35
CA SER E 165 33.73 1.09 21.31
C SER E 165 34.90 0.93 20.35
N ILE E 166 34.72 1.39 19.12
CA ILE E 166 35.73 1.20 18.08
C ILE E 166 37.03 1.92 18.43
N TRP E 167 36.89 3.17 18.86
CA TRP E 167 38.06 3.99 19.12
C TRP E 167 38.79 3.61 20.41
N THR E 168 38.06 3.05 21.38
CA THR E 168 38.75 2.56 22.57
C THR E 168 39.73 1.47 22.13
N GLN E 169 39.21 0.50 21.37
CA GLN E 169 40.01 -0.64 20.92
C GLN E 169 41.15 -0.18 20.00
N VAL E 170 40.87 0.69 19.01
CA VAL E 170 41.90 1.13 18.07
C VAL E 170 42.96 2.01 18.74
N ALA E 171 42.54 3.02 19.50
CA ALA E 171 43.48 3.93 20.17
C ALA E 171 44.30 3.23 21.25
N THR E 172 43.73 2.18 21.83
CA THR E 172 44.46 1.42 22.83
C THR E 172 45.65 0.71 22.21
N ARG E 173 45.44 0.07 21.06
CA ARG E 173 46.54 -0.61 20.37
C ARG E 173 47.59 0.33 19.84
N PHE E 174 47.18 1.53 19.44
CA PHE E 174 48.12 2.44 18.81
C PHE E 174 48.55 3.49 19.83
N LYS E 175 48.42 3.12 21.11
CA LYS E 175 48.68 4.00 22.24
C LYS E 175 50.04 4.66 22.15
N ASN E 176 51.04 3.88 21.74
CA ASN E 176 52.43 4.31 21.82
C ASN E 176 53.06 4.75 20.52
N TYR E 177 52.28 4.78 19.45
CA TYR E 177 52.79 5.28 18.17
C TYR E 177 53.02 6.79 18.27
N ASN E 178 53.96 7.31 17.47
CA ASN E 178 54.35 8.70 17.61
C ASN E 178 53.40 9.67 16.93
N ASP E 179 53.76 10.96 16.94
CA ASP E 179 52.89 12.02 16.42
C ASP E 179 52.59 11.87 14.92
N HIS E 180 53.28 10.95 14.25
CA HIS E 180 53.04 10.73 12.82
C HIS E 180 51.72 10.01 12.56
N LEU E 181 51.19 9.35 13.58
CA LEU E 181 49.96 8.60 13.45
C LEU E 181 48.77 9.51 13.69
N ILE E 182 47.80 9.45 12.78
CA ILE E 182 46.64 10.33 12.84
C ILE E 182 45.28 9.62 12.93
N PHE E 183 44.47 10.05 13.89
CA PHE E 183 43.14 9.47 14.04
C PHE E 183 42.09 10.39 13.40
N GLU E 184 41.36 9.82 12.44
CA GLU E 184 40.27 10.52 11.77
C GLU E 184 38.96 9.94 12.27
N ALA E 185 38.16 10.77 12.96
CA ALA E 185 36.92 10.35 13.63
C ALA E 185 36.08 9.43 12.78
N VAL E 186 35.79 9.88 11.56
CA VAL E 186 34.95 9.16 10.62
C VAL E 186 35.05 9.83 9.25
N ASN E 187 34.86 9.04 8.20
CA ASN E 187 34.89 9.47 6.80
C ASN E 187 33.50 9.70 6.23
N GLU E 188 33.19 10.94 5.87
CA GLU E 188 31.90 11.26 5.24
C GLU E 188 30.63 10.77 5.98
N PRO E 189 30.43 11.19 7.25
CA PRO E 189 29.26 10.80 8.03
C PRO E 189 28.00 11.48 7.52
N ARG E 190 26.92 10.73 7.30
CA ARG E 190 25.74 11.31 6.67
C ARG E 190 24.50 10.43 6.83
N LEU E 191 23.33 10.98 6.48
CA LEU E 191 22.07 10.25 6.54
C LEU E 191 21.86 9.42 5.27
N THR E 192 22.51 8.27 5.20
CA THR E 192 22.33 7.38 4.06
C THR E 192 20.89 6.90 3.99
N GLY E 193 20.41 6.64 2.78
CA GLY E 193 19.07 6.12 2.60
C GLY E 193 18.03 7.21 2.65
N SER E 194 18.48 8.37 3.10
CA SER E 194 17.64 9.53 3.27
C SER E 194 17.66 10.44 2.05
N ARG E 195 16.72 11.38 2.04
CA ARG E 195 16.58 12.37 0.99
C ARG E 195 17.54 13.54 1.13
N PHE E 196 18.42 13.48 2.14
CA PHE E 196 19.49 14.48 2.29
C PHE E 196 20.88 13.91 2.42
N GLU E 197 21.13 12.73 1.87
CA GLU E 197 22.40 12.06 2.13
C GLU E 197 23.63 12.91 1.85
N TRP E 198 23.56 13.69 0.78
CA TRP E 198 24.73 14.42 0.29
C TRP E 198 24.60 15.92 0.41
N TRP E 199 23.37 16.41 0.58
CA TRP E 199 23.11 17.85 0.74
C TRP E 199 22.21 18.20 1.92
N LEU E 200 22.48 19.35 2.53
CA LEU E 200 21.77 19.79 3.73
C LEU E 200 20.86 21.01 3.44
N ASP E 201 19.66 20.97 4.00
CA ASP E 201 18.78 22.14 4.06
C ASP E 201 18.70 22.59 5.52
N MET E 202 19.47 23.62 5.88
CA MET E 202 19.54 24.02 7.28
C MET E 202 18.23 24.60 7.85
N ASN E 203 17.23 24.73 6.99
CA ASN E 203 15.91 25.14 7.42
C ASN E 203 15.05 23.94 7.88
N ASN E 204 15.40 22.75 7.40
CA ASN E 204 14.77 21.47 7.76
C ASN E 204 15.32 20.93 9.09
N PRO E 205 14.42 20.57 10.02
CA PRO E 205 14.89 20.15 11.34
C PRO E 205 15.68 18.84 11.29
N GLU E 206 15.33 18.00 10.34
CA GLU E 206 16.01 16.72 10.15
C GLU E 206 17.50 16.95 9.83
N CYS E 207 17.78 17.96 9.01
CA CYS E 207 19.14 18.27 8.65
C CYS E 207 19.93 18.87 9.81
N ARG E 208 19.31 19.78 10.56
CA ARG E 208 19.99 20.42 11.68
C ARG E 208 20.38 19.36 12.72
N ASP E 209 19.51 18.37 12.86
CA ASP E 209 19.72 17.28 13.80
C ASP E 209 20.96 16.49 13.47
N ALA E 210 21.15 16.19 12.18
CA ALA E 210 22.33 15.45 11.72
C ALA E 210 23.62 16.22 12.02
N VAL E 211 23.60 17.52 11.75
CA VAL E 211 24.74 18.39 12.02
C VAL E 211 25.11 18.31 13.51
N GLU E 212 24.09 18.29 14.35
CA GLU E 212 24.29 18.27 15.78
C GLU E 212 24.81 16.91 16.22
N ALA E 213 24.28 15.87 15.61
CA ALA E 213 24.69 14.52 15.94
C ALA E 213 26.18 14.32 15.71
N ILE E 214 26.65 14.84 14.58
CA ILE E 214 28.05 14.75 14.18
C ILE E 214 28.96 15.45 15.15
N ASN E 215 28.55 16.65 15.59
CA ASN E 215 29.30 17.40 16.59
C ASN E 215 29.46 16.55 17.83
N LYS E 216 28.36 15.91 18.20
CA LYS E 216 28.27 15.10 19.40
C LYS E 216 29.16 13.87 19.23
N LEU E 217 29.08 13.25 18.06
CA LEU E 217 29.88 12.06 17.82
C LEU E 217 31.36 12.39 17.67
N ASN E 218 31.66 13.58 17.16
CA ASN E 218 33.06 14.00 17.08
C ASN E 218 33.61 14.26 18.48
N GLN E 219 32.74 14.82 19.31
CA GLN E 219 33.08 15.10 20.70
C GLN E 219 33.33 13.80 21.46
N VAL E 220 32.49 12.79 21.23
CA VAL E 220 32.70 11.47 21.83
C VAL E 220 34.03 10.89 21.34
N PHE E 221 34.29 11.03 20.04
CA PHE E 221 35.52 10.54 19.45
C PHE E 221 36.72 11.11 20.18
N VAL E 222 36.79 12.43 20.30
CA VAL E 222 37.92 13.09 20.97
C VAL E 222 38.05 12.69 22.44
N ASP E 223 36.93 12.65 23.14
CA ASP E 223 36.93 12.23 24.54
C ASP E 223 37.49 10.81 24.67
N THR E 224 37.03 9.92 23.79
CA THR E 224 37.45 8.52 23.85
C THR E 224 38.92 8.45 23.60
N VAL E 225 39.39 9.14 22.59
CA VAL E 225 40.79 9.00 22.26
C VAL E 225 41.68 9.52 23.39
N ARG E 226 41.41 10.70 23.92
CA ARG E 226 42.22 11.25 25.01
C ARG E 226 42.18 10.35 26.28
N SER E 227 41.11 9.58 26.51
CA SER E 227 41.02 8.77 27.75
C SER E 227 41.88 7.47 27.78
N THR E 228 42.49 7.10 26.67
CA THR E 228 43.24 5.85 26.60
C THR E 228 44.73 5.99 26.95
N GLY E 229 45.14 7.21 27.30
CA GLY E 229 46.49 7.46 27.77
C GLY E 229 47.59 7.31 26.72
N GLY E 230 48.83 7.09 27.16
CA GLY E 230 49.95 6.99 26.24
C GLY E 230 50.06 8.29 25.47
N ASN E 231 50.38 8.18 24.18
CA ASN E 231 50.49 9.36 23.33
C ASN E 231 49.14 9.70 22.67
N ASN E 232 48.08 9.10 23.18
CA ASN E 232 46.76 9.46 22.71
C ASN E 232 46.32 10.80 23.29
N VAL E 233 47.12 11.34 24.21
CA VAL E 233 46.77 12.61 24.85
C VAL E 233 47.26 13.79 24.04
N SER E 234 48.17 13.55 23.10
CA SER E 234 48.78 14.66 22.36
C SER E 234 48.72 14.44 20.86
N ARG E 235 47.99 13.44 20.42
CA ARG E 235 47.92 13.17 18.98
C ARG E 235 47.08 14.17 18.24
N TYR E 236 47.42 14.41 16.98
CA TYR E 236 46.52 15.15 16.11
C TYR E 236 45.32 14.28 15.72
N LEU E 237 44.14 14.85 15.78
CA LEU E 237 42.94 14.11 15.43
C LEU E 237 42.26 14.81 14.26
N MET E 238 41.68 14.05 13.35
CA MET E 238 40.91 14.66 12.26
C MET E 238 39.42 14.44 12.45
N VAL E 239 38.65 15.51 12.23
CA VAL E 239 37.18 15.40 12.25
C VAL E 239 36.62 16.03 10.98
N PRO E 240 35.58 15.39 10.38
CA PRO E 240 34.87 15.94 9.22
C PRO E 240 33.55 16.56 9.67
N GLY E 241 32.98 17.37 8.79
CA GLY E 241 31.61 17.80 8.97
C GLY E 241 30.69 16.85 8.23
N TYR E 242 29.45 17.26 7.99
CA TYR E 242 28.52 16.40 7.29
C TYR E 242 29.12 16.04 5.94
N ALA E 243 29.17 14.74 5.67
CA ALA E 243 29.66 14.21 4.41
C ALA E 243 31.08 14.65 4.06
N ALA E 244 31.81 15.14 5.07
CA ALA E 244 33.15 15.63 4.89
C ALA E 244 33.21 16.72 3.83
N ALA E 245 32.06 17.32 3.55
CA ALA E 245 31.96 18.37 2.56
C ALA E 245 32.49 19.65 3.18
N PRO E 246 33.20 20.45 2.38
CA PRO E 246 33.71 21.73 2.91
C PRO E 246 32.59 22.57 3.48
N GLU E 247 31.46 22.60 2.79
CA GLU E 247 30.33 23.48 3.16
C GLU E 247 29.84 23.28 4.59
N TYR E 248 29.95 22.06 5.09
CA TYR E 248 29.33 21.73 6.36
C TYR E 248 30.34 21.77 7.51
N VAL E 249 31.52 22.32 7.23
CA VAL E 249 32.38 22.82 8.30
C VAL E 249 32.48 24.34 8.19
N LEU E 250 31.94 24.89 7.11
CA LEU E 250 31.94 26.34 6.93
C LEU E 250 30.73 26.96 7.64
N ILE E 251 29.65 26.19 7.77
CA ILE E 251 28.45 26.65 8.47
C ILE E 251 28.71 26.88 9.96
N ASP E 252 27.99 27.83 10.56
CA ASP E 252 28.26 28.19 11.94
C ASP E 252 27.96 27.04 12.88
N GLU E 253 27.03 26.18 12.48
CA GLU E 253 26.57 25.08 13.31
C GLU E 253 27.65 24.02 13.57
N PHE E 254 28.68 23.99 12.74
CA PHE E 254 29.76 23.05 12.94
C PHE E 254 30.55 23.48 14.12
N LYS E 255 30.81 22.53 15.02
CA LYS E 255 31.53 22.81 16.26
C LYS E 255 32.82 22.01 16.32
N ILE E 256 33.94 22.70 16.47
CA ILE E 256 35.18 21.99 16.79
C ILE E 256 35.09 21.45 18.21
N PRO E 257 35.26 20.12 18.35
CA PRO E 257 35.08 19.45 19.64
C PRO E 257 35.99 20.07 20.69
N LYS E 258 35.57 20.00 21.94
CA LYS E 258 36.36 20.56 23.02
C LYS E 258 37.48 19.55 23.30
N ASP E 259 38.69 20.06 23.48
CA ASP E 259 39.85 19.20 23.55
C ASP E 259 40.43 19.19 24.95
N SER E 260 40.45 18.01 25.56
CA SER E 260 40.97 17.86 26.92
C SER E 260 42.50 17.81 26.98
N SER E 261 43.15 17.95 25.84
CA SER E 261 44.59 17.86 25.82
C SER E 261 45.20 19.09 26.44
N LYS E 262 46.43 18.94 26.90
CA LYS E 262 47.16 20.04 27.52
C LYS E 262 48.06 20.68 26.46
N TYR E 263 48.09 20.04 25.28
CA TYR E 263 48.72 20.60 24.10
C TYR E 263 47.62 21.24 23.24
N LYS E 264 47.71 22.54 23.06
CA LYS E 264 46.64 23.30 22.43
C LYS E 264 46.67 23.08 20.93
N ASN E 265 45.52 23.24 20.26
CA ASN E 265 45.44 23.23 18.81
C ASN E 265 45.97 21.95 18.14
N ARG E 266 45.38 20.84 18.53
CA ARG E 266 45.79 19.56 17.98
C ARG E 266 44.60 18.88 17.28
N ILE E 267 43.56 19.65 16.95
CA ILE E 267 42.43 19.15 16.17
C ILE E 267 42.42 19.69 14.74
N ILE E 268 42.31 18.78 13.77
CA ILE E 268 42.30 19.13 12.32
C ILE E 268 40.95 18.98 11.59
N ILE E 269 40.61 20.00 10.80
CA ILE E 269 39.42 19.96 9.98
C ILE E 269 39.62 19.04 8.75
N SER E 270 38.71 18.08 8.57
CA SER E 270 38.78 17.12 7.47
C SER E 270 37.74 17.46 6.40
N VAL E 271 38.18 17.59 5.14
CA VAL E 271 37.24 17.75 4.02
C VAL E 271 37.64 16.92 2.80
N HIS E 272 36.66 16.52 1.98
CA HIS E 272 36.95 15.88 0.69
C HIS E 272 36.39 16.76 -0.41
N ALA E 273 37.09 16.82 -1.53
CA ALA E 273 36.64 17.68 -2.63
C ALA E 273 37.12 17.23 -3.97
N TYR E 274 36.38 16.35 -4.65
CA TYR E 274 36.72 16.03 -6.03
C TYR E 274 36.07 17.11 -6.93
N ARG E 275 36.59 18.32 -6.88
CA ARG E 275 35.97 19.45 -7.56
C ARG E 275 36.92 20.07 -8.56
N PRO E 276 36.39 20.54 -9.70
CA PRO E 276 35.00 20.56 -10.11
C PRO E 276 34.49 19.17 -10.45
N TYR E 277 33.31 18.85 -9.91
CA TYR E 277 32.72 17.53 -9.97
C TYR E 277 32.61 16.99 -11.40
N ASN E 278 32.21 17.84 -12.33
CA ASN E 278 31.98 17.39 -13.70
C ASN E 278 33.20 16.82 -14.42
N PHE E 279 34.38 17.27 -14.00
CA PHE E 279 35.62 16.77 -14.54
C PHE E 279 36.18 15.65 -13.69
N ALA E 280 36.19 15.87 -12.38
CA ALA E 280 36.92 14.99 -11.45
C ALA E 280 36.20 13.67 -11.20
N LEU E 281 34.88 13.75 -11.04
CA LEU E 281 34.15 12.62 -10.49
C LEU E 281 32.96 12.16 -11.34
N GLN E 282 32.29 13.11 -11.98
CA GLN E 282 31.06 12.78 -12.72
C GLN E 282 31.28 11.73 -13.80
N ALA E 283 30.32 10.84 -13.95
CA ALA E 283 30.40 9.78 -14.94
C ALA E 283 30.47 10.30 -16.38
N PRO E 284 31.34 9.69 -17.21
CA PRO E 284 31.53 10.12 -18.60
C PRO E 284 30.25 10.01 -19.42
N ASN E 285 29.29 9.18 -19.00
CA ASN E 285 28.04 8.98 -19.76
C ASN E 285 26.98 10.06 -19.54
N GLU E 286 27.30 11.04 -18.71
CA GLU E 286 26.35 12.10 -18.39
C GLU E 286 26.53 13.37 -19.21
N SER E 287 25.42 14.09 -19.39
CA SER E 287 25.44 15.31 -20.19
C SER E 287 26.20 16.48 -19.56
N GLY E 288 26.45 16.41 -18.26
CA GLY E 288 27.07 17.54 -17.60
C GLY E 288 28.51 17.23 -17.29
N SER E 289 28.94 16.02 -17.65
CA SER E 289 30.32 15.60 -17.49
C SER E 289 31.19 16.32 -18.49
N VAL E 290 32.43 16.55 -18.08
CA VAL E 290 33.45 17.12 -18.97
C VAL E 290 34.72 16.26 -18.90
N SER E 291 35.49 16.22 -19.98
CA SER E 291 36.70 15.42 -19.96
C SER E 291 37.94 16.27 -19.87
N GLU E 292 37.81 17.53 -20.27
CA GLU E 292 38.98 18.38 -20.37
C GLU E 292 38.99 19.49 -19.30
N TRP E 293 40.20 19.81 -18.82
CA TRP E 293 40.45 20.81 -17.78
C TRP E 293 41.68 21.62 -18.18
N SER E 294 41.62 22.93 -18.01
CA SER E 294 42.71 23.81 -18.39
C SER E 294 43.01 24.81 -17.28
N VAL E 295 44.30 25.00 -16.99
CA VAL E 295 44.72 26.04 -16.07
C VAL E 295 44.36 27.40 -16.68
N ASN E 296 44.14 27.40 -17.99
CA ASN E 296 43.88 28.63 -18.73
C ASN E 296 42.39 28.98 -18.74
N SER E 297 41.59 28.09 -18.17
CA SER E 297 40.14 28.22 -18.10
C SER E 297 39.75 28.78 -16.75
N GLU E 298 39.16 29.98 -16.74
CA GLU E 298 38.61 30.54 -15.52
C GLU E 298 37.55 29.62 -14.92
N GLU E 299 36.82 28.93 -15.79
CA GLU E 299 35.80 28.00 -15.36
C GLU E 299 36.33 26.74 -14.67
N SER E 300 37.37 26.13 -15.22
CA SER E 300 37.98 24.95 -14.59
C SER E 300 38.53 25.28 -13.22
N ARG E 301 38.89 26.54 -13.00
CA ARG E 301 39.44 27.01 -11.74
C ARG E 301 38.37 27.36 -10.70
N ARG E 302 37.14 27.64 -11.16
CA ARG E 302 36.08 28.26 -10.35
C ARG E 302 35.74 27.58 -9.01
N ASP E 303 35.47 26.27 -9.05
CA ASP E 303 35.03 25.59 -7.84
C ASP E 303 36.17 25.39 -6.81
N ILE E 304 37.39 25.24 -7.33
CA ILE E 304 38.56 25.04 -6.51
C ILE E 304 38.96 26.28 -5.72
N ASP E 305 39.05 27.41 -6.42
CA ASP E 305 39.32 28.68 -5.74
C ASP E 305 38.24 28.95 -4.66
N TYR E 306 37.00 28.58 -4.97
CA TYR E 306 35.84 28.92 -4.14
C TYR E 306 35.93 28.35 -2.73
N PHE E 307 36.05 27.02 -2.62
CA PHE E 307 36.05 26.39 -1.30
C PHE E 307 37.36 26.58 -0.55
N MET E 308 38.46 26.67 -1.29
CA MET E 308 39.75 26.84 -0.64
C MET E 308 39.90 28.26 -0.08
N ASP E 309 39.35 29.25 -0.79
CA ASP E 309 39.31 30.63 -0.30
C ASP E 309 38.58 30.63 1.04
N LYS E 310 37.47 29.90 1.09
CA LYS E 310 36.61 29.84 2.27
C LYS E 310 37.25 29.05 3.41
N LEU E 311 37.90 27.95 3.06
CA LEU E 311 38.57 27.12 4.07
C LEU E 311 39.74 27.87 4.67
N TYR E 312 40.40 28.65 3.83
CA TYR E 312 41.49 29.48 4.29
C TYR E 312 40.97 30.59 5.16
N ASP E 313 39.87 31.21 4.73
CA ASP E 313 39.31 32.34 5.46
C ASP E 313 38.81 31.97 6.86
N LYS E 314 38.13 30.83 6.99
CA LYS E 314 37.53 30.44 8.28
C LYS E 314 38.52 29.75 9.21
N PHE E 315 39.42 28.96 8.63
CA PHE E 315 40.28 28.07 9.39
C PHE E 315 41.78 28.39 9.35
N VAL E 316 42.40 28.19 8.19
CA VAL E 316 43.86 28.33 8.11
C VAL E 316 44.36 29.72 8.52
N SER E 317 43.72 30.77 8.01
CA SER E 317 44.20 32.13 8.29
C SER E 317 44.09 32.53 9.76
N LYS E 318 43.36 31.75 10.55
CA LYS E 318 43.22 31.98 11.98
C LYS E 318 43.94 30.91 12.79
N GLY E 319 44.79 30.13 12.11
CA GLY E 319 45.68 29.18 12.75
C GLY E 319 45.22 27.73 12.91
N ILE E 320 43.99 27.44 12.49
CA ILE E 320 43.42 26.09 12.63
C ILE E 320 43.71 25.23 11.40
N PRO E 321 44.36 24.08 11.60
CA PRO E 321 44.86 23.24 10.49
C PRO E 321 43.74 22.55 9.71
N VAL E 322 43.92 22.47 8.40
CA VAL E 322 42.97 21.80 7.54
C VAL E 322 43.71 20.82 6.67
N VAL E 323 43.12 19.64 6.45
CA VAL E 323 43.66 18.63 5.54
C VAL E 323 42.56 18.14 4.58
N ILE E 324 42.85 18.14 3.29
CA ILE E 324 41.95 17.52 2.33
C ILE E 324 42.29 16.03 2.25
N GLY E 325 41.46 15.21 2.88
CA GLY E 325 41.72 13.79 2.97
C GLY E 325 41.48 13.00 1.69
N GLU E 326 40.64 13.51 0.81
CA GLU E 326 40.40 12.87 -0.48
C GLU E 326 40.24 13.91 -1.60
N PHE E 327 40.84 13.61 -2.75
CA PHE E 327 40.65 14.38 -3.96
C PHE E 327 41.28 13.58 -5.10
N GLY E 328 41.03 13.98 -6.33
CA GLY E 328 41.64 13.31 -7.46
C GLY E 328 40.73 13.43 -8.67
N ALA E 329 41.17 12.94 -9.82
CA ALA E 329 40.34 13.03 -11.01
C ALA E 329 40.35 11.72 -11.77
N ARG E 330 39.16 11.18 -12.02
CA ARG E 330 39.05 9.90 -12.67
C ARG E 330 39.46 10.00 -14.13
N ASP E 331 40.12 8.95 -14.60
CA ASP E 331 40.54 8.91 -15.98
C ASP E 331 39.32 8.80 -16.88
N LYS E 332 39.20 9.76 -17.79
CA LYS E 332 38.16 9.71 -18.81
C LYS E 332 38.73 9.53 -20.22
N ASN E 333 38.78 8.28 -20.67
CA ASN E 333 39.31 7.94 -21.99
C ASN E 333 40.66 8.57 -22.33
N GLY E 334 41.61 8.45 -21.41
CA GLY E 334 42.96 8.87 -21.70
C GLY E 334 43.16 10.36 -21.57
N ASN E 335 42.29 11.05 -20.83
CA ASN E 335 42.43 12.50 -20.73
C ASN E 335 43.61 12.91 -19.83
N LEU E 336 44.77 12.36 -20.15
CA LEU E 336 45.96 12.49 -19.32
C LEU E 336 46.38 13.94 -19.11
N GLN E 337 46.41 14.72 -20.18
CA GLN E 337 46.89 16.10 -20.11
C GLN E 337 46.07 16.95 -19.13
N SER E 338 44.75 16.84 -19.23
CA SER E 338 43.85 17.62 -18.40
C SER E 338 44.02 17.25 -16.94
N ARG E 339 44.22 15.97 -16.68
CA ARG E 339 44.38 15.50 -15.31
C ARG E 339 45.67 16.05 -14.70
N VAL E 340 46.69 16.16 -15.54
CA VAL E 340 47.97 16.69 -15.10
C VAL E 340 47.85 18.16 -14.71
N GLU E 341 47.22 18.98 -15.56
CA GLU E 341 47.04 20.38 -15.20
C GLU E 341 46.17 20.48 -13.95
N PHE E 342 45.16 19.63 -13.86
CA PHE E 342 44.31 19.59 -12.67
C PHE E 342 45.11 19.30 -11.41
N ALA E 343 45.85 18.19 -11.42
CA ALA E 343 46.60 17.74 -10.24
C ALA E 343 47.54 18.82 -9.74
N ALA E 344 48.23 19.46 -10.67
CA ALA E 344 49.18 20.51 -10.32
C ALA E 344 48.48 21.71 -9.69
N TYR E 345 47.38 22.16 -10.30
CA TYR E 345 46.70 23.35 -9.80
C TYR E 345 46.09 23.11 -8.42
N TYR E 346 45.50 21.92 -8.24
CA TYR E 346 44.82 21.60 -7.01
C TYR E 346 45.79 21.62 -5.84
N VAL E 347 46.90 20.90 -6.01
CA VAL E 347 47.91 20.76 -4.96
C VAL E 347 48.54 22.09 -4.68
N ARG E 348 48.84 22.84 -5.75
CA ARG E 348 49.40 24.17 -5.60
C ARG E 348 48.42 25.10 -4.88
N ALA E 349 47.19 25.16 -5.39
CA ALA E 349 46.20 26.06 -4.84
C ALA E 349 46.01 25.82 -3.35
N ALA E 350 46.13 24.56 -2.94
CA ALA E 350 45.98 24.26 -1.53
C ALA E 350 47.24 24.65 -0.71
N ARG E 351 48.42 24.31 -1.23
CA ARG E 351 49.69 24.60 -0.54
C ARG E 351 49.86 26.08 -0.31
N ALA E 352 49.49 26.87 -1.32
CA ALA E 352 49.55 28.31 -1.18
C ALA E 352 48.67 28.77 -0.02
N ARG E 353 47.70 27.96 0.35
CA ARG E 353 46.74 28.33 1.40
C ARG E 353 46.93 27.56 2.70
N GLY E 354 48.01 26.79 2.79
CA GLY E 354 48.34 26.05 4.00
C GLY E 354 47.64 24.71 4.12
N ILE E 355 47.26 24.16 2.97
CA ILE E 355 46.51 22.92 2.93
C ILE E 355 47.26 21.79 2.23
N THR E 356 47.20 20.61 2.83
CA THR E 356 47.83 19.43 2.29
C THR E 356 46.74 18.50 1.70
N CYS E 357 47.03 17.85 0.57
CA CYS E 357 46.01 17.02 -0.09
C CYS E 357 46.37 15.56 -0.20
N CYS E 358 45.36 14.71 -0.33
CA CYS E 358 45.56 13.28 -0.47
C CYS E 358 44.79 12.74 -1.65
N TRP E 359 45.53 12.23 -2.63
CA TRP E 359 44.92 11.67 -3.82
C TRP E 359 44.30 10.32 -3.49
N TRP E 360 43.17 10.01 -4.11
CA TRP E 360 42.50 8.73 -3.92
C TRP E 360 43.04 7.69 -4.90
N ASP E 361 43.84 6.73 -4.44
CA ASP E 361 44.34 5.70 -5.38
C ASP E 361 43.63 4.35 -5.13
N ASN E 362 42.80 3.94 -6.07
CA ASN E 362 42.04 2.72 -5.85
C ASN E 362 42.49 1.60 -6.76
N ASN E 363 43.66 1.78 -7.37
CA ASN E 363 44.32 0.77 -8.19
C ASN E 363 43.48 0.33 -9.41
N ALA E 364 42.59 1.21 -9.84
CA ALA E 364 41.72 0.98 -10.99
C ALA E 364 42.14 1.88 -12.15
N PHE E 365 42.22 1.31 -13.36
CA PHE E 365 42.85 2.02 -14.48
C PHE E 365 42.02 2.06 -15.77
N TYR E 366 41.21 1.02 -15.99
CA TYR E 366 40.41 0.93 -17.21
C TYR E 366 39.07 0.23 -16.96
N GLY E 367 38.07 0.52 -17.78
CA GLY E 367 36.73 0.02 -17.55
C GLY E 367 35.77 1.14 -17.17
N ASN E 368 34.49 0.81 -17.02
CA ASN E 368 33.49 1.85 -16.73
C ASN E 368 33.36 2.26 -15.27
N GLY E 369 34.29 1.83 -14.42
CA GLY E 369 34.32 2.27 -13.04
C GLY E 369 35.17 3.51 -12.83
N GLU E 370 35.19 4.00 -11.60
CA GLU E 370 35.93 5.21 -11.27
C GLU E 370 37.42 4.92 -11.21
N ASN E 371 38.10 5.14 -12.34
CA ASN E 371 39.52 4.85 -12.47
C ASN E 371 40.38 5.93 -11.87
N PHE E 372 40.77 5.72 -10.62
CA PHE E 372 41.57 6.68 -9.88
C PHE E 372 42.99 6.20 -9.65
N GLY E 373 43.41 5.16 -10.37
CA GLY E 373 44.71 4.57 -10.15
C GLY E 373 45.94 5.39 -10.55
N LEU E 374 46.97 5.37 -9.71
CA LEU E 374 48.26 5.97 -10.07
C LEU E 374 49.35 4.90 -10.10
N LEU E 375 49.34 4.06 -9.06
CA LEU E 375 50.32 3.02 -8.89
C LEU E 375 49.71 1.68 -9.22
N ASP E 376 50.22 1.00 -10.24
CA ASP E 376 49.80 -0.38 -10.46
C ASP E 376 50.36 -1.22 -9.32
N ARG E 377 49.49 -1.64 -8.44
CA ARG E 377 49.93 -2.29 -7.22
C ARG E 377 50.50 -3.68 -7.46
N LYS E 378 50.14 -4.30 -8.57
CA LYS E 378 50.62 -5.67 -8.80
C LYS E 378 51.99 -5.69 -9.51
N THR E 379 52.44 -4.55 -10.03
CA THR E 379 53.74 -4.45 -10.73
C THR E 379 54.68 -3.42 -10.08
N LEU E 380 54.14 -2.70 -9.10
CA LEU E 380 54.82 -1.63 -8.39
C LEU E 380 55.42 -0.49 -9.20
N LYS E 381 55.01 -0.30 -10.45
CA LYS E 381 55.47 0.89 -11.16
C LYS E 381 54.30 1.79 -11.57
N TRP E 382 54.57 3.10 -11.60
CA TRP E 382 53.58 4.18 -11.78
C TRP E 382 53.03 4.35 -13.18
N VAL E 383 51.76 4.01 -13.37
CA VAL E 383 51.20 4.09 -14.70
C VAL E 383 51.10 5.55 -15.19
N TYR E 384 50.86 6.50 -14.29
CA TYR E 384 50.81 7.92 -14.68
C TYR E 384 51.73 8.81 -13.84
N PRO E 385 53.04 8.66 -14.02
CA PRO E 385 53.96 9.46 -13.18
C PRO E 385 53.84 10.97 -13.44
N GLU E 386 53.36 11.36 -14.63
CA GLU E 386 53.23 12.77 -15.00
C GLU E 386 52.34 13.49 -14.00
N ILE E 387 51.32 12.79 -13.53
CA ILE E 387 50.41 13.30 -12.50
C ILE E 387 51.11 13.42 -11.16
N VAL E 388 51.83 12.36 -10.79
CA VAL E 388 52.55 12.31 -9.53
C VAL E 388 53.57 13.44 -9.47
N SER E 389 54.35 13.57 -10.53
CA SER E 389 55.36 14.63 -10.60
C SER E 389 54.67 15.99 -10.62
N ALA E 390 53.52 16.05 -11.29
CA ALA E 390 52.76 17.29 -11.36
C ALA E 390 52.41 17.76 -9.95
N MET E 391 52.11 16.82 -9.07
CA MET E 391 51.82 17.13 -7.69
C MET E 391 53.06 17.42 -6.84
N MET E 392 54.12 16.63 -7.03
CA MET E 392 55.32 16.74 -6.19
C MET E 392 55.95 18.12 -6.32
N LYS E 393 55.69 18.77 -7.46
CA LYS E 393 56.25 20.07 -7.79
C LYS E 393 55.82 21.18 -6.84
N TYR E 394 54.65 21.06 -6.20
CA TYR E 394 54.16 22.19 -5.43
C TYR E 394 53.84 21.93 -3.95
N ALA E 395 54.36 20.85 -3.38
CA ALA E 395 54.11 20.53 -1.97
C ALA E 395 55.29 20.87 -1.02
N ALA F 23 -39.56 7.45 -9.15
CA ALA F 23 -38.87 6.15 -9.17
C ALA F 23 -39.33 5.32 -10.36
N LYS F 24 -38.42 5.11 -11.32
CA LYS F 24 -38.77 4.40 -12.55
C LYS F 24 -38.21 2.99 -12.62
N ILE F 25 -39.01 2.08 -13.17
CA ILE F 25 -38.69 0.67 -13.22
C ILE F 25 -37.86 0.46 -14.43
N PRO F 26 -36.65 -0.11 -14.26
CA PRO F 26 -35.79 -0.26 -15.43
C PRO F 26 -36.27 -1.45 -16.25
N GLU F 27 -35.87 -1.51 -17.51
CA GLU F 27 -36.18 -2.71 -18.28
C GLU F 27 -34.89 -3.48 -18.52
N ILE F 28 -34.87 -4.72 -18.04
CA ILE F 28 -33.68 -5.55 -17.97
C ILE F 28 -33.70 -6.79 -18.88
N LYS F 29 -32.64 -6.93 -19.66
CA LYS F 29 -32.52 -8.04 -20.60
C LYS F 29 -31.47 -9.07 -20.19
N ILE F 30 -31.92 -10.14 -19.55
CA ILE F 30 -31.05 -11.23 -19.19
C ILE F 30 -31.57 -12.50 -19.85
N ALA F 31 -30.70 -13.16 -20.62
CA ALA F 31 -31.05 -14.40 -21.30
C ALA F 31 -31.50 -15.46 -20.30
N SER F 32 -32.68 -16.01 -20.56
CA SER F 32 -33.19 -17.10 -19.76
C SER F 32 -32.30 -18.31 -19.99
N ARG F 33 -31.96 -19.01 -18.92
CA ARG F 33 -31.08 -20.15 -19.04
C ARG F 33 -31.88 -21.46 -19.10
N LYS F 34 -31.23 -22.55 -19.49
CA LYS F 34 -31.96 -23.81 -19.62
C LYS F 34 -32.36 -24.35 -18.26
N ILE F 35 -33.67 -24.52 -18.09
CA ILE F 35 -34.23 -25.00 -16.83
C ILE F 35 -34.77 -26.41 -17.01
N PRO F 36 -34.18 -27.39 -16.31
CA PRO F 36 -34.70 -28.76 -16.38
C PRO F 36 -36.20 -28.81 -16.12
N ASN F 37 -36.89 -29.67 -16.84
CA ASN F 37 -38.34 -29.75 -16.78
C ASN F 37 -38.80 -30.85 -15.83
N ASN F 38 -38.88 -30.51 -14.56
CA ASN F 38 -39.38 -31.46 -13.58
C ASN F 38 -40.48 -30.88 -12.74
N ALA F 39 -41.08 -31.72 -11.90
CA ALA F 39 -42.15 -31.29 -11.01
C ALA F 39 -41.58 -30.28 -10.03
N ALA F 40 -40.31 -30.47 -9.69
CA ALA F 40 -39.64 -29.68 -8.66
C ALA F 40 -39.43 -28.21 -9.05
N LEU F 41 -38.79 -27.98 -10.18
CA LEU F 41 -38.48 -26.62 -10.59
C LEU F 41 -39.74 -25.85 -10.98
N LYS F 42 -40.73 -26.58 -11.49
CA LYS F 42 -42.01 -25.95 -11.83
C LYS F 42 -42.77 -25.57 -10.56
N PHE F 43 -42.62 -26.36 -9.50
CA PHE F 43 -43.19 -26.03 -8.21
C PHE F 43 -42.61 -24.71 -7.70
N VAL F 44 -41.29 -24.58 -7.81
CA VAL F 44 -40.61 -23.36 -7.40
C VAL F 44 -41.08 -22.19 -8.29
N LYS F 45 -41.21 -22.44 -9.59
CA LYS F 45 -41.59 -21.39 -10.50
C LYS F 45 -42.98 -20.88 -10.13
N ASP F 46 -43.84 -21.76 -9.66
CA ASP F 46 -45.18 -21.35 -9.33
C ASP F 46 -45.21 -20.52 -8.07
N MET F 47 -44.17 -20.63 -7.25
CA MET F 47 -44.08 -19.78 -6.08
C MET F 47 -43.95 -18.30 -6.48
N LYS F 48 -43.47 -18.04 -7.69
CA LYS F 48 -43.43 -16.68 -8.24
C LYS F 48 -42.54 -15.70 -7.46
N ILE F 49 -43.00 -15.27 -6.30
CA ILE F 49 -42.26 -14.37 -5.42
C ILE F 49 -42.88 -14.36 -4.00
N GLY F 50 -42.02 -14.22 -3.00
CA GLY F 50 -42.43 -14.40 -1.63
C GLY F 50 -42.32 -13.15 -0.79
N TRP F 51 -42.98 -13.18 0.36
CA TRP F 51 -43.07 -12.01 1.22
C TRP F 51 -42.90 -12.48 2.67
N ASN F 52 -41.89 -11.98 3.36
CA ASN F 52 -41.57 -12.39 4.73
C ASN F 52 -42.37 -11.67 5.80
N LEU F 53 -43.00 -12.43 6.70
CA LEU F 53 -43.61 -11.81 7.86
C LEU F 53 -42.49 -11.49 8.87
N GLY F 54 -41.64 -10.52 8.52
CA GLY F 54 -40.44 -10.28 9.29
C GLY F 54 -40.68 -9.52 10.57
N ASN F 55 -39.80 -9.74 11.54
CA ASN F 55 -39.91 -9.13 12.87
C ASN F 55 -41.24 -9.45 13.59
N THR F 56 -41.82 -10.60 13.27
CA THR F 56 -43.08 -11.00 13.89
C THR F 56 -42.89 -12.18 14.84
N PHE F 57 -43.17 -13.39 14.37
CA PHE F 57 -43.11 -14.53 15.27
C PHE F 57 -41.68 -14.94 15.59
N ASP F 58 -40.75 -14.35 14.85
CA ASP F 58 -39.34 -14.60 15.07
C ASP F 58 -38.88 -13.85 16.31
N ALA F 59 -39.66 -12.86 16.75
CA ALA F 59 -39.21 -12.05 17.87
C ALA F 59 -38.88 -12.95 19.06
N ALA F 60 -37.66 -12.82 19.57
CA ALA F 60 -37.21 -13.64 20.65
C ALA F 60 -36.23 -12.88 21.55
N PHE F 61 -36.47 -12.97 22.85
CA PHE F 61 -35.62 -12.33 23.85
C PHE F 61 -35.89 -12.91 25.23
N GLU F 62 -35.00 -12.65 26.17
CA GLU F 62 -35.14 -13.24 27.50
C GLU F 62 -35.83 -12.29 28.47
N ASN F 63 -36.43 -12.87 29.51
CA ASN F 63 -37.10 -12.10 30.54
C ASN F 63 -38.14 -11.10 30.00
N PRO F 64 -39.27 -11.60 29.46
CA PRO F 64 -40.32 -10.70 29.00
C PRO F 64 -40.91 -9.87 30.12
N SER F 65 -41.36 -8.66 29.80
CA SER F 65 -41.99 -7.77 30.78
C SER F 65 -43.49 -7.89 30.65
N PHE F 66 -43.92 -8.95 29.98
CA PHE F 66 -45.33 -9.24 29.86
C PHE F 66 -45.64 -10.66 30.31
N ASP F 67 -46.93 -10.92 30.52
CA ASP F 67 -47.38 -12.18 31.08
C ASP F 67 -47.96 -13.03 29.95
N ASP F 68 -48.48 -12.35 28.94
CA ASP F 68 -49.06 -12.99 27.76
C ASP F 68 -47.97 -13.34 26.75
N GLU F 69 -47.74 -14.63 26.53
CA GLU F 69 -46.64 -15.04 25.65
C GLU F 69 -46.89 -14.71 24.19
N LEU F 70 -48.14 -14.47 23.80
CA LEU F 70 -48.44 -14.16 22.41
C LEU F 70 -48.02 -12.76 22.00
N LEU F 71 -47.63 -11.95 22.98
CA LEU F 71 -47.20 -10.57 22.70
C LEU F 71 -45.84 -10.53 22.04
N TYR F 72 -45.20 -11.68 21.94
CA TYR F 72 -43.96 -11.79 21.17
C TYR F 72 -44.22 -11.47 19.71
N GLU F 73 -45.44 -11.74 19.26
CA GLU F 73 -45.82 -11.54 17.88
C GLU F 73 -45.71 -10.09 17.45
N THR F 74 -45.86 -9.17 18.39
CA THR F 74 -45.91 -7.75 18.06
C THR F 74 -44.84 -6.88 18.72
N ALA F 75 -43.86 -7.50 19.37
CA ALA F 75 -42.86 -6.75 20.12
C ALA F 75 -41.88 -6.01 19.22
N TRP F 76 -41.72 -6.48 17.99
CA TRP F 76 -40.72 -5.92 17.08
C TRP F 76 -41.34 -5.31 15.83
N CYS F 77 -42.65 -5.49 15.65
CA CYS F 77 -43.34 -4.93 14.49
C CYS F 77 -44.48 -4.00 14.88
N GLY F 78 -45.01 -4.16 16.09
CA GLY F 78 -46.02 -3.26 16.62
C GLY F 78 -47.44 -3.48 16.09
N VAL F 79 -47.64 -4.55 15.31
CA VAL F 79 -48.94 -4.82 14.71
C VAL F 79 -49.27 -6.31 14.63
N LYS F 80 -50.42 -6.70 15.18
CA LYS F 80 -50.83 -8.10 15.13
C LYS F 80 -51.27 -8.47 13.72
N THR F 81 -50.87 -9.64 13.27
CA THR F 81 -51.11 -10.09 11.91
C THR F 81 -52.60 -10.36 11.72
N THR F 82 -53.18 -9.88 10.62
CA THR F 82 -54.59 -10.13 10.33
C THR F 82 -54.74 -10.75 8.94
N LYS F 83 -55.89 -11.36 8.65
CA LYS F 83 -56.03 -11.99 7.36
C LYS F 83 -56.12 -10.94 6.28
N GLN F 84 -56.78 -9.82 6.59
CA GLN F 84 -56.98 -8.79 5.57
C GLN F 84 -55.62 -8.21 5.25
N MET F 85 -54.70 -8.32 6.21
CA MET F 85 -53.32 -7.94 5.99
C MET F 85 -52.68 -8.90 5.00
N ILE F 86 -52.80 -10.19 5.27
CA ILE F 86 -52.29 -11.24 4.37
C ILE F 86 -52.91 -11.13 2.97
N ASP F 87 -54.19 -10.77 2.94
CA ASP F 87 -54.88 -10.56 1.68
C ASP F 87 -54.20 -9.50 0.85
N THR F 88 -53.84 -8.39 1.50
CA THR F 88 -53.21 -7.26 0.83
C THR F 88 -51.91 -7.72 0.16
N VAL F 89 -51.20 -8.63 0.84
CA VAL F 89 -49.97 -9.18 0.32
C VAL F 89 -50.21 -10.04 -0.92
N LYS F 90 -51.23 -10.89 -0.85
CA LYS F 90 -51.57 -11.73 -2.00
C LYS F 90 -52.07 -10.86 -3.16
N LYS F 91 -52.87 -9.85 -2.80
CA LYS F 91 -53.51 -8.99 -3.79
C LYS F 91 -52.44 -8.18 -4.51
N ALA F 92 -51.35 -7.90 -3.81
CA ALA F 92 -50.28 -7.10 -4.36
C ALA F 92 -49.48 -7.89 -5.40
N GLY F 93 -49.56 -9.22 -5.33
CA GLY F 93 -48.88 -10.06 -6.29
C GLY F 93 -47.96 -11.12 -5.72
N PHE F 94 -47.77 -11.13 -4.41
CA PHE F 94 -46.91 -12.12 -3.76
C PHE F 94 -47.58 -13.50 -3.67
N ASN F 95 -46.94 -14.50 -4.26
CA ASN F 95 -47.53 -15.83 -4.28
C ASN F 95 -47.00 -16.80 -3.24
N THR F 96 -46.02 -16.37 -2.46
CA THR F 96 -45.51 -17.18 -1.35
C THR F 96 -45.36 -16.31 -0.13
N ILE F 97 -45.60 -16.86 1.06
CA ILE F 97 -45.31 -16.12 2.27
C ILE F 97 -44.50 -16.96 3.28
N ARG F 98 -43.41 -16.41 3.77
CA ARG F 98 -42.58 -17.08 4.76
C ARG F 98 -42.82 -16.60 6.16
N ILE F 99 -43.09 -17.55 7.07
CA ILE F 99 -43.34 -17.19 8.46
C ILE F 99 -42.24 -17.65 9.39
N PRO F 100 -41.41 -16.71 9.84
CA PRO F 100 -40.31 -17.06 10.73
C PRO F 100 -40.85 -17.27 12.13
N VAL F 101 -40.46 -18.37 12.79
CA VAL F 101 -40.91 -18.61 14.16
C VAL F 101 -39.74 -18.90 15.11
N SER F 102 -39.71 -18.17 16.21
CA SER F 102 -38.74 -18.47 17.26
C SER F 102 -39.47 -19.17 18.39
N TRP F 103 -39.09 -20.41 18.65
CA TRP F 103 -39.85 -21.24 19.57
C TRP F 103 -39.29 -21.21 20.98
N HIS F 104 -38.02 -20.83 21.12
CA HIS F 104 -37.34 -21.08 22.39
C HIS F 104 -37.90 -20.32 23.62
N ASN F 105 -38.62 -19.23 23.41
CA ASN F 105 -39.32 -18.54 24.52
C ASN F 105 -40.72 -19.08 24.76
N HIS F 106 -41.06 -20.17 24.08
CA HIS F 106 -42.39 -20.75 24.13
C HIS F 106 -42.36 -22.28 24.30
N VAL F 107 -41.30 -22.78 24.90
CA VAL F 107 -41.22 -24.19 25.24
C VAL F 107 -40.91 -24.33 26.71
N THR F 108 -41.38 -25.43 27.31
CA THR F 108 -41.09 -25.70 28.70
C THR F 108 -40.84 -27.18 28.86
N GLY F 109 -40.26 -27.56 29.99
CA GLY F 109 -40.01 -28.95 30.28
C GLY F 109 -38.72 -29.44 29.64
N SER F 110 -38.32 -30.67 29.97
CA SER F 110 -37.01 -31.19 29.54
C SER F 110 -37.01 -31.71 28.11
N ASN F 111 -38.18 -31.87 27.52
CA ASN F 111 -38.27 -32.38 26.17
C ASN F 111 -38.81 -31.31 25.21
N PHE F 112 -38.69 -30.05 25.64
CA PHE F 112 -39.03 -28.88 24.83
C PHE F 112 -40.49 -28.89 24.38
N THR F 113 -41.41 -28.82 25.34
CA THR F 113 -42.82 -28.84 25.03
C THR F 113 -43.32 -27.44 24.65
N ILE F 114 -43.76 -27.31 23.40
CA ILE F 114 -44.30 -26.04 22.88
C ILE F 114 -45.64 -25.66 23.49
N SER F 115 -45.75 -24.42 23.96
CA SER F 115 -47.00 -23.87 24.47
C SER F 115 -48.12 -24.00 23.43
N LYS F 116 -49.31 -24.42 23.89
CA LYS F 116 -50.46 -24.60 23.01
C LYS F 116 -50.97 -23.24 22.48
N ARG F 117 -51.00 -22.24 23.35
CA ARG F 117 -51.45 -20.89 22.98
C ARG F 117 -50.59 -20.35 21.85
N TRP F 118 -49.27 -20.50 21.99
CA TRP F 118 -48.33 -20.01 20.99
C TRP F 118 -48.52 -20.74 19.64
N LEU F 119 -48.64 -22.05 19.68
CA LEU F 119 -48.81 -22.80 18.44
C LEU F 119 -50.13 -22.45 17.75
N ASP F 120 -51.16 -22.18 18.56
CA ASP F 120 -52.48 -21.84 18.02
C ASP F 120 -52.43 -20.58 17.17
N ARG F 121 -51.81 -19.54 17.71
CA ARG F 121 -51.69 -18.24 17.02
C ARG F 121 -50.89 -18.40 15.72
N VAL F 122 -49.81 -19.18 15.79
CA VAL F 122 -49.02 -19.45 14.60
C VAL F 122 -49.84 -20.21 13.56
N GLN F 123 -50.57 -21.24 13.98
CA GLN F 123 -51.34 -21.98 12.98
C GLN F 123 -52.38 -21.10 12.27
N GLN F 124 -52.98 -20.20 13.04
CA GLN F 124 -54.00 -19.27 12.54
C GLN F 124 -53.47 -18.46 11.36
N VAL F 125 -52.30 -17.87 11.57
CA VAL F 125 -51.68 -17.01 10.57
C VAL F 125 -51.32 -17.83 9.34
N VAL F 126 -50.98 -19.10 9.54
CA VAL F 126 -50.77 -19.98 8.40
C VAL F 126 -52.07 -20.09 7.63
N ASP F 127 -53.16 -20.22 8.39
CA ASP F 127 -54.48 -20.39 7.81
C ASP F 127 -54.92 -19.14 7.03
N TYR F 128 -54.58 -17.97 7.57
CA TYR F 128 -54.79 -16.73 6.82
C TYR F 128 -54.23 -16.91 5.42
N ALA F 129 -53.05 -17.52 5.33
CA ALA F 129 -52.34 -17.66 4.06
C ALA F 129 -52.83 -18.82 3.19
N MET F 130 -53.16 -19.95 3.80
CA MET F 130 -53.64 -21.12 3.07
C MET F 130 -55.01 -20.88 2.45
N LYS F 131 -55.91 -20.26 3.23
CA LYS F 131 -57.27 -19.94 2.77
C LYS F 131 -57.17 -18.93 1.64
N ASN F 132 -56.02 -18.27 1.59
CA ASN F 132 -55.72 -17.30 0.55
C ASN F 132 -54.88 -17.96 -0.57
N LYS F 133 -54.93 -19.29 -0.58
CA LYS F 133 -54.30 -20.08 -1.63
C LYS F 133 -52.81 -19.88 -1.92
N MET F 134 -52.07 -19.46 -0.91
CA MET F 134 -50.64 -19.19 -1.02
C MET F 134 -49.68 -20.30 -0.57
N TYR F 135 -48.44 -20.20 -1.04
CA TYR F 135 -47.36 -21.05 -0.57
C TYR F 135 -46.84 -20.49 0.73
N VAL F 136 -46.56 -21.37 1.69
CA VAL F 136 -46.15 -20.95 3.02
C VAL F 136 -44.85 -21.63 3.45
N ILE F 137 -44.00 -20.88 4.15
CA ILE F 137 -42.77 -21.44 4.71
C ILE F 137 -42.71 -21.13 6.21
N ILE F 138 -42.55 -22.16 7.02
CA ILE F 138 -42.28 -21.98 8.44
C ILE F 138 -41.00 -22.67 8.85
N ASN F 139 -40.38 -22.18 9.92
CA ASN F 139 -39.07 -22.67 10.33
C ASN F 139 -38.81 -22.52 11.82
N ILE F 140 -37.56 -22.84 12.18
CA ILE F 140 -37.02 -22.48 13.48
C ILE F 140 -36.15 -21.26 13.21
N HIS F 141 -36.39 -20.16 13.91
CA HIS F 141 -35.66 -18.94 13.59
C HIS F 141 -34.57 -18.62 14.61
N HIS F 142 -34.80 -17.60 15.43
CA HIS F 142 -33.77 -17.15 16.35
C HIS F 142 -33.66 -18.03 17.58
N ASP F 143 -33.49 -19.33 17.33
CA ASP F 143 -33.31 -20.30 18.40
C ASP F 143 -31.89 -20.85 18.37
N ILE F 144 -30.99 -20.15 17.70
CA ILE F 144 -29.62 -20.63 17.55
C ILE F 144 -28.80 -20.28 18.78
N MET F 145 -28.64 -21.26 19.64
CA MET F 145 -28.32 -20.98 21.01
C MET F 145 -28.05 -22.29 21.74
N PRO F 146 -26.96 -22.34 22.54
CA PRO F 146 -26.64 -23.55 23.28
C PRO F 146 -27.77 -23.90 24.26
N GLY F 147 -28.17 -25.15 24.26
CA GLY F 147 -29.29 -25.62 25.04
C GLY F 147 -30.51 -25.87 24.18
N TYR F 148 -30.52 -25.27 23.00
CA TYR F 148 -31.59 -25.51 22.02
C TYR F 148 -30.99 -25.99 20.70
N TYR F 149 -30.98 -25.17 19.65
CA TYR F 149 -30.27 -25.52 18.40
C TYR F 149 -28.88 -24.87 18.39
N TYR F 150 -27.81 -25.67 18.34
CA TYR F 150 -26.45 -25.15 18.21
C TYR F 150 -25.59 -26.14 17.44
N PRO F 151 -25.13 -25.74 16.25
CA PRO F 151 -24.53 -26.69 15.31
C PRO F 151 -23.02 -26.90 15.53
N ASN F 152 -22.69 -27.59 16.62
CA ASN F 152 -21.36 -28.16 16.81
C ASN F 152 -21.48 -29.46 17.61
N SER F 153 -20.38 -30.18 17.73
CA SER F 153 -20.40 -31.50 18.33
C SER F 153 -20.68 -31.48 19.81
N GLN F 154 -20.23 -30.43 20.50
CA GLN F 154 -20.36 -30.33 21.95
C GLN F 154 -21.80 -30.19 22.41
N HIS F 155 -22.62 -29.57 21.57
CA HIS F 155 -24.03 -29.33 21.86
C HIS F 155 -24.87 -30.06 20.83
N LEU F 156 -24.28 -30.99 20.08
CA LEU F 156 -25.02 -31.65 19.02
C LEU F 156 -26.15 -32.46 19.61
N GLN F 157 -25.85 -33.07 20.74
CA GLN F 157 -26.72 -34.04 21.36
C GLN F 157 -28.03 -33.37 21.80
N THR F 158 -27.92 -32.20 22.41
CA THR F 158 -29.07 -31.39 22.83
C THR F 158 -29.77 -30.85 21.58
N SER F 159 -28.97 -30.50 20.57
CA SER F 159 -29.50 -29.98 19.31
C SER F 159 -30.39 -30.99 18.56
N ILE F 160 -29.97 -32.24 18.52
CA ILE F 160 -30.73 -33.30 17.85
C ILE F 160 -32.10 -33.40 18.53
N LYS F 161 -32.08 -33.33 19.85
CA LYS F 161 -33.30 -33.41 20.64
C LYS F 161 -34.19 -32.21 20.35
N TYR F 162 -33.60 -31.02 20.26
CA TYR F 162 -34.37 -29.83 19.96
C TYR F 162 -34.99 -29.96 18.57
N VAL F 163 -34.17 -30.36 17.60
CA VAL F 163 -34.67 -30.56 16.25
C VAL F 163 -35.76 -31.60 16.26
N LYS F 164 -35.59 -32.65 17.06
CA LYS F 164 -36.60 -33.70 17.09
C LYS F 164 -37.90 -33.23 17.71
N SER F 165 -37.80 -32.57 18.86
CA SER F 165 -38.98 -32.18 19.62
C SER F 165 -39.82 -31.17 18.85
N ILE F 166 -39.18 -30.12 18.35
CA ILE F 166 -39.90 -29.04 17.68
C ILE F 166 -40.58 -29.49 16.41
N TRP F 167 -39.85 -30.17 15.53
CA TRP F 167 -40.42 -30.58 14.25
C TRP F 167 -41.42 -31.69 14.39
N THR F 168 -41.28 -32.48 15.45
CA THR F 168 -42.26 -33.50 15.72
C THR F 168 -43.59 -32.84 16.02
N GLN F 169 -43.58 -31.92 16.97
CA GLN F 169 -44.80 -31.24 17.41
C GLN F 169 -45.39 -30.48 16.23
N VAL F 170 -44.53 -29.75 15.52
CA VAL F 170 -44.96 -28.90 14.42
C VAL F 170 -45.49 -29.68 13.21
N ALA F 171 -44.75 -30.68 12.75
CA ALA F 171 -45.18 -31.43 11.58
C ALA F 171 -46.49 -32.15 11.87
N THR F 172 -46.70 -32.42 13.16
CA THR F 172 -47.90 -33.07 13.62
C THR F 172 -49.16 -32.21 13.48
N ARG F 173 -49.07 -30.94 13.83
CA ARG F 173 -50.21 -30.03 13.72
C ARG F 173 -50.69 -29.86 12.28
N PHE F 174 -49.75 -29.91 11.33
CA PHE F 174 -50.05 -29.63 9.94
C PHE F 174 -50.09 -30.88 9.08
N LYS F 175 -50.34 -32.03 9.71
CA LYS F 175 -50.17 -33.32 9.04
C LYS F 175 -50.85 -33.41 7.67
N ASN F 176 -52.01 -32.78 7.53
CA ASN F 176 -52.81 -32.94 6.31
C ASN F 176 -52.88 -31.74 5.35
N TYR F 177 -52.15 -30.67 5.65
CA TYR F 177 -52.11 -29.51 4.75
C TYR F 177 -51.45 -29.96 3.44
N ASN F 178 -51.76 -29.34 2.30
CA ASN F 178 -51.23 -29.88 1.04
C ASN F 178 -49.80 -29.43 0.74
N ASP F 179 -49.31 -29.76 -0.44
CA ASP F 179 -47.92 -29.48 -0.80
C ASP F 179 -47.58 -27.99 -0.88
N HIS F 180 -48.59 -27.12 -0.81
CA HIS F 180 -48.33 -25.68 -0.82
C HIS F 180 -47.63 -25.23 0.47
N LEU F 181 -47.71 -26.03 1.53
CA LEU F 181 -47.03 -25.73 2.80
C LEU F 181 -45.63 -26.34 2.82
N ILE F 182 -44.65 -25.52 3.18
CA ILE F 182 -43.25 -25.92 3.16
C ILE F 182 -42.56 -25.78 4.51
N PHE F 183 -41.82 -26.82 4.91
CA PHE F 183 -41.05 -26.76 6.17
C PHE F 183 -39.60 -26.42 5.90
N GLU F 184 -39.12 -25.38 6.56
CA GLU F 184 -37.72 -24.99 6.43
C GLU F 184 -37.00 -25.41 7.71
N ALA F 185 -36.02 -26.30 7.56
CA ALA F 185 -35.31 -26.93 8.68
C ALA F 185 -34.94 -25.97 9.78
N VAL F 186 -34.29 -24.87 9.40
CA VAL F 186 -33.84 -23.86 10.34
C VAL F 186 -33.39 -22.63 9.53
N ASN F 187 -33.45 -21.46 10.17
CA ASN F 187 -33.02 -20.21 9.55
C ASN F 187 -31.60 -19.81 9.92
N GLU F 188 -30.70 -19.76 8.94
CA GLU F 188 -29.34 -19.26 9.22
C GLU F 188 -28.63 -19.95 10.43
N PRO F 189 -28.43 -21.28 10.38
CA PRO F 189 -27.80 -22.01 11.48
C PRO F 189 -26.31 -21.73 11.53
N ARG F 190 -25.79 -21.39 12.71
CA ARG F 190 -24.41 -20.94 12.81
C ARG F 190 -23.91 -21.01 14.24
N LEU F 191 -22.62 -20.78 14.41
CA LEU F 191 -22.01 -20.78 15.73
C LEU F 191 -22.19 -19.39 16.33
N THR F 192 -23.37 -19.11 16.89
CA THR F 192 -23.62 -17.78 17.46
C THR F 192 -22.59 -17.48 18.53
N GLY F 193 -22.24 -16.20 18.65
CA GLY F 193 -21.28 -15.79 19.68
C GLY F 193 -19.81 -16.03 19.33
N SER F 194 -19.55 -16.80 18.28
CA SER F 194 -18.17 -17.13 17.89
C SER F 194 -17.64 -16.16 16.83
N ARG F 195 -16.33 -16.18 16.61
CA ARG F 195 -15.75 -15.29 15.62
C ARG F 195 -15.98 -15.84 14.22
N PHE F 196 -16.64 -17.00 14.13
CA PHE F 196 -16.98 -17.56 12.83
C PHE F 196 -18.48 -17.61 12.63
N GLU F 197 -19.20 -16.76 13.36
CA GLU F 197 -20.66 -16.79 13.32
C GLU F 197 -21.20 -16.68 11.89
N TRP F 198 -20.53 -15.89 11.04
CA TRP F 198 -21.04 -15.63 9.70
C TRP F 198 -20.16 -16.16 8.58
N TRP F 199 -18.84 -16.19 8.83
CA TRP F 199 -17.90 -16.69 7.84
C TRP F 199 -16.99 -17.77 8.40
N LEU F 200 -16.72 -18.74 7.55
CA LEU F 200 -16.04 -19.96 7.96
C LEU F 200 -14.61 -19.96 7.47
N ASP F 201 -13.70 -20.46 8.32
CA ASP F 201 -12.37 -20.82 7.88
C ASP F 201 -12.28 -22.34 7.87
N MET F 202 -12.47 -22.95 6.72
CA MET F 202 -12.54 -24.41 6.66
C MET F 202 -11.20 -25.10 7.05
N ASN F 203 -10.13 -24.32 7.25
CA ASN F 203 -8.84 -24.87 7.70
C ASN F 203 -8.89 -25.10 9.20
N ASN F 204 -9.84 -24.42 9.87
CA ASN F 204 -10.13 -24.67 11.28
C ASN F 204 -11.14 -25.81 11.33
N PRO F 205 -10.77 -26.93 11.99
CA PRO F 205 -11.65 -28.12 12.03
C PRO F 205 -12.92 -27.83 12.80
N GLU F 206 -12.87 -26.83 13.67
CA GLU F 206 -14.07 -26.40 14.38
C GLU F 206 -15.13 -25.98 13.38
N CYS F 207 -14.68 -25.35 12.29
CA CYS F 207 -15.56 -24.89 11.24
C CYS F 207 -16.06 -26.10 10.44
N ARG F 208 -15.16 -27.03 10.13
CA ARG F 208 -15.55 -28.20 9.37
C ARG F 208 -16.58 -28.96 10.18
N ASP F 209 -16.40 -28.94 11.49
CA ASP F 209 -17.31 -29.62 12.41
C ASP F 209 -18.70 -29.03 12.34
N ALA F 210 -18.76 -27.70 12.34
CA ALA F 210 -20.01 -26.97 12.28
C ALA F 210 -20.75 -27.32 10.99
N VAL F 211 -20.02 -27.36 9.87
CA VAL F 211 -20.61 -27.74 8.59
C VAL F 211 -21.27 -29.13 8.63
N GLU F 212 -20.60 -30.10 9.24
CA GLU F 212 -21.13 -31.47 9.34
C GLU F 212 -22.31 -31.56 10.32
N ALA F 213 -22.23 -30.80 11.40
CA ALA F 213 -23.29 -30.74 12.38
C ALA F 213 -24.59 -30.31 11.72
N ILE F 214 -24.48 -29.40 10.76
CA ILE F 214 -25.63 -28.93 9.98
C ILE F 214 -26.15 -30.03 9.07
N ASN F 215 -25.22 -30.79 8.50
CA ASN F 215 -25.57 -31.93 7.65
C ASN F 215 -26.39 -32.96 8.41
N LYS F 216 -26.01 -33.18 9.66
CA LYS F 216 -26.67 -34.14 10.55
C LYS F 216 -28.05 -33.65 10.96
N LEU F 217 -28.08 -32.41 11.47
CA LEU F 217 -29.31 -31.85 12.01
C LEU F 217 -30.35 -31.66 10.91
N ASN F 218 -29.88 -31.46 9.69
CA ASN F 218 -30.79 -31.45 8.56
C ASN F 218 -31.30 -32.85 8.28
N GLN F 219 -30.44 -33.85 8.45
CA GLN F 219 -30.87 -35.21 8.21
C GLN F 219 -31.87 -35.61 9.28
N VAL F 220 -31.63 -35.17 10.52
CA VAL F 220 -32.57 -35.43 11.59
C VAL F 220 -33.92 -34.81 11.22
N PHE F 221 -33.86 -33.59 10.69
CA PHE F 221 -35.06 -32.86 10.28
C PHE F 221 -35.92 -33.62 9.26
N VAL F 222 -35.32 -34.08 8.17
CA VAL F 222 -36.13 -34.80 7.20
C VAL F 222 -36.69 -36.06 7.84
N ASP F 223 -35.85 -36.79 8.56
CA ASP F 223 -36.28 -38.02 9.21
C ASP F 223 -37.43 -37.75 10.16
N THR F 224 -37.30 -36.73 11.00
CA THR F 224 -38.35 -36.43 11.97
C THR F 224 -39.67 -36.08 11.26
N VAL F 225 -39.61 -35.24 10.23
CA VAL F 225 -40.81 -34.85 9.50
C VAL F 225 -41.45 -36.01 8.71
N ARG F 226 -40.66 -36.77 7.96
CA ARG F 226 -41.21 -37.87 7.16
C ARG F 226 -41.84 -38.95 8.04
N SER F 227 -41.37 -39.05 9.26
CA SER F 227 -41.90 -40.04 10.20
C SER F 227 -43.21 -39.60 10.83
N THR F 228 -43.62 -38.34 10.60
CA THR F 228 -44.84 -37.83 11.20
C THR F 228 -46.06 -38.13 10.32
N GLY F 229 -45.82 -38.78 9.18
CA GLY F 229 -46.91 -39.29 8.37
C GLY F 229 -47.75 -38.17 7.80
N GLY F 230 -49.01 -38.48 7.46
CA GLY F 230 -49.88 -37.50 6.84
C GLY F 230 -49.28 -37.10 5.51
N ASN F 231 -49.37 -35.82 5.18
CA ASN F 231 -48.73 -35.30 3.98
C ASN F 231 -47.33 -34.78 4.30
N ASN F 232 -46.86 -35.06 5.50
CA ASN F 232 -45.50 -34.72 5.91
C ASN F 232 -44.50 -35.68 5.26
N VAL F 233 -45.01 -36.69 4.56
CA VAL F 233 -44.17 -37.62 3.82
C VAL F 233 -43.94 -37.16 2.39
N SER F 234 -44.78 -36.22 1.94
CA SER F 234 -44.76 -35.81 0.56
C SER F 234 -44.57 -34.30 0.44
N ARG F 235 -44.29 -33.65 1.57
CA ARG F 235 -44.06 -32.22 1.63
C ARG F 235 -42.72 -31.86 1.01
N TYR F 236 -42.64 -30.70 0.37
CA TYR F 236 -41.33 -30.15 0.01
C TYR F 236 -40.67 -29.57 1.26
N LEU F 237 -39.38 -29.88 1.45
CA LEU F 237 -38.64 -29.39 2.61
C LEU F 237 -37.48 -28.52 2.17
N MET F 238 -37.18 -27.53 2.99
CA MET F 238 -36.05 -26.63 2.75
C MET F 238 -34.89 -26.86 3.73
N VAL F 239 -33.66 -26.88 3.22
CA VAL F 239 -32.49 -26.94 4.08
C VAL F 239 -31.46 -25.86 3.73
N PRO F 240 -30.88 -25.23 4.75
CA PRO F 240 -29.78 -24.29 4.52
C PRO F 240 -28.39 -24.92 4.76
N GLY F 241 -27.36 -24.27 4.25
CA GLY F 241 -25.99 -24.60 4.64
C GLY F 241 -25.65 -23.68 5.79
N TYR F 242 -24.38 -23.54 6.11
CA TYR F 242 -23.99 -22.66 7.20
C TYR F 242 -24.44 -21.21 6.97
N ALA F 243 -25.14 -20.66 7.97
CA ALA F 243 -25.63 -19.27 7.96
C ALA F 243 -26.55 -18.95 6.77
N ALA F 244 -27.13 -20.00 6.18
CA ALA F 244 -27.95 -19.91 4.97
C ALA F 244 -27.21 -19.29 3.78
N ALA F 245 -25.88 -19.22 3.86
CA ALA F 245 -25.10 -18.60 2.80
C ALA F 245 -24.94 -19.54 1.61
N PRO F 246 -24.93 -18.97 0.38
CA PRO F 246 -24.69 -19.76 -0.83
C PRO F 246 -23.35 -20.49 -0.72
N GLU F 247 -22.36 -19.82 -0.12
CA GLU F 247 -21.01 -20.36 -0.04
C GLU F 247 -20.98 -21.71 0.60
N TYR F 248 -21.82 -21.91 1.61
CA TYR F 248 -21.72 -23.10 2.41
C TYR F 248 -22.77 -24.14 2.01
N VAL F 249 -23.41 -23.92 0.86
CA VAL F 249 -24.10 -24.99 0.14
C VAL F 249 -23.36 -25.28 -1.18
N LEU F 250 -22.40 -24.44 -1.52
CA LEU F 250 -21.63 -24.64 -2.73
C LEU F 250 -20.39 -25.50 -2.46
N ILE F 251 -19.91 -25.47 -1.23
CA ILE F 251 -18.77 -26.31 -0.85
C ILE F 251 -19.18 -27.77 -0.93
N ASP F 252 -18.23 -28.64 -1.25
CA ASP F 252 -18.55 -30.04 -1.44
C ASP F 252 -18.96 -30.69 -0.14
N GLU F 253 -18.44 -30.16 0.96
CA GLU F 253 -18.66 -30.71 2.29
C GLU F 253 -20.14 -30.74 2.69
N PHE F 254 -20.96 -29.91 2.03
CA PHE F 254 -22.40 -29.89 2.24
C PHE F 254 -23.16 -31.05 1.60
N LYS F 255 -23.98 -31.71 2.40
CA LYS F 255 -24.71 -32.90 1.98
C LYS F 255 -26.20 -32.60 1.97
N ILE F 256 -26.86 -32.80 0.83
CA ILE F 256 -28.31 -32.75 0.81
C ILE F 256 -28.81 -34.01 1.50
N PRO F 257 -29.67 -33.88 2.53
CA PRO F 257 -30.11 -35.08 3.28
C PRO F 257 -30.73 -36.16 2.39
N LYS F 258 -30.57 -37.42 2.78
CA LYS F 258 -31.16 -38.52 2.03
C LYS F 258 -32.61 -38.57 2.43
N ASP F 259 -33.49 -38.87 1.48
CA ASP F 259 -34.91 -38.71 1.70
C ASP F 259 -35.68 -40.02 1.81
N SER F 260 -36.43 -40.16 2.89
CA SER F 260 -37.30 -41.31 3.13
C SER F 260 -38.55 -41.21 2.24
N SER F 261 -38.38 -40.49 1.13
CA SER F 261 -39.45 -40.14 0.21
C SER F 261 -39.98 -41.22 -0.72
N LYS F 262 -41.23 -41.01 -1.12
CA LYS F 262 -41.92 -41.81 -2.11
C LYS F 262 -41.87 -41.02 -3.40
N TYR F 263 -41.86 -39.70 -3.25
CA TYR F 263 -41.62 -38.76 -4.33
C TYR F 263 -40.18 -38.24 -4.34
N LYS F 264 -39.43 -38.48 -5.42
CA LYS F 264 -38.02 -38.10 -5.45
C LYS F 264 -37.84 -36.61 -5.71
N ASN F 265 -36.74 -36.04 -5.19
CA ASN F 265 -36.41 -34.62 -5.34
C ASN F 265 -37.46 -33.69 -4.74
N ARG F 266 -37.63 -33.80 -3.43
CA ARG F 266 -38.58 -32.93 -2.75
C ARG F 266 -37.87 -32.16 -1.63
N ILE F 267 -36.54 -32.10 -1.76
CA ILE F 267 -35.72 -31.27 -0.88
C ILE F 267 -35.26 -30.05 -1.66
N ILE F 268 -35.48 -28.87 -1.10
CA ILE F 268 -35.12 -27.61 -1.72
C ILE F 268 -33.98 -26.91 -0.96
N ILE F 269 -33.01 -26.37 -1.69
CA ILE F 269 -31.93 -25.60 -1.10
C ILE F 269 -32.38 -24.20 -0.65
N SER F 270 -32.11 -23.84 0.60
CA SER F 270 -32.48 -22.51 1.10
C SER F 270 -31.25 -21.62 1.23
N VAL F 271 -31.26 -20.47 0.56
CA VAL F 271 -30.18 -19.51 0.70
C VAL F 271 -30.75 -18.13 0.98
N HIS F 272 -29.98 -17.31 1.71
CA HIS F 272 -30.30 -15.90 1.92
C HIS F 272 -29.12 -15.11 1.38
N ALA F 273 -29.39 -14.01 0.67
CA ALA F 273 -28.29 -13.26 0.07
C ALA F 273 -28.67 -11.82 -0.16
N TYR F 274 -28.38 -10.97 0.80
CA TYR F 274 -28.61 -9.55 0.61
C TYR F 274 -27.36 -9.02 -0.10
N ARG F 275 -27.25 -9.25 -1.40
CA ARG F 275 -26.02 -8.87 -2.09
C ARG F 275 -26.31 -7.96 -3.24
N PRO F 276 -25.40 -6.96 -3.49
CA PRO F 276 -24.17 -6.69 -2.71
C PRO F 276 -24.42 -6.19 -1.28
N TYR F 277 -23.66 -6.73 -0.35
CA TYR F 277 -23.85 -6.47 1.04
C TYR F 277 -23.75 -5.00 1.37
N ASN F 278 -22.74 -4.32 0.83
CA ASN F 278 -22.50 -2.93 1.22
C ASN F 278 -23.64 -1.98 0.81
N PHE F 279 -24.43 -2.39 -0.17
CA PHE F 279 -25.60 -1.62 -0.57
C PHE F 279 -26.85 -2.11 0.15
N ALA F 280 -27.04 -3.42 0.13
CA ALA F 280 -28.29 -4.06 0.54
C ALA F 280 -28.51 -4.08 2.05
N LEU F 281 -27.45 -4.40 2.80
CA LEU F 281 -27.58 -4.75 4.21
C LEU F 281 -26.74 -3.91 5.17
N GLN F 282 -25.55 -3.50 4.73
CA GLN F 282 -24.61 -2.80 5.61
C GLN F 282 -25.22 -1.52 6.20
N ALA F 283 -24.96 -1.22 7.46
CA ALA F 283 -25.47 0.03 8.04
C ALA F 283 -24.78 1.25 7.41
N PRO F 284 -25.55 2.32 7.14
CA PRO F 284 -25.08 3.59 6.54
C PRO F 284 -24.11 4.35 7.41
N ASN F 285 -24.10 4.01 8.69
CA ASN F 285 -23.20 4.65 9.64
C ASN F 285 -21.82 4.00 9.59
N GLU F 286 -21.69 2.98 8.74
CA GLU F 286 -20.42 2.30 8.57
C GLU F 286 -19.68 2.76 7.33
N SER F 287 -18.37 2.85 7.42
CA SER F 287 -17.56 3.15 6.24
C SER F 287 -17.47 1.88 5.40
N GLY F 288 -17.84 2.00 4.13
CA GLY F 288 -17.89 0.85 3.25
C GLY F 288 -19.30 0.70 2.74
N SER F 289 -20.25 1.32 3.44
CA SER F 289 -21.62 1.27 2.98
C SER F 289 -21.77 2.14 1.74
N VAL F 290 -22.72 1.79 0.86
CA VAL F 290 -23.08 2.63 -0.29
C VAL F 290 -24.59 2.75 -0.35
N SER F 291 -25.07 3.85 -0.93
CA SER F 291 -26.50 4.08 -1.10
C SER F 291 -26.96 3.98 -2.54
N GLU F 292 -26.03 3.84 -3.47
CA GLU F 292 -26.36 3.78 -4.90
C GLU F 292 -26.22 2.37 -5.48
N TRP F 293 -27.20 1.98 -6.28
CA TRP F 293 -27.12 0.71 -7.00
C TRP F 293 -27.72 1.02 -8.36
N SER F 294 -27.00 0.66 -9.43
CA SER F 294 -27.46 1.00 -10.75
C SER F 294 -27.37 -0.22 -11.65
N VAL F 295 -28.45 -0.45 -12.39
CA VAL F 295 -28.59 -1.56 -13.31
C VAL F 295 -27.52 -1.52 -14.41
N ASN F 296 -26.92 -0.35 -14.59
CA ASN F 296 -25.90 -0.13 -15.61
C ASN F 296 -24.47 -0.27 -15.03
N SER F 297 -24.36 -0.48 -13.72
CA SER F 297 -23.08 -0.58 -13.04
C SER F 297 -22.67 -2.02 -12.84
N GLU F 298 -21.62 -2.41 -13.55
CA GLU F 298 -21.10 -3.76 -13.42
C GLU F 298 -20.76 -4.10 -11.99
N GLU F 299 -20.30 -3.11 -11.23
CA GLU F 299 -19.99 -3.37 -9.84
C GLU F 299 -21.25 -3.62 -9.02
N SER F 300 -22.35 -2.96 -9.35
CA SER F 300 -23.60 -3.24 -8.65
C SER F 300 -24.11 -4.66 -8.88
N ARG F 301 -23.98 -5.11 -10.12
CA ARG F 301 -24.52 -6.39 -10.57
C ARG F 301 -23.65 -7.62 -10.27
N ARG F 302 -22.36 -7.41 -10.06
CA ARG F 302 -21.36 -8.47 -10.02
C ARG F 302 -21.60 -9.60 -9.02
N ASP F 303 -21.92 -9.25 -7.78
CA ASP F 303 -22.05 -10.22 -6.72
C ASP F 303 -23.35 -11.01 -6.88
N ILE F 304 -24.36 -10.39 -7.45
CA ILE F 304 -25.63 -11.07 -7.67
C ILE F 304 -25.52 -12.14 -8.77
N ASP F 305 -24.96 -11.74 -9.90
CA ASP F 305 -24.65 -12.66 -10.98
C ASP F 305 -23.78 -13.81 -10.45
N TYR F 306 -22.86 -13.50 -9.54
CA TYR F 306 -21.87 -14.47 -9.11
C TYR F 306 -22.43 -15.68 -8.38
N PHE F 307 -23.12 -15.46 -7.27
CA PHE F 307 -23.59 -16.57 -6.47
C PHE F 307 -24.71 -17.29 -7.18
N MET F 308 -25.52 -16.55 -7.91
CA MET F 308 -26.66 -17.13 -8.61
C MET F 308 -26.15 -18.03 -9.72
N ASP F 309 -25.08 -17.63 -10.39
CA ASP F 309 -24.45 -18.49 -11.39
C ASP F 309 -23.98 -19.80 -10.78
N LYS F 310 -23.38 -19.72 -9.60
CA LYS F 310 -22.87 -20.92 -8.97
C LYS F 310 -23.98 -21.84 -8.49
N LEU F 311 -25.06 -21.28 -7.98
CA LEU F 311 -26.18 -22.11 -7.57
C LEU F 311 -26.82 -22.77 -8.80
N TYR F 312 -26.81 -22.08 -9.93
CA TYR F 312 -27.37 -22.65 -11.15
C TYR F 312 -26.50 -23.82 -11.62
N ASP F 313 -25.19 -23.62 -11.55
CA ASP F 313 -24.25 -24.64 -12.01
C ASP F 313 -24.36 -25.92 -11.17
N LYS F 314 -24.38 -25.78 -9.86
CA LYS F 314 -24.37 -26.95 -8.98
C LYS F 314 -25.72 -27.62 -8.83
N PHE F 315 -26.77 -26.81 -8.76
CA PHE F 315 -28.08 -27.30 -8.39
C PHE F 315 -29.13 -27.25 -9.49
N VAL F 316 -29.54 -26.04 -9.87
CA VAL F 316 -30.67 -25.92 -10.79
C VAL F 316 -30.49 -26.67 -12.11
N SER F 317 -29.32 -26.51 -12.73
CA SER F 317 -29.08 -27.15 -14.02
C SER F 317 -29.09 -28.67 -13.90
N LYS F 318 -29.06 -29.15 -12.66
CA LYS F 318 -29.11 -30.58 -12.38
C LYS F 318 -30.44 -30.98 -11.76
N GLY F 319 -31.43 -30.08 -11.82
CA GLY F 319 -32.79 -30.40 -11.45
C GLY F 319 -33.18 -30.11 -10.02
N ILE F 320 -32.23 -29.64 -9.23
CA ILE F 320 -32.49 -29.39 -7.80
C ILE F 320 -33.06 -28.01 -7.52
N PRO F 321 -34.17 -27.97 -6.77
CA PRO F 321 -34.87 -26.73 -6.45
C PRO F 321 -34.08 -25.84 -5.52
N VAL F 322 -34.06 -24.54 -5.82
CA VAL F 322 -33.40 -23.56 -4.96
C VAL F 322 -34.41 -22.44 -4.68
N VAL F 323 -34.41 -21.96 -3.46
CA VAL F 323 -35.23 -20.80 -3.09
C VAL F 323 -34.40 -19.82 -2.28
N ILE F 324 -34.46 -18.55 -2.66
CA ILE F 324 -33.83 -17.52 -1.86
C ILE F 324 -34.86 -17.05 -0.82
N GLY F 325 -34.76 -17.57 0.40
CA GLY F 325 -35.77 -17.29 1.42
C GLY F 325 -35.74 -15.88 1.98
N GLU F 326 -34.58 -15.24 1.90
CA GLU F 326 -34.41 -13.87 2.36
C GLU F 326 -33.56 -13.07 1.35
N PHE F 327 -33.97 -11.83 1.10
CA PHE F 327 -33.18 -10.85 0.35
C PHE F 327 -33.83 -9.45 0.49
N GLY F 328 -33.13 -8.41 0.06
CA GLY F 328 -33.71 -7.06 0.10
C GLY F 328 -32.69 -5.94 0.24
N ALA F 329 -33.14 -4.69 0.23
CA ALA F 329 -32.23 -3.58 0.41
C ALA F 329 -32.82 -2.60 1.39
N ARG F 330 -32.10 -2.37 2.49
CA ARG F 330 -32.58 -1.49 3.55
C ARG F 330 -32.64 -0.06 3.03
N ASP F 331 -33.65 0.68 3.41
CA ASP F 331 -33.72 2.06 2.94
C ASP F 331 -32.58 2.86 3.55
N LYS F 332 -31.78 3.46 2.68
CA LYS F 332 -30.71 4.37 3.09
C LYS F 332 -31.03 5.80 2.62
N ASN F 333 -31.60 6.56 3.54
CA ASN F 333 -32.01 7.95 3.33
C ASN F 333 -32.81 8.20 2.06
N GLY F 334 -33.73 7.29 1.75
CA GLY F 334 -34.65 7.53 0.66
C GLY F 334 -34.09 7.14 -0.68
N ASN F 335 -33.11 6.25 -0.69
CA ASN F 335 -32.50 5.86 -1.96
C ASN F 335 -33.39 4.97 -2.81
N LEU F 336 -34.62 5.45 -3.02
CA LEU F 336 -35.68 4.69 -3.66
C LEU F 336 -35.39 4.27 -5.10
N GLN F 337 -34.86 5.17 -5.92
CA GLN F 337 -34.59 4.76 -7.28
C GLN F 337 -33.66 3.56 -7.28
N SER F 338 -32.63 3.58 -6.42
CA SER F 338 -31.64 2.48 -6.36
C SER F 338 -32.30 1.16 -5.97
N ARG F 339 -33.20 1.22 -5.00
CA ARG F 339 -33.83 0.01 -4.48
C ARG F 339 -34.71 -0.62 -5.55
N VAL F 340 -35.32 0.23 -6.36
CA VAL F 340 -36.20 -0.23 -7.42
C VAL F 340 -35.38 -0.98 -8.46
N GLU F 341 -34.29 -0.38 -8.93
CA GLU F 341 -33.46 -1.04 -9.95
C GLU F 341 -32.88 -2.36 -9.41
N PHE F 342 -32.46 -2.32 -8.15
CA PHE F 342 -31.93 -3.47 -7.46
C PHE F 342 -32.95 -4.60 -7.43
N ALA F 343 -34.15 -4.27 -6.96
CA ALA F 343 -35.21 -5.24 -6.78
C ALA F 343 -35.51 -5.98 -8.08
N ALA F 344 -35.60 -5.25 -9.19
CA ALA F 344 -35.91 -5.87 -10.46
C ALA F 344 -34.80 -6.82 -10.88
N TYR F 345 -33.57 -6.36 -10.78
CA TYR F 345 -32.44 -7.14 -11.27
C TYR F 345 -32.30 -8.40 -10.43
N TYR F 346 -32.52 -8.28 -9.13
CA TYR F 346 -32.37 -9.42 -8.27
C TYR F 346 -33.37 -10.50 -8.68
N VAL F 347 -34.63 -10.12 -8.81
CA VAL F 347 -35.67 -11.07 -9.18
C VAL F 347 -35.49 -11.60 -10.61
N ARG F 348 -35.13 -10.72 -11.54
CA ARG F 348 -34.91 -11.16 -12.91
C ARG F 348 -33.72 -12.11 -13.03
N ALA F 349 -32.57 -11.73 -12.46
CA ALA F 349 -31.36 -12.57 -12.50
C ALA F 349 -31.61 -13.93 -11.86
N ALA F 350 -32.52 -13.98 -10.88
CA ALA F 350 -32.89 -15.24 -10.22
C ALA F 350 -33.83 -16.09 -11.06
N ARG F 351 -34.88 -15.46 -11.58
CA ARG F 351 -35.87 -16.10 -12.45
C ARG F 351 -35.19 -16.65 -13.69
N ALA F 352 -34.30 -15.86 -14.26
CA ALA F 352 -33.58 -16.26 -15.46
C ALA F 352 -32.81 -17.52 -15.19
N ARG F 353 -32.51 -17.76 -13.91
CA ARG F 353 -31.75 -18.94 -13.50
C ARG F 353 -32.61 -19.99 -12.79
N GLY F 354 -33.92 -19.74 -12.77
CA GLY F 354 -34.90 -20.69 -12.23
C GLY F 354 -35.09 -20.64 -10.73
N ILE F 355 -34.69 -19.53 -10.13
CA ILE F 355 -34.75 -19.35 -8.69
C ILE F 355 -35.80 -18.28 -8.31
N THR F 356 -36.57 -18.58 -7.26
CA THR F 356 -37.57 -17.66 -6.75
C THR F 356 -37.09 -17.02 -5.45
N CYS F 357 -37.44 -15.75 -5.23
CA CYS F 357 -36.95 -15.00 -4.07
C CYS F 357 -38.07 -14.60 -3.12
N CYS F 358 -37.72 -14.25 -1.89
CA CYS F 358 -38.68 -13.76 -0.94
C CYS F 358 -38.15 -12.50 -0.27
N TRP F 359 -38.82 -11.37 -0.45
CA TRP F 359 -38.35 -10.14 0.14
C TRP F 359 -38.58 -10.19 1.64
N TRP F 360 -37.64 -9.65 2.40
CA TRP F 360 -37.79 -9.56 3.85
C TRP F 360 -38.49 -8.26 4.24
N ASP F 361 -39.76 -8.35 4.58
CA ASP F 361 -40.52 -7.17 4.99
C ASP F 361 -40.73 -7.15 6.50
N ASN F 362 -40.09 -6.21 7.19
CA ASN F 362 -40.20 -6.20 8.66
C ASN F 362 -41.01 -5.02 9.23
N ASN F 363 -41.80 -4.36 8.37
CA ASN F 363 -42.69 -3.25 8.77
C ASN F 363 -41.94 -2.08 9.41
N ALA F 364 -40.65 -1.98 9.09
CA ALA F 364 -39.76 -0.94 9.59
C ALA F 364 -39.46 0.03 8.45
N PHE F 365 -39.55 1.32 8.73
CA PHE F 365 -39.52 2.34 7.70
C PHE F 365 -38.64 3.54 7.92
N TYR F 366 -38.47 3.94 9.16
CA TYR F 366 -37.67 5.11 9.47
C TYR F 366 -36.97 4.94 10.83
N GLY F 367 -35.85 5.63 11.02
CA GLY F 367 -35.04 5.46 12.22
C GLY F 367 -33.72 4.79 11.90
N ASN F 368 -32.82 4.71 12.88
CA ASN F 368 -31.51 4.16 12.61
C ASN F 368 -31.50 2.63 12.55
N GLY F 369 -32.69 2.02 12.47
CA GLY F 369 -32.83 0.58 12.35
C GLY F 369 -32.74 0.06 10.91
N GLU F 370 -32.91 -1.27 10.75
CA GLU F 370 -32.92 -1.90 9.43
C GLU F 370 -34.31 -1.78 8.80
N ASN F 371 -34.53 -0.70 8.07
CA ASN F 371 -35.83 -0.42 7.46
C ASN F 371 -36.07 -1.15 6.13
N PHE F 372 -36.66 -2.34 6.21
CA PHE F 372 -36.92 -3.17 5.03
C PHE F 372 -38.40 -3.20 4.69
N GLY F 373 -39.17 -2.33 5.33
CA GLY F 373 -40.59 -2.37 5.15
C GLY F 373 -41.01 -2.04 3.73
N LEU F 374 -42.03 -2.74 3.26
CA LEU F 374 -42.69 -2.39 2.02
C LEU F 374 -44.15 -2.09 2.36
N LEU F 375 -44.72 -2.89 3.26
CA LEU F 375 -46.10 -2.72 3.63
C LEU F 375 -46.27 -2.12 5.01
N ASP F 376 -46.90 -0.95 5.08
CA ASP F 376 -47.31 -0.39 6.36
C ASP F 376 -48.46 -1.23 6.88
N ARG F 377 -48.21 -1.98 7.93
CA ARG F 377 -49.18 -2.94 8.40
C ARG F 377 -50.42 -2.32 9.05
N LYS F 378 -50.26 -1.12 9.60
CA LYS F 378 -51.35 -0.51 10.36
C LYS F 378 -52.31 0.25 9.45
N THR F 379 -51.94 0.47 8.19
CA THR F 379 -52.83 1.14 7.25
C THR F 379 -53.08 0.30 6.00
N LEU F 380 -52.37 -0.82 5.90
CA LEU F 380 -52.45 -1.71 4.74
C LEU F 380 -52.11 -1.00 3.43
N LYS F 381 -51.29 0.04 3.54
CA LYS F 381 -50.84 0.80 2.38
C LYS F 381 -49.40 0.39 2.00
N TRP F 382 -49.14 0.26 0.70
CA TRP F 382 -47.80 -0.04 0.22
C TRP F 382 -46.95 1.23 0.09
N VAL F 383 -46.00 1.41 1.02
CA VAL F 383 -45.21 2.65 1.08
C VAL F 383 -44.32 2.84 -0.14
N TYR F 384 -43.87 1.73 -0.71
CA TYR F 384 -43.01 1.78 -1.86
C TYR F 384 -43.56 0.87 -2.93
N PRO F 385 -44.67 1.29 -3.55
CA PRO F 385 -45.31 0.44 -4.57
C PRO F 385 -44.38 0.15 -5.73
N GLU F 386 -43.39 1.03 -5.94
CA GLU F 386 -42.42 0.87 -7.02
C GLU F 386 -41.55 -0.37 -6.86
N ILE F 387 -41.14 -0.65 -5.63
CA ILE F 387 -40.33 -1.81 -5.34
C ILE F 387 -41.13 -3.06 -5.63
N VAL F 388 -42.37 -3.08 -5.15
CA VAL F 388 -43.22 -4.21 -5.42
C VAL F 388 -43.43 -4.40 -6.91
N SER F 389 -43.68 -3.31 -7.63
CA SER F 389 -43.94 -3.38 -9.06
C SER F 389 -42.77 -3.86 -9.90
N ALA F 390 -41.56 -3.42 -9.53
CA ALA F 390 -40.33 -3.83 -10.21
C ALA F 390 -40.13 -5.35 -10.10
N MET F 391 -40.49 -5.89 -8.95
CA MET F 391 -40.41 -7.31 -8.72
C MET F 391 -41.48 -8.05 -9.53
N MET F 392 -42.71 -7.54 -9.51
CA MET F 392 -43.82 -8.25 -10.16
C MET F 392 -43.60 -8.36 -11.66
N LYS F 393 -42.80 -7.44 -12.17
CA LYS F 393 -42.50 -7.40 -13.59
C LYS F 393 -41.59 -8.54 -14.03
N TYR F 394 -40.71 -9.04 -13.15
CA TYR F 394 -39.77 -10.05 -13.61
C TYR F 394 -39.84 -11.30 -12.77
N ALA F 395 -40.95 -11.47 -12.07
CA ALA F 395 -41.03 -12.60 -11.16
C ALA F 395 -41.71 -13.79 -11.85
N ARG F 396 -42.59 -13.52 -12.81
CA ARG F 396 -43.26 -14.58 -13.56
C ARG F 396 -42.26 -15.36 -14.41
N ALA G 23 4.05 30.36 -49.61
CA ALA G 23 2.67 29.89 -49.72
C ALA G 23 2.34 29.41 -51.15
N LYS G 24 3.11 28.43 -51.65
CA LYS G 24 2.89 27.88 -53.01
C LYS G 24 2.44 26.40 -53.07
N ILE G 25 1.51 26.09 -53.98
CA ILE G 25 0.94 24.73 -54.09
C ILE G 25 1.70 23.84 -55.08
N PRO G 26 2.20 22.68 -54.61
CA PRO G 26 3.00 21.82 -55.51
C PRO G 26 2.11 21.01 -56.45
N GLU G 27 2.66 20.49 -57.55
CA GLU G 27 1.89 19.55 -58.35
C GLU G 27 2.42 18.15 -58.24
N ILE G 28 1.49 17.24 -57.94
CA ILE G 28 1.83 15.90 -57.50
C ILE G 28 1.51 14.82 -58.53
N LYS G 29 2.51 14.00 -58.79
CA LYS G 29 2.36 12.93 -59.76
C LYS G 29 2.29 11.59 -59.03
N ILE G 30 1.05 11.13 -58.81
CA ILE G 30 0.78 9.81 -58.27
C ILE G 30 -0.21 9.10 -59.18
N ALA G 31 0.22 7.96 -59.72
CA ALA G 31 -0.60 7.18 -60.63
C ALA G 31 -1.88 6.69 -59.97
N SER G 32 -3.03 6.99 -60.59
CA SER G 32 -4.31 6.50 -60.10
C SER G 32 -4.29 4.98 -60.21
N ARG G 33 -4.76 4.30 -59.19
CA ARG G 33 -4.71 2.84 -59.16
C ARG G 33 -6.06 2.27 -59.57
N LYS G 34 -6.11 0.96 -59.79
CA LYS G 34 -7.35 0.35 -60.26
C LYS G 34 -8.35 0.24 -59.10
N ILE G 35 -9.50 0.89 -59.27
CA ILE G 35 -10.56 0.92 -58.29
C ILE G 35 -11.80 0.19 -58.81
N PRO G 36 -12.18 -0.93 -58.16
CA PRO G 36 -13.33 -1.75 -58.55
C PRO G 36 -14.55 -0.89 -58.77
N ASN G 37 -15.40 -1.27 -59.72
CA ASN G 37 -16.52 -0.40 -60.08
C ASN G 37 -17.82 -0.85 -59.44
N ASN G 38 -18.09 -0.34 -58.24
CA ASN G 38 -19.38 -0.58 -57.60
C ASN G 38 -20.04 0.71 -57.12
N ALA G 39 -21.28 0.60 -56.68
CA ALA G 39 -22.04 1.75 -56.18
C ALA G 39 -21.35 2.31 -54.94
N ALA G 40 -20.70 1.43 -54.19
CA ALA G 40 -20.09 1.78 -52.89
C ALA G 40 -18.92 2.76 -53.04
N LEU G 41 -17.98 2.45 -53.91
CA LEU G 41 -16.81 3.30 -54.12
C LEU G 41 -17.24 4.57 -54.85
N LYS G 42 -18.34 4.48 -55.61
CA LYS G 42 -18.86 5.66 -56.31
C LYS G 42 -19.45 6.65 -55.32
N PHE G 43 -20.03 6.09 -54.26
CA PHE G 43 -20.62 6.82 -53.14
C PHE G 43 -19.57 7.61 -52.37
N VAL G 44 -18.48 6.91 -52.02
CA VAL G 44 -17.35 7.50 -51.32
C VAL G 44 -16.63 8.52 -52.19
N LYS G 45 -16.50 8.23 -53.48
CA LYS G 45 -15.84 9.17 -54.38
C LYS G 45 -16.60 10.48 -54.42
N ASP G 46 -17.93 10.38 -54.37
CA ASP G 46 -18.79 11.53 -54.49
C ASP G 46 -18.73 12.36 -53.23
N MET G 47 -18.31 11.76 -52.12
CA MET G 47 -18.09 12.55 -50.91
C MET G 47 -16.98 13.58 -51.14
N LYS G 48 -16.09 13.28 -52.08
CA LYS G 48 -15.05 14.20 -52.50
C LYS G 48 -14.07 14.53 -51.38
N ILE G 49 -14.51 15.39 -50.45
CA ILE G 49 -13.66 15.82 -49.35
C ILE G 49 -14.48 16.39 -48.17
N GLY G 50 -14.01 16.11 -46.95
CA GLY G 50 -14.75 16.39 -45.73
C GLY G 50 -14.17 17.40 -44.76
N TRP G 51 -15.03 17.88 -43.88
CA TRP G 51 -14.70 18.92 -42.92
C TRP G 51 -15.37 18.55 -41.60
N ASN G 52 -14.57 18.36 -40.56
CA ASN G 52 -15.11 18.00 -39.26
C ASN G 52 -15.61 19.22 -38.51
N LEU G 53 -16.82 19.17 -37.97
CA LEU G 53 -17.25 20.21 -37.04
C LEU G 53 -16.63 19.89 -35.68
N GLY G 54 -15.31 20.08 -35.58
CA GLY G 54 -14.55 19.67 -34.41
C GLY G 54 -14.64 20.58 -33.19
N ASN G 55 -14.33 20.01 -32.03
CA ASN G 55 -14.39 20.74 -30.77
C ASN G 55 -15.74 21.40 -30.57
N THR G 56 -16.75 20.82 -31.19
CA THR G 56 -18.09 21.37 -31.09
C THR G 56 -18.94 20.41 -30.28
N PHE G 57 -19.71 19.56 -30.95
CA PHE G 57 -20.59 18.64 -30.23
C PHE G 57 -19.80 17.47 -29.64
N ASP G 58 -18.53 17.37 -30.02
CA ASP G 58 -17.69 16.31 -29.46
C ASP G 58 -17.34 16.63 -28.01
N ALA G 59 -17.45 17.90 -27.63
CA ALA G 59 -17.05 18.34 -26.31
C ALA G 59 -17.75 17.59 -25.18
N ALA G 60 -16.96 16.95 -24.32
CA ALA G 60 -17.51 16.16 -23.24
C ALA G 60 -16.63 16.31 -22.01
N PHE G 61 -17.24 16.58 -20.86
CA PHE G 61 -16.50 16.67 -19.59
C PHE G 61 -17.47 16.58 -18.42
N GLU G 62 -16.95 16.34 -17.22
CA GLU G 62 -17.82 16.09 -16.08
C GLU G 62 -18.06 17.34 -15.26
N ASN G 63 -19.18 17.35 -14.54
CA ASN G 63 -19.56 18.44 -13.64
C ASN G 63 -19.53 19.81 -14.27
N PRO G 64 -20.38 20.04 -15.28
CA PRO G 64 -20.42 21.36 -15.90
C PRO G 64 -20.85 22.45 -14.92
N SER G 65 -20.32 23.65 -15.14
CA SER G 65 -20.58 24.77 -14.26
C SER G 65 -21.65 25.67 -14.86
N PHE G 66 -22.38 25.10 -15.80
CA PHE G 66 -23.51 25.80 -16.39
C PHE G 66 -24.73 24.89 -16.33
N ASP G 67 -25.92 25.46 -16.52
CA ASP G 67 -27.13 24.66 -16.41
C ASP G 67 -27.70 24.34 -17.79
N ASP G 68 -27.40 25.18 -18.76
CA ASP G 68 -27.87 24.93 -20.12
C ASP G 68 -26.93 23.93 -20.80
N GLU G 69 -27.41 22.71 -20.99
CA GLU G 69 -26.53 21.67 -21.52
C GLU G 69 -26.12 21.95 -22.96
N LEU G 70 -26.79 22.90 -23.62
CA LEU G 70 -26.42 23.21 -25.00
C LEU G 70 -25.09 23.96 -25.06
N LEU G 71 -24.61 24.44 -23.90
CA LEU G 71 -23.37 25.19 -23.87
C LEU G 71 -22.16 24.30 -24.06
N TYR G 72 -22.42 23.00 -24.08
CA TYR G 72 -21.40 22.04 -24.42
C TYR G 72 -20.95 22.24 -25.87
N GLU G 73 -21.87 22.70 -26.71
CA GLU G 73 -21.56 22.91 -28.12
C GLU G 73 -20.45 23.92 -28.33
N THR G 74 -20.34 24.91 -27.46
CA THR G 74 -19.38 25.99 -27.68
C THR G 74 -18.28 26.04 -26.62
N ALA G 75 -18.22 25.00 -25.80
CA ALA G 75 -17.28 24.94 -24.67
C ALA G 75 -15.83 24.82 -25.10
N TRP G 76 -15.60 24.27 -26.29
CA TRP G 76 -14.23 24.03 -26.79
C TRP G 76 -13.90 24.75 -28.08
N CYS G 77 -14.91 25.39 -28.69
CA CYS G 77 -14.69 26.11 -29.93
C CYS G 77 -15.05 27.58 -29.84
N GLY G 78 -15.90 27.95 -28.88
CA GLY G 78 -16.17 29.35 -28.59
C GLY G 78 -17.13 30.14 -29.48
N VAL G 79 -17.83 29.46 -30.39
CA VAL G 79 -18.77 30.10 -31.30
C VAL G 79 -19.94 29.18 -31.60
N LYS G 80 -21.18 29.66 -31.51
CA LYS G 80 -22.31 28.80 -31.84
C LYS G 80 -22.42 28.59 -33.35
N THR G 81 -22.73 27.37 -33.76
CA THR G 81 -22.77 27.04 -35.17
C THR G 81 -23.96 27.68 -35.90
N THR G 82 -23.66 28.28 -37.06
CA THR G 82 -24.66 28.99 -37.87
C THR G 82 -24.73 28.36 -39.22
N LYS G 83 -25.76 28.65 -40.00
CA LYS G 83 -25.85 28.05 -41.34
C LYS G 83 -24.84 28.69 -42.30
N GLN G 84 -24.55 29.99 -42.13
CA GLN G 84 -23.63 30.67 -43.04
C GLN G 84 -22.25 30.07 -42.88
N MET G 85 -21.98 29.58 -41.68
CA MET G 85 -20.74 28.87 -41.38
C MET G 85 -20.66 27.58 -42.19
N ILE G 86 -21.70 26.76 -42.09
CA ILE G 86 -21.81 25.52 -42.85
C ILE G 86 -21.79 25.85 -44.34
N ASP G 87 -22.44 26.95 -44.69
CA ASP G 87 -22.49 27.43 -46.08
C ASP G 87 -21.09 27.72 -46.62
N THR G 88 -20.30 28.46 -45.84
CA THR G 88 -18.92 28.79 -46.22
C THR G 88 -18.12 27.53 -46.47
N VAL G 89 -18.38 26.50 -45.69
CA VAL G 89 -17.69 25.23 -45.89
C VAL G 89 -18.08 24.57 -47.21
N LYS G 90 -19.37 24.60 -47.57
CA LYS G 90 -19.81 24.02 -48.85
C LYS G 90 -19.25 24.77 -50.05
N LYS G 91 -19.27 26.09 -49.94
CA LYS G 91 -18.86 26.96 -51.04
C LYS G 91 -17.36 26.79 -51.24
N ALA G 92 -16.66 26.45 -50.18
CA ALA G 92 -15.22 26.30 -50.25
C ALA G 92 -14.83 25.06 -51.00
N GLY G 93 -15.76 24.13 -51.15
CA GLY G 93 -15.50 22.93 -51.93
C GLY G 93 -15.73 21.63 -51.20
N PHE G 94 -15.99 21.71 -49.90
CA PHE G 94 -16.24 20.51 -49.11
C PHE G 94 -17.60 19.91 -49.40
N ASN G 95 -17.63 18.64 -49.79
CA ASN G 95 -18.89 17.98 -50.06
C ASN G 95 -19.35 17.05 -48.93
N THR G 96 -18.50 16.85 -47.93
CA THR G 96 -18.91 16.05 -46.78
C THR G 96 -18.54 16.82 -45.54
N ILE G 97 -19.36 16.71 -44.51
CA ILE G 97 -19.02 17.28 -43.22
C ILE G 97 -19.33 16.25 -42.12
N ARG G 98 -18.36 15.99 -41.27
CA ARG G 98 -18.52 15.05 -40.16
C ARG G 98 -18.84 15.83 -38.90
N ILE G 99 -19.92 15.46 -38.24
CA ILE G 99 -20.28 16.11 -37.00
C ILE G 99 -20.12 15.10 -35.87
N PRO G 100 -19.00 15.22 -35.14
CA PRO G 100 -18.77 14.31 -34.03
C PRO G 100 -19.63 14.75 -32.84
N VAL G 101 -20.35 13.81 -32.25
CA VAL G 101 -21.19 14.12 -31.10
C VAL G 101 -20.87 13.20 -29.92
N SER G 102 -20.70 13.83 -28.75
CA SER G 102 -20.53 13.13 -27.48
C SER G 102 -21.83 13.20 -26.73
N TRP G 103 -22.41 12.04 -26.44
CA TRP G 103 -23.77 11.99 -25.89
C TRP G 103 -23.87 11.83 -24.37
N HIS G 104 -22.83 11.37 -23.71
CA HIS G 104 -22.99 10.89 -22.33
C HIS G 104 -23.25 11.99 -21.31
N ASN G 105 -22.93 13.22 -21.67
CA ASN G 105 -23.28 14.34 -20.80
C ASN G 105 -24.69 14.85 -21.08
N HIS G 106 -25.45 14.06 -21.86
CA HIS G 106 -26.79 14.44 -22.28
C HIS G 106 -27.79 13.26 -22.23
N VAL G 107 -27.54 12.29 -21.37
CA VAL G 107 -28.49 11.21 -21.15
C VAL G 107 -28.91 11.09 -19.69
N THR G 108 -30.10 10.58 -19.44
CA THR G 108 -30.56 10.38 -18.07
C THR G 108 -31.27 9.05 -18.00
N GLY G 109 -31.52 8.56 -16.79
CA GLY G 109 -32.27 7.34 -16.62
C GLY G 109 -31.43 6.10 -16.83
N SER G 110 -32.03 4.94 -16.61
CA SER G 110 -31.27 3.70 -16.70
C SER G 110 -31.11 3.18 -18.15
N ASN G 111 -31.88 3.71 -19.08
CA ASN G 111 -31.73 3.27 -20.47
C ASN G 111 -31.19 4.36 -21.39
N PHE G 112 -30.49 5.33 -20.81
CA PHE G 112 -29.75 6.33 -21.58
C PHE G 112 -30.68 7.17 -22.45
N THR G 113 -31.59 7.89 -21.83
CA THR G 113 -32.51 8.71 -22.59
C THR G 113 -31.82 10.00 -23.04
N ILE G 114 -31.66 10.17 -24.35
CA ILE G 114 -31.05 11.39 -24.87
C ILE G 114 -31.96 12.59 -24.61
N SER G 115 -31.38 13.68 -24.09
CA SER G 115 -32.11 14.95 -23.94
C SER G 115 -32.67 15.45 -25.26
N LYS G 116 -33.96 15.82 -25.26
CA LYS G 116 -34.61 16.26 -26.49
C LYS G 116 -33.98 17.56 -27.00
N ARG G 117 -33.69 18.46 -26.07
CA ARG G 117 -33.11 19.76 -26.37
C ARG G 117 -31.80 19.55 -27.15
N TRP G 118 -30.94 18.67 -26.61
CA TRP G 118 -29.65 18.36 -27.21
C TRP G 118 -29.83 17.69 -28.58
N LEU G 119 -30.67 16.67 -28.66
CA LEU G 119 -30.87 15.99 -29.94
C LEU G 119 -31.45 16.96 -30.98
N ASP G 120 -32.32 17.87 -30.54
CA ASP G 120 -32.91 18.83 -31.46
C ASP G 120 -31.79 19.67 -32.04
N ARG G 121 -30.94 20.18 -31.16
CA ARG G 121 -29.86 21.07 -31.56
C ARG G 121 -28.96 20.37 -32.55
N VAL G 122 -28.63 19.10 -32.31
CA VAL G 122 -27.79 18.39 -33.25
C VAL G 122 -28.48 18.31 -34.62
N GLN G 123 -29.75 17.91 -34.62
CA GLN G 123 -30.52 17.79 -35.85
C GLN G 123 -30.54 19.09 -36.64
N GLN G 124 -30.61 20.19 -35.89
CA GLN G 124 -30.60 21.51 -36.46
C GLN G 124 -29.35 21.68 -37.32
N VAL G 125 -28.19 21.40 -36.74
CA VAL G 125 -26.93 21.56 -37.47
C VAL G 125 -26.78 20.54 -38.60
N VAL G 126 -27.29 19.34 -38.38
CA VAL G 126 -27.33 18.35 -39.44
C VAL G 126 -28.16 18.92 -40.60
N ASP G 127 -29.29 19.57 -40.29
CA ASP G 127 -30.13 20.14 -41.34
C ASP G 127 -29.46 21.26 -42.13
N TYR G 128 -28.63 22.06 -41.45
CA TYR G 128 -27.83 23.11 -42.11
C TYR G 128 -27.11 22.50 -43.29
N ALA G 129 -26.51 21.34 -43.05
CA ALA G 129 -25.65 20.68 -44.02
C ALA G 129 -26.43 19.95 -45.11
N MET G 130 -27.56 19.35 -44.76
CA MET G 130 -28.41 18.65 -45.72
C MET G 130 -28.95 19.65 -46.75
N LYS G 131 -29.29 20.84 -46.27
CA LYS G 131 -29.78 21.94 -47.09
C LYS G 131 -28.72 22.39 -48.08
N ASN G 132 -27.48 22.00 -47.83
CA ASN G 132 -26.38 22.33 -48.72
C ASN G 132 -25.99 21.11 -49.53
N LYS G 133 -26.93 20.17 -49.62
CA LYS G 133 -26.81 19.01 -50.49
C LYS G 133 -25.56 18.16 -50.23
N MET G 134 -25.10 18.20 -48.99
CA MET G 134 -23.86 17.54 -48.54
C MET G 134 -24.05 16.17 -47.95
N TYR G 135 -22.95 15.45 -47.81
CA TYR G 135 -22.94 14.23 -47.02
C TYR G 135 -22.71 14.59 -45.56
N VAL G 136 -23.37 13.85 -44.67
CA VAL G 136 -23.23 14.10 -43.25
C VAL G 136 -22.89 12.82 -42.48
N ILE G 137 -22.00 12.98 -41.49
CA ILE G 137 -21.60 11.90 -40.61
C ILE G 137 -21.86 12.27 -39.14
N ILE G 138 -22.60 11.44 -38.43
CA ILE G 138 -22.70 11.57 -36.98
C ILE G 138 -22.23 10.29 -36.32
N ASN G 139 -21.79 10.41 -35.08
CA ASN G 139 -21.21 9.29 -34.36
C ASN G 139 -21.42 9.36 -32.88
N ILE G 140 -20.80 8.38 -32.23
CA ILE G 140 -20.59 8.41 -30.80
C ILE G 140 -19.13 8.81 -30.61
N HIS G 141 -18.91 9.93 -29.93
CA HIS G 141 -17.54 10.43 -29.88
C HIS G 141 -16.82 10.19 -28.56
N HIS G 142 -16.70 11.21 -27.73
CA HIS G 142 -15.97 11.07 -26.47
C HIS G 142 -16.81 10.41 -25.39
N ASP G 143 -17.35 9.23 -25.70
CA ASP G 143 -18.14 8.45 -24.75
C ASP G 143 -17.45 7.13 -24.42
N ILE G 144 -16.12 7.10 -24.63
CA ILE G 144 -15.36 5.88 -24.40
C ILE G 144 -14.93 5.76 -22.94
N MET G 145 -15.71 5.00 -22.16
CA MET G 145 -15.77 5.19 -20.72
C MET G 145 -16.59 4.07 -20.07
N PRO G 146 -16.06 3.46 -19.00
CA PRO G 146 -16.85 2.41 -18.36
C PRO G 146 -18.16 3.00 -17.90
N GLY G 147 -19.26 2.32 -18.20
CA GLY G 147 -20.59 2.82 -17.91
C GLY G 147 -21.32 3.35 -19.13
N TYR G 148 -20.57 3.64 -20.18
CA TYR G 148 -21.15 4.01 -21.47
C TYR G 148 -20.54 3.06 -22.53
N TYR G 149 -19.69 3.56 -23.42
CA TYR G 149 -18.99 2.66 -24.34
C TYR G 149 -17.62 2.27 -23.79
N TYR G 150 -17.42 0.98 -23.53
CA TYR G 150 -16.09 0.49 -23.15
C TYR G 150 -15.92 -0.93 -23.69
N PRO G 151 -14.93 -1.14 -24.58
CA PRO G 151 -14.78 -2.40 -25.33
C PRO G 151 -13.99 -3.49 -24.60
N ASN G 152 -14.56 -4.07 -23.55
CA ASN G 152 -14.00 -5.29 -22.98
C ASN G 152 -15.11 -6.15 -22.37
N SER G 153 -14.73 -7.35 -21.93
CA SER G 153 -15.72 -8.32 -21.48
C SER G 153 -16.40 -7.88 -20.20
N GLN G 154 -15.67 -7.18 -19.34
CA GLN G 154 -16.23 -6.77 -18.07
C GLN G 154 -17.33 -5.71 -18.26
N HIS G 155 -17.23 -4.91 -19.30
CA HIS G 155 -18.20 -3.84 -19.47
C HIS G 155 -19.02 -4.02 -20.75
N LEU G 156 -18.88 -5.20 -21.35
CA LEU G 156 -19.50 -5.50 -22.63
C LEU G 156 -21.01 -5.41 -22.58
N GLN G 157 -21.59 -5.83 -21.46
CA GLN G 157 -23.04 -5.94 -21.36
C GLN G 157 -23.70 -4.58 -21.40
N THR G 158 -23.11 -3.65 -20.66
CA THR G 158 -23.61 -2.29 -20.57
C THR G 158 -23.35 -1.57 -21.87
N SER G 159 -22.20 -1.84 -22.47
CA SER G 159 -21.84 -1.23 -23.74
C SER G 159 -22.87 -1.62 -24.81
N ILE G 160 -23.25 -2.89 -24.79
CA ILE G 160 -24.29 -3.36 -25.69
C ILE G 160 -25.53 -2.52 -25.47
N LYS G 161 -25.88 -2.30 -24.21
CA LYS G 161 -27.06 -1.50 -23.89
C LYS G 161 -26.91 -0.03 -24.32
N TYR G 162 -25.72 0.55 -24.11
CA TYR G 162 -25.45 1.93 -24.54
C TYR G 162 -25.47 2.10 -26.07
N VAL G 163 -24.79 1.21 -26.78
CA VAL G 163 -24.84 1.28 -28.24
C VAL G 163 -26.28 1.10 -28.74
N LYS G 164 -27.02 0.16 -28.15
CA LYS G 164 -28.37 -0.14 -28.62
C LYS G 164 -29.29 1.06 -28.39
N SER G 165 -29.24 1.61 -27.19
CA SER G 165 -30.11 2.72 -26.83
C SER G 165 -29.78 3.98 -27.63
N ILE G 166 -28.50 4.34 -27.69
CA ILE G 166 -28.14 5.58 -28.36
C ILE G 166 -28.52 5.58 -29.83
N TRP G 167 -28.14 4.55 -30.56
CA TRP G 167 -28.42 4.55 -31.99
C TRP G 167 -29.91 4.31 -32.25
N THR G 168 -30.61 3.63 -31.35
CA THR G 168 -32.05 3.46 -31.53
C THR G 168 -32.72 4.84 -31.53
N GLN G 169 -32.37 5.67 -30.56
CA GLN G 169 -32.90 7.02 -30.50
C GLN G 169 -32.46 7.84 -31.70
N VAL G 170 -31.14 7.88 -31.93
CA VAL G 170 -30.62 8.72 -32.99
C VAL G 170 -31.18 8.28 -34.36
N ALA G 171 -31.12 6.99 -34.67
CA ALA G 171 -31.61 6.53 -35.97
C ALA G 171 -33.14 6.71 -36.13
N THR G 172 -33.90 6.64 -35.06
CA THR G 172 -35.34 6.89 -35.20
C THR G 172 -35.53 8.34 -35.61
N ARG G 173 -34.75 9.22 -35.01
CA ARG G 173 -34.80 10.63 -35.36
C ARG G 173 -34.45 10.93 -36.83
N PHE G 174 -33.51 10.18 -37.39
CA PHE G 174 -33.04 10.46 -38.75
C PHE G 174 -33.49 9.36 -39.71
N LYS G 175 -34.58 8.70 -39.33
CA LYS G 175 -35.14 7.55 -40.01
C LYS G 175 -35.39 7.85 -41.48
N ASN G 176 -35.73 9.10 -41.75
CA ASN G 176 -36.20 9.48 -43.07
C ASN G 176 -35.17 10.22 -43.92
N TYR G 177 -34.01 10.48 -43.36
CA TYR G 177 -32.96 11.17 -44.10
C TYR G 177 -32.41 10.24 -45.17
N ASN G 178 -31.96 10.77 -46.31
CA ASN G 178 -31.58 9.89 -47.43
C ASN G 178 -30.16 9.36 -47.31
N ASP G 179 -29.73 8.61 -48.31
CA ASP G 179 -28.42 7.95 -48.26
C ASP G 179 -27.22 8.93 -48.13
N HIS G 180 -27.49 10.23 -48.24
CA HIS G 180 -26.42 11.22 -48.03
C HIS G 180 -26.00 11.37 -46.56
N LEU G 181 -26.86 10.98 -45.64
CA LEU G 181 -26.54 10.97 -44.20
C LEU G 181 -25.94 9.64 -43.78
N ILE G 182 -24.82 9.69 -43.07
CA ILE G 182 -24.12 8.48 -42.66
C ILE G 182 -24.06 8.34 -41.14
N PHE G 183 -24.27 7.11 -40.67
CA PHE G 183 -24.08 6.83 -39.24
C PHE G 183 -22.71 6.20 -39.04
N GLU G 184 -21.88 6.82 -38.18
CA GLU G 184 -20.59 6.20 -37.84
C GLU G 184 -20.69 5.60 -36.45
N ALA G 185 -20.56 4.29 -36.35
CA ALA G 185 -20.80 3.55 -35.11
C ALA G 185 -20.27 4.23 -33.85
N VAL G 186 -18.99 4.60 -33.89
CA VAL G 186 -18.31 5.15 -32.74
C VAL G 186 -16.98 5.76 -33.19
N ASN G 187 -16.48 6.74 -32.46
CA ASN G 187 -15.18 7.32 -32.81
C ASN G 187 -14.05 6.81 -31.93
N GLU G 188 -13.12 6.08 -32.53
CA GLU G 188 -11.94 5.61 -31.79
C GLU G 188 -12.23 4.83 -30.49
N PRO G 189 -13.00 3.73 -30.59
CA PRO G 189 -13.27 2.94 -29.38
C PRO G 189 -12.00 2.25 -28.92
N ARG G 190 -11.69 2.32 -27.63
CA ARG G 190 -10.42 1.83 -27.12
C ARG G 190 -10.46 1.56 -25.64
N LEU G 191 -9.44 0.89 -25.12
CA LEU G 191 -9.36 0.61 -23.69
C LEU G 191 -8.72 1.77 -22.96
N THR G 192 -9.50 2.82 -22.69
CA THR G 192 -8.95 4.00 -22.01
C THR G 192 -8.46 3.66 -20.61
N GLY G 193 -7.41 4.33 -20.15
CA GLY G 193 -6.93 4.12 -18.80
C GLY G 193 -6.04 2.91 -18.61
N SER G 194 -5.99 2.05 -19.63
CA SER G 194 -5.18 0.84 -19.60
C SER G 194 -3.82 1.13 -20.21
N ARG G 195 -2.89 0.18 -20.12
CA ARG G 195 -1.59 0.39 -20.75
C ARG G 195 -1.63 0.14 -22.26
N PHE G 196 -2.82 -0.17 -22.78
CA PHE G 196 -3.03 -0.42 -24.22
C PHE G 196 -3.98 0.53 -24.94
N GLU G 197 -4.14 1.75 -24.45
CA GLU G 197 -5.11 2.68 -25.02
C GLU G 197 -4.93 2.93 -26.51
N TRP G 198 -3.68 3.03 -26.96
CA TRP G 198 -3.43 3.42 -28.33
C TRP G 198 -2.75 2.33 -29.16
N TRP G 199 -2.13 1.37 -28.48
CA TRP G 199 -1.47 0.27 -29.18
C TRP G 199 -1.89 -1.09 -28.66
N LEU G 200 -2.01 -2.05 -29.56
CA LEU G 200 -2.43 -3.38 -29.17
C LEU G 200 -1.22 -4.33 -29.22
N ASP G 201 -1.14 -5.19 -28.22
CA ASP G 201 -0.26 -6.34 -28.24
C ASP G 201 -1.15 -7.55 -28.36
N MET G 202 -1.27 -8.11 -29.57
CA MET G 202 -2.21 -9.20 -29.78
C MET G 202 -1.85 -10.52 -29.11
N ASN G 203 -0.70 -10.56 -28.44
CA ASN G 203 -0.34 -11.74 -27.65
C ASN G 203 -1.02 -11.66 -26.27
N ASN G 204 -1.40 -10.45 -25.85
CA ASN G 204 -2.10 -10.23 -24.59
C ASN G 204 -3.62 -10.46 -24.72
N PRO G 205 -4.19 -11.32 -23.86
CA PRO G 205 -5.61 -11.67 -24.02
C PRO G 205 -6.54 -10.50 -23.76
N GLU G 206 -6.06 -9.56 -22.98
CA GLU G 206 -6.84 -8.37 -22.69
C GLU G 206 -7.13 -7.59 -23.98
N CYS G 207 -6.11 -7.52 -24.82
CA CYS G 207 -6.20 -6.86 -26.11
C CYS G 207 -7.03 -7.68 -27.08
N ARG G 208 -6.85 -9.00 -27.05
CA ARG G 208 -7.58 -9.86 -27.99
C ARG G 208 -9.06 -9.71 -27.72
N ASP G 209 -9.40 -9.59 -26.43
CA ASP G 209 -10.77 -9.42 -25.99
C ASP G 209 -11.32 -8.11 -26.50
N ALA G 210 -10.49 -7.07 -26.40
CA ALA G 210 -10.87 -5.75 -26.80
C ALA G 210 -11.33 -5.74 -28.26
N VAL G 211 -10.57 -6.40 -29.12
CA VAL G 211 -10.93 -6.47 -30.52
C VAL G 211 -12.32 -7.08 -30.65
N GLU G 212 -12.58 -8.12 -29.86
CA GLU G 212 -13.86 -8.82 -30.00
C GLU G 212 -15.02 -7.93 -29.59
N ALA G 213 -14.84 -7.19 -28.51
CA ALA G 213 -15.88 -6.33 -28.01
C ALA G 213 -16.24 -5.33 -29.06
N ILE G 214 -15.24 -4.77 -29.72
CA ILE G 214 -15.53 -3.80 -30.76
C ILE G 214 -16.24 -4.48 -31.93
N ASN G 215 -15.81 -5.69 -32.28
CA ASN G 215 -16.49 -6.44 -33.33
C ASN G 215 -17.95 -6.71 -32.94
N LYS G 216 -18.15 -7.03 -31.68
CA LYS G 216 -19.47 -7.31 -31.15
C LYS G 216 -20.35 -6.03 -31.16
N LEU G 217 -19.77 -4.91 -30.72
CA LEU G 217 -20.51 -3.66 -30.63
C LEU G 217 -20.83 -3.01 -31.97
N ASN G 218 -19.96 -3.23 -32.96
CA ASN G 218 -20.23 -2.76 -34.32
C ASN G 218 -21.38 -3.53 -34.89
N GLN G 219 -21.42 -4.80 -34.56
CA GLN G 219 -22.50 -5.66 -34.99
C GLN G 219 -23.81 -5.25 -34.32
N VAL G 220 -23.79 -4.94 -33.02
CA VAL G 220 -24.99 -4.44 -32.36
C VAL G 220 -25.43 -3.13 -33.01
N PHE G 221 -24.45 -2.30 -33.35
CA PHE G 221 -24.71 -1.03 -34.02
C PHE G 221 -25.53 -1.22 -35.31
N VAL G 222 -25.03 -2.08 -36.18
CA VAL G 222 -25.67 -2.30 -37.47
C VAL G 222 -27.07 -2.87 -37.32
N ASP G 223 -27.20 -3.90 -36.49
CA ASP G 223 -28.46 -4.57 -36.28
C ASP G 223 -29.51 -3.59 -35.76
N THR G 224 -29.11 -2.75 -34.81
CA THR G 224 -30.01 -1.76 -34.23
C THR G 224 -30.48 -0.78 -35.29
N VAL G 225 -29.56 -0.25 -36.08
CA VAL G 225 -29.93 0.75 -37.08
C VAL G 225 -30.87 0.19 -38.13
N ARG G 226 -30.56 -1.00 -38.65
CA ARG G 226 -31.39 -1.63 -39.67
C ARG G 226 -32.79 -1.96 -39.10
N SER G 227 -32.85 -2.19 -37.79
CA SER G 227 -34.08 -2.58 -37.12
C SER G 227 -35.07 -1.42 -36.87
N THR G 228 -34.63 -0.20 -37.23
CA THR G 228 -35.45 0.99 -37.02
C THR G 228 -36.32 1.41 -38.22
N GLY G 229 -36.14 0.72 -39.35
CA GLY G 229 -36.94 0.95 -40.54
C GLY G 229 -36.68 2.29 -41.22
N GLY G 230 -37.59 2.71 -42.09
CA GLY G 230 -37.36 3.89 -42.90
C GLY G 230 -36.20 3.61 -43.85
N ASN G 231 -35.38 4.63 -44.08
CA ASN G 231 -34.21 4.50 -44.94
C ASN G 231 -33.00 3.98 -44.16
N ASN G 232 -33.21 3.65 -42.89
CA ASN G 232 -32.16 3.09 -42.05
C ASN G 232 -31.89 1.66 -42.38
N VAL G 233 -32.69 1.12 -43.29
CA VAL G 233 -32.51 -0.26 -43.66
C VAL G 233 -31.49 -0.34 -44.78
N SER G 234 -31.26 0.77 -45.47
CA SER G 234 -30.38 0.73 -46.66
C SER G 234 -29.31 1.80 -46.62
N ARG G 235 -29.17 2.43 -45.46
CA ARG G 235 -28.22 3.52 -45.25
C ARG G 235 -26.77 3.05 -45.18
N TYR G 236 -25.84 3.89 -45.65
CA TYR G 236 -24.42 3.58 -45.45
C TYR G 236 -24.00 3.83 -44.01
N LEU G 237 -23.28 2.87 -43.43
CA LEU G 237 -22.85 2.93 -42.05
C LEU G 237 -21.33 2.80 -41.94
N MET G 238 -20.71 3.59 -41.06
CA MET G 238 -19.26 3.52 -40.87
C MET G 238 -18.96 2.77 -39.59
N VAL G 239 -17.94 1.91 -39.64
CA VAL G 239 -17.47 1.23 -38.45
C VAL G 239 -15.96 1.36 -38.37
N PRO G 240 -15.43 1.60 -37.16
CA PRO G 240 -13.98 1.64 -36.98
C PRO G 240 -13.44 0.34 -36.38
N GLY G 241 -12.13 0.13 -36.51
CA GLY G 241 -11.46 -0.92 -35.75
C GLY G 241 -11.00 -0.31 -34.44
N TYR G 242 -10.14 -0.99 -33.71
CA TYR G 242 -9.67 -0.45 -32.45
C TYR G 242 -9.03 0.93 -32.65
N ALA G 243 -9.50 1.91 -31.89
CA ALA G 243 -8.98 3.27 -31.90
C ALA G 243 -9.03 3.94 -33.25
N ALA G 244 -9.88 3.41 -34.14
CA ALA G 244 -10.02 3.88 -35.53
C ALA G 244 -8.69 3.84 -36.29
N ALA G 245 -7.73 3.07 -35.77
CA ALA G 245 -6.41 2.98 -36.38
C ALA G 245 -6.44 2.10 -37.62
N PRO G 246 -5.65 2.45 -38.65
CA PRO G 246 -5.59 1.60 -39.85
C PRO G 246 -5.16 0.18 -39.47
N GLU G 247 -4.19 0.08 -38.57
CA GLU G 247 -3.61 -1.20 -38.18
C GLU G 247 -4.66 -2.19 -37.71
N TYR G 248 -5.68 -1.69 -37.03
CA TYR G 248 -6.57 -2.59 -36.32
C TYR G 248 -7.84 -2.85 -37.09
N VAL G 249 -7.82 -2.46 -38.35
CA VAL G 249 -8.80 -2.98 -39.31
C VAL G 249 -8.06 -3.87 -40.31
N LEU G 250 -6.73 -3.82 -40.31
CA LEU G 250 -5.92 -4.61 -41.23
C LEU G 250 -5.65 -6.02 -40.71
N ILE G 251 -5.56 -6.15 -39.39
CA ILE G 251 -5.36 -7.43 -38.75
C ILE G 251 -6.51 -8.38 -39.07
N ASP G 252 -6.20 -9.66 -39.12
CA ASP G 252 -7.17 -10.65 -39.55
C ASP G 252 -8.37 -10.72 -38.60
N GLU G 253 -8.14 -10.40 -37.33
CA GLU G 253 -9.13 -10.52 -36.25
C GLU G 253 -10.35 -9.56 -36.37
N PHE G 254 -10.20 -8.50 -37.14
CA PHE G 254 -11.27 -7.54 -37.35
C PHE G 254 -12.38 -8.12 -38.22
N LYS G 255 -13.61 -7.97 -37.76
CA LYS G 255 -14.75 -8.56 -38.45
C LYS G 255 -15.70 -7.43 -38.90
N ILE G 256 -15.92 -7.32 -40.20
CA ILE G 256 -16.92 -6.40 -40.73
C ILE G 256 -18.31 -6.92 -40.38
N PRO G 257 -19.14 -6.07 -39.76
CA PRO G 257 -20.45 -6.54 -39.30
C PRO G 257 -21.30 -7.09 -40.43
N LYS G 258 -22.12 -8.08 -40.13
CA LYS G 258 -22.97 -8.68 -41.13
C LYS G 258 -24.24 -7.83 -41.29
N ASP G 259 -24.62 -7.57 -42.53
CA ASP G 259 -25.69 -6.62 -42.78
C ASP G 259 -26.94 -7.30 -43.33
N SER G 260 -28.02 -7.22 -42.57
CA SER G 260 -29.28 -7.84 -42.97
C SER G 260 -29.97 -7.01 -44.05
N SER G 261 -29.31 -5.95 -44.51
CA SER G 261 -29.78 -5.16 -45.64
C SER G 261 -29.43 -5.91 -46.92
N LYS G 262 -30.41 -6.15 -47.77
CA LYS G 262 -30.14 -6.84 -49.01
C LYS G 262 -29.90 -5.78 -50.09
N TYR G 263 -29.58 -4.58 -49.61
CA TYR G 263 -28.81 -3.65 -50.42
C TYR G 263 -27.38 -3.95 -49.99
N LYS G 264 -26.60 -4.50 -50.90
CA LYS G 264 -25.31 -5.04 -50.54
C LYS G 264 -24.22 -3.98 -50.45
N ASN G 265 -23.20 -4.28 -49.63
CA ASN G 265 -21.99 -3.47 -49.52
C ASN G 265 -22.25 -2.03 -49.13
N ARG G 266 -22.80 -1.85 -47.94
CA ARG G 266 -23.13 -0.55 -47.39
C ARG G 266 -22.43 -0.23 -46.07
N ILE G 267 -21.42 -1.03 -45.74
CA ILE G 267 -20.61 -0.79 -44.57
C ILE G 267 -19.25 -0.30 -45.00
N ILE G 268 -18.86 0.83 -44.43
CA ILE G 268 -17.60 1.50 -44.75
C ILE G 268 -16.60 1.39 -43.59
N ILE G 269 -15.35 1.08 -43.91
CA ILE G 269 -14.27 1.04 -42.93
C ILE G 269 -13.81 2.46 -42.56
N SER G 270 -13.75 2.75 -41.26
CA SER G 270 -13.43 4.07 -40.74
C SER G 270 -12.01 4.07 -40.20
N VAL G 271 -11.18 4.97 -40.69
CA VAL G 271 -9.86 5.11 -40.09
C VAL G 271 -9.57 6.58 -39.84
N HIS G 272 -8.76 6.85 -38.84
CA HIS G 272 -8.24 8.19 -38.60
C HIS G 272 -6.74 7.94 -38.69
N ALA G 273 -6.00 8.88 -39.28
CA ALA G 273 -4.55 8.72 -39.38
C ALA G 273 -3.88 10.07 -39.56
N TYR G 274 -3.51 10.70 -38.45
CA TYR G 274 -2.78 11.95 -38.50
C TYR G 274 -1.32 11.58 -38.72
N ARG G 275 -1.02 11.16 -39.95
CA ARG G 275 0.30 10.63 -40.29
C ARG G 275 0.96 11.45 -41.39
N PRO G 276 2.29 11.63 -41.32
CA PRO G 276 3.21 11.10 -40.30
C PRO G 276 3.06 11.79 -38.95
N TYR G 277 2.94 11.00 -37.88
CA TYR G 277 2.59 11.58 -36.58
C TYR G 277 3.53 12.70 -36.14
N ASN G 278 4.83 12.52 -36.34
CA ASN G 278 5.78 13.53 -35.88
C ASN G 278 5.59 14.88 -36.59
N PHE G 279 4.97 14.84 -37.77
CA PHE G 279 4.73 16.09 -38.48
C PHE G 279 3.34 16.62 -38.18
N ALA G 280 2.35 15.73 -38.20
CA ALA G 280 0.92 16.08 -38.20
C ALA G 280 0.34 16.49 -36.84
N LEU G 281 0.64 15.70 -35.79
CA LEU G 281 -0.05 15.80 -34.50
C LEU G 281 0.88 15.99 -33.32
N GLN G 282 2.09 15.45 -33.42
CA GLN G 282 3.02 15.49 -32.29
C GLN G 282 3.30 16.92 -31.79
N ALA G 283 3.34 17.10 -30.48
CA ALA G 283 3.54 18.42 -29.90
C ALA G 283 4.92 18.97 -30.22
N PRO G 284 4.96 20.21 -30.70
CA PRO G 284 6.22 20.84 -31.15
C PRO G 284 7.28 20.96 -30.04
N ASN G 285 6.93 20.89 -28.75
CA ASN G 285 7.92 20.96 -27.67
C ASN G 285 8.62 19.61 -27.39
N GLU G 286 8.24 18.58 -28.13
CA GLU G 286 8.85 17.29 -27.94
C GLU G 286 10.05 17.09 -28.84
N SER G 287 11.06 16.43 -28.29
CA SER G 287 12.31 16.18 -28.98
C SER G 287 12.15 15.68 -30.42
N GLY G 288 11.12 14.87 -30.69
CA GLY G 288 11.04 14.27 -32.01
C GLY G 288 9.87 14.75 -32.84
N SER G 289 9.38 15.95 -32.52
CA SER G 289 8.41 16.59 -33.38
C SER G 289 9.19 17.16 -34.55
N VAL G 290 8.56 17.23 -35.71
CA VAL G 290 9.18 17.87 -36.87
C VAL G 290 8.16 18.83 -37.41
N SER G 291 8.63 19.93 -37.98
CA SER G 291 7.71 20.92 -38.53
C SER G 291 7.70 20.88 -40.03
N GLU G 292 8.64 20.14 -40.61
CA GLU G 292 8.84 20.20 -42.06
C GLU G 292 8.32 18.98 -42.80
N TRP G 293 7.66 19.21 -43.93
CA TRP G 293 7.20 18.12 -44.77
C TRP G 293 7.41 18.58 -46.22
N SER G 294 7.97 17.70 -47.05
CA SER G 294 8.31 18.00 -48.44
C SER G 294 7.84 16.90 -49.38
N VAL G 295 7.25 17.28 -50.52
CA VAL G 295 6.77 16.27 -51.45
C VAL G 295 7.86 15.39 -52.04
N ASN G 296 9.09 15.91 -52.11
CA ASN G 296 10.14 15.13 -52.74
C ASN G 296 11.00 14.32 -51.75
N SER G 297 10.61 14.35 -50.48
CA SER G 297 11.23 13.55 -49.41
C SER G 297 10.43 12.27 -49.13
N GLU G 298 10.97 11.10 -49.44
CA GLU G 298 10.25 9.86 -49.11
C GLU G 298 10.01 9.73 -47.61
N GLU G 299 10.91 10.25 -46.78
CA GLU G 299 10.66 10.12 -45.36
C GLU G 299 9.36 10.83 -45.00
N SER G 300 9.10 11.97 -45.65
CA SER G 300 7.84 12.63 -45.44
C SER G 300 6.69 11.79 -45.96
N ARG G 301 6.87 11.06 -47.05
CA ARG G 301 5.79 10.26 -47.65
C ARG G 301 5.56 8.88 -47.04
N ARG G 302 6.58 8.34 -46.35
CA ARG G 302 6.64 6.93 -45.95
C ARG G 302 5.43 6.39 -45.17
N ASP G 303 4.99 7.11 -44.13
CA ASP G 303 3.93 6.61 -43.25
C ASP G 303 2.61 6.64 -43.98
N ILE G 304 2.49 7.61 -44.87
CA ILE G 304 1.27 7.81 -45.63
C ILE G 304 1.09 6.68 -46.64
N ASP G 305 2.13 6.45 -47.46
CA ASP G 305 2.13 5.36 -48.45
C ASP G 305 1.91 4.01 -47.77
N TYR G 306 2.53 3.83 -46.60
CA TYR G 306 2.54 2.56 -45.90
C TYR G 306 1.14 2.10 -45.50
N PHE G 307 0.39 2.95 -44.80
CA PHE G 307 -0.96 2.55 -44.38
C PHE G 307 -1.97 2.57 -45.53
N MET G 308 -1.80 3.50 -46.48
CA MET G 308 -2.76 3.60 -47.57
C MET G 308 -2.61 2.44 -48.56
N ASP G 309 -1.38 1.97 -48.76
CA ASP G 309 -1.17 0.79 -49.60
C ASP G 309 -1.88 -0.43 -48.98
N LYS G 310 -1.79 -0.54 -47.66
CA LYS G 310 -2.38 -1.68 -46.95
C LYS G 310 -3.91 -1.62 -46.97
N LEU G 311 -4.47 -0.42 -46.85
CA LEU G 311 -5.92 -0.31 -46.91
C LEU G 311 -6.43 -0.64 -48.30
N TYR G 312 -5.72 -0.16 -49.30
CA TYR G 312 -6.11 -0.41 -50.69
C TYR G 312 -6.05 -1.91 -50.99
N ASP G 313 -5.02 -2.59 -50.48
CA ASP G 313 -4.89 -4.02 -50.69
C ASP G 313 -6.00 -4.83 -50.02
N LYS G 314 -6.34 -4.53 -48.77
CA LYS G 314 -7.30 -5.36 -48.03
C LYS G 314 -8.75 -5.04 -48.35
N PHE G 315 -9.05 -3.76 -48.60
CA PHE G 315 -10.45 -3.32 -48.70
C PHE G 315 -10.87 -2.80 -50.07
N VAL G 316 -10.34 -1.66 -50.48
CA VAL G 316 -10.78 -1.01 -51.72
C VAL G 316 -10.64 -1.95 -52.94
N SER G 317 -9.49 -2.62 -53.05
CA SER G 317 -9.22 -3.49 -54.19
C SER G 317 -10.12 -4.72 -54.19
N LYS G 318 -10.80 -4.97 -53.08
CA LYS G 318 -11.73 -6.09 -53.00
C LYS G 318 -13.16 -5.59 -53.00
N GLY G 319 -13.32 -4.31 -53.31
CA GLY G 319 -14.64 -3.70 -53.49
C GLY G 319 -15.26 -3.01 -52.28
N ILE G 320 -14.59 -3.08 -51.13
CA ILE G 320 -15.07 -2.50 -49.87
C ILE G 320 -14.60 -1.06 -49.66
N PRO G 321 -15.53 -0.13 -49.37
CA PRO G 321 -15.24 1.31 -49.23
C PRO G 321 -14.44 1.65 -47.97
N VAL G 322 -13.54 2.63 -48.06
CA VAL G 322 -12.81 3.12 -46.90
C VAL G 322 -12.85 4.65 -46.85
N VAL G 323 -13.08 5.23 -45.67
CA VAL G 323 -13.10 6.69 -45.54
C VAL G 323 -12.21 7.13 -44.40
N ILE G 324 -11.27 8.02 -44.68
CA ILE G 324 -10.45 8.57 -43.61
C ILE G 324 -11.22 9.73 -43.00
N GLY G 325 -11.89 9.40 -41.89
CA GLY G 325 -12.81 10.31 -41.22
C GLY G 325 -12.13 11.44 -40.48
N GLU G 326 -10.86 11.23 -40.11
CA GLU G 326 -10.07 12.29 -39.49
C GLU G 326 -8.67 12.26 -40.02
N PHE G 327 -8.16 13.44 -40.34
CA PHE G 327 -6.75 13.62 -40.67
C PHE G 327 -6.49 15.12 -40.68
N GLY G 328 -5.21 15.49 -40.74
CA GLY G 328 -4.85 16.91 -40.79
C GLY G 328 -3.49 17.13 -40.18
N ALA G 329 -3.02 18.37 -40.19
CA ALA G 329 -1.72 18.70 -39.59
C ALA G 329 -1.77 20.03 -38.85
N ARG G 330 -1.40 20.00 -37.58
CA ARG G 330 -1.44 21.18 -36.71
C ARG G 330 -0.41 22.21 -37.10
N ASP G 331 -0.77 23.48 -36.98
CA ASP G 331 0.18 24.54 -37.27
C ASP G 331 1.32 24.46 -36.28
N LYS G 332 2.53 24.37 -36.79
CA LYS G 332 3.71 24.48 -35.96
C LYS G 332 4.47 25.74 -36.34
N ASN G 333 4.18 26.81 -35.61
CA ASN G 333 4.83 28.11 -35.78
C ASN G 333 4.89 28.65 -37.21
N GLY G 334 3.77 28.56 -37.94
CA GLY G 334 3.67 29.18 -39.25
C GLY G 334 4.19 28.36 -40.42
N ASN G 335 4.37 27.07 -40.20
CA ASN G 335 4.89 26.18 -41.22
C ASN G 335 3.90 25.93 -42.38
N LEU G 336 3.41 27.01 -42.98
CA LEU G 336 2.36 26.92 -44.01
C LEU G 336 2.76 26.12 -45.26
N GLN G 337 3.95 26.37 -45.80
CA GLN G 337 4.36 25.67 -47.01
C GLN G 337 4.38 24.15 -46.82
N SER G 338 4.94 23.68 -45.69
CA SER G 338 5.02 22.24 -45.41
C SER G 338 3.63 21.61 -45.27
N ARG G 339 2.72 22.30 -44.57
CA ARG G 339 1.37 21.81 -44.40
C ARG G 339 0.64 21.78 -45.75
N VAL G 340 0.98 22.70 -46.63
CA VAL G 340 0.36 22.72 -47.96
C VAL G 340 0.74 21.47 -48.74
N GLU G 341 2.04 21.20 -48.80
CA GLU G 341 2.53 20.04 -49.52
C GLU G 341 1.97 18.74 -48.91
N PHE G 342 1.91 18.70 -47.58
CA PHE G 342 1.36 17.56 -46.85
C PHE G 342 -0.07 17.28 -47.29
N ALA G 343 -0.89 18.34 -47.20
CA ALA G 343 -2.33 18.29 -47.50
C ALA G 343 -2.64 17.83 -48.92
N ALA G 344 -1.91 18.37 -49.88
CA ALA G 344 -2.09 18.02 -51.27
C ALA G 344 -1.73 16.54 -51.48
N TYR G 345 -0.59 16.13 -50.92
CA TYR G 345 -0.13 14.74 -51.11
C TYR G 345 -1.07 13.72 -50.46
N TYR G 346 -1.52 14.04 -49.25
CA TYR G 346 -2.38 13.14 -48.50
C TYR G 346 -3.67 12.88 -49.23
N VAL G 347 -4.32 13.95 -49.67
CA VAL G 347 -5.60 13.80 -50.34
C VAL G 347 -5.43 13.08 -51.67
N ARG G 348 -4.35 13.42 -52.39
CA ARG G 348 -4.03 12.79 -53.67
C ARG G 348 -3.75 11.31 -53.51
N ALA G 349 -2.89 10.95 -52.56
CA ALA G 349 -2.53 9.55 -52.32
C ALA G 349 -3.77 8.71 -52.02
N ALA G 350 -4.75 9.36 -51.39
CA ALA G 350 -6.02 8.75 -51.05
C ALA G 350 -6.96 8.66 -52.26
N ARG G 351 -7.04 9.73 -53.04
CA ARG G 351 -7.89 9.67 -54.21
C ARG G 351 -7.32 8.63 -55.15
N ALA G 352 -6.01 8.68 -55.34
CA ALA G 352 -5.32 7.73 -56.21
C ALA G 352 -5.54 6.29 -55.78
N ARG G 353 -5.93 6.12 -54.52
CA ARG G 353 -6.22 4.79 -54.02
C ARG G 353 -7.73 4.66 -53.79
N GLY G 354 -8.47 5.69 -54.21
CA GLY G 354 -9.93 5.64 -54.17
C GLY G 354 -10.57 5.94 -52.81
N ILE G 355 -9.85 6.70 -51.98
CA ILE G 355 -10.28 7.00 -50.60
C ILE G 355 -10.58 8.48 -50.34
N THR G 356 -11.67 8.75 -49.63
CA THR G 356 -12.05 10.14 -49.32
C THR G 356 -11.60 10.50 -47.90
N CYS G 357 -11.13 11.75 -47.71
CA CYS G 357 -10.62 12.18 -46.41
C CYS G 357 -11.42 13.32 -45.83
N CYS G 358 -11.28 13.53 -44.52
CA CYS G 358 -11.94 14.64 -43.80
C CYS G 358 -10.96 15.36 -42.91
N TRP G 359 -10.80 16.66 -43.15
CA TRP G 359 -9.90 17.43 -42.31
C TRP G 359 -10.53 17.69 -40.93
N TRP G 360 -9.69 17.70 -39.88
CA TRP G 360 -10.17 18.04 -38.54
C TRP G 360 -10.03 19.55 -38.32
N ASP G 361 -11.15 20.26 -38.42
CA ASP G 361 -11.13 21.72 -38.23
C ASP G 361 -11.75 22.12 -36.90
N ASN G 362 -10.91 22.52 -35.95
CA ASN G 362 -11.38 22.82 -34.61
C ASN G 362 -11.32 24.28 -34.19
N ASN G 363 -11.21 25.19 -35.16
CA ASN G 363 -11.26 26.63 -34.90
C ASN G 363 -10.16 27.14 -33.95
N ALA G 364 -9.07 26.38 -33.84
CA ALA G 364 -7.92 26.75 -33.02
C ALA G 364 -6.76 27.15 -33.94
N PHE G 365 -6.14 28.29 -33.64
CA PHE G 365 -5.22 28.91 -34.61
C PHE G 365 -3.86 29.29 -34.05
N TYR G 366 -3.85 29.63 -32.77
CA TYR G 366 -2.65 30.05 -32.08
C TYR G 366 -2.75 29.58 -30.62
N GLY G 367 -1.62 29.50 -29.94
CA GLY G 367 -1.60 28.97 -28.59
C GLY G 367 -0.89 27.63 -28.58
N ASN G 368 -0.62 27.09 -27.39
CA ASN G 368 0.11 25.83 -27.32
C ASN G 368 -0.82 24.64 -27.46
N GLY G 369 -2.05 24.89 -27.90
CA GLY G 369 -2.96 23.82 -28.15
C GLY G 369 -2.76 23.27 -29.54
N GLU G 370 -3.49 22.21 -29.89
CA GLU G 370 -3.40 21.58 -31.19
C GLU G 370 -4.18 22.39 -32.19
N ASN G 371 -3.51 23.34 -32.85
CA ASN G 371 -4.17 24.27 -33.78
C ASN G 371 -4.46 23.71 -35.18
N PHE G 372 -5.65 23.14 -35.34
CA PHE G 372 -6.04 22.48 -36.58
C PHE G 372 -7.04 23.31 -37.36
N GLY G 373 -7.22 24.56 -36.97
CA GLY G 373 -8.21 25.42 -37.60
C GLY G 373 -7.95 25.79 -39.04
N LEU G 374 -9.01 25.80 -39.86
CA LEU G 374 -8.92 26.32 -41.22
C LEU G 374 -9.87 27.51 -41.39
N LEU G 375 -11.08 27.36 -40.85
CA LEU G 375 -12.11 28.39 -40.96
C LEU G 375 -12.30 29.13 -39.62
N ASP G 376 -12.02 30.44 -39.62
CA ASP G 376 -12.32 31.28 -38.47
C ASP G 376 -13.82 31.45 -38.44
N ARG G 377 -14.44 30.80 -37.47
CA ARG G 377 -15.89 30.73 -37.40
C ARG G 377 -16.50 32.07 -36.99
N LYS G 378 -15.70 32.92 -36.35
CA LYS G 378 -16.27 34.19 -35.90
C LYS G 378 -16.26 35.24 -37.00
N THR G 379 -15.56 34.97 -38.11
CA THR G 379 -15.51 35.92 -39.23
C THR G 379 -15.92 35.30 -40.55
N LEU G 380 -16.04 33.97 -40.53
CA LEU G 380 -16.33 33.16 -41.71
C LEU G 380 -15.30 33.30 -42.85
N LYS G 381 -14.07 33.66 -42.49
CA LYS G 381 -13.02 33.78 -43.50
C LYS G 381 -11.95 32.70 -43.32
N TRP G 382 -11.45 32.16 -44.43
CA TRP G 382 -10.45 31.11 -44.41
C TRP G 382 -9.06 31.65 -44.06
N VAL G 383 -8.58 31.32 -42.86
CA VAL G 383 -7.28 31.82 -42.38
C VAL G 383 -6.13 31.30 -43.22
N TYR G 384 -6.27 30.06 -43.69
CA TYR G 384 -5.26 29.44 -44.55
C TYR G 384 -5.90 28.87 -45.81
N PRO G 385 -6.31 29.73 -46.75
CA PRO G 385 -6.99 29.25 -47.96
C PRO G 385 -6.11 28.36 -48.81
N GLU G 386 -4.79 28.56 -48.73
CA GLU G 386 -3.82 27.81 -49.54
C GLU G 386 -3.94 26.33 -49.24
N ILE G 387 -4.19 25.99 -47.98
CA ILE G 387 -4.33 24.59 -47.60
C ILE G 387 -5.57 24.03 -48.28
N VAL G 388 -6.68 24.77 -48.18
CA VAL G 388 -7.93 24.33 -48.79
C VAL G 388 -7.80 24.09 -50.30
N SER G 389 -7.17 25.03 -50.98
CA SER G 389 -7.00 24.91 -52.43
C SER G 389 -6.13 23.68 -52.78
N ALA G 390 -5.13 23.39 -51.93
CA ALA G 390 -4.26 22.23 -52.15
C ALA G 390 -5.01 20.90 -52.14
N MET G 391 -6.01 20.79 -51.27
CA MET G 391 -6.84 19.59 -51.17
C MET G 391 -7.80 19.54 -52.35
N MET G 392 -8.33 20.70 -52.71
CA MET G 392 -9.32 20.77 -53.78
C MET G 392 -8.75 20.39 -55.15
N LYS G 393 -7.46 20.62 -55.35
CA LYS G 393 -6.80 20.28 -56.60
C LYS G 393 -6.84 18.76 -56.82
N TYR G 394 -6.85 18.01 -55.72
CA TYR G 394 -6.70 16.56 -55.81
C TYR G 394 -7.85 15.79 -55.16
N ALA G 395 -8.96 16.46 -54.90
CA ALA G 395 -10.02 15.79 -54.15
C ALA G 395 -10.99 15.04 -55.06
N ARG G 396 -11.30 15.66 -56.20
CA ARG G 396 -12.15 15.05 -57.22
C ARG G 396 -11.44 13.81 -57.78
N ALA H 23 -48.04 -0.64 35.02
CA ALA H 23 -46.78 0.09 35.14
C ALA H 23 -46.87 1.19 36.20
N LYS H 24 -46.19 1.01 37.34
CA LYS H 24 -46.31 1.94 38.46
C LYS H 24 -45.13 2.88 38.65
N ILE H 25 -45.42 4.12 39.00
CA ILE H 25 -44.42 5.17 39.16
C ILE H 25 -43.92 5.19 40.57
N PRO H 26 -42.62 4.99 40.77
CA PRO H 26 -42.13 5.01 42.14
C PRO H 26 -41.96 6.45 42.58
N GLU H 27 -41.86 6.68 43.89
CA GLU H 27 -41.56 8.03 44.40
C GLU H 27 -40.13 8.07 44.95
N ILE H 28 -39.39 9.09 44.55
CA ILE H 28 -37.96 9.13 44.79
C ILE H 28 -37.62 10.05 45.97
N LYS H 29 -36.78 9.55 46.87
CA LYS H 29 -36.43 10.24 48.09
C LYS H 29 -35.00 10.81 47.98
N ILE H 30 -34.89 12.03 47.48
CA ILE H 30 -33.61 12.73 47.40
C ILE H 30 -33.67 14.13 47.97
N ALA H 31 -32.78 14.42 48.91
CA ALA H 31 -32.72 15.74 49.51
C ALA H 31 -32.45 16.80 48.45
N SER H 32 -33.36 17.75 48.31
CA SER H 32 -33.13 18.85 47.39
C SER H 32 -31.93 19.61 47.91
N ARG H 33 -31.00 19.93 47.02
CA ARG H 33 -29.78 20.58 47.46
C ARG H 33 -29.88 22.09 47.35
N LYS H 34 -28.86 22.75 47.86
CA LYS H 34 -28.82 24.20 47.96
C LYS H 34 -28.62 24.80 46.57
N ILE H 35 -29.59 25.57 46.11
CA ILE H 35 -29.48 26.19 44.80
C ILE H 35 -29.38 27.70 44.95
N PRO H 36 -28.22 28.28 44.59
CA PRO H 36 -28.01 29.72 44.64
C PRO H 36 -29.11 30.47 43.91
N ASN H 37 -29.48 31.63 44.43
CA ASN H 37 -30.60 32.34 43.85
C ASN H 37 -30.09 33.45 42.96
N ASN H 38 -29.92 33.14 41.67
CA ASN H 38 -29.62 34.18 40.70
C ASN H 38 -30.57 34.12 39.51
N ALA H 39 -30.46 35.12 38.65
CA ALA H 39 -31.37 35.28 37.54
C ALA H 39 -31.30 34.05 36.63
N ALA H 40 -30.09 33.52 36.50
CA ALA H 40 -29.76 32.43 35.58
C ALA H 40 -30.39 31.09 35.97
N LEU H 41 -30.21 30.69 37.22
CA LEU H 41 -30.79 29.43 37.67
C LEU H 41 -32.28 29.55 37.72
N LYS H 42 -32.76 30.76 37.96
CA LYS H 42 -34.19 31.00 37.98
C LYS H 42 -34.75 30.80 36.58
N PHE H 43 -33.93 31.15 35.60
CA PHE H 43 -34.26 30.92 34.20
C PHE H 43 -34.38 29.43 33.90
N VAL H 44 -33.41 28.64 34.37
CA VAL H 44 -33.40 27.20 34.13
C VAL H 44 -34.54 26.44 34.79
N LYS H 45 -34.85 26.76 36.06
CA LYS H 45 -35.90 26.03 36.77
C LYS H 45 -37.23 26.23 36.05
N ASP H 46 -37.40 27.42 35.48
CA ASP H 46 -38.64 27.77 34.82
C ASP H 46 -38.79 26.96 33.51
N MET H 47 -37.66 26.54 32.93
CA MET H 47 -37.67 25.66 31.75
C MET H 47 -38.32 24.32 32.09
N LYS H 48 -38.30 23.98 33.37
CA LYS H 48 -39.00 22.83 33.93
C LYS H 48 -38.47 21.53 33.34
N ILE H 49 -38.85 21.24 32.11
CA ILE H 49 -38.40 20.02 31.46
C ILE H 49 -38.59 20.13 29.94
N GLY H 50 -37.70 19.45 29.18
CA GLY H 50 -37.64 19.58 27.74
C GLY H 50 -37.92 18.36 26.88
N TRP H 51 -38.18 18.61 25.60
CA TRP H 51 -38.55 17.56 24.65
C TRP H 51 -37.82 17.82 23.32
N ASN H 52 -37.01 16.86 22.87
CA ASN H 52 -36.26 16.98 21.62
C ASN H 52 -37.09 16.56 20.41
N LEU H 53 -37.18 17.44 19.43
CA LEU H 53 -37.74 17.08 18.13
C LEU H 53 -36.67 16.33 17.31
N GLY H 54 -36.37 15.11 17.73
CA GLY H 54 -35.28 14.33 17.17
C GLY H 54 -35.60 13.64 15.86
N ASN H 55 -34.57 13.34 15.07
CA ASN H 55 -34.73 12.74 13.75
C ASN H 55 -35.56 13.63 12.82
N THR H 56 -35.53 14.92 13.07
CA THR H 56 -36.26 15.87 12.24
C THR H 56 -35.31 16.81 11.46
N PHE H 57 -35.10 18.02 11.98
CA PHE H 57 -34.24 18.97 11.27
C PHE H 57 -32.78 18.64 11.44
N ASP H 58 -32.48 17.72 12.36
CA ASP H 58 -31.10 17.31 12.55
C ASP H 58 -30.67 16.36 11.43
N ALA H 59 -31.64 15.72 10.78
CA ALA H 59 -31.34 14.71 9.75
C ALA H 59 -30.45 15.29 8.68
N ALA H 60 -29.31 14.62 8.49
CA ALA H 60 -28.31 15.07 7.55
C ALA H 60 -27.61 13.87 6.90
N PHE H 61 -27.37 13.97 5.59
CA PHE H 61 -26.63 12.95 4.85
C PHE H 61 -26.26 13.48 3.48
N GLU H 62 -25.31 12.84 2.81
CA GLU H 62 -24.89 13.36 1.52
C GLU H 62 -25.60 12.72 0.33
N ASN H 63 -25.58 13.44 -0.80
CA ASN H 63 -26.21 12.98 -2.05
C ASN H 63 -27.66 12.62 -1.86
N PRO H 64 -28.50 13.61 -1.52
CA PRO H 64 -29.91 13.24 -1.47
C PRO H 64 -30.35 12.81 -2.86
N SER H 65 -31.31 11.89 -2.91
CA SER H 65 -31.81 11.41 -4.19
C SER H 65 -33.16 12.04 -4.47
N PHE H 66 -33.48 13.10 -3.74
CA PHE H 66 -34.70 13.87 -3.97
C PHE H 66 -34.32 15.32 -4.17
N ASP H 67 -35.23 16.12 -4.70
CA ASP H 67 -34.86 17.48 -5.11
C ASP H 67 -35.33 18.54 -4.11
N ASP H 68 -36.40 18.26 -3.37
CA ASP H 68 -36.90 19.21 -2.40
C ASP H 68 -36.13 19.01 -1.10
N GLU H 69 -35.29 19.98 -0.73
CA GLU H 69 -34.42 19.83 0.44
C GLU H 69 -35.19 19.78 1.75
N LEU H 70 -36.45 20.20 1.72
CA LEU H 70 -37.30 20.22 2.91
C LEU H 70 -37.68 18.81 3.31
N LEU H 71 -37.38 17.86 2.45
CA LEU H 71 -37.70 16.47 2.71
C LEU H 71 -36.76 15.87 3.76
N TYR H 72 -35.71 16.63 4.08
CA TYR H 72 -34.78 16.28 5.15
C TYR H 72 -35.50 16.26 6.50
N GLU H 73 -36.50 17.11 6.62
CA GLU H 73 -37.25 17.20 7.85
C GLU H 73 -37.94 15.87 8.18
N THR H 74 -38.28 15.10 7.15
CA THR H 74 -39.03 13.88 7.43
C THR H 74 -38.30 12.60 7.04
N ALA H 75 -37.01 12.72 6.69
CA ALA H 75 -36.23 11.59 6.20
C ALA H 75 -35.96 10.54 7.26
N TRP H 76 -35.96 10.97 8.53
CA TRP H 76 -35.62 10.07 9.64
C TRP H 76 -36.76 9.88 10.64
N CYS H 77 -37.85 10.65 10.46
CA CYS H 77 -39.03 10.53 11.34
C CYS H 77 -40.33 10.19 10.61
N GLY H 78 -40.40 10.47 9.31
CA GLY H 78 -41.52 10.03 8.51
C GLY H 78 -42.82 10.84 8.59
N VAL H 79 -42.78 11.98 9.28
CA VAL H 79 -43.97 12.82 9.44
C VAL H 79 -43.63 14.31 9.40
N LYS H 80 -44.34 15.10 8.58
CA LYS H 80 -44.05 16.53 8.57
C LYS H 80 -44.56 17.18 9.86
N THR H 81 -43.77 18.09 10.40
CA THR H 81 -44.08 18.69 11.71
C THR H 81 -45.29 19.58 11.66
N THR H 82 -46.17 19.45 12.64
CA THR H 82 -47.36 20.29 12.70
C THR H 82 -47.41 21.06 14.00
N LYS H 83 -48.26 22.08 14.03
CA LYS H 83 -48.44 22.88 15.23
C LYS H 83 -49.22 22.07 16.30
N GLN H 84 -50.05 21.13 15.87
CA GLN H 84 -50.77 20.30 16.84
C GLN H 84 -49.81 19.44 17.67
N MET H 85 -48.68 19.07 17.07
CA MET H 85 -47.62 18.31 17.75
C MET H 85 -47.01 19.10 18.88
N ILE H 86 -46.56 20.31 18.56
CA ILE H 86 -45.98 21.14 19.60
C ILE H 86 -47.03 21.39 20.68
N ASP H 87 -48.29 21.55 20.28
CA ASP H 87 -49.37 21.75 21.27
C ASP H 87 -49.42 20.58 22.24
N THR H 88 -49.47 19.36 21.70
CA THR H 88 -49.53 18.14 22.52
C THR H 88 -48.33 18.03 23.47
N VAL H 89 -47.18 18.59 23.05
CA VAL H 89 -46.01 18.60 23.90
C VAL H 89 -46.16 19.51 25.12
N LYS H 90 -46.66 20.72 24.90
CA LYS H 90 -46.93 21.65 26.00
C LYS H 90 -48.05 21.09 26.87
N LYS H 91 -49.00 20.43 26.20
CA LYS H 91 -50.19 19.82 26.78
C LYS H 91 -49.81 18.72 27.75
N ALA H 92 -48.64 18.11 27.51
CA ALA H 92 -48.10 17.07 28.38
C ALA H 92 -47.32 17.64 29.58
N GLY H 93 -46.88 18.89 29.48
CA GLY H 93 -46.22 19.52 30.61
C GLY H 93 -44.85 20.04 30.26
N PHE H 94 -44.40 19.76 29.04
CA PHE H 94 -43.08 20.23 28.64
C PHE H 94 -43.05 21.72 28.39
N ASN H 95 -42.20 22.39 29.14
CA ASN H 95 -42.08 23.84 29.02
C ASN H 95 -40.90 24.23 28.12
N THR H 96 -40.10 23.24 27.73
CA THR H 96 -38.98 23.48 26.83
C THR H 96 -39.03 22.50 25.66
N ILE H 97 -38.69 23.00 24.48
CA ILE H 97 -38.54 22.15 23.32
C ILE H 97 -37.22 22.48 22.61
N ARG H 98 -36.43 21.44 22.38
CA ARG H 98 -35.17 21.62 21.69
C ARG H 98 -35.38 21.20 20.24
N ILE H 99 -34.98 22.08 19.32
CA ILE H 99 -35.05 21.86 17.89
C ILE H 99 -33.64 21.78 17.33
N PRO H 100 -33.11 20.57 17.13
CA PRO H 100 -31.77 20.41 16.55
C PRO H 100 -31.78 20.60 15.03
N VAL H 101 -30.86 21.40 14.52
CA VAL H 101 -30.79 21.63 13.09
C VAL H 101 -29.42 21.32 12.51
N SER H 102 -29.41 20.56 11.43
CA SER H 102 -28.19 20.34 10.66
C SER H 102 -28.25 21.21 9.42
N TRP H 103 -27.32 22.16 9.33
CA TRP H 103 -27.37 23.15 8.28
C TRP H 103 -26.53 22.81 7.03
N HIS H 104 -25.55 21.92 7.14
CA HIS H 104 -24.58 21.80 6.05
C HIS H 104 -25.19 21.27 4.74
N ASN H 105 -26.34 20.63 4.81
CA ASN H 105 -27.05 20.21 3.58
C ASN H 105 -27.96 21.30 3.06
N HIS H 106 -27.82 22.50 3.61
CA HIS H 106 -28.69 23.60 3.24
C HIS H 106 -27.92 24.88 3.07
N VAL H 107 -26.61 24.78 2.85
CA VAL H 107 -25.81 25.98 2.64
C VAL H 107 -25.23 25.92 1.25
N THR H 108 -25.05 27.08 0.64
CA THR H 108 -24.41 27.14 -0.66
C THR H 108 -23.52 28.36 -0.71
N GLY H 109 -22.54 28.35 -1.62
CA GLY H 109 -21.64 29.48 -1.81
C GLY H 109 -20.45 29.68 -0.88
N SER H 110 -19.66 30.70 -1.22
CA SER H 110 -18.37 31.01 -0.59
C SER H 110 -18.46 31.66 0.78
N ASN H 111 -19.65 31.65 1.38
CA ASN H 111 -19.83 32.16 2.74
C ASN H 111 -20.98 31.45 3.47
N PHE H 112 -21.31 30.25 2.99
CA PHE H 112 -22.21 29.33 3.65
C PHE H 112 -23.58 29.93 3.83
N THR H 113 -24.18 30.31 2.71
CA THR H 113 -25.49 30.92 2.77
C THR H 113 -26.56 29.84 2.90
N ILE H 114 -27.28 29.90 4.02
CA ILE H 114 -28.36 28.96 4.29
C ILE H 114 -29.54 29.19 3.34
N SER H 115 -30.06 28.10 2.81
CA SER H 115 -31.24 28.12 1.96
C SER H 115 -32.38 28.85 2.64
N LYS H 116 -33.02 29.77 1.92
CA LYS H 116 -34.07 30.61 2.48
C LYS H 116 -35.29 29.74 2.85
N ARG H 117 -35.64 28.80 1.97
CA ARG H 117 -36.77 27.90 2.21
C ARG H 117 -36.54 27.12 3.49
N TRP H 118 -35.31 26.62 3.64
CA TRP H 118 -34.92 25.82 4.81
C TRP H 118 -34.99 26.67 6.07
N LEU H 119 -34.42 27.86 6.04
CA LEU H 119 -34.47 28.69 7.23
C LEU H 119 -35.90 29.06 7.60
N ASP H 120 -36.73 29.32 6.58
CA ASP H 120 -38.11 29.70 6.77
C ASP H 120 -38.84 28.56 7.48
N ARG H 121 -38.62 27.34 6.98
CA ARG H 121 -39.29 26.16 7.52
C ARG H 121 -38.91 25.92 8.99
N VAL H 122 -37.65 26.11 9.36
CA VAL H 122 -37.24 25.95 10.77
C VAL H 122 -37.96 26.99 11.61
N GLN H 123 -37.94 28.24 11.13
CA GLN H 123 -38.59 29.35 11.82
C GLN H 123 -40.07 29.06 12.01
N GLN H 124 -40.71 28.45 11.01
CA GLN H 124 -42.11 28.07 11.09
C GLN H 124 -42.32 27.26 12.35
N VAL H 125 -41.48 26.24 12.53
CA VAL H 125 -41.55 25.34 13.66
C VAL H 125 -41.11 25.99 14.98
N VAL H 126 -40.16 26.92 14.93
CA VAL H 126 -39.80 27.66 16.12
C VAL H 126 -40.98 28.45 16.64
N ASP H 127 -41.72 29.05 15.71
CA ASP H 127 -42.86 29.89 16.04
C ASP H 127 -44.02 29.10 16.66
N TYR H 128 -44.22 27.85 16.21
CA TYR H 128 -45.19 26.95 16.83
C TYR H 128 -44.95 26.92 18.33
N ALA H 129 -43.68 26.84 18.71
CA ALA H 129 -43.31 26.74 20.10
C ALA H 129 -43.36 28.10 20.82
N MET H 130 -43.00 29.18 20.12
CA MET H 130 -43.04 30.50 20.75
C MET H 130 -44.48 30.90 21.09
N LYS H 131 -45.41 30.52 20.21
CA LYS H 131 -46.84 30.77 20.38
C LYS H 131 -47.41 29.98 21.56
N ASN H 132 -46.67 28.96 21.95
CA ASN H 132 -47.04 28.15 23.11
C ASN H 132 -46.22 28.58 24.30
N LYS H 133 -45.66 29.80 24.24
CA LYS H 133 -44.94 30.44 25.36
C LYS H 133 -43.83 29.57 25.94
N MET H 134 -43.23 28.75 25.07
CA MET H 134 -42.22 27.78 25.48
C MET H 134 -40.79 28.27 25.34
N TYR H 135 -39.89 27.55 26.00
CA TYR H 135 -38.47 27.75 25.79
C TYR H 135 -38.08 26.94 24.57
N VAL H 136 -37.23 27.52 23.74
CA VAL H 136 -36.83 26.90 22.50
C VAL H 136 -35.32 26.90 22.44
N ILE H 137 -34.76 25.79 21.98
CA ILE H 137 -33.33 25.69 21.75
C ILE H 137 -33.09 25.30 20.31
N ILE H 138 -32.30 26.09 19.60
CA ILE H 138 -31.86 25.71 18.26
C ILE H 138 -30.34 25.69 18.20
N ASN H 139 -29.79 24.87 17.31
CA ASN H 139 -28.33 24.66 17.29
C ASN H 139 -27.72 24.34 15.94
N ILE H 140 -26.42 24.06 15.96
CA ILE H 140 -25.76 23.43 14.84
C ILE H 140 -25.59 21.96 15.28
N HIS H 141 -26.16 21.05 14.50
CA HIS H 141 -26.17 19.64 14.90
C HIS H 141 -25.18 18.75 14.11
N HIS H 142 -25.69 17.92 13.21
CA HIS H 142 -24.84 16.98 12.50
C HIS H 142 -24.05 17.64 11.36
N ASP H 143 -23.32 18.70 11.68
CA ASP H 143 -22.46 19.39 10.73
C ASP H 143 -21.01 19.20 11.17
N ILE H 144 -20.75 18.18 11.99
CA ILE H 144 -19.39 17.95 12.48
C ILE H 144 -18.59 17.16 11.49
N MET H 145 -17.77 17.89 10.73
CA MET H 145 -17.30 17.46 9.41
C MET H 145 -16.28 18.46 8.90
N PRO H 146 -15.10 18.00 8.45
CA PRO H 146 -14.09 18.93 7.95
C PRO H 146 -14.64 19.73 6.76
N GLY H 147 -14.46 21.05 6.78
CA GLY H 147 -15.07 21.88 5.78
C GLY H 147 -16.28 22.65 6.28
N TYR H 148 -16.86 22.22 7.41
CA TYR H 148 -17.92 22.95 8.11
C TYR H 148 -17.47 23.12 9.56
N TYR H 149 -18.13 22.46 10.51
CA TYR H 149 -17.61 22.46 11.88
C TYR H 149 -16.73 21.24 12.17
N TYR H 150 -15.46 21.48 12.49
CA TYR H 150 -14.54 20.44 12.92
C TYR H 150 -13.49 21.02 13.85
N PRO H 151 -13.41 20.51 15.10
CA PRO H 151 -12.59 21.13 16.15
C PRO H 151 -11.12 20.71 16.20
N ASN H 152 -10.31 21.10 15.22
CA ASN H 152 -8.87 21.01 15.38
C ASN H 152 -8.14 22.12 14.63
N SER H 153 -6.83 22.22 14.89
CA SER H 153 -6.05 23.36 14.47
C SER H 153 -5.90 23.42 12.98
N GLN H 154 -5.89 22.26 12.33
CA GLN H 154 -5.70 22.24 10.90
C GLN H 154 -6.98 22.21 10.10
N HIS H 155 -8.04 22.79 10.67
CA HIS H 155 -9.36 22.95 10.05
C HIS H 155 -10.08 24.05 10.80
N LEU H 156 -9.38 24.71 11.69
CA LEU H 156 -9.94 25.68 12.59
C LEU H 156 -10.43 26.91 11.85
N GLN H 157 -9.71 27.30 10.81
CA GLN H 157 -9.95 28.56 10.13
C GLN H 157 -11.31 28.53 9.42
N THR H 158 -11.62 27.40 8.82
CA THR H 158 -12.89 27.20 8.14
C THR H 158 -14.01 27.02 9.17
N SER H 159 -13.71 26.32 10.25
CA SER H 159 -14.71 26.10 11.29
C SER H 159 -15.14 27.45 11.86
N ILE H 160 -14.16 28.31 12.07
CA ILE H 160 -14.44 29.67 12.52
C ILE H 160 -15.36 30.35 11.53
N LYS H 161 -15.05 30.26 10.24
CA LYS H 161 -15.88 30.89 9.22
C LYS H 161 -17.29 30.28 9.16
N TYR H 162 -17.38 28.96 9.27
CA TYR H 162 -18.69 28.33 9.24
C TYR H 162 -19.53 28.77 10.44
N VAL H 163 -18.96 28.69 11.64
CA VAL H 163 -19.72 29.11 12.82
C VAL H 163 -20.10 30.58 12.71
N LYS H 164 -19.17 31.39 12.22
CA LYS H 164 -19.36 32.84 12.16
C LYS H 164 -20.50 33.14 11.22
N SER H 165 -20.44 32.52 10.05
CA SER H 165 -21.46 32.72 9.04
C SER H 165 -22.79 32.12 9.44
N ILE H 166 -22.78 30.88 9.94
CA ILE H 166 -24.05 30.22 10.25
C ILE H 166 -24.78 31.02 11.31
N TRP H 167 -24.10 31.37 12.41
CA TRP H 167 -24.80 32.06 13.50
C TRP H 167 -25.11 33.53 13.17
N THR H 168 -24.30 34.15 12.32
CA THR H 168 -24.60 35.49 11.84
C THR H 168 -25.96 35.46 11.15
N GLN H 169 -26.18 34.47 10.30
CA GLN H 169 -27.45 34.33 9.60
C GLN H 169 -28.58 33.98 10.55
N VAL H 170 -28.36 32.94 11.33
CA VAL H 170 -29.42 32.43 12.20
C VAL H 170 -29.84 33.43 13.28
N ALA H 171 -28.86 34.01 13.98
CA ALA H 171 -29.16 34.94 15.05
C ALA H 171 -29.85 36.20 14.53
N THR H 172 -29.57 36.55 13.28
CA THR H 172 -30.17 37.72 12.64
C THR H 172 -31.66 37.51 12.38
N ARG H 173 -31.99 36.30 11.95
CA ARG H 173 -33.37 35.92 11.72
C ARG H 173 -34.22 36.01 12.97
N PHE H 174 -33.65 35.61 14.10
CA PHE H 174 -34.41 35.54 15.34
C PHE H 174 -34.02 36.67 16.30
N LYS H 175 -33.49 37.76 15.74
CA LYS H 175 -32.94 38.89 16.49
C LYS H 175 -33.92 39.46 17.50
N ASN H 176 -35.19 39.41 17.15
CA ASN H 176 -36.21 40.13 17.90
C ASN H 176 -37.04 39.24 18.82
N TYR H 177 -36.66 37.97 18.91
CA TYR H 177 -37.30 37.05 19.84
C TYR H 177 -36.88 37.34 21.29
N ASN H 178 -37.74 36.99 22.24
CA ASN H 178 -37.51 37.28 23.66
C ASN H 178 -36.57 36.25 24.30
N ASP H 179 -36.37 36.34 25.61
CA ASP H 179 -35.42 35.46 26.28
C ASP H 179 -35.77 33.97 26.23
N HIS H 180 -37.01 33.63 25.87
CA HIS H 180 -37.42 32.23 25.90
C HIS H 180 -36.71 31.38 24.85
N LEU H 181 -36.19 32.03 23.80
CA LEU H 181 -35.46 31.36 22.73
C LEU H 181 -33.98 31.26 23.06
N ILE H 182 -33.42 30.06 22.94
CA ILE H 182 -32.02 29.83 23.31
C ILE H 182 -31.15 29.33 22.14
N PHE H 183 -29.96 29.93 22.01
CA PHE H 183 -28.97 29.52 21.00
C PHE H 183 -27.94 28.54 21.60
N GLU H 184 -27.87 27.35 21.02
CA GLU H 184 -26.89 26.35 21.45
C GLU H 184 -25.79 26.27 20.42
N ALA H 185 -24.58 26.68 20.83
CA ALA H 185 -23.42 26.83 19.93
C ALA H 185 -23.27 25.70 18.92
N VAL H 186 -23.29 24.47 19.43
CA VAL H 186 -23.10 23.29 18.61
C VAL H 186 -23.51 22.07 19.45
N ASN H 187 -23.95 21.00 18.79
CA ASN H 187 -24.31 19.75 19.46
C ASN H 187 -23.21 18.69 19.38
N GLU H 188 -22.67 18.30 20.53
CA GLU H 188 -21.66 17.23 20.56
C GLU H 188 -20.44 17.44 19.63
N PRO H 189 -19.72 18.56 19.82
CA PRO H 189 -18.56 18.83 18.97
C PRO H 189 -17.40 17.89 19.27
N ARG H 190 -16.83 17.30 18.23
CA ARG H 190 -15.83 16.27 18.45
C ARG H 190 -14.99 16.00 17.19
N LEU H 191 -13.92 15.21 17.33
CA LEU H 191 -13.08 14.81 16.20
C LEU H 191 -13.66 13.55 15.54
N THR H 192 -14.69 13.70 14.70
CA THR H 192 -15.28 12.54 14.01
C THR H 192 -14.24 11.86 13.13
N GLY H 193 -14.32 10.55 13.00
CA GLY H 193 -13.39 9.87 12.12
C GLY H 193 -12.02 9.57 12.72
N SER H 194 -11.76 10.13 13.89
CA SER H 194 -10.49 9.92 14.58
C SER H 194 -10.58 8.79 15.59
N ARG H 195 -9.45 8.36 16.14
CA ARG H 195 -9.50 7.33 17.17
C ARG H 195 -9.90 7.92 18.53
N PHE H 196 -10.18 9.22 18.54
CA PHE H 196 -10.64 9.92 19.73
C PHE H 196 -12.02 10.53 19.57
N GLU H 197 -12.88 9.97 18.71
CA GLU H 197 -14.18 10.62 18.43
C GLU H 197 -14.99 10.87 19.70
N TRP H 198 -15.02 9.88 20.60
CA TRP H 198 -15.86 9.94 21.78
C TRP H 198 -15.09 10.04 23.07
N TRP H 199 -13.83 9.61 23.09
CA TRP H 199 -13.06 9.69 24.33
C TRP H 199 -11.77 10.46 24.19
N LEU H 200 -11.43 11.20 25.22
CA LEU H 200 -10.28 12.07 25.19
C LEU H 200 -9.16 11.55 26.13
N ASP H 201 -7.95 11.58 25.59
CA ASP H 201 -6.72 11.33 26.32
C ASP H 201 -6.00 12.65 26.44
N MET H 202 -6.13 13.32 27.57
CA MET H 202 -5.53 14.65 27.69
C MET H 202 -3.97 14.68 27.71
N ASN H 203 -3.34 13.51 27.69
CA ASN H 203 -1.89 13.43 27.59
C ASN H 203 -1.47 13.49 26.13
N ASN H 204 -2.42 13.16 25.27
CA ASN H 204 -2.25 13.25 23.83
C ASN H 204 -2.58 14.64 23.30
N PRO H 205 -1.64 15.27 22.59
CA PRO H 205 -1.86 16.63 22.08
C PRO H 205 -2.95 16.76 21.00
N GLU H 206 -3.23 15.70 20.26
CA GLU H 206 -4.30 15.74 19.28
C GLU H 206 -5.60 16.07 20.04
N CYS H 207 -5.73 15.48 21.23
CA CYS H 207 -6.88 15.73 22.10
C CYS H 207 -6.85 17.12 22.73
N ARG H 208 -5.68 17.55 23.21
CA ARG H 208 -5.61 18.87 23.85
C ARG H 208 -5.94 19.97 22.85
N ASP H 209 -5.50 19.80 21.62
CA ASP H 209 -5.77 20.78 20.57
C ASP H 209 -7.29 20.94 20.37
N ALA H 210 -7.99 19.81 20.39
CA ALA H 210 -9.43 19.78 20.19
C ALA H 210 -10.21 20.58 21.22
N VAL H 211 -9.86 20.42 22.50
CA VAL H 211 -10.51 21.17 23.58
C VAL H 211 -10.33 22.68 23.42
N GLU H 212 -9.10 23.05 23.07
CA GLU H 212 -8.74 24.44 22.91
C GLU H 212 -9.45 24.95 21.68
N ALA H 213 -9.59 24.08 20.68
CA ALA H 213 -10.31 24.40 19.46
C ALA H 213 -11.80 24.67 19.72
N ILE H 214 -12.41 23.85 20.57
CA ILE H 214 -13.80 24.02 20.96
C ILE H 214 -14.00 25.31 21.73
N ASN H 215 -13.06 25.62 22.64
CA ASN H 215 -13.14 26.87 23.41
C ASN H 215 -13.19 28.09 22.48
N LYS H 216 -12.39 28.05 21.42
CA LYS H 216 -12.30 29.09 20.41
C LYS H 216 -13.62 29.24 19.70
N LEU H 217 -14.16 28.12 19.23
CA LEU H 217 -15.36 28.15 18.40
C LEU H 217 -16.56 28.54 19.22
N ASN H 218 -16.52 28.21 20.51
CA ASN H 218 -17.53 28.64 21.46
C ASN H 218 -17.42 30.14 21.67
N GLN H 219 -16.20 30.65 21.69
CA GLN H 219 -16.01 32.07 21.88
C GLN H 219 -16.51 32.84 20.68
N VAL H 220 -16.17 32.34 19.49
CA VAL H 220 -16.60 32.96 18.24
C VAL H 220 -18.10 32.93 18.19
N PHE H 221 -18.67 31.81 18.60
CA PHE H 221 -20.12 31.67 18.65
C PHE H 221 -20.70 32.82 19.46
N VAL H 222 -20.18 33.01 20.66
CA VAL H 222 -20.69 34.05 21.54
C VAL H 222 -20.52 35.46 20.96
N ASP H 223 -19.33 35.75 20.46
CA ASP H 223 -19.04 37.06 19.87
C ASP H 223 -19.98 37.36 18.68
N THR H 224 -20.19 36.37 17.80
CA THR H 224 -21.00 36.56 16.62
C THR H 224 -22.44 36.92 16.98
N VAL H 225 -23.01 36.20 17.93
CA VAL H 225 -24.37 36.46 18.34
C VAL H 225 -24.50 37.84 19.00
N ARG H 226 -23.58 38.16 19.89
CA ARG H 226 -23.66 39.44 20.57
C ARG H 226 -23.49 40.61 19.62
N SER H 227 -22.77 40.40 18.53
CA SER H 227 -22.51 41.52 17.64
C SER H 227 -23.71 41.88 16.78
N THR H 228 -24.72 41.00 16.73
CA THR H 228 -25.84 41.25 15.84
C THR H 228 -26.91 42.12 16.48
N GLY H 229 -26.70 42.51 17.74
CA GLY H 229 -27.58 43.48 18.39
C GLY H 229 -29.00 43.00 18.56
N GLY H 230 -29.94 43.92 18.75
CA GLY H 230 -31.31 43.53 18.99
C GLY H 230 -31.39 42.76 20.30
N ASN H 231 -32.23 41.74 20.40
CA ASN H 231 -32.32 41.02 21.67
C ASN H 231 -31.33 39.84 21.71
N ASN H 232 -30.38 39.84 20.77
CA ASN H 232 -29.21 38.95 20.80
C ASN H 232 -28.11 39.36 21.76
N VAL H 233 -28.24 40.54 22.37
CA VAL H 233 -27.18 40.98 23.27
C VAL H 233 -27.44 40.47 24.68
N SER H 234 -28.67 39.99 24.91
CA SER H 234 -29.08 39.57 26.25
C SER H 234 -29.69 38.16 26.27
N ARG H 235 -29.57 37.43 25.17
CA ARG H 235 -30.09 36.06 25.11
C ARG H 235 -29.25 35.08 25.92
N TYR H 236 -29.90 34.05 26.46
CA TYR H 236 -29.17 32.94 27.06
C TYR H 236 -28.61 32.03 25.99
N LEU H 237 -27.35 31.68 26.11
CA LEU H 237 -26.70 30.83 25.12
C LEU H 237 -26.16 29.55 25.75
N MET H 238 -26.28 28.45 25.02
CA MET H 238 -25.75 27.19 25.51
C MET H 238 -24.42 26.79 24.84
N VAL H 239 -23.46 26.32 25.63
CA VAL H 239 -22.26 25.74 25.05
C VAL H 239 -21.92 24.37 25.68
N PRO H 240 -21.53 23.41 24.82
CA PRO H 240 -21.06 22.11 25.29
C PRO H 240 -19.54 22.08 25.29
N GLY H 241 -18.96 21.10 25.99
CA GLY H 241 -17.54 20.81 25.89
C GLY H 241 -17.42 19.74 24.86
N TYR H 242 -16.29 19.03 24.84
CA TYR H 242 -16.06 17.97 23.85
C TYR H 242 -17.18 16.95 23.89
N ALA H 243 -17.81 16.69 22.75
CA ALA H 243 -18.84 15.65 22.62
C ALA H 243 -20.02 15.83 23.56
N ALA H 244 -20.16 17.05 24.07
CA ALA H 244 -21.19 17.40 25.04
C ALA H 244 -21.18 16.53 26.29
N ALA H 245 -20.07 15.84 26.54
CA ALA H 245 -20.00 14.93 27.68
C ALA H 245 -19.75 15.70 28.97
N PRO H 246 -20.32 15.21 30.08
CA PRO H 246 -20.10 15.82 31.39
C PRO H 246 -18.61 15.96 31.69
N GLU H 247 -17.85 14.92 31.38
CA GLU H 247 -16.42 14.88 31.71
C GLU H 247 -15.69 16.07 31.13
N TYR H 248 -16.15 16.54 29.98
CA TYR H 248 -15.39 17.50 29.19
C TYR H 248 -15.80 18.96 29.35
N VAL H 249 -16.66 19.21 30.33
CA VAL H 249 -16.85 20.55 30.84
C VAL H 249 -16.33 20.58 32.28
N LEU H 250 -16.05 19.39 32.81
CA LEU H 250 -15.52 19.24 34.16
C LEU H 250 -14.00 19.39 34.20
N ILE H 251 -13.33 19.10 33.10
CA ILE H 251 -11.88 19.25 33.09
C ILE H 251 -11.49 20.72 33.20
N ASP H 252 -10.34 21.00 33.79
CA ASP H 252 -9.93 22.37 33.94
C ASP H 252 -9.65 23.07 32.59
N GLU H 253 -9.28 22.31 31.58
CA GLU H 253 -8.93 22.89 30.27
C GLU H 253 -10.14 23.54 29.56
N PHE H 254 -11.36 23.21 29.98
CA PHE H 254 -12.56 23.82 29.40
C PHE H 254 -12.78 25.27 29.85
N LYS H 255 -13.05 26.15 28.90
CA LYS H 255 -13.24 27.58 29.16
C LYS H 255 -14.66 28.05 28.82
N ILE H 256 -15.39 28.58 29.81
CA ILE H 256 -16.66 29.25 29.53
C ILE H 256 -16.35 30.56 28.81
N PRO H 257 -16.89 30.74 27.58
CA PRO H 257 -16.48 31.86 26.73
C PRO H 257 -16.80 33.18 27.40
N LYS H 258 -15.98 34.19 27.17
CA LYS H 258 -16.21 35.46 27.86
C LYS H 258 -17.21 36.40 27.20
N ASP H 259 -17.91 37.11 28.07
CA ASP H 259 -19.17 37.75 27.72
C ASP H 259 -19.14 39.28 27.61
N SER H 260 -19.46 39.77 26.41
CA SER H 260 -19.45 41.20 26.18
C SER H 260 -20.68 41.93 26.71
N SER H 261 -21.67 41.21 27.21
CA SER H 261 -22.92 41.84 27.63
C SER H 261 -22.84 42.52 29.02
N LYS H 262 -23.77 43.45 29.27
CA LYS H 262 -23.87 44.15 30.55
C LYS H 262 -24.82 43.36 31.43
N TYR H 263 -25.36 42.30 30.87
CA TYR H 263 -26.12 41.31 31.62
C TYR H 263 -25.18 40.15 31.98
N LYS H 264 -25.01 39.94 33.27
CA LYS H 264 -24.06 38.96 33.77
C LYS H 264 -24.61 37.54 33.71
N ASN H 265 -23.70 36.57 33.58
CA ASN H 265 -24.06 35.17 33.74
C ASN H 265 -25.22 34.74 32.83
N ARG H 266 -25.00 34.76 31.52
CA ARG H 266 -26.08 34.33 30.64
C ARG H 266 -25.63 33.15 29.75
N ILE H 267 -24.53 32.49 30.12
CA ILE H 267 -24.05 31.32 29.38
C ILE H 267 -24.41 30.04 30.13
N ILE H 268 -25.06 29.11 29.44
CA ILE H 268 -25.47 27.86 30.06
C ILE H 268 -24.60 26.73 29.57
N ILE H 269 -24.10 25.92 30.51
CA ILE H 269 -23.32 24.73 30.21
C ILE H 269 -24.20 23.62 29.65
N SER H 270 -23.84 23.10 28.48
CA SER H 270 -24.65 22.06 27.83
C SER H 270 -24.01 20.68 27.91
N VAL H 271 -24.76 19.71 28.42
CA VAL H 271 -24.30 18.32 28.45
C VAL H 271 -25.37 17.38 27.91
N HIS H 272 -24.95 16.24 27.38
CA HIS H 272 -25.86 15.15 27.04
C HIS H 272 -25.34 13.99 27.84
N ALA H 273 -26.20 13.13 28.35
CA ALA H 273 -25.72 11.97 29.10
C ALA H 273 -26.74 10.84 29.20
N TYR H 274 -26.72 9.94 28.22
CA TYR H 274 -27.59 8.76 28.26
C TYR H 274 -27.04 7.67 29.18
N ARG H 275 -27.13 7.87 30.49
CA ARG H 275 -26.51 6.97 31.46
C ARG H 275 -27.53 6.41 32.44
N PRO H 276 -27.32 5.17 32.89
CA PRO H 276 -26.20 4.30 32.53
C PRO H 276 -26.32 3.75 31.11
N TYR H 277 -25.22 3.84 30.36
CA TYR H 277 -25.18 3.51 28.94
C TYR H 277 -25.71 2.12 28.70
N ASN H 278 -25.32 1.17 29.55
CA ASN H 278 -25.71 -0.21 29.33
C ASN H 278 -27.23 -0.38 29.34
N PHE H 279 -27.92 0.52 30.02
CA PHE H 279 -29.37 0.46 30.04
C PHE H 279 -29.98 1.43 29.04
N ALA H 280 -29.50 2.67 29.04
CA ALA H 280 -30.13 3.76 28.31
C ALA H 280 -29.89 3.74 26.80
N LEU H 281 -28.66 3.43 26.38
CA LEU H 281 -28.28 3.62 24.99
C LEU H 281 -27.77 2.37 24.29
N GLN H 282 -27.09 1.49 25.02
CA GLN H 282 -26.46 0.33 24.40
C GLN H 282 -27.45 -0.59 23.70
N ALA H 283 -27.09 -1.07 22.51
CA ALA H 283 -27.94 -1.94 21.74
C ALA H 283 -28.16 -3.30 22.41
N PRO H 284 -29.41 -3.82 22.35
CA PRO H 284 -29.82 -5.08 22.99
C PRO H 284 -29.09 -6.34 22.53
N ASN H 285 -28.48 -6.35 21.35
CA ASN H 285 -27.82 -7.57 20.88
C ASN H 285 -26.43 -7.77 21.48
N GLU H 286 -26.04 -6.82 22.33
CA GLU H 286 -24.73 -6.87 23.01
C GLU H 286 -24.82 -7.51 24.40
N SER H 287 -23.77 -8.20 24.81
CA SER H 287 -23.81 -8.87 26.10
C SER H 287 -23.75 -7.88 27.24
N GLY H 288 -23.11 -6.75 27.02
CA GLY H 288 -22.94 -5.77 28.09
C GLY H 288 -24.14 -4.87 28.29
N SER H 289 -25.22 -5.17 27.57
CA SER H 289 -26.47 -4.45 27.75
C SER H 289 -27.26 -4.96 28.97
N VAL H 290 -28.07 -4.08 29.57
CA VAL H 290 -29.06 -4.46 30.57
C VAL H 290 -30.41 -3.86 30.18
N SER H 291 -31.48 -4.55 30.51
CA SER H 291 -32.82 -4.09 30.18
C SER H 291 -33.58 -3.63 31.40
N GLU H 292 -33.01 -3.89 32.57
CA GLU H 292 -33.69 -3.64 33.84
C GLU H 292 -33.09 -2.46 34.60
N TRP H 293 -33.93 -1.60 35.18
CA TRP H 293 -33.42 -0.51 35.99
C TRP H 293 -34.35 -0.36 37.19
N SER H 294 -33.76 -0.23 38.38
CA SER H 294 -34.52 -0.17 39.63
C SER H 294 -34.10 0.97 40.54
N VAL H 295 -35.08 1.63 41.13
CA VAL H 295 -34.79 2.69 42.09
C VAL H 295 -34.03 2.08 43.27
N ASN H 296 -34.13 0.76 43.42
CA ASN H 296 -33.50 0.04 44.53
C ASN H 296 -32.08 -0.44 44.25
N SER H 297 -31.63 -0.25 43.03
CA SER H 297 -30.31 -0.73 42.65
C SER H 297 -29.33 0.44 42.71
N GLU H 298 -28.38 0.39 43.64
CA GLU H 298 -27.34 1.43 43.66
C GLU H 298 -26.61 1.39 42.32
N GLU H 299 -26.49 0.18 41.77
CA GLU H 299 -25.81 0.02 40.50
C GLU H 299 -26.56 0.73 39.38
N SER H 300 -27.89 0.77 39.45
CA SER H 300 -28.69 1.54 38.50
C SER H 300 -28.45 3.03 38.67
N ARG H 301 -28.26 3.48 39.92
CA ARG H 301 -28.08 4.91 40.22
C ARG H 301 -26.66 5.42 40.07
N ARG H 302 -25.70 4.49 40.06
CA ARG H 302 -24.28 4.86 40.16
C ARG H 302 -23.86 5.90 39.13
N ASP H 303 -24.14 5.64 37.85
CA ASP H 303 -23.61 6.50 36.82
C ASP H 303 -24.32 7.87 36.84
N ILE H 304 -25.59 7.88 37.24
CA ILE H 304 -26.36 9.12 37.31
C ILE H 304 -25.92 10.04 38.44
N ASP H 305 -25.80 9.48 39.65
CA ASP H 305 -25.33 10.26 40.81
C ASP H 305 -23.96 10.89 40.60
N TYR H 306 -23.07 10.10 39.99
CA TYR H 306 -21.67 10.45 39.83
C TYR H 306 -21.51 11.71 38.99
N PHE H 307 -22.07 11.68 37.78
CA PHE H 307 -21.87 12.78 36.83
C PHE H 307 -22.63 14.04 37.24
N MET H 308 -23.78 13.87 37.88
CA MET H 308 -24.55 15.03 38.28
C MET H 308 -23.93 15.73 39.49
N ASP H 309 -23.39 14.96 40.44
CA ASP H 309 -22.76 15.58 41.60
C ASP H 309 -21.63 16.46 41.13
N LYS H 310 -20.89 15.98 40.14
CA LYS H 310 -19.75 16.73 39.66
C LYS H 310 -20.18 18.02 38.92
N LEU H 311 -21.31 17.97 38.22
CA LEU H 311 -21.82 19.16 37.53
C LEU H 311 -22.28 20.18 38.56
N TYR H 312 -22.85 19.66 39.64
CA TYR H 312 -23.33 20.48 40.73
C TYR H 312 -22.16 21.12 41.48
N ASP H 313 -21.10 20.34 41.72
CA ASP H 313 -19.94 20.86 42.42
C ASP H 313 -19.24 21.97 41.62
N LYS H 314 -19.06 21.76 40.32
CA LYS H 314 -18.28 22.71 39.53
C LYS H 314 -19.08 23.92 39.09
N PHE H 315 -20.35 23.71 38.77
CA PHE H 315 -21.11 24.79 38.13
C PHE H 315 -22.31 25.31 38.93
N VAL H 316 -23.34 24.47 39.08
CA VAL H 316 -24.63 24.90 39.64
C VAL H 316 -24.49 25.61 40.99
N SER H 317 -23.75 24.98 41.88
CA SER H 317 -23.55 25.48 43.22
C SER H 317 -22.83 26.82 43.24
N LYS H 318 -22.23 27.19 42.13
CA LYS H 318 -21.48 28.43 42.07
C LYS H 318 -22.21 29.44 41.22
N GLY H 319 -23.46 29.11 40.89
CA GLY H 319 -24.35 30.02 40.21
C GLY H 319 -24.43 29.84 38.70
N ILE H 320 -23.64 28.92 38.16
CA ILE H 320 -23.61 28.70 36.72
C ILE H 320 -24.66 27.66 36.29
N PRO H 321 -25.57 28.06 35.39
CA PRO H 321 -26.69 27.19 34.98
C PRO H 321 -26.21 26.02 34.12
N VAL H 322 -26.79 24.85 34.34
CA VAL H 322 -26.45 23.67 33.56
C VAL H 322 -27.74 23.02 33.04
N VAL H 323 -27.74 22.59 31.77
CA VAL H 323 -28.90 21.94 31.18
C VAL H 323 -28.52 20.65 30.47
N ILE H 324 -29.25 19.57 30.76
CA ILE H 324 -29.10 18.31 30.06
C ILE H 324 -29.96 18.32 28.80
N GLY H 325 -29.32 18.59 27.66
CA GLY H 325 -30.02 18.74 26.41
C GLY H 325 -30.49 17.43 25.83
N GLU H 326 -29.83 16.34 26.17
CA GLU H 326 -30.28 15.04 25.68
C GLU H 326 -30.16 13.96 26.76
N PHE H 327 -31.21 13.16 26.89
CA PHE H 327 -31.16 11.97 27.73
C PHE H 327 -32.38 11.15 27.40
N GLY H 328 -32.41 9.93 27.90
CA GLY H 328 -33.53 9.06 27.61
C GLY H 328 -33.11 7.63 27.75
N ALA H 329 -34.05 6.72 27.51
CA ALA H 329 -33.78 5.29 27.59
C ALA H 329 -34.43 4.58 26.41
N ARG H 330 -33.62 3.88 25.63
CA ARG H 330 -34.17 3.22 24.47
C ARG H 330 -35.03 2.04 24.91
N ASP H 331 -36.15 1.87 24.22
CA ASP H 331 -37.05 0.80 24.53
C ASP H 331 -36.37 -0.51 24.26
N LYS H 332 -36.23 -1.31 25.30
CA LYS H 332 -35.68 -2.64 25.14
C LYS H 332 -36.74 -3.69 25.42
N ASN H 333 -37.38 -4.13 24.34
CA ASN H 333 -38.44 -5.13 24.37
C ASN H 333 -39.52 -4.92 25.43
N GLY H 334 -39.96 -3.68 25.61
CA GLY H 334 -41.09 -3.44 26.48
C GLY H 334 -40.76 -3.30 27.94
N ASN H 335 -39.51 -3.00 28.24
CA ASN H 335 -39.11 -2.80 29.63
C ASN H 335 -39.70 -1.50 30.20
N LEU H 336 -41.02 -1.36 30.15
CA LEU H 336 -41.67 -0.11 30.54
C LEU H 336 -41.45 0.29 32.01
N GLN H 337 -41.59 -0.67 32.92
CA GLN H 337 -41.42 -0.36 34.33
C GLN H 337 -40.04 0.24 34.58
N SER H 338 -39.01 -0.36 33.98
CA SER H 338 -37.62 0.07 34.14
C SER H 338 -37.35 1.47 33.57
N ARG H 339 -37.93 1.76 32.41
CA ARG H 339 -37.78 3.06 31.77
C ARG H 339 -38.51 4.14 32.57
N VAL H 340 -39.63 3.75 33.20
CA VAL H 340 -40.41 4.65 34.06
C VAL H 340 -39.66 5.05 35.33
N GLU H 341 -39.11 4.05 36.05
CA GLU H 341 -38.37 4.31 37.29
C GLU H 341 -37.16 5.19 37.01
N PHE H 342 -36.51 4.86 35.90
CA PHE H 342 -35.35 5.58 35.38
C PHE H 342 -35.68 7.05 35.13
N ALA H 343 -36.72 7.27 34.32
CA ALA H 343 -37.13 8.62 33.92
C ALA H 343 -37.40 9.50 35.14
N ALA H 344 -38.13 8.92 36.09
CA ALA H 344 -38.46 9.60 37.33
C ALA H 344 -37.21 9.92 38.14
N TYR H 345 -36.33 8.93 38.26
CA TYR H 345 -35.14 9.11 39.07
C TYR H 345 -34.19 10.13 38.48
N TYR H 346 -34.06 10.03 37.17
CA TYR H 346 -33.13 10.88 36.44
C TYR H 346 -33.49 12.36 36.58
N VAL H 347 -34.78 12.68 36.36
CA VAL H 347 -35.25 14.07 36.41
C VAL H 347 -35.16 14.61 37.82
N ARG H 348 -35.52 13.79 38.81
CA ARG H 348 -35.46 14.18 40.21
C ARG H 348 -34.03 14.46 40.64
N ALA H 349 -33.13 13.54 40.31
CA ALA H 349 -31.72 13.70 40.64
C ALA H 349 -31.19 15.00 40.05
N ALA H 350 -31.68 15.33 38.87
CA ALA H 350 -31.27 16.55 38.17
C ALA H 350 -31.89 17.81 38.78
N ARG H 351 -33.18 17.76 39.08
CA ARG H 351 -33.89 18.89 39.69
C ARG H 351 -33.34 19.19 41.09
N ALA H 352 -33.10 18.13 41.86
CA ALA H 352 -32.54 18.25 43.21
C ALA H 352 -31.20 18.96 43.20
N ARG H 353 -30.56 18.97 42.04
CA ARG H 353 -29.29 19.66 41.85
C ARG H 353 -29.48 20.90 40.96
N GLY H 354 -30.72 21.24 40.64
CA GLY H 354 -30.97 22.47 39.93
C GLY H 354 -30.72 22.40 38.43
N ILE H 355 -30.80 21.19 37.90
CA ILE H 355 -30.53 20.95 36.48
C ILE H 355 -31.79 20.49 35.76
N THR H 356 -32.05 21.10 34.61
CA THR H 356 -33.24 20.80 33.83
C THR H 356 -32.85 19.88 32.70
N CYS H 357 -33.72 18.91 32.40
CA CYS H 357 -33.44 17.91 31.36
C CYS H 357 -34.38 17.91 30.17
N CYS H 358 -33.89 17.35 29.08
CA CYS H 358 -34.65 17.22 27.85
C CYS H 358 -34.52 15.81 27.29
N TRP H 359 -35.63 15.09 27.24
CA TRP H 359 -35.67 13.75 26.67
C TRP H 359 -35.60 13.84 25.16
N TRP H 360 -34.93 12.86 24.57
CA TRP H 360 -34.78 12.74 23.11
C TRP H 360 -35.93 11.92 22.48
N ASP H 361 -36.89 12.60 21.86
CA ASP H 361 -38.01 11.87 21.27
C ASP H 361 -37.90 11.81 19.74
N ASN H 362 -37.60 10.63 19.20
CA ASN H 362 -37.37 10.50 17.77
C ASN H 362 -38.46 9.75 17.03
N ASN H 363 -39.64 9.62 17.65
CA ASN H 363 -40.82 9.03 17.00
C ASN H 363 -40.62 7.58 16.55
N ALA H 364 -39.64 6.91 17.13
CA ALA H 364 -39.30 5.53 16.78
C ALA H 364 -39.71 4.59 17.90
N PHE H 365 -40.37 3.47 17.56
CA PHE H 365 -41.03 2.66 18.56
C PHE H 365 -40.75 1.17 18.53
N TYR H 366 -40.48 0.64 17.35
CA TYR H 366 -40.29 -0.79 17.24
C TYR H 366 -39.20 -1.13 16.21
N GLY H 367 -38.58 -2.29 16.36
CA GLY H 367 -37.51 -2.66 15.47
C GLY H 367 -36.18 -2.57 16.17
N ASN H 368 -35.12 -2.96 15.47
CA ASN H 368 -33.80 -2.94 16.06
C ASN H 368 -33.12 -1.55 16.01
N GLY H 369 -33.89 -0.50 15.77
CA GLY H 369 -33.31 0.83 15.83
C GLY H 369 -33.36 1.30 17.27
N GLU H 370 -32.80 2.48 17.53
CA GLU H 370 -32.82 3.05 18.86
C GLU H 370 -34.18 3.69 19.11
N ASN H 371 -35.09 2.94 19.69
CA ASN H 371 -36.47 3.38 19.93
C ASN H 371 -36.65 4.25 21.18
N PHE H 372 -36.56 5.56 21.01
CA PHE H 372 -36.68 6.55 22.10
C PHE H 372 -38.01 7.33 22.09
N GLY H 373 -38.97 6.88 21.30
CA GLY H 373 -40.20 7.62 21.09
C GLY H 373 -41.13 7.69 22.29
N LEU H 374 -41.74 8.86 22.49
CA LEU H 374 -42.77 9.01 23.52
C LEU H 374 -44.09 9.40 22.84
N LEU H 375 -43.98 10.28 21.84
CA LEU H 375 -45.15 10.76 21.14
C LEU H 375 -45.28 10.17 19.74
N ASP H 376 -46.35 9.41 19.51
CA ASP H 376 -46.66 8.98 18.16
C ASP H 376 -47.11 10.19 17.38
N ARG H 377 -46.25 10.63 16.46
CA ARG H 377 -46.47 11.87 15.76
C ARG H 377 -47.61 11.79 14.74
N LYS H 378 -47.94 10.60 14.26
CA LYS H 378 -49.00 10.49 13.25
C LYS H 378 -50.40 10.37 13.86
N THR H 379 -50.46 10.13 15.17
CA THR H 379 -51.74 9.96 15.89
C THR H 379 -51.87 10.94 17.04
N LEU H 380 -50.81 11.70 17.27
CA LEU H 380 -50.77 12.65 18.38
C LEU H 380 -51.10 12.01 19.75
N LYS H 381 -50.82 10.72 19.89
CA LYS H 381 -51.08 10.01 21.14
C LYS H 381 -49.78 9.59 21.85
N TRP H 382 -49.74 9.70 23.16
CA TRP H 382 -48.58 9.30 23.96
C TRP H 382 -48.54 7.78 24.18
N VAL H 383 -47.58 7.09 23.57
CA VAL H 383 -47.48 5.62 23.67
C VAL H 383 -47.09 5.17 25.10
N TYR H 384 -46.35 6.01 25.81
CA TYR H 384 -45.97 5.71 27.19
C TYR H 384 -46.23 6.86 28.18
N PRO H 385 -47.52 7.09 28.50
CA PRO H 385 -47.91 8.19 29.39
C PRO H 385 -47.28 8.05 30.75
N GLU H 386 -46.95 6.81 31.13
CA GLU H 386 -46.32 6.52 32.41
C GLU H 386 -44.94 7.19 32.51
N ILE H 387 -44.18 7.10 31.41
CA ILE H 387 -42.81 7.64 31.38
C ILE H 387 -42.85 9.16 31.48
N VAL H 388 -43.78 9.74 30.74
CA VAL H 388 -44.04 11.18 30.74
C VAL H 388 -44.47 11.67 32.13
N SER H 389 -45.36 10.90 32.76
CA SER H 389 -45.88 11.25 34.09
C SER H 389 -44.80 11.21 35.16
N ALA H 390 -43.96 10.18 35.08
CA ALA H 390 -42.88 9.99 36.04
C ALA H 390 -41.92 11.18 36.00
N MET H 391 -41.70 11.72 34.82
CA MET H 391 -40.83 12.87 34.71
C MET H 391 -41.53 14.12 35.23
N MET H 392 -42.78 14.31 34.83
CA MET H 392 -43.53 15.52 35.17
C MET H 392 -43.73 15.68 36.67
N LYS H 393 -43.59 14.57 37.40
CA LYS H 393 -43.72 14.61 38.82
C LYS H 393 -42.55 15.39 39.48
N TYR H 394 -41.40 15.50 38.81
CA TYR H 394 -40.25 16.08 39.51
C TYR H 394 -39.53 17.32 38.91
N ALA H 395 -40.15 18.06 38.01
CA ALA H 395 -39.53 19.30 37.51
C ALA H 395 -40.19 20.55 38.13
#